data_8HDK
#
_entry.id   8HDK
#
_cell.length_a   1.00
_cell.length_b   1.00
_cell.length_c   1.00
_cell.angle_alpha   90.00
_cell.angle_beta   90.00
_cell.angle_gamma   90.00
#
_symmetry.space_group_name_H-M   'P 1'
#
loop_
_entity.id
_entity.type
_entity.pdbx_description
1 polymer 'Glutamate receptor ionotropic, NMDA 1'
2 polymer 'Glutamate receptor ionotropic, NMDA 2C'
3 branched 2-acetamido-2-deoxy-beta-D-glucopyranose-(1-4)-2-acetamido-2-deoxy-beta-D-glucopyranose
4 branched alpha-D-mannopyranose-(1-4)-2-acetamido-2-deoxy-beta-D-glucopyranose-(1-4)-2-acetamido-2-deoxy-beta-D-glucopyranose
5 non-polymer 2-acetamido-2-deoxy-beta-D-glucopyranose
#
loop_
_entity_poly.entity_id
_entity_poly.type
_entity_poly.pdbx_seq_one_letter_code
_entity_poly.pdbx_strand_id
1 'polypeptide(L)'
;MSTMHLLTFALLFSCSFARAACDPKIVNIGAVLSTRKHEQMFREAVNQANKRHGSWKIQLNATSVTHKPNAIQMALSVCE
DLISSQVYAILVSHPPTPNDHFTPTPVSYTAGFYRIPVLGLTTRMSIYSDKSIHLSFLRTVPPYSHQSSVWFEMMRVYNW
NHIILLVSDDHEGRAAQKRLETLLEERESKAEKVLQFDPGTKNVTALLMEARELEARVIILSASEDDAATVYRAAAMLNM
TGSGYVWLVGEREISGNALRYAPDGIIGLQLINGKNESAHISDAVGVVAQAVHELLEKENITDPPRGCVGNTNIWKTGPL
FKRVLMSSKYADGVTGRVEFNEDGDRKFANYSIMNLQNRKLVQVGIYNGTHVIPNDRKIIWPGGETEKPRGYQMSTRLKI
VTIHQEPFVYVKPTMSDGTCKEEFTVNGDPVKKVICTGPNDTSPGSPRHTVPQCCYGFCIDLLIKLARTMNFTYEVHLVA
DGKFGTQERVNNSNKKEWNGMMGELLSGQADMIVAPLTINNERAQYIEFSKPFKYQGLTILVKKEIPRSTLDSFMQPFQS
TLWLLVGLSVHVVAVMLYLLDRFSPFGRFKVNSEEEEEDALTLSSAMWFSWGVLLNSGIGEGAPRSFSARILGMVWAGFA
MIIVASYTANLAAFLVLDRPEERITGINDPRLRNPSDKFIYATVKQSSVDIYFRRQVELSTMYRHMEKHNYESAAEAIQA
VRDNKLHAFIWDSAVLEFEASQKCDLVTTGELFFRSGFGIGMRKDSPWKQNVSLSILKSHENGFMEDLDKTWVRYQ
;
A,C
2 'polypeptide(L)'
;MGGALGPALLLTSLLGAWARLGAGQGEQAVTVAVVFGSSGPLQTQARTRLTSQNFLDLPLEIQPLTVGVNNTNPSSILTQ
ICGLLGAARVHGIVFEDNVDTEAVAQLLDFVSSQTHVPILSISGGSAVVLTPKEPGSAFLQLGVSLEQQLQVLFKVLEEY
DWSAFAVITSLHPGHALFLEGVRAVADASYLSWRLLDVLTLELGPGGPRARTQRLLRQVDAPVLVAYCSREEAEVLFAEA
AQAGLVGPGHVWLVPNLALGSTDAPPAAFPVGLISVVTESWRLSLRQKVRDGVAILALGAHSYRRQYGTLPAPAGDCRSH
PGPVSPAREAFYRHLLNVTWEGRDFSFSPGGYLVRPTMVVIALNRHRLWEMVGRWDHGVLYMKYPVWPRYSTSLQPVVDS
RHLTVATLEERPFVIVESPDPGTGGCVPNTVPCRRQSNHTFSSGDLTPYTKLCCKGFCIDILKKLAKVVKFSYDLYLVTN
GKHGKRVRGVWNGMIGEVYYKRADMAIGSLTINEERSEIIDFSVPFVETGISVMVSRSNGTVSPSAFLEPYSPAVWVMMF
VMCLTVVAITVFMFEYFSPVSYNQNLTKGKKPGGPSFTIGKSVWLLWALVFNNSVPIENPRGTTSKIMVLVWAFFAVIFL
ASYTANLAAFMIQEQYIDTVSGLSDKKFQRPQDQYPPFRFGTVPNGSTERNIRSNYRDMHTHMVKFNQRSVEDALTSLKM
GKLDAFIYDAAVLNYMAGKDEGCKLVTIGSGKVFATTGYGIAMQKDSHWKRAIDLALLQLLGDGETQKLETVWLSGICQN
;
B,D
#
loop_
_chem_comp.id
_chem_comp.type
_chem_comp.name
_chem_comp.formula
MAN D-saccharide, alpha linking alpha-D-mannopyranose 'C6 H12 O6'
NAG D-saccharide, beta linking 2-acetamido-2-deoxy-beta-D-glucopyranose 'C8 H15 N O6'
#
# COMPACT_ATOMS: atom_id res chain seq x y z
N LYS A 25 -23.92 -23.88 -53.24
CA LYS A 25 -22.49 -24.15 -53.15
C LYS A 25 -21.74 -23.34 -54.19
N ILE A 26 -22.47 -22.48 -54.92
CA ILE A 26 -21.87 -21.67 -55.96
C ILE A 26 -21.18 -20.47 -55.33
N VAL A 27 -20.03 -20.08 -55.89
CA VAL A 27 -19.26 -18.93 -55.43
C VAL A 27 -19.10 -17.97 -56.60
N ASN A 28 -19.00 -16.67 -56.29
CA ASN A 28 -18.80 -15.64 -57.28
C ASN A 28 -18.01 -14.49 -56.66
N ILE A 29 -17.23 -13.80 -57.48
CA ILE A 29 -16.32 -12.75 -57.03
C ILE A 29 -16.55 -11.52 -57.89
N GLY A 30 -16.56 -10.34 -57.25
CA GLY A 30 -16.80 -9.08 -57.93
C GLY A 30 -15.52 -8.30 -58.13
N ALA A 31 -15.40 -7.67 -59.30
CA ALA A 31 -14.21 -6.89 -59.65
C ALA A 31 -14.63 -5.53 -60.15
N VAL A 32 -13.86 -4.51 -59.78
CA VAL A 32 -14.05 -3.14 -60.26
C VAL A 32 -12.68 -2.67 -60.73
N LEU A 33 -12.40 -2.86 -62.02
CA LEU A 33 -11.09 -2.55 -62.57
C LEU A 33 -11.15 -1.27 -63.38
N SER A 34 -10.04 -0.91 -64.02
CA SER A 34 -9.94 0.29 -64.83
C SER A 34 -9.47 0.04 -66.25
N THR A 35 -8.86 -1.11 -66.53
CA THR A 35 -8.30 -1.40 -67.84
C THR A 35 -9.28 -2.04 -68.81
N ARG A 36 -10.29 -2.76 -68.31
CA ARG A 36 -11.32 -3.42 -69.12
C ARG A 36 -10.72 -4.62 -69.85
N LYS A 37 -9.39 -4.78 -69.74
CA LYS A 37 -8.68 -5.90 -70.35
C LYS A 37 -8.23 -6.91 -69.31
N HIS A 38 -7.64 -6.45 -68.21
CA HIS A 38 -7.37 -7.33 -67.09
C HIS A 38 -8.64 -8.00 -66.60
N GLU A 39 -9.79 -7.36 -66.80
CA GLU A 39 -11.08 -7.98 -66.51
C GLU A 39 -11.17 -9.35 -67.16
N GLN A 40 -10.84 -9.43 -68.45
CA GLN A 40 -10.81 -10.72 -69.12
C GLN A 40 -9.78 -11.64 -68.48
N MET A 41 -8.60 -11.10 -68.16
CA MET A 41 -7.63 -11.87 -67.39
C MET A 41 -8.21 -12.22 -66.02
N PHE A 42 -8.98 -11.30 -65.44
CA PHE A 42 -9.73 -11.63 -64.23
C PHE A 42 -10.64 -12.82 -64.48
N ARG A 43 -11.31 -12.84 -65.64
CA ARG A 43 -12.07 -14.02 -66.01
C ARG A 43 -11.18 -15.26 -66.06
N GLU A 44 -9.98 -15.11 -66.60
CA GLU A 44 -9.00 -16.19 -66.52
C GLU A 44 -8.58 -16.44 -65.07
N ALA A 45 -8.42 -15.37 -64.28
CA ALA A 45 -7.92 -15.52 -62.92
C ALA A 45 -8.81 -16.43 -62.10
N VAL A 46 -10.12 -16.21 -62.15
CA VAL A 46 -11.04 -17.13 -61.49
C VAL A 46 -10.89 -18.53 -62.08
N ASN A 47 -10.82 -18.62 -63.41
CA ASN A 47 -10.49 -19.88 -64.04
C ASN A 47 -9.18 -20.42 -63.50
N GLN A 48 -8.18 -19.55 -63.34
CA GLN A 48 -6.92 -19.94 -62.72
C GLN A 48 -7.17 -20.55 -61.35
N ALA A 49 -8.03 -19.92 -60.55
CA ALA A 49 -8.43 -20.51 -59.28
C ALA A 49 -9.08 -21.88 -59.52
N ASN A 50 -10.02 -21.95 -60.46
CA ASN A 50 -10.62 -23.22 -60.82
C ASN A 50 -9.60 -24.16 -61.44
N LYS A 51 -8.48 -23.62 -61.94
CA LYS A 51 -7.38 -24.43 -62.42
C LYS A 51 -6.31 -24.67 -61.35
N ARG A 52 -6.34 -23.90 -60.26
CA ARG A 52 -5.39 -24.13 -59.18
C ARG A 52 -5.99 -24.95 -58.06
N HIS A 53 -7.31 -24.91 -57.91
CA HIS A 53 -8.03 -25.72 -56.94
C HIS A 53 -9.16 -26.46 -57.64
N GLY A 54 -9.71 -27.46 -56.95
CA GLY A 54 -10.73 -28.29 -57.56
C GLY A 54 -12.00 -27.52 -57.82
N SER A 55 -12.79 -28.01 -58.77
CA SER A 55 -14.06 -27.36 -59.11
C SER A 55 -15.20 -27.92 -58.28
N TRP A 56 -15.44 -29.23 -58.38
CA TRP A 56 -16.48 -29.92 -57.63
C TRP A 56 -17.83 -29.22 -57.80
N LYS A 57 -18.51 -28.94 -56.69
CA LYS A 57 -19.69 -28.10 -56.68
C LYS A 57 -19.38 -26.69 -56.19
N ILE A 58 -18.09 -26.36 -56.03
CA ILE A 58 -17.72 -25.03 -55.54
C ILE A 58 -18.19 -23.96 -56.51
N GLN A 59 -18.14 -24.26 -57.81
CA GLN A 59 -18.67 -23.39 -58.86
C GLN A 59 -18.03 -22.01 -58.80
N LEU A 60 -16.69 -22.00 -58.83
CA LEU A 60 -15.93 -20.75 -58.83
C LEU A 60 -16.32 -19.93 -60.04
N ASN A 61 -16.73 -18.69 -59.82
CA ASN A 61 -17.24 -17.85 -60.89
C ASN A 61 -16.63 -16.45 -60.79
N ALA A 62 -16.90 -15.61 -61.78
CA ALA A 62 -16.30 -14.29 -61.87
C ALA A 62 -17.38 -13.26 -62.18
N THR A 63 -17.13 -12.02 -61.76
CA THR A 63 -17.99 -10.89 -62.08
C THR A 63 -17.13 -9.63 -61.99
N SER A 64 -17.26 -8.75 -62.98
CA SER A 64 -16.40 -7.59 -63.04
C SER A 64 -17.16 -6.40 -63.63
N VAL A 65 -16.70 -5.21 -63.27
CA VAL A 65 -17.28 -3.97 -63.77
C VAL A 65 -16.18 -2.93 -63.76
N THR A 66 -16.43 -1.80 -64.42
CA THR A 66 -15.51 -0.66 -64.38
C THR A 66 -16.21 0.52 -63.74
N HIS A 67 -15.56 1.13 -62.75
CA HIS A 67 -16.15 2.26 -62.06
C HIS A 67 -16.28 3.46 -62.97
N LYS A 68 -17.22 4.34 -62.64
CA LYS A 68 -17.63 5.54 -63.34
C LYS A 68 -17.17 6.79 -62.57
N PRO A 69 -17.00 7.92 -63.27
CA PRO A 69 -16.63 9.15 -62.56
C PRO A 69 -17.63 9.56 -61.50
N ASN A 70 -18.93 9.34 -61.74
CA ASN A 70 -19.96 9.63 -60.76
C ASN A 70 -20.20 8.39 -59.92
N ALA A 71 -19.77 8.45 -58.65
CA ALA A 71 -19.81 7.28 -57.79
C ALA A 71 -21.22 6.89 -57.37
N ILE A 72 -22.20 7.77 -57.54
CA ILE A 72 -23.57 7.46 -57.16
C ILE A 72 -24.07 6.25 -57.96
N GLN A 73 -24.09 6.38 -59.28
CA GLN A 73 -24.53 5.29 -60.14
C GLN A 73 -23.63 4.07 -59.99
N MET A 74 -22.34 4.30 -59.68
CA MET A 74 -21.44 3.18 -59.47
C MET A 74 -21.89 2.33 -58.28
N ALA A 75 -22.16 2.98 -57.14
CA ALA A 75 -22.63 2.25 -55.98
C ALA A 75 -24.00 1.63 -56.21
N LEU A 76 -24.88 2.33 -56.93
CA LEU A 76 -26.19 1.77 -57.26
C LEU A 76 -26.03 0.48 -58.06
N SER A 77 -25.17 0.49 -59.08
CA SER A 77 -24.92 -0.71 -59.85
C SER A 77 -24.29 -1.80 -58.99
N VAL A 78 -23.40 -1.41 -58.08
CA VAL A 78 -22.77 -2.37 -57.17
C VAL A 78 -23.85 -3.11 -56.38
N CYS A 79 -24.82 -2.37 -55.84
CA CYS A 79 -25.95 -3.03 -55.19
C CYS A 79 -26.71 -3.92 -56.17
N GLU A 80 -27.11 -3.37 -57.30
CA GLU A 80 -28.00 -4.11 -58.21
C GLU A 80 -27.30 -5.22 -58.98
N ASP A 81 -25.97 -5.30 -58.91
CA ASP A 81 -25.25 -6.34 -59.64
C ASP A 81 -24.47 -7.30 -58.75
N LEU A 82 -23.84 -6.81 -57.68
CA LEU A 82 -22.97 -7.63 -56.86
C LEU A 82 -23.68 -8.15 -55.61
N ILE A 83 -24.22 -7.26 -54.78
CA ILE A 83 -24.97 -7.69 -53.61
C ILE A 83 -26.20 -8.49 -54.04
N SER A 84 -26.87 -8.04 -55.11
CA SER A 84 -28.00 -8.79 -55.64
C SER A 84 -27.62 -10.20 -56.07
N SER A 85 -26.37 -10.40 -56.52
CA SER A 85 -25.90 -11.71 -56.92
C SER A 85 -25.24 -12.42 -55.74
N GLN A 86 -24.82 -13.66 -55.98
CA GLN A 86 -24.10 -14.44 -54.97
C GLN A 86 -22.63 -14.05 -54.95
N VAL A 87 -22.35 -12.78 -54.74
CA VAL A 87 -20.96 -12.30 -54.71
C VAL A 87 -20.48 -12.25 -53.28
N TYR A 88 -19.34 -12.88 -53.02
CA TYR A 88 -18.81 -12.99 -51.66
C TYR A 88 -17.57 -12.14 -51.42
N ALA A 89 -17.09 -11.42 -52.44
CA ALA A 89 -15.94 -10.54 -52.28
C ALA A 89 -15.93 -9.54 -53.42
N ILE A 90 -15.28 -8.40 -53.17
CA ILE A 90 -15.17 -7.34 -54.16
C ILE A 90 -13.74 -6.81 -54.14
N LEU A 91 -13.15 -6.69 -55.32
CA LEU A 91 -11.85 -6.07 -55.48
C LEU A 91 -11.97 -4.78 -56.29
N VAL A 92 -11.03 -3.87 -56.07
CA VAL A 92 -11.06 -2.58 -56.75
C VAL A 92 -9.63 -2.17 -57.04
N SER A 93 -9.46 -1.31 -58.04
CA SER A 93 -8.14 -0.82 -58.43
C SER A 93 -8.22 0.69 -58.66
N HIS A 94 -7.15 1.25 -59.20
CA HIS A 94 -7.08 2.69 -59.39
C HIS A 94 -7.39 3.05 -60.83
N PRO A 95 -8.11 4.15 -61.06
CA PRO A 95 -8.35 4.61 -62.43
C PRO A 95 -7.11 5.27 -63.01
N PRO A 96 -7.03 5.38 -64.33
CA PRO A 96 -5.87 6.07 -64.93
C PRO A 96 -5.76 7.52 -64.49
N THR A 97 -6.87 8.22 -64.34
CA THR A 97 -6.83 9.59 -63.87
C THR A 97 -6.43 9.63 -62.40
N PRO A 98 -5.52 10.53 -62.01
CA PRO A 98 -5.10 10.57 -60.61
C PRO A 98 -6.13 11.19 -59.69
N ASN A 99 -6.90 10.33 -59.02
CA ASN A 99 -7.84 10.76 -57.98
C ASN A 99 -7.78 9.93 -56.72
N ASP A 100 -7.25 8.71 -56.76
CA ASP A 100 -7.06 7.85 -55.61
C ASP A 100 -8.36 7.62 -54.83
N HIS A 101 -8.35 7.96 -53.54
CA HIS A 101 -9.43 7.66 -52.61
C HIS A 101 -10.78 8.20 -53.09
N PHE A 102 -10.75 9.07 -54.09
CA PHE A 102 -11.98 9.53 -54.72
C PHE A 102 -12.85 8.37 -55.17
N THR A 103 -12.25 7.38 -55.83
CA THR A 103 -13.04 6.31 -56.41
C THR A 103 -13.51 5.26 -55.40
N PRO A 104 -12.62 4.59 -54.66
CA PRO A 104 -13.04 3.39 -53.92
C PRO A 104 -13.88 3.68 -52.68
N THR A 105 -13.84 4.90 -52.14
CA THR A 105 -14.43 5.17 -50.84
C THR A 105 -15.90 4.78 -50.73
N PRO A 106 -16.79 5.14 -51.66
CA PRO A 106 -18.19 4.70 -51.53
C PRO A 106 -18.31 3.19 -51.46
N VAL A 107 -17.48 2.46 -52.20
CA VAL A 107 -17.46 1.01 -52.08
C VAL A 107 -17.19 0.60 -50.65
N SER A 108 -16.17 1.20 -50.03
CA SER A 108 -15.88 0.93 -48.63
C SER A 108 -17.08 1.23 -47.75
N TYR A 109 -17.89 2.21 -48.12
CA TYR A 109 -19.12 2.45 -47.39
C TYR A 109 -20.14 1.34 -47.67
N THR A 110 -20.32 1.01 -48.96
CA THR A 110 -21.34 0.03 -49.32
C THR A 110 -21.11 -1.30 -48.63
N ALA A 111 -19.88 -1.82 -48.74
CA ALA A 111 -19.53 -3.06 -48.06
C ALA A 111 -19.83 -2.97 -46.57
N GLY A 112 -19.59 -1.81 -45.97
CA GLY A 112 -19.85 -1.66 -44.54
C GLY A 112 -21.29 -1.91 -44.17
N PHE A 113 -22.23 -1.52 -45.04
CA PHE A 113 -23.64 -1.75 -44.73
C PHE A 113 -23.95 -3.24 -44.65
N TYR A 114 -23.17 -4.08 -45.32
CA TYR A 114 -23.41 -5.51 -45.34
C TYR A 114 -22.19 -6.32 -44.92
N ARG A 115 -21.14 -5.66 -44.44
CA ARG A 115 -19.96 -6.29 -43.85
C ARG A 115 -19.20 -7.18 -44.83
N ILE A 116 -19.49 -7.08 -46.12
CA ILE A 116 -18.76 -7.90 -47.10
C ILE A 116 -17.34 -7.36 -47.23
N PRO A 117 -16.33 -8.21 -47.34
CA PRO A 117 -14.96 -7.71 -47.49
C PRO A 117 -14.77 -6.95 -48.80
N VAL A 118 -13.86 -5.99 -48.76
CA VAL A 118 -13.46 -5.21 -49.93
C VAL A 118 -11.94 -5.17 -49.98
N LEU A 119 -11.38 -5.31 -51.19
CA LEU A 119 -9.95 -5.42 -51.40
C LEU A 119 -9.51 -4.29 -52.32
N GLY A 120 -8.81 -3.30 -51.74
CA GLY A 120 -8.27 -2.21 -52.53
C GLY A 120 -6.75 -2.30 -52.61
N LEU A 121 -6.22 -2.48 -53.82
CA LEU A 121 -4.83 -2.89 -53.95
C LEU A 121 -3.93 -1.81 -54.51
N THR A 122 -4.50 -0.68 -54.90
CA THR A 122 -3.74 0.38 -55.55
C THR A 122 -3.89 1.71 -54.82
N THR A 123 -3.91 1.66 -53.49
CA THR A 123 -4.13 2.86 -52.69
C THR A 123 -3.07 2.99 -51.60
N ARG A 124 -2.52 4.19 -51.48
CA ARG A 124 -1.57 4.51 -50.43
C ARG A 124 -2.17 5.40 -49.34
N MET A 125 -3.48 5.60 -49.35
CA MET A 125 -4.12 6.49 -48.38
C MET A 125 -4.32 5.77 -47.05
N SER A 126 -3.84 6.41 -45.97
CA SER A 126 -4.00 5.87 -44.64
C SER A 126 -5.44 5.95 -44.15
N ILE A 127 -6.28 6.77 -44.77
CA ILE A 127 -7.68 6.83 -44.38
C ILE A 127 -8.33 5.46 -44.57
N TYR A 128 -7.94 4.74 -45.61
CA TYR A 128 -8.43 3.40 -45.84
C TYR A 128 -7.94 2.41 -44.78
N SER A 129 -6.83 2.71 -44.12
CA SER A 129 -6.33 1.83 -43.06
C SER A 129 -7.25 1.79 -41.85
N ASP A 130 -8.17 2.76 -41.73
CA ASP A 130 -9.08 2.81 -40.59
C ASP A 130 -10.03 1.63 -40.66
N LYS A 131 -10.31 1.02 -39.51
CA LYS A 131 -11.31 -0.03 -39.42
C LYS A 131 -12.65 0.49 -38.94
N SER A 132 -12.67 1.56 -38.15
CA SER A 132 -13.91 2.12 -37.64
C SER A 132 -14.82 2.61 -38.75
N ILE A 133 -14.27 3.24 -39.79
CA ILE A 133 -15.05 3.74 -40.91
C ILE A 133 -15.06 2.74 -42.06
N HIS A 134 -13.92 2.14 -42.36
CA HIS A 134 -13.82 1.13 -43.41
C HIS A 134 -13.70 -0.22 -42.72
N LEU A 135 -14.85 -0.85 -42.47
CA LEU A 135 -14.89 -2.04 -41.63
C LEU A 135 -14.11 -3.20 -42.24
N SER A 136 -14.38 -3.51 -43.51
CA SER A 136 -13.88 -4.71 -44.15
C SER A 136 -12.95 -4.39 -45.31
N PHE A 137 -12.12 -3.35 -45.17
CA PHE A 137 -11.15 -2.98 -46.18
C PHE A 137 -9.84 -3.71 -45.96
N LEU A 138 -9.22 -4.17 -47.04
CA LEU A 138 -7.87 -4.72 -47.01
C LEU A 138 -7.06 -4.17 -48.18
N ARG A 139 -5.74 -4.18 -48.01
CA ARG A 139 -4.79 -3.69 -49.00
C ARG A 139 -3.52 -4.55 -48.94
N THR A 140 -2.97 -4.87 -50.12
CA THR A 140 -1.65 -5.51 -50.15
C THR A 140 -0.53 -4.51 -50.33
N VAL A 141 -0.85 -3.23 -50.44
CA VAL A 141 0.19 -2.21 -50.47
C VAL A 141 0.05 -1.36 -49.21
N PRO A 142 1.10 -1.27 -48.40
CA PRO A 142 1.02 -0.43 -47.21
C PRO A 142 0.86 1.03 -47.60
N PRO A 143 0.17 1.83 -46.79
CA PRO A 143 -0.04 3.23 -47.16
C PRO A 143 1.23 4.05 -47.07
N TYR A 144 1.14 5.33 -47.44
CA TYR A 144 2.30 6.21 -47.37
C TYR A 144 2.84 6.28 -45.95
N SER A 145 1.95 6.26 -44.96
CA SER A 145 2.38 6.36 -43.57
C SER A 145 3.29 5.21 -43.16
N HIS A 146 3.02 3.99 -43.63
CA HIS A 146 3.91 2.88 -43.34
C HIS A 146 5.32 3.12 -43.87
N GLN A 147 5.46 3.94 -44.91
CA GLN A 147 6.77 4.31 -45.41
C GLN A 147 7.65 4.88 -44.30
N SER A 148 7.04 5.50 -43.29
CA SER A 148 7.78 6.00 -42.14
C SER A 148 8.67 4.91 -41.55
N SER A 149 8.10 3.74 -41.31
CA SER A 149 8.88 2.63 -40.77
C SER A 149 10.12 2.39 -41.60
N VAL A 150 9.99 2.44 -42.93
CA VAL A 150 11.14 2.31 -43.81
C VAL A 150 12.24 3.27 -43.38
N TRP A 151 11.95 4.57 -43.36
CA TRP A 151 13.00 5.53 -43.09
C TRP A 151 13.51 5.37 -41.66
N PHE A 152 12.74 4.70 -40.80
CA PHE A 152 13.20 4.43 -39.46
C PHE A 152 14.53 3.69 -39.45
N GLU A 153 14.75 2.82 -40.43
CA GLU A 153 16.02 2.09 -40.46
C GLU A 153 17.14 2.98 -40.98
N MET A 154 16.81 3.96 -41.83
CA MET A 154 17.83 4.83 -42.42
C MET A 154 18.74 5.42 -41.34
N MET A 155 18.17 6.21 -40.44
CA MET A 155 18.93 6.78 -39.34
C MET A 155 19.63 5.70 -38.52
N ARG A 156 19.02 4.53 -38.37
CA ARG A 156 19.67 3.45 -37.65
C ARG A 156 20.89 2.94 -38.40
N VAL A 157 20.80 2.84 -39.72
CA VAL A 157 21.91 2.34 -40.51
C VAL A 157 23.09 3.30 -40.45
N TYR A 158 22.82 4.59 -40.62
CA TYR A 158 23.87 5.59 -40.75
C TYR A 158 24.11 6.37 -39.46
N ASN A 159 23.51 5.92 -38.35
CA ASN A 159 23.72 6.51 -37.03
C ASN A 159 23.39 8.01 -37.03
N TRP A 160 22.16 8.32 -37.47
CA TRP A 160 21.68 9.69 -37.49
C TRP A 160 20.75 9.89 -36.29
N ASN A 161 21.04 10.90 -35.48
CA ASN A 161 20.25 11.16 -34.29
C ASN A 161 19.39 12.41 -34.42
N HIS A 162 19.92 13.45 -35.07
CA HIS A 162 19.21 14.72 -35.19
C HIS A 162 18.29 14.64 -36.41
N ILE A 163 17.00 14.41 -36.17
CA ILE A 163 16.02 14.24 -37.25
C ILE A 163 14.95 15.32 -37.14
N ILE A 164 14.70 15.99 -38.27
CA ILE A 164 13.74 17.07 -38.35
C ILE A 164 12.56 16.60 -39.19
N LEU A 165 11.35 16.77 -38.66
CA LEU A 165 10.17 16.35 -39.41
C LEU A 165 9.45 17.58 -39.98
N LEU A 166 9.10 17.51 -41.26
CA LEU A 166 8.20 18.48 -41.86
C LEU A 166 7.10 17.73 -42.60
N VAL A 167 5.85 18.08 -42.30
CA VAL A 167 4.70 17.33 -42.77
C VAL A 167 3.59 18.28 -43.16
N SER A 168 2.84 17.90 -44.19
CA SER A 168 1.67 18.67 -44.61
C SER A 168 0.57 18.56 -43.57
N ASP A 169 -0.42 19.46 -43.69
CA ASP A 169 -1.55 19.47 -42.77
C ASP A 169 -2.56 18.36 -43.06
N ASP A 170 -2.38 17.61 -44.15
CA ASP A 170 -3.34 16.59 -44.53
C ASP A 170 -3.35 15.44 -43.53
N HIS A 171 -4.50 14.77 -43.42
CA HIS A 171 -4.65 13.66 -42.49
C HIS A 171 -3.65 12.55 -42.77
N GLU A 172 -3.36 12.28 -44.04
CA GLU A 172 -2.33 11.30 -44.36
C GLU A 172 -1.00 11.72 -43.75
N GLY A 173 -0.67 13.01 -43.85
CA GLY A 173 0.53 13.51 -43.21
C GLY A 173 0.49 13.37 -41.71
N ARG A 174 -0.66 13.65 -41.10
CA ARG A 174 -0.78 13.51 -39.65
C ARG A 174 -0.58 12.06 -39.22
N ALA A 175 -1.16 11.12 -39.97
CA ALA A 175 -1.00 9.70 -39.65
C ALA A 175 0.46 9.28 -39.80
N ALA A 176 1.12 9.72 -40.86
CA ALA A 176 2.53 9.41 -41.03
C ALA A 176 3.35 9.99 -39.88
N GLN A 177 3.03 11.22 -39.48
CA GLN A 177 3.73 11.87 -38.38
C GLN A 177 3.59 11.08 -37.09
N LYS A 178 2.37 10.69 -36.75
CA LYS A 178 2.18 9.94 -35.51
C LYS A 178 2.80 8.54 -35.59
N ARG A 179 2.77 7.92 -36.77
CA ARG A 179 3.40 6.62 -36.93
C ARG A 179 4.89 6.70 -36.70
N LEU A 180 5.56 7.66 -37.35
CA LEU A 180 7.00 7.80 -37.16
C LEU A 180 7.32 8.25 -35.75
N GLU A 181 6.42 9.02 -35.12
CA GLU A 181 6.60 9.39 -33.72
C GLU A 181 6.62 8.15 -32.84
N THR A 182 5.66 7.25 -33.06
CA THR A 182 5.66 6.00 -32.30
C THR A 182 6.94 5.22 -32.55
N LEU A 183 7.37 5.15 -33.81
CA LEU A 183 8.59 4.42 -34.14
C LEU A 183 9.80 4.98 -33.42
N LEU A 184 10.01 6.29 -33.51
CA LEU A 184 11.16 6.90 -32.84
C LEU A 184 11.04 6.79 -31.32
N GLU A 185 9.82 6.78 -30.80
CA GLU A 185 9.61 6.55 -29.37
C GLU A 185 9.97 5.13 -28.97
N GLU A 186 9.86 4.17 -29.90
CA GLU A 186 10.20 2.79 -29.57
C GLU A 186 11.65 2.65 -29.13
N ARG A 187 12.57 3.37 -29.79
CA ARG A 187 13.96 3.39 -29.37
C ARG A 187 14.21 4.38 -28.25
N GLU A 188 13.15 4.92 -27.63
CA GLU A 188 13.26 5.96 -26.61
C GLU A 188 14.13 7.11 -27.12
N SER A 189 13.76 7.58 -28.31
CA SER A 189 14.39 8.73 -28.94
C SER A 189 13.28 9.70 -29.34
N LYS A 190 13.67 10.88 -29.81
CA LYS A 190 12.69 11.86 -30.24
C LYS A 190 13.26 12.71 -31.36
N ALA A 191 12.40 13.10 -32.29
CA ALA A 191 12.77 14.14 -33.23
C ALA A 191 12.87 15.49 -32.50
N GLU A 192 13.94 16.23 -32.79
CA GLU A 192 14.17 17.49 -32.09
C GLU A 192 13.11 18.54 -32.43
N LYS A 193 12.52 18.47 -33.63
CA LYS A 193 11.25 19.15 -33.81
C LYS A 193 10.52 18.62 -35.03
N VAL A 194 9.21 18.89 -35.02
CA VAL A 194 8.30 18.61 -36.12
C VAL A 194 7.61 19.91 -36.49
N LEU A 195 7.37 20.11 -37.78
CA LEU A 195 6.73 21.29 -38.31
C LEU A 195 5.67 20.90 -39.33
N GLN A 196 4.65 21.72 -39.46
CA GLN A 196 3.48 21.44 -40.29
C GLN A 196 3.31 22.54 -41.33
N PHE A 197 2.76 22.17 -42.48
CA PHE A 197 2.51 23.14 -43.56
C PHE A 197 1.24 22.76 -44.29
N ASP A 198 0.76 23.73 -45.09
CA ASP A 198 -0.47 23.58 -45.85
C ASP A 198 -0.15 23.25 -47.31
N PRO A 199 -1.07 22.59 -48.02
CA PRO A 199 -0.74 22.08 -49.36
C PRO A 199 -0.84 23.12 -50.44
N GLY A 200 0.25 23.27 -51.20
CA GLY A 200 0.29 24.15 -52.35
C GLY A 200 0.08 25.61 -52.06
N THR A 201 0.19 26.04 -50.81
CA THR A 201 -0.20 27.40 -50.45
C THR A 201 0.95 28.37 -50.62
N LYS A 202 0.76 29.56 -50.06
CA LYS A 202 1.69 30.68 -50.07
C LYS A 202 2.79 30.47 -49.02
N ASN A 203 3.42 31.58 -48.63
CA ASN A 203 4.77 31.62 -48.06
C ASN A 203 5.07 30.39 -47.20
N VAL A 204 6.18 29.73 -47.52
CA VAL A 204 6.61 28.53 -46.83
C VAL A 204 8.05 28.71 -46.40
N THR A 205 8.69 29.75 -46.94
CA THR A 205 10.11 29.98 -46.70
C THR A 205 10.43 30.36 -45.25
N ALA A 206 9.43 30.74 -44.45
CA ALA A 206 9.67 30.95 -43.04
C ALA A 206 10.07 29.64 -42.36
N LEU A 207 9.37 28.56 -42.69
CA LEU A 207 9.72 27.25 -42.13
C LEU A 207 11.12 26.83 -42.57
N LEU A 208 11.46 27.06 -43.82
CA LEU A 208 12.79 26.67 -44.30
C LEU A 208 13.87 27.53 -43.66
N MET A 209 13.57 28.80 -43.41
CA MET A 209 14.51 29.67 -42.70
C MET A 209 14.76 29.16 -41.28
N GLU A 210 13.69 28.94 -40.53
CA GLU A 210 13.88 28.42 -39.18
C GLU A 210 14.52 27.03 -39.22
N ALA A 211 14.38 26.32 -40.33
CA ALA A 211 15.14 25.08 -40.52
C ALA A 211 16.62 25.38 -40.71
N ARG A 212 16.94 26.50 -41.38
CA ARG A 212 18.34 26.88 -41.53
C ARG A 212 18.96 27.15 -40.17
N GLU A 213 18.32 27.99 -39.34
CA GLU A 213 18.88 28.16 -38.00
C GLU A 213 18.51 27.05 -37.04
N LEU A 214 18.08 25.90 -37.55
CA LEU A 214 17.97 24.70 -36.75
C LEU A 214 19.33 24.02 -36.64
N GLU A 215 19.35 22.89 -35.91
CA GLU A 215 20.60 22.23 -35.60
C GLU A 215 20.91 21.10 -36.56
N ALA A 216 19.89 20.34 -36.99
CA ALA A 216 20.11 19.11 -37.72
C ALA A 216 20.57 19.35 -39.15
N ARG A 217 21.05 18.28 -39.78
CA ARG A 217 21.35 18.27 -41.20
C ARG A 217 20.38 17.40 -42.00
N VAL A 218 20.02 16.24 -41.48
CA VAL A 218 19.16 15.30 -42.19
C VAL A 218 17.71 15.70 -41.98
N ILE A 219 16.99 15.83 -43.08
CA ILE A 219 15.60 16.28 -43.08
C ILE A 219 14.76 15.18 -43.71
N ILE A 220 13.52 15.05 -43.26
CA ILE A 220 12.58 14.10 -43.86
C ILE A 220 11.28 14.82 -44.16
N LEU A 221 10.66 14.47 -45.28
CA LEU A 221 9.53 15.22 -45.82
C LEU A 221 8.42 14.27 -46.25
N SER A 222 7.21 14.81 -46.36
CA SER A 222 6.04 14.05 -46.81
C SER A 222 5.01 15.06 -47.29
N ALA A 223 4.66 14.99 -48.58
CA ALA A 223 3.71 15.92 -49.16
C ALA A 223 3.21 15.35 -50.49
N SER A 224 2.47 16.18 -51.23
CA SER A 224 2.03 15.81 -52.56
C SER A 224 3.06 16.22 -53.61
N GLU A 225 2.80 15.81 -54.85
CA GLU A 225 3.77 16.07 -55.92
C GLU A 225 3.96 17.57 -56.12
N ASP A 226 2.87 18.32 -56.28
CA ASP A 226 2.98 19.77 -56.39
C ASP A 226 3.54 20.38 -55.13
N ASP A 227 3.10 19.87 -53.97
CA ASP A 227 3.64 20.36 -52.70
C ASP A 227 5.13 20.10 -52.61
N ALA A 228 5.56 18.90 -52.98
CA ALA A 228 6.98 18.57 -52.94
C ALA A 228 7.77 19.45 -53.90
N ALA A 229 7.22 19.72 -55.08
CA ALA A 229 7.89 20.60 -56.03
C ALA A 229 8.04 22.02 -55.48
N THR A 230 6.98 22.52 -54.82
CA THR A 230 7.08 23.83 -54.19
C THR A 230 8.14 23.84 -53.11
N VAL A 231 8.19 22.79 -52.30
CA VAL A 231 9.22 22.71 -51.26
C VAL A 231 10.60 22.67 -51.89
N TYR A 232 10.76 21.91 -52.97
CA TYR A 232 12.04 21.82 -53.66
C TYR A 232 12.50 23.19 -54.15
N ARG A 233 11.62 23.90 -54.86
CA ARG A 233 12.01 25.18 -55.43
C ARG A 233 12.28 26.20 -54.34
N ALA A 234 11.50 26.18 -53.26
CA ALA A 234 11.74 27.09 -52.15
C ALA A 234 13.07 26.81 -51.48
N ALA A 235 13.37 25.53 -51.24
CA ALA A 235 14.65 25.17 -50.63
C ALA A 235 15.82 25.57 -51.52
N ALA A 236 15.65 25.42 -52.84
CA ALA A 236 16.68 25.86 -53.77
C ALA A 236 16.87 27.37 -53.69
N MET A 237 15.77 28.11 -53.55
CA MET A 237 15.87 29.54 -53.30
C MET A 237 16.63 29.84 -52.02
N LEU A 238 16.56 28.96 -51.04
CA LEU A 238 17.20 29.17 -49.74
C LEU A 238 18.47 28.35 -49.56
N ASN A 239 19.06 27.83 -50.63
CA ASN A 239 20.36 27.12 -50.60
C ASN A 239 20.33 25.88 -49.71
N MET A 240 19.15 25.36 -49.41
CA MET A 240 19.05 24.12 -48.63
C MET A 240 19.62 22.91 -49.35
N THR A 241 19.87 23.00 -50.67
CA THR A 241 20.39 21.86 -51.41
C THR A 241 21.87 21.59 -51.13
N GLY A 242 22.54 22.46 -50.37
CA GLY A 242 23.96 22.33 -50.13
C GLY A 242 24.31 21.05 -49.38
N SER A 243 25.62 20.90 -49.15
CA SER A 243 26.14 19.71 -48.50
C SER A 243 25.68 19.63 -47.04
N GLY A 244 25.78 18.43 -46.49
CA GLY A 244 25.30 18.18 -45.14
C GLY A 244 23.81 17.93 -45.05
N TYR A 245 23.02 18.84 -45.63
CA TYR A 245 21.57 18.68 -45.61
C TYR A 245 21.14 17.49 -46.45
N VAL A 246 20.19 16.72 -45.92
CA VAL A 246 19.70 15.51 -46.56
C VAL A 246 18.18 15.52 -46.49
N TRP A 247 17.53 15.10 -47.57
CA TRP A 247 16.07 14.98 -47.62
C TRP A 247 15.68 13.55 -47.95
N LEU A 248 14.46 13.19 -47.53
CA LEU A 248 14.03 11.80 -47.56
C LEU A 248 12.52 11.76 -47.72
N VAL A 249 12.04 11.19 -48.83
CA VAL A 249 10.61 11.13 -49.14
C VAL A 249 10.28 9.77 -49.72
N GLY A 250 9.01 9.59 -50.05
CA GLY A 250 8.55 8.39 -50.72
C GLY A 250 8.61 8.55 -52.22
N GLU A 251 7.80 7.78 -52.96
CA GLU A 251 7.80 7.86 -54.41
C GLU A 251 6.83 8.87 -54.97
N ARG A 252 5.84 9.33 -54.18
CA ARG A 252 4.95 10.37 -54.65
C ARG A 252 5.71 11.66 -54.91
N GLU A 253 6.65 11.99 -54.03
CA GLU A 253 7.32 13.28 -54.04
C GLU A 253 8.46 13.36 -55.06
N ILE A 254 8.69 12.30 -55.82
CA ILE A 254 9.82 12.26 -56.75
C ILE A 254 9.31 12.02 -58.17
N SER A 255 8.12 12.52 -58.48
CA SER A 255 7.50 12.31 -59.77
C SER A 255 7.17 13.64 -60.43
N GLY A 256 7.10 13.62 -61.76
CA GLY A 256 6.60 14.76 -62.51
C GLY A 256 7.38 16.03 -62.22
N ASN A 257 6.64 17.11 -61.96
CA ASN A 257 7.26 18.39 -61.64
C ASN A 257 8.12 18.29 -60.40
N ALA A 258 7.67 17.52 -59.40
CA ALA A 258 8.49 17.30 -58.21
C ALA A 258 9.80 16.62 -58.57
N LEU A 259 9.74 15.62 -59.47
CA LEU A 259 10.96 14.99 -59.93
C LEU A 259 11.87 15.98 -60.64
N ARG A 260 11.30 16.85 -61.46
CA ARG A 260 12.10 17.85 -62.16
C ARG A 260 12.79 18.79 -61.19
N TYR A 261 12.05 19.29 -60.19
CA TYR A 261 12.63 20.22 -59.22
C TYR A 261 13.36 19.51 -58.09
N ALA A 262 13.28 18.19 -58.01
CA ALA A 262 14.07 17.47 -57.03
C ALA A 262 15.54 17.53 -57.41
N PRO A 263 16.42 18.01 -56.54
CA PRO A 263 17.84 18.03 -56.87
C PRO A 263 18.43 16.63 -56.83
N ASP A 264 19.58 16.47 -57.47
CA ASP A 264 20.25 15.18 -57.43
C ASP A 264 20.75 14.88 -56.03
N GLY A 265 20.83 13.59 -55.71
CA GLY A 265 21.21 13.16 -54.39
C GLY A 265 20.07 12.81 -53.45
N ILE A 266 18.83 13.02 -53.87
CA ILE A 266 17.70 12.66 -53.04
C ILE A 266 17.51 11.15 -53.03
N ILE A 267 17.21 10.61 -51.85
CA ILE A 267 17.00 9.18 -51.66
C ILE A 267 15.50 8.93 -51.57
N GLY A 268 15.02 7.94 -52.31
CA GLY A 268 13.61 7.60 -52.33
C GLY A 268 13.34 6.12 -52.26
N LEU A 269 12.10 5.75 -51.94
CA LEU A 269 11.71 4.35 -51.86
C LEU A 269 10.76 4.04 -53.02
N GLN A 270 10.97 2.88 -53.61
CA GLN A 270 10.18 2.45 -54.76
C GLN A 270 9.51 1.12 -54.43
N LEU A 271 8.24 0.99 -54.82
CA LEU A 271 7.57 -0.29 -54.73
C LEU A 271 8.15 -1.28 -55.73
N ILE A 272 8.28 -2.53 -55.31
CA ILE A 272 8.78 -3.57 -56.21
C ILE A 272 7.79 -3.81 -57.34
N ASN A 273 6.50 -3.81 -57.03
CA ASN A 273 5.47 -3.95 -58.04
C ASN A 273 5.05 -2.59 -58.59
N GLY A 274 4.55 -1.72 -57.71
CA GLY A 274 4.20 -0.36 -58.11
C GLY A 274 2.91 -0.27 -58.88
N LYS A 275 2.91 -0.77 -60.12
CA LYS A 275 1.74 -0.66 -60.99
C LYS A 275 1.43 -1.95 -61.73
N ASN A 276 2.04 -3.08 -61.34
CA ASN A 276 1.71 -4.37 -61.95
C ASN A 276 0.36 -4.82 -61.44
N GLU A 277 -0.69 -4.26 -62.03
CA GLU A 277 -2.05 -4.62 -61.65
C GLU A 277 -2.30 -6.11 -61.83
N SER A 278 -1.64 -6.72 -62.82
CA SER A 278 -1.82 -8.15 -63.07
C SER A 278 -1.37 -8.99 -61.88
N ALA A 279 -0.19 -8.67 -61.32
CA ALA A 279 0.29 -9.41 -60.17
C ALA A 279 -0.63 -9.24 -58.97
N HIS A 280 -1.12 -8.02 -58.76
CA HIS A 280 -2.07 -7.78 -57.67
C HIS A 280 -3.34 -8.61 -57.86
N ILE A 281 -3.86 -8.65 -59.09
CA ILE A 281 -5.06 -9.44 -59.35
C ILE A 281 -4.79 -10.91 -59.09
N SER A 282 -3.65 -11.42 -59.56
CA SER A 282 -3.35 -12.83 -59.38
C SER A 282 -3.25 -13.18 -57.90
N ASP A 283 -2.51 -12.38 -57.13
CA ASP A 283 -2.35 -12.67 -55.71
C ASP A 283 -3.69 -12.55 -54.97
N ALA A 284 -4.48 -11.52 -55.31
CA ALA A 284 -5.78 -11.35 -54.66
C ALA A 284 -6.70 -12.51 -54.96
N VAL A 285 -6.73 -12.96 -56.22
CA VAL A 285 -7.57 -14.10 -56.58
C VAL A 285 -7.12 -15.35 -55.84
N GLY A 286 -5.81 -15.56 -55.75
CA GLY A 286 -5.31 -16.73 -55.03
C GLY A 286 -5.71 -16.72 -53.57
N VAL A 287 -5.51 -15.58 -52.90
CA VAL A 287 -5.84 -15.51 -51.47
C VAL A 287 -7.35 -15.61 -51.27
N VAL A 288 -8.13 -15.03 -52.18
CA VAL A 288 -9.59 -15.11 -52.07
C VAL A 288 -10.05 -16.55 -52.23
N ALA A 289 -9.50 -17.27 -53.20
CA ALA A 289 -9.87 -18.67 -53.39
C ALA A 289 -9.49 -19.50 -52.17
N GLN A 290 -8.30 -19.25 -51.62
CA GLN A 290 -7.87 -19.98 -50.42
C GLN A 290 -8.82 -19.72 -49.26
N ALA A 291 -9.17 -18.45 -49.02
CA ALA A 291 -10.07 -18.11 -47.93
C ALA A 291 -11.45 -18.68 -48.15
N VAL A 292 -11.94 -18.66 -49.40
CA VAL A 292 -13.25 -19.20 -49.69
C VAL A 292 -13.28 -20.71 -49.44
N HIS A 293 -12.23 -21.41 -49.87
CA HIS A 293 -12.16 -22.84 -49.60
C HIS A 293 -12.14 -23.12 -48.11
N GLU A 294 -11.37 -22.33 -47.35
CA GLU A 294 -11.33 -22.51 -45.90
C GLU A 294 -12.69 -22.27 -45.27
N LEU A 295 -13.39 -21.22 -45.72
CA LEU A 295 -14.73 -20.96 -45.20
C LEU A 295 -15.71 -22.07 -45.54
N LEU A 296 -15.63 -22.60 -46.77
CA LEU A 296 -16.52 -23.68 -47.18
C LEU A 296 -16.27 -24.93 -46.34
N GLU A 297 -15.01 -25.27 -46.10
CA GLU A 297 -14.76 -26.42 -45.23
C GLU A 297 -15.09 -26.11 -43.77
N LYS A 298 -15.18 -24.82 -43.41
CA LYS A 298 -15.69 -24.45 -42.10
C LYS A 298 -17.20 -24.26 -42.10
N GLU A 299 -17.86 -24.40 -43.26
CA GLU A 299 -19.31 -24.41 -43.45
C GLU A 299 -20.03 -23.24 -42.81
N ASN A 300 -21.37 -23.28 -42.80
CA ASN A 300 -22.21 -22.23 -42.25
C ASN A 300 -21.86 -20.85 -42.84
N ILE A 301 -21.82 -20.80 -44.17
CA ILE A 301 -21.41 -19.56 -44.85
C ILE A 301 -22.55 -18.60 -45.11
N THR A 302 -23.80 -19.02 -44.86
CA THR A 302 -25.01 -18.23 -45.11
C THR A 302 -25.00 -17.80 -46.59
N ASP A 303 -25.37 -16.56 -46.91
CA ASP A 303 -25.49 -16.11 -48.29
C ASP A 303 -25.41 -14.59 -48.31
N PRO A 304 -25.07 -14.00 -49.46
CA PRO A 304 -25.08 -12.54 -49.57
C PRO A 304 -26.49 -12.01 -49.43
N PRO A 305 -26.65 -10.73 -49.06
CA PRO A 305 -27.99 -10.20 -48.77
C PRO A 305 -28.95 -10.23 -49.94
N ARG A 306 -28.48 -10.49 -51.16
CA ARG A 306 -29.34 -10.52 -52.35
C ARG A 306 -30.06 -9.20 -52.56
N GLY A 307 -29.28 -8.13 -52.72
CA GLY A 307 -29.84 -6.85 -53.09
C GLY A 307 -29.84 -5.84 -51.97
N CYS A 308 -29.36 -4.62 -52.24
CA CYS A 308 -29.43 -3.56 -51.25
C CYS A 308 -30.88 -3.26 -50.88
N VAL A 309 -31.74 -3.09 -51.89
CA VAL A 309 -33.14 -2.82 -51.62
C VAL A 309 -33.81 -4.05 -51.05
N GLY A 310 -34.68 -3.86 -50.07
CA GLY A 310 -35.36 -4.97 -49.42
C GLY A 310 -34.58 -5.51 -48.24
N ASN A 311 -33.43 -6.13 -48.52
CA ASN A 311 -32.59 -6.67 -47.46
C ASN A 311 -31.87 -5.52 -46.77
N THR A 312 -32.18 -5.31 -45.49
CA THR A 312 -31.63 -4.20 -44.73
C THR A 312 -30.75 -4.66 -43.57
N ASN A 313 -30.56 -5.96 -43.40
CA ASN A 313 -29.78 -6.49 -42.29
C ASN A 313 -28.31 -6.67 -42.69
N ILE A 314 -27.48 -6.89 -41.68
CA ILE A 314 -26.05 -7.11 -41.87
C ILE A 314 -25.83 -8.58 -42.17
N TRP A 315 -24.63 -8.92 -42.65
CA TRP A 315 -24.26 -10.29 -42.93
C TRP A 315 -23.48 -10.84 -41.74
N LYS A 316 -23.99 -11.92 -41.15
CA LYS A 316 -23.47 -12.36 -39.86
C LYS A 316 -22.07 -12.94 -39.98
N THR A 317 -21.82 -13.73 -41.02
CA THR A 317 -20.51 -14.36 -41.18
C THR A 317 -19.46 -13.41 -41.74
N GLY A 318 -19.80 -12.13 -41.91
CA GLY A 318 -18.85 -11.15 -42.39
C GLY A 318 -17.64 -11.01 -41.50
N PRO A 319 -17.85 -10.86 -40.18
CA PRO A 319 -16.69 -10.86 -39.27
C PRO A 319 -15.87 -12.13 -39.34
N LEU A 320 -16.51 -13.29 -39.48
CA LEU A 320 -15.78 -14.54 -39.58
C LEU A 320 -14.93 -14.57 -40.84
N PHE A 321 -15.51 -14.19 -41.98
CA PHE A 321 -14.75 -14.16 -43.22
C PHE A 321 -13.62 -13.15 -43.12
N LYS A 322 -13.85 -12.01 -42.47
CA LYS A 322 -12.81 -11.01 -42.30
C LYS A 322 -11.66 -11.55 -41.46
N ARG A 323 -11.97 -12.28 -40.38
CA ARG A 323 -10.90 -12.81 -39.54
C ARG A 323 -10.13 -13.93 -40.23
N VAL A 324 -10.81 -14.74 -41.05
CA VAL A 324 -10.09 -15.78 -41.78
C VAL A 324 -9.26 -15.16 -42.90
N LEU A 325 -9.70 -14.01 -43.41
CA LEU A 325 -8.87 -13.25 -44.34
C LEU A 325 -7.65 -12.69 -43.63
N MET A 326 -7.83 -12.23 -42.39
CA MET A 326 -6.71 -11.80 -41.58
C MET A 326 -5.71 -12.93 -41.40
N SER A 327 -6.21 -14.15 -41.17
CA SER A 327 -5.33 -15.30 -41.01
C SER A 327 -5.02 -15.99 -42.32
N SER A 328 -5.50 -15.46 -43.45
CA SER A 328 -5.22 -16.08 -44.74
C SER A 328 -3.76 -15.86 -45.11
N LYS A 329 -2.93 -16.88 -44.85
CA LYS A 329 -1.49 -16.82 -45.07
C LYS A 329 -1.19 -17.46 -46.42
N TYR A 330 -1.78 -16.91 -47.48
CA TYR A 330 -1.57 -17.40 -48.84
C TYR A 330 -0.17 -16.96 -49.28
N ALA A 331 0.80 -17.84 -49.08
CA ALA A 331 2.19 -17.53 -49.40
C ALA A 331 2.55 -17.81 -50.84
N ASP A 332 1.64 -18.40 -51.63
CA ASP A 332 1.91 -18.75 -53.01
C ASP A 332 1.68 -17.59 -53.98
N GLY A 333 1.65 -16.35 -53.46
CA GLY A 333 1.48 -15.21 -54.33
C GLY A 333 2.66 -14.99 -55.24
N VAL A 334 2.40 -14.31 -56.35
CA VAL A 334 3.47 -13.97 -57.30
C VAL A 334 4.49 -13.07 -56.63
N THR A 335 4.02 -12.15 -55.78
CA THR A 335 4.87 -11.26 -55.02
C THR A 335 5.53 -11.94 -53.82
N GLY A 336 5.43 -13.27 -53.73
CA GLY A 336 5.97 -13.99 -52.59
C GLY A 336 4.89 -14.29 -51.57
N ARG A 337 5.26 -14.27 -50.29
CA ARG A 337 4.28 -14.48 -49.23
C ARG A 337 3.35 -13.28 -49.11
N VAL A 338 2.05 -13.53 -49.24
CA VAL A 338 1.04 -12.52 -49.02
C VAL A 338 0.65 -12.58 -47.55
N GLU A 339 1.38 -11.84 -46.72
CA GLU A 339 1.18 -11.88 -45.27
C GLU A 339 0.56 -10.57 -44.81
N PHE A 340 -0.67 -10.66 -44.33
CA PHE A 340 -1.37 -9.51 -43.76
C PHE A 340 -0.79 -9.14 -42.41
N ASN A 341 -0.78 -7.84 -42.13
CA ASN A 341 -0.33 -7.33 -40.85
C ASN A 341 -1.46 -7.48 -39.83
N GLU A 342 -1.31 -6.83 -38.68
CA GLU A 342 -2.40 -6.79 -37.71
C GLU A 342 -3.63 -6.11 -38.27
N ASP A 343 -3.47 -5.07 -39.07
CA ASP A 343 -4.58 -4.32 -39.65
C ASP A 343 -5.10 -4.92 -40.94
N GLY A 344 -4.53 -6.04 -41.39
CA GLY A 344 -4.95 -6.63 -42.65
C GLY A 344 -4.22 -6.11 -43.87
N ASP A 345 -3.08 -5.47 -43.69
CA ASP A 345 -2.27 -4.96 -44.79
C ASP A 345 -1.01 -5.79 -44.94
N ARG A 346 -0.39 -5.70 -46.11
CA ARG A 346 0.81 -6.48 -46.37
C ARG A 346 1.89 -6.19 -45.34
N LYS A 347 2.48 -7.25 -44.79
CA LYS A 347 3.50 -7.15 -43.77
C LYS A 347 4.75 -7.84 -44.26
N PHE A 348 5.91 -7.28 -43.87
CA PHE A 348 7.19 -7.60 -44.50
C PHE A 348 7.12 -7.37 -46.01
N ALA A 349 6.84 -6.14 -46.39
CA ALA A 349 6.68 -5.79 -47.79
C ALA A 349 8.04 -5.49 -48.43
N ASN A 350 8.06 -5.44 -49.76
CA ASN A 350 9.28 -5.29 -50.52
C ASN A 350 9.37 -3.88 -51.11
N TYR A 351 10.54 -3.25 -50.96
CA TYR A 351 10.81 -1.95 -51.53
C TYR A 351 12.27 -1.88 -51.97
N SER A 352 12.58 -0.83 -52.71
CA SER A 352 13.92 -0.59 -53.21
C SER A 352 14.34 0.84 -52.91
N ILE A 353 15.64 1.02 -52.67
CA ILE A 353 16.21 2.32 -52.35
C ILE A 353 16.82 2.89 -53.61
N MET A 354 16.40 4.09 -53.98
CA MET A 354 16.83 4.73 -55.22
C MET A 354 17.50 6.05 -54.90
N ASN A 355 18.56 6.37 -55.64
CA ASN A 355 19.29 7.62 -55.49
C ASN A 355 19.25 8.38 -56.82
N LEU A 356 18.83 9.63 -56.77
CA LEU A 356 18.81 10.46 -57.96
C LEU A 356 20.20 11.02 -58.23
N GLN A 357 20.90 10.43 -59.20
CA GLN A 357 22.26 10.82 -59.55
C GLN A 357 22.20 11.42 -60.96
N ASN A 358 22.80 12.61 -61.12
CA ASN A 358 22.94 13.33 -62.38
C ASN A 358 21.74 13.15 -63.30
N ARG A 359 20.55 13.39 -62.72
CA ARG A 359 19.24 13.27 -63.34
C ARG A 359 18.84 11.83 -63.62
N LYS A 360 19.60 10.84 -63.16
CA LYS A 360 19.29 9.43 -63.36
C LYS A 360 18.87 8.82 -62.03
N LEU A 361 17.78 8.04 -62.06
CA LEU A 361 17.23 7.43 -60.85
C LEU A 361 17.94 6.11 -60.63
N VAL A 362 18.94 6.11 -59.76
CA VAL A 362 19.81 4.95 -59.58
C VAL A 362 19.45 4.23 -58.29
N GLN A 363 19.39 2.91 -58.35
CA GLN A 363 19.04 2.11 -57.17
C GLN A 363 20.31 1.69 -56.44
N VAL A 364 20.22 1.66 -55.10
CA VAL A 364 21.37 1.32 -54.28
C VAL A 364 21.09 0.20 -53.29
N GLY A 365 19.85 -0.16 -53.03
CA GLY A 365 19.59 -1.18 -52.01
C GLY A 365 18.18 -1.69 -52.07
N ILE A 366 17.88 -2.63 -51.18
CA ILE A 366 16.58 -3.28 -51.10
C ILE A 366 16.14 -3.33 -49.65
N TYR A 367 14.83 -3.49 -49.43
CA TYR A 367 14.23 -3.48 -48.10
C TYR A 367 13.07 -4.45 -48.05
N ASN A 368 13.11 -5.38 -47.10
CA ASN A 368 11.97 -6.28 -46.89
C ASN A 368 11.67 -6.59 -45.44
N GLY A 369 12.20 -5.83 -44.48
CA GLY A 369 12.02 -6.15 -43.08
C GLY A 369 12.84 -5.35 -42.12
N THR A 370 13.60 -6.01 -41.23
CA THR A 370 14.34 -5.32 -40.19
C THR A 370 15.70 -4.79 -40.63
N HIS A 371 16.09 -4.98 -41.88
CA HIS A 371 17.44 -4.62 -42.31
C HIS A 371 17.47 -4.37 -43.81
N VAL A 372 17.80 -3.13 -44.16
CA VAL A 372 18.07 -2.74 -45.54
C VAL A 372 19.33 -3.49 -45.99
N ILE A 373 19.39 -3.81 -47.28
CA ILE A 373 20.53 -4.51 -47.84
C ILE A 373 21.09 -3.67 -48.99
N PRO A 374 22.33 -3.24 -48.92
CA PRO A 374 22.93 -2.54 -50.07
C PRO A 374 23.23 -3.50 -51.20
N ASN A 375 23.01 -3.09 -52.43
CA ASN A 375 23.18 -3.96 -53.58
C ASN A 375 24.26 -3.50 -54.54
N ASP A 376 24.41 -2.19 -54.72
CA ASP A 376 25.39 -1.66 -55.66
C ASP A 376 25.58 -0.18 -55.38
N ARG A 377 26.61 0.38 -56.02
CA ARG A 377 26.82 1.83 -56.08
C ARG A 377 27.14 2.44 -54.72
N LYS A 378 27.26 3.76 -54.68
CA LYS A 378 27.48 4.51 -53.46
C LYS A 378 26.48 5.66 -53.42
N ILE A 379 26.21 6.15 -52.21
CA ILE A 379 25.27 7.24 -52.04
C ILE A 379 25.93 8.54 -52.47
N ILE A 380 25.39 9.16 -53.52
CA ILE A 380 25.81 10.48 -53.95
C ILE A 380 24.94 11.50 -53.24
N TRP A 381 25.49 12.10 -52.20
CA TRP A 381 24.75 12.98 -51.32
C TRP A 381 24.39 14.29 -52.02
N PRO A 382 23.31 14.95 -51.59
CA PRO A 382 22.80 16.10 -52.35
C PRO A 382 23.81 17.21 -52.55
N GLY A 383 24.75 17.39 -51.63
CA GLY A 383 25.76 18.40 -51.81
C GLY A 383 26.86 18.05 -52.79
N GLY A 384 26.75 16.89 -53.45
CA GLY A 384 27.74 16.43 -54.39
C GLY A 384 28.91 15.69 -53.80
N GLU A 385 28.93 15.50 -52.48
CA GLU A 385 30.02 14.76 -51.85
C GLU A 385 29.74 13.27 -51.88
N THR A 386 30.75 12.50 -51.45
CA THR A 386 30.63 11.05 -51.37
C THR A 386 30.55 10.53 -49.95
N GLU A 387 30.91 11.33 -48.96
CA GLU A 387 30.92 10.88 -47.58
C GLU A 387 29.58 11.13 -46.90
N LYS A 388 29.21 10.22 -46.01
CA LYS A 388 27.96 10.35 -45.28
C LYS A 388 28.07 11.48 -44.27
N PRO A 389 27.25 12.52 -44.38
CA PRO A 389 27.34 13.64 -43.43
C PRO A 389 26.75 13.28 -42.08
N ARG A 390 27.24 13.99 -41.06
CA ARG A 390 26.66 13.85 -39.74
C ARG A 390 25.27 14.47 -39.70
N GLY A 391 24.55 14.18 -38.62
CA GLY A 391 23.17 14.60 -38.51
C GLY A 391 22.92 16.01 -38.02
N TYR A 392 23.95 16.73 -37.58
CA TYR A 392 23.77 18.03 -36.97
C TYR A 392 24.90 18.96 -37.37
N GLN A 393 24.74 20.24 -37.00
CA GLN A 393 25.79 21.24 -37.17
C GLN A 393 25.71 22.19 -35.98
N MET A 394 26.58 21.98 -35.00
CA MET A 394 26.56 22.77 -33.78
C MET A 394 26.84 24.24 -34.10
N SER A 395 25.95 25.12 -33.64
CA SER A 395 26.04 26.53 -33.97
C SER A 395 26.76 27.30 -32.88
N THR A 396 27.96 27.77 -33.19
CA THR A 396 28.84 28.43 -32.23
C THR A 396 28.24 29.73 -31.71
N ARG A 397 27.16 30.22 -32.30
CA ARG A 397 26.46 31.41 -31.84
C ARG A 397 25.20 30.95 -31.10
N LEU A 398 25.27 30.98 -29.78
CA LEU A 398 24.16 30.54 -28.94
C LEU A 398 23.20 31.69 -28.67
N LYS A 399 22.20 31.43 -27.84
CA LYS A 399 21.15 32.38 -27.53
C LYS A 399 21.11 32.62 -26.03
N ILE A 400 21.05 33.89 -25.63
CA ILE A 400 21.01 34.28 -24.23
C ILE A 400 19.65 34.91 -23.94
N VAL A 401 18.94 34.37 -22.96
CA VAL A 401 17.68 34.95 -22.51
C VAL A 401 17.76 35.11 -21.00
N THR A 402 17.04 36.11 -20.49
CA THR A 402 17.10 36.45 -19.07
C THR A 402 15.98 37.42 -18.74
N ILE A 403 16.00 37.92 -17.51
CA ILE A 403 15.11 38.97 -17.05
C ILE A 403 15.93 40.01 -16.31
N HIS A 404 15.56 41.27 -16.45
CA HIS A 404 16.27 42.35 -15.78
C HIS A 404 16.13 42.22 -14.27
N GLN A 405 17.25 41.98 -13.59
CA GLN A 405 17.27 41.80 -12.14
C GLN A 405 18.49 42.57 -11.62
N GLU A 406 18.23 43.72 -11.00
CA GLU A 406 19.29 44.64 -10.56
C GLU A 406 20.46 43.97 -9.85
N PRO A 407 20.26 43.07 -8.89
CA PRO A 407 21.44 42.41 -8.29
C PRO A 407 22.24 41.61 -9.29
N PHE A 408 21.64 41.18 -10.39
CA PHE A 408 22.32 40.35 -11.37
C PHE A 408 22.32 40.92 -12.77
N VAL A 409 21.27 41.65 -13.16
CA VAL A 409 21.13 42.18 -14.52
C VAL A 409 20.83 43.66 -14.41
N TYR A 410 21.72 44.49 -14.93
CA TYR A 410 21.47 45.92 -15.08
C TYR A 410 21.19 46.22 -16.54
N VAL A 411 20.06 46.87 -16.80
CA VAL A 411 19.62 47.25 -18.14
C VAL A 411 19.43 48.75 -18.19
N LYS A 412 20.09 49.40 -19.13
CA LYS A 412 20.03 50.83 -19.33
C LYS A 412 19.78 51.12 -20.80
N PRO A 413 19.19 52.26 -21.12
CA PRO A 413 19.06 52.65 -22.52
C PRO A 413 20.40 53.09 -23.10
N THR A 414 20.66 52.64 -24.33
CA THR A 414 21.85 53.08 -25.04
C THR A 414 21.70 54.54 -25.46
N MET A 415 22.83 55.16 -25.80
CA MET A 415 22.82 56.54 -26.24
C MET A 415 22.21 56.62 -27.65
N SER A 416 22.16 57.85 -28.19
CA SER A 416 21.64 58.03 -29.54
C SER A 416 22.47 57.29 -30.57
N ASP A 417 23.78 57.23 -30.37
CA ASP A 417 24.67 56.54 -31.29
C ASP A 417 24.51 55.02 -31.24
N GLY A 418 23.81 54.49 -30.25
CA GLY A 418 23.55 53.07 -30.18
C GLY A 418 24.63 52.23 -29.54
N THR A 419 25.43 52.79 -28.65
CA THR A 419 26.49 52.07 -27.97
C THR A 419 26.31 52.18 -26.46
N CYS A 420 27.15 51.45 -25.73
CA CYS A 420 27.12 51.50 -24.27
C CYS A 420 28.05 52.59 -23.75
N LYS A 421 27.66 53.17 -22.63
CA LYS A 421 28.46 54.22 -22.02
C LYS A 421 29.79 53.68 -21.53
N GLU A 422 30.82 54.51 -21.62
CA GLU A 422 32.15 54.13 -21.14
C GLU A 422 32.17 54.35 -19.63
N GLU A 423 31.50 53.47 -18.90
CA GLU A 423 31.44 53.54 -17.45
C GLU A 423 32.41 52.53 -16.87
N PHE A 424 33.28 53.01 -15.98
CA PHE A 424 34.34 52.20 -15.41
C PHE A 424 34.06 51.93 -13.94
N THR A 425 34.60 50.82 -13.45
CA THR A 425 34.43 50.45 -12.06
C THR A 425 35.23 51.39 -11.16
N VAL A 426 35.05 51.23 -9.85
CA VAL A 426 35.85 52.00 -8.89
C VAL A 426 37.33 51.67 -9.06
N ASN A 427 37.65 50.45 -9.49
CA ASN A 427 39.02 50.09 -9.81
C ASN A 427 39.49 50.68 -11.13
N GLY A 428 38.60 51.31 -11.89
CA GLY A 428 38.96 51.93 -13.15
C GLY A 428 38.71 51.09 -14.38
N ASP A 429 38.54 49.78 -14.23
CA ASP A 429 38.23 48.98 -15.40
C ASP A 429 36.79 49.21 -15.83
N PRO A 430 36.52 49.21 -17.14
CA PRO A 430 35.14 49.34 -17.60
C PRO A 430 34.33 48.09 -17.28
N VAL A 431 33.05 48.29 -17.05
CA VAL A 431 32.12 47.17 -16.90
C VAL A 431 31.86 46.59 -18.29
N LYS A 432 31.87 45.27 -18.37
CA LYS A 432 31.68 44.59 -19.66
C LYS A 432 30.19 44.54 -19.96
N LYS A 433 29.76 45.30 -20.96
CA LYS A 433 28.36 45.44 -21.29
C LYS A 433 28.10 45.01 -22.73
N VAL A 434 26.93 44.44 -22.95
CA VAL A 434 26.50 44.01 -24.28
C VAL A 434 25.19 44.70 -24.62
N ILE A 435 24.69 44.40 -25.81
CA ILE A 435 23.47 45.01 -26.33
C ILE A 435 22.38 43.95 -26.40
N CYS A 436 21.51 43.92 -25.39
CA CYS A 436 20.42 42.97 -25.31
C CYS A 436 19.15 43.61 -25.86
N THR A 437 18.58 43.02 -26.89
CA THR A 437 17.36 43.55 -27.47
C THR A 437 16.14 43.05 -26.68
N GLY A 438 15.00 43.67 -26.95
CA GLY A 438 13.79 43.33 -26.26
C GLY A 438 12.89 44.52 -26.05
N PRO A 439 11.66 44.27 -25.58
CA PRO A 439 10.66 45.33 -25.53
C PRO A 439 11.08 46.50 -24.64
N ASN A 440 10.76 47.71 -25.10
CA ASN A 440 11.00 48.91 -24.32
C ASN A 440 9.90 49.04 -23.28
N ASP A 441 10.18 48.60 -22.05
CA ASP A 441 9.23 48.51 -20.95
C ASP A 441 8.26 47.34 -21.14
N THR A 442 7.46 47.05 -20.12
CA THR A 442 6.60 45.88 -20.13
C THR A 442 5.51 45.99 -21.20
N SER A 443 5.27 44.88 -21.89
CA SER A 443 4.45 44.88 -23.10
C SER A 443 3.08 45.52 -22.94
N PRO A 444 2.28 45.24 -21.90
CA PRO A 444 0.99 45.94 -21.79
C PRO A 444 1.13 47.45 -21.71
N GLY A 445 2.09 47.96 -20.95
CA GLY A 445 2.32 49.39 -20.86
C GLY A 445 3.22 49.92 -21.96
N SER A 446 3.87 49.01 -22.69
CA SER A 446 4.80 49.40 -23.72
C SER A 446 4.12 49.41 -25.09
N PRO A 447 4.65 50.19 -26.03
CA PRO A 447 4.24 50.06 -27.44
C PRO A 447 4.85 48.87 -28.16
N ARG A 448 5.44 47.92 -27.42
CA ARG A 448 5.96 46.67 -27.97
C ARG A 448 7.09 46.92 -28.96
N HIS A 449 7.96 47.88 -28.65
CA HIS A 449 9.15 48.16 -29.45
C HIS A 449 10.32 47.39 -28.85
N THR A 450 10.82 46.40 -29.60
CA THR A 450 11.94 45.60 -29.15
C THR A 450 13.23 46.39 -29.24
N VAL A 451 13.36 47.42 -28.41
CA VAL A 451 14.50 48.34 -28.46
C VAL A 451 15.72 47.67 -27.84
N PRO A 452 16.81 47.51 -28.58
CA PRO A 452 18.06 47.05 -27.96
C PRO A 452 18.55 48.03 -26.90
N GLN A 453 19.04 47.49 -25.79
CA GLN A 453 19.47 48.30 -24.67
C GLN A 453 20.76 47.73 -24.10
N CYS A 454 21.56 48.61 -23.51
CA CYS A 454 22.78 48.17 -22.84
C CYS A 454 22.44 47.32 -21.63
N CYS A 455 23.17 46.22 -21.46
CA CYS A 455 22.96 45.33 -20.32
C CYS A 455 24.28 44.76 -19.86
N TYR A 456 24.41 44.63 -18.55
CA TYR A 456 25.66 44.21 -17.93
C TYR A 456 25.35 43.69 -16.54
N GLY A 457 26.34 43.02 -15.93
CA GLY A 457 26.19 42.66 -14.54
C GLY A 457 26.79 41.30 -14.24
N PHE A 458 26.34 40.74 -13.11
CA PHE A 458 26.92 39.52 -12.57
C PHE A 458 26.75 38.35 -13.54
N CYS A 459 25.51 38.02 -13.86
CA CYS A 459 25.26 36.93 -14.81
C CYS A 459 25.92 37.20 -16.15
N ILE A 460 25.91 38.47 -16.58
CA ILE A 460 26.60 38.84 -17.80
C ILE A 460 28.09 38.56 -17.68
N ASP A 461 28.68 38.94 -16.55
CA ASP A 461 30.11 38.71 -16.34
C ASP A 461 30.43 37.22 -16.41
N LEU A 462 29.63 36.40 -15.72
CA LEU A 462 29.95 34.97 -15.69
C LEU A 462 29.71 34.31 -17.04
N LEU A 463 28.68 34.75 -17.78
CA LEU A 463 28.47 34.17 -19.11
C LEU A 463 29.60 34.56 -20.04
N ILE A 464 30.10 35.79 -19.92
CA ILE A 464 31.26 36.19 -20.73
C ILE A 464 32.46 35.32 -20.38
N LYS A 465 32.67 35.09 -19.09
CA LYS A 465 33.79 34.25 -18.67
C LYS A 465 33.69 32.84 -19.25
N LEU A 466 32.52 32.22 -19.09
CA LEU A 466 32.38 30.84 -19.56
C LEU A 466 32.38 30.78 -21.09
N ALA A 467 31.92 31.84 -21.76
CA ALA A 467 32.01 31.87 -23.21
C ALA A 467 33.46 31.95 -23.66
N ARG A 468 34.25 32.82 -23.03
CA ARG A 468 35.69 32.85 -23.30
C ARG A 468 36.32 31.48 -23.02
N THR A 469 35.80 30.78 -22.02
CA THR A 469 36.33 29.45 -21.70
C THR A 469 36.00 28.45 -22.81
N MET A 470 34.76 28.46 -23.31
CA MET A 470 34.33 27.56 -24.38
C MET A 470 34.49 28.16 -25.76
N ASN A 471 34.79 29.45 -25.88
CA ASN A 471 35.03 30.10 -27.17
C ASN A 471 33.84 29.95 -28.12
N PHE A 472 32.70 30.52 -27.73
CA PHE A 472 31.52 30.53 -28.58
C PHE A 472 30.86 31.90 -28.52
N THR A 473 30.34 32.33 -29.67
CA THR A 473 29.58 33.57 -29.74
C THR A 473 28.15 33.34 -29.24
N TYR A 474 27.38 34.41 -29.21
CA TYR A 474 26.09 34.37 -28.52
C TYR A 474 25.20 35.50 -29.02
N GLU A 475 23.94 35.46 -28.59
CA GLU A 475 23.01 36.55 -28.78
C GLU A 475 22.23 36.74 -27.50
N VAL A 476 22.11 37.99 -27.05
CA VAL A 476 21.50 38.34 -25.79
C VAL A 476 20.14 39.01 -26.06
N HIS A 477 19.11 38.53 -25.38
CA HIS A 477 17.76 39.06 -25.53
C HIS A 477 16.94 38.61 -24.34
N LEU A 478 16.36 39.57 -23.61
CA LEU A 478 15.62 39.21 -22.43
C LEU A 478 14.30 38.56 -22.80
N VAL A 479 13.62 38.01 -21.79
CA VAL A 479 12.39 37.26 -22.01
C VAL A 479 11.27 38.21 -22.39
N ALA A 480 10.36 37.72 -23.25
CA ALA A 480 9.30 38.57 -23.77
C ALA A 480 8.31 38.96 -22.67
N ASP A 481 7.80 37.99 -21.92
CA ASP A 481 6.72 38.26 -20.97
C ASP A 481 7.20 38.94 -19.70
N GLY A 482 8.47 38.80 -19.34
CA GLY A 482 8.96 39.33 -18.09
C GLY A 482 8.71 38.45 -16.89
N LYS A 483 8.08 37.30 -17.06
CA LYS A 483 7.79 36.39 -15.96
C LYS A 483 8.65 35.14 -16.11
N PHE A 484 8.85 34.44 -14.98
CA PHE A 484 9.61 33.20 -15.02
C PHE A 484 8.82 32.11 -15.74
N GLY A 485 7.68 31.72 -15.18
CA GLY A 485 6.79 30.81 -15.88
C GLY A 485 6.64 29.44 -15.25
N THR A 486 5.54 28.76 -15.60
CA THR A 486 5.27 27.42 -15.13
C THR A 486 4.23 26.80 -16.04
N GLN A 487 4.04 25.49 -15.89
CA GLN A 487 2.96 24.79 -16.58
C GLN A 487 1.64 25.37 -16.10
N GLU A 488 0.74 25.67 -17.04
CA GLU A 488 -0.55 26.25 -16.70
C GLU A 488 -1.57 25.87 -17.76
N ARG A 489 -2.73 25.39 -17.32
CA ARG A 489 -3.86 25.17 -18.19
C ARG A 489 -4.43 26.55 -18.52
N VAL A 490 -3.85 27.18 -19.53
CA VAL A 490 -4.17 28.57 -19.88
C VAL A 490 -5.58 28.64 -20.43
N ASN A 491 -6.10 29.85 -20.57
CA ASN A 491 -7.48 30.06 -21.00
C ASN A 491 -7.74 29.38 -22.34
N ASN A 492 -8.89 28.72 -22.43
CA ASN A 492 -9.34 28.01 -23.62
C ASN A 492 -8.45 26.83 -23.98
N SER A 493 -7.66 26.34 -23.03
CA SER A 493 -6.76 25.22 -23.27
C SER A 493 -7.04 24.09 -22.28
N ASN A 494 -6.28 23.00 -22.44
CA ASN A 494 -6.40 21.83 -21.59
C ASN A 494 -5.09 21.39 -20.96
N LYS A 495 -3.98 21.49 -21.68
CA LYS A 495 -2.69 21.01 -21.22
C LYS A 495 -1.94 22.13 -20.50
N LYS A 496 -1.39 21.80 -19.34
CA LYS A 496 -0.59 22.76 -18.60
C LYS A 496 0.70 23.08 -19.36
N GLU A 497 0.85 24.35 -19.72
CA GLU A 497 1.92 24.76 -20.62
C GLU A 497 2.81 25.80 -19.95
N TRP A 498 4.10 25.68 -20.18
CA TRP A 498 5.08 26.65 -19.69
C TRP A 498 4.86 28.01 -20.33
N ASN A 499 5.31 29.05 -19.63
CA ASN A 499 5.52 30.35 -20.24
C ASN A 499 6.86 30.89 -19.75
N GLY A 500 7.20 32.12 -20.13
CA GLY A 500 8.49 32.63 -19.71
C GLY A 500 9.64 31.99 -20.49
N MET A 501 10.84 32.12 -19.92
CA MET A 501 12.03 31.65 -20.62
C MET A 501 12.04 30.13 -20.78
N MET A 502 11.41 29.39 -19.88
CA MET A 502 11.29 27.94 -20.08
C MET A 502 10.50 27.64 -21.36
N GLY A 503 9.39 28.33 -21.55
CA GLY A 503 8.65 28.17 -22.79
C GLY A 503 9.43 28.64 -24.00
N GLU A 504 10.15 29.76 -23.87
CA GLU A 504 10.92 30.28 -24.98
C GLU A 504 12.04 29.31 -25.37
N LEU A 505 12.56 28.56 -24.39
CA LEU A 505 13.59 27.57 -24.69
C LEU A 505 12.98 26.33 -25.30
N LEU A 506 11.89 25.82 -24.73
CA LEU A 506 11.26 24.61 -25.26
C LEU A 506 10.75 24.85 -26.67
N SER A 507 10.37 26.08 -27.00
CA SER A 507 10.02 26.41 -28.36
C SER A 507 11.25 26.54 -29.25
N GLY A 508 12.41 26.87 -28.67
CA GLY A 508 13.62 27.06 -29.42
C GLY A 508 14.00 28.49 -29.68
N GLN A 509 13.25 29.45 -29.13
CA GLN A 509 13.63 30.85 -29.29
C GLN A 509 14.98 31.13 -28.66
N ALA A 510 15.24 30.55 -27.50
CA ALA A 510 16.54 30.60 -26.85
C ALA A 510 16.98 29.17 -26.59
N ASP A 511 18.30 28.96 -26.59
CA ASP A 511 18.83 27.61 -26.43
C ASP A 511 19.37 27.34 -25.03
N MET A 512 19.54 28.36 -24.20
CA MET A 512 20.02 28.18 -22.84
C MET A 512 19.76 29.44 -22.03
N ILE A 513 19.51 29.26 -20.73
CA ILE A 513 19.09 30.33 -19.83
C ILE A 513 20.29 30.79 -19.01
N VAL A 514 20.40 32.11 -18.84
CA VAL A 514 21.39 32.71 -17.94
C VAL A 514 20.62 33.70 -17.06
N ALA A 515 20.36 33.31 -15.82
CA ALA A 515 19.60 34.15 -14.90
C ALA A 515 19.71 33.55 -13.50
N PRO A 516 19.44 34.32 -12.46
CA PRO A 516 19.40 33.75 -11.11
C PRO A 516 18.21 32.83 -10.92
N LEU A 517 18.08 31.83 -11.79
CA LEU A 517 16.92 30.95 -11.81
C LEU A 517 16.99 29.97 -10.65
N THR A 518 15.84 29.68 -10.05
CA THR A 518 15.77 28.69 -8.98
C THR A 518 15.55 27.30 -9.55
N ILE A 519 16.28 26.33 -9.01
CA ILE A 519 16.11 24.93 -9.39
C ILE A 519 14.92 24.37 -8.61
N ASN A 520 13.97 23.77 -9.32
CA ASN A 520 12.88 23.05 -8.71
C ASN A 520 12.62 21.77 -9.48
N ASN A 521 12.02 20.80 -8.80
CA ASN A 521 11.78 19.50 -9.42
C ASN A 521 10.88 19.63 -10.64
N GLU A 522 9.93 20.56 -10.62
CA GLU A 522 9.04 20.75 -11.75
C GLU A 522 9.81 21.15 -12.99
N ARG A 523 10.77 22.06 -12.85
CA ARG A 523 11.63 22.40 -13.97
C ARG A 523 12.55 21.25 -14.35
N ALA A 524 12.91 20.40 -13.38
CA ALA A 524 13.90 19.36 -13.62
C ALA A 524 13.44 18.37 -14.69
N GLN A 525 12.14 18.14 -14.79
CA GLN A 525 11.63 17.22 -15.80
C GLN A 525 11.82 17.76 -17.22
N TYR A 526 12.09 19.03 -17.36
CA TYR A 526 12.04 19.63 -18.69
C TYR A 526 13.27 20.44 -19.05
N ILE A 527 13.93 21.03 -18.08
CA ILE A 527 15.12 21.84 -18.34
C ILE A 527 16.28 21.24 -17.56
N GLU A 528 17.44 21.11 -18.22
CA GLU A 528 18.60 20.50 -17.60
C GLU A 528 19.32 21.56 -16.78
N PHE A 529 19.24 21.43 -15.46
CA PHE A 529 20.02 22.27 -14.57
C PHE A 529 21.41 21.67 -14.40
N SER A 530 22.43 22.51 -14.51
CA SER A 530 23.78 22.10 -14.18
C SER A 530 23.96 22.22 -12.68
N LYS A 531 25.19 22.12 -12.21
CA LYS A 531 25.45 22.29 -10.78
C LYS A 531 25.19 23.75 -10.41
N PRO A 532 24.76 24.03 -9.18
CA PRO A 532 24.50 25.42 -8.79
C PRO A 532 25.77 26.25 -8.85
N PHE A 533 25.63 27.49 -9.33
CA PHE A 533 26.75 28.41 -9.34
C PHE A 533 26.73 29.36 -8.15
N LYS A 534 25.60 29.49 -7.46
CA LYS A 534 25.50 30.35 -6.30
C LYS A 534 24.53 29.70 -5.32
N TYR A 535 24.70 29.98 -4.03
CA TYR A 535 23.78 29.50 -3.02
C TYR A 535 23.04 30.69 -2.42
N GLN A 536 21.77 30.47 -2.05
CA GLN A 536 20.90 31.54 -1.60
C GLN A 536 19.74 30.94 -0.83
N GLY A 537 18.81 31.79 -0.41
CA GLY A 537 17.65 31.33 0.32
C GLY A 537 16.47 32.25 0.10
N LEU A 538 15.36 31.88 0.73
CA LEU A 538 14.11 32.62 0.64
C LEU A 538 13.82 33.28 1.98
N THR A 539 13.42 34.55 1.95
CA THR A 539 13.21 35.32 3.16
C THR A 539 12.15 36.37 2.91
N ILE A 540 11.91 37.20 3.94
CA ILE A 540 10.84 38.18 3.95
C ILE A 540 11.46 39.56 4.18
N LEU A 541 10.88 40.57 3.53
CA LEU A 541 11.35 41.94 3.58
C LEU A 541 10.25 42.87 4.06
N VAL A 542 10.60 43.77 4.98
CA VAL A 542 9.70 44.81 5.46
C VAL A 542 10.48 46.12 5.52
N LYS A 543 9.76 47.19 5.85
CA LYS A 543 10.36 48.50 5.95
C LYS A 543 10.87 48.76 7.36
N LYS A 544 11.74 49.76 7.49
CA LYS A 544 12.31 50.18 8.77
C LYS A 544 13.05 49.07 9.48
N GLU A 661 7.97 46.33 17.24
CA GLU A 661 7.06 46.71 16.17
C GLU A 661 6.63 45.49 15.35
N GLU A 662 6.44 44.36 16.04
CA GLU A 662 5.97 43.11 15.44
C GLU A 662 6.94 42.62 14.36
N ARG A 663 8.15 42.30 14.80
CA ARG A 663 9.09 41.58 13.94
C ARG A 663 8.44 40.29 13.45
N ILE A 664 8.26 40.20 12.14
CA ILE A 664 7.47 39.10 11.57
C ILE A 664 8.17 37.78 11.88
N THR A 665 7.37 36.74 12.14
CA THR A 665 7.92 35.46 12.59
C THR A 665 8.14 34.51 11.42
N GLY A 666 8.93 34.98 10.46
CA GLY A 666 9.34 34.17 9.33
C GLY A 666 8.17 33.53 8.62
N ILE A 667 8.22 32.20 8.54
CA ILE A 667 7.09 31.43 8.02
C ILE A 667 6.38 30.71 9.15
N ASN A 668 6.49 31.22 10.37
CA ASN A 668 5.85 30.62 11.53
C ASN A 668 4.90 31.56 12.24
N ASP A 669 4.70 32.77 11.71
CA ASP A 669 3.75 33.68 12.31
C ASP A 669 2.34 33.25 11.96
N PRO A 670 1.47 33.05 12.95
CA PRO A 670 0.04 32.84 12.61
C PRO A 670 -0.52 33.96 11.74
N ARG A 671 -0.15 35.21 12.02
CA ARG A 671 -0.64 36.32 11.21
C ARG A 671 -0.41 36.09 9.72
N LEU A 672 0.57 35.25 9.38
CA LEU A 672 0.65 34.73 8.02
C LEU A 672 -0.33 33.56 7.84
N ARG A 673 -0.32 32.63 8.79
CA ARG A 673 -1.15 31.43 8.71
C ARG A 673 -2.64 31.74 8.63
N ASN A 674 -3.15 32.71 9.39
CA ASN A 674 -4.50 33.23 9.16
C ASN A 674 -4.33 34.63 8.59
N PRO A 675 -4.54 34.78 7.29
CA PRO A 675 -4.30 36.08 6.65
C PRO A 675 -5.25 37.14 7.20
N SER A 676 -4.74 38.37 7.26
CA SER A 676 -5.51 39.50 7.75
C SER A 676 -5.52 40.59 6.71
N ASP A 677 -6.56 41.42 6.75
CA ASP A 677 -6.62 42.56 5.84
C ASP A 677 -5.68 43.68 6.29
N LYS A 678 -5.28 43.66 7.56
CA LYS A 678 -4.33 44.64 8.06
C LYS A 678 -2.91 44.36 7.57
N PHE A 679 -2.62 43.13 7.17
CA PHE A 679 -1.27 42.72 6.76
C PHE A 679 -1.37 42.19 5.33
N ILE A 680 -0.75 42.89 4.40
CA ILE A 680 -0.85 42.57 2.97
C ILE A 680 0.53 42.15 2.47
N TYR A 681 0.56 41.02 1.78
CA TYR A 681 1.81 40.40 1.37
C TYR A 681 1.55 39.55 0.13
N ALA A 682 2.59 39.34 -0.67
CA ALA A 682 2.43 38.60 -1.92
C ALA A 682 3.80 38.28 -2.49
N THR A 683 3.80 37.67 -3.67
CA THR A 683 5.01 37.28 -4.38
C THR A 683 4.81 37.58 -5.86
N VAL A 684 5.67 37.02 -6.71
CA VAL A 684 5.61 37.22 -8.16
C VAL A 684 4.89 36.05 -8.80
N LYS A 685 4.03 36.35 -9.76
CA LYS A 685 3.26 35.32 -10.45
C LYS A 685 4.17 34.47 -11.34
N GLN A 686 3.79 33.21 -11.52
CA GLN A 686 4.52 32.25 -12.35
C GLN A 686 5.98 32.19 -11.97
N SER A 687 6.24 32.17 -10.66
CA SER A 687 7.59 32.19 -10.12
C SER A 687 7.83 30.98 -9.24
N SER A 688 9.10 30.79 -8.88
CA SER A 688 9.48 29.63 -8.07
C SER A 688 8.80 29.63 -6.72
N VAL A 689 8.69 30.80 -6.07
CA VAL A 689 8.01 30.87 -4.78
C VAL A 689 6.54 30.53 -4.93
N ASP A 690 5.94 30.88 -6.08
CA ASP A 690 4.58 30.47 -6.36
C ASP A 690 4.49 28.94 -6.40
N ILE A 691 5.45 28.30 -7.05
CA ILE A 691 5.47 26.83 -7.11
C ILE A 691 5.59 26.25 -5.71
N TYR A 692 6.49 26.83 -4.90
CA TYR A 692 6.68 26.34 -3.54
C TYR A 692 5.39 26.45 -2.73
N PHE A 693 4.78 27.63 -2.71
CA PHE A 693 3.54 27.81 -1.97
C PHE A 693 2.41 26.98 -2.53
N ARG A 694 2.49 26.58 -3.80
CA ARG A 694 1.50 25.69 -4.38
C ARG A 694 1.70 24.25 -3.94
N ARG A 695 2.96 23.82 -3.75
CA ARG A 695 3.21 22.45 -3.37
C ARG A 695 2.76 22.16 -1.94
N GLN A 696 3.13 23.03 -1.00
CA GLN A 696 2.75 22.84 0.40
C GLN A 696 1.28 23.24 0.56
N VAL A 697 0.39 22.24 0.48
CA VAL A 697 -1.04 22.48 0.64
C VAL A 697 -1.35 23.06 2.01
N GLU A 698 -0.53 22.74 3.01
CA GLU A 698 -0.69 23.35 4.33
C GLU A 698 -0.51 24.85 4.28
N LEU A 699 0.24 25.36 3.31
CA LEU A 699 0.43 26.79 3.13
C LEU A 699 -0.58 27.38 2.15
N SER A 700 -1.53 26.56 1.67
CA SER A 700 -2.41 26.96 0.57
C SER A 700 -3.17 28.24 0.89
N THR A 701 -3.53 28.43 2.16
CA THR A 701 -4.27 29.63 2.53
C THR A 701 -3.48 30.89 2.18
N MET A 702 -2.18 30.90 2.50
CA MET A 702 -1.34 32.01 2.10
C MET A 702 -1.26 32.10 0.58
N TYR A 703 -1.24 30.94 -0.10
CA TYR A 703 -1.37 30.94 -1.54
C TYR A 703 -2.66 31.61 -1.98
N ARG A 704 -3.75 31.34 -1.25
CA ARG A 704 -4.99 32.05 -1.51
C ARG A 704 -4.85 33.54 -1.26
N HIS A 705 -4.02 33.93 -0.29
CA HIS A 705 -3.67 35.34 -0.15
C HIS A 705 -2.86 35.82 -1.34
N MET A 706 -1.95 34.98 -1.84
CA MET A 706 -1.08 35.35 -2.96
C MET A 706 -1.89 35.86 -4.15
N GLU A 707 -2.92 35.11 -4.55
CA GLU A 707 -3.68 35.46 -5.75
C GLU A 707 -4.40 36.80 -5.60
N LYS A 708 -4.39 37.39 -4.41
CA LYS A 708 -4.97 38.72 -4.26
C LYS A 708 -4.02 39.81 -4.72
N HIS A 709 -2.77 39.78 -4.26
CA HIS A 709 -1.90 40.93 -4.43
C HIS A 709 -0.59 40.63 -5.15
N ASN A 710 -0.49 39.49 -5.84
CA ASN A 710 0.77 39.10 -6.46
C ASN A 710 1.25 40.15 -7.44
N TYR A 711 2.54 40.49 -7.34
CA TYR A 711 3.14 41.49 -8.21
C TYR A 711 3.73 40.85 -9.45
N GLU A 712 4.19 41.69 -10.36
CA GLU A 712 4.72 41.22 -11.64
C GLU A 712 6.22 41.36 -11.77
N SER A 713 6.84 42.27 -11.01
CA SER A 713 8.28 42.42 -11.02
C SER A 713 8.73 42.96 -9.67
N ALA A 714 10.04 42.95 -9.47
CA ALA A 714 10.59 43.30 -8.17
C ALA A 714 10.49 44.81 -7.91
N ALA A 715 10.61 45.62 -8.96
CA ALA A 715 10.69 47.07 -8.76
C ALA A 715 9.42 47.62 -8.13
N GLU A 716 8.27 47.29 -8.71
CA GLU A 716 7.01 47.84 -8.20
C GLU A 716 6.71 47.33 -6.79
N ALA A 717 6.97 46.04 -6.53
CA ALA A 717 6.75 45.52 -5.20
C ALA A 717 7.66 46.20 -4.18
N ILE A 718 8.93 46.40 -4.53
CA ILE A 718 9.87 47.05 -3.64
C ILE A 718 9.42 48.47 -3.34
N GLN A 719 9.01 49.21 -4.38
CA GLN A 719 8.56 50.58 -4.17
C GLN A 719 7.29 50.61 -3.32
N ALA A 720 6.37 49.68 -3.57
CA ALA A 720 5.12 49.64 -2.80
C ALA A 720 5.38 49.35 -1.34
N VAL A 721 6.31 48.44 -1.05
CA VAL A 721 6.69 48.20 0.34
C VAL A 721 7.33 49.46 0.92
N ARG A 722 8.22 50.09 0.15
CA ARG A 722 8.77 51.39 0.55
C ARG A 722 7.66 52.43 0.68
N ASP A 723 6.59 52.29 -0.09
CA ASP A 723 5.42 53.13 0.06
C ASP A 723 4.38 52.53 1.00
N ASN A 724 4.68 51.37 1.59
CA ASN A 724 3.79 50.67 2.52
C ASN A 724 2.47 50.27 1.88
N LYS A 725 2.41 50.25 0.55
CA LYS A 725 1.26 49.66 -0.12
C LYS A 725 1.19 48.17 0.17
N LEU A 726 2.34 47.51 0.21
CA LEU A 726 2.47 46.16 0.71
C LEU A 726 3.15 46.19 2.07
N HIS A 727 2.96 45.13 2.85
CA HIS A 727 3.57 45.07 4.18
C HIS A 727 4.87 44.30 4.19
N ALA A 728 4.91 43.13 3.54
CA ALA A 728 6.10 42.31 3.52
C ALA A 728 6.15 41.55 2.20
N PHE A 729 7.36 41.33 1.70
CA PHE A 729 7.56 40.65 0.42
C PHE A 729 8.46 39.44 0.61
N ILE A 730 8.03 38.30 0.08
CA ILE A 730 8.81 37.07 0.12
C ILE A 730 9.64 37.01 -1.15
N TRP A 731 10.94 36.84 -1.02
CA TRP A 731 11.78 36.74 -2.20
C TRP A 731 13.16 36.19 -1.82
N ASP A 732 14.06 36.20 -2.80
CA ASP A 732 15.40 35.64 -2.64
C ASP A 732 16.17 36.35 -1.55
N SER A 733 16.97 35.58 -0.81
CA SER A 733 17.86 36.16 0.19
C SER A 733 18.83 37.14 -0.44
N ALA A 734 19.49 36.73 -1.54
CA ALA A 734 20.53 37.56 -2.14
C ALA A 734 19.95 38.90 -2.62
N VAL A 735 18.79 38.87 -3.27
CA VAL A 735 18.19 40.10 -3.77
C VAL A 735 17.92 41.06 -2.62
N LEU A 736 17.29 40.55 -1.56
CA LEU A 736 16.90 41.41 -0.45
C LEU A 736 18.12 41.97 0.27
N GLU A 737 19.13 41.13 0.51
CA GLU A 737 20.33 41.63 1.19
C GLU A 737 21.06 42.62 0.31
N PHE A 738 21.06 42.42 -1.01
CA PHE A 738 21.68 43.36 -1.91
C PHE A 738 21.00 44.73 -1.83
N GLU A 739 19.67 44.75 -1.95
CA GLU A 739 18.98 46.03 -1.90
C GLU A 739 19.14 46.69 -0.52
N ALA A 740 19.13 45.87 0.54
CA ALA A 740 19.33 46.42 1.88
C ALA A 740 20.71 47.05 2.02
N SER A 741 21.75 46.39 1.50
CA SER A 741 23.10 46.94 1.57
C SER A 741 23.27 48.14 0.65
N GLN A 742 22.37 48.31 -0.32
CA GLN A 742 22.45 49.46 -1.21
C GLN A 742 21.37 50.51 -0.96
N LYS A 743 20.12 50.10 -0.73
CA LYS A 743 19.04 51.07 -0.56
C LYS A 743 18.78 51.43 0.89
N CYS A 744 19.06 50.51 1.83
CA CYS A 744 18.78 50.71 3.25
C CYS A 744 17.30 50.99 3.48
N ASP A 745 16.97 51.44 4.69
CA ASP A 745 15.61 51.84 5.11
C ASP A 745 14.66 50.66 5.17
N LEU A 746 15.09 49.46 4.76
CA LEU A 746 14.26 48.26 4.78
C LEU A 746 15.12 47.10 5.24
N VAL A 747 14.51 46.17 5.97
CA VAL A 747 15.22 45.05 6.57
C VAL A 747 14.52 43.75 6.23
N THR A 748 15.31 42.71 6.00
CA THR A 748 14.78 41.37 5.94
C THR A 748 14.63 40.82 7.35
N THR A 749 13.76 39.83 7.49
CA THR A 749 13.44 39.25 8.79
C THR A 749 13.32 37.74 8.61
N GLY A 750 13.53 36.99 9.69
CA GLY A 750 13.40 35.54 9.62
C GLY A 750 14.56 34.89 8.90
N GLU A 751 14.77 33.61 9.16
CA GLU A 751 15.85 32.88 8.54
C GLU A 751 15.46 32.45 7.13
N LEU A 752 16.43 31.88 6.42
CA LEU A 752 16.20 31.43 5.05
C LEU A 752 15.37 30.15 5.07
N PHE A 753 14.04 30.29 5.12
CA PHE A 753 13.18 29.14 5.36
C PHE A 753 13.34 28.08 4.29
N PHE A 754 13.68 28.49 3.07
CA PHE A 754 14.00 27.56 1.99
C PHE A 754 15.34 27.96 1.39
N ARG A 755 16.36 27.16 1.66
CA ARG A 755 17.67 27.35 1.06
C ARG A 755 17.76 26.57 -0.24
N SER A 756 18.48 27.13 -1.20
CA SER A 756 18.61 26.52 -2.51
C SER A 756 19.77 27.15 -3.23
N GLY A 757 19.89 26.85 -4.51
CA GLY A 757 20.93 27.40 -5.35
C GLY A 757 20.37 28.14 -6.55
N PHE A 758 21.13 29.12 -7.02
CA PHE A 758 20.97 29.63 -8.37
C PHE A 758 21.97 28.89 -9.25
N GLY A 759 21.47 28.07 -10.15
CA GLY A 759 22.30 27.27 -11.03
C GLY A 759 22.04 27.61 -12.48
N ILE A 760 23.09 27.54 -13.29
CA ILE A 760 22.94 27.89 -14.70
C ILE A 760 22.23 26.74 -15.41
N GLY A 761 21.04 27.02 -15.93
CA GLY A 761 20.25 26.02 -16.61
C GLY A 761 20.48 26.06 -18.11
N MET A 762 20.01 25.01 -18.78
CA MET A 762 20.25 24.86 -20.22
C MET A 762 19.37 23.73 -20.73
N ARG A 763 19.39 23.56 -22.06
CA ARG A 763 18.48 22.62 -22.70
C ARG A 763 18.87 21.17 -22.39
N LYS A 764 17.87 20.31 -22.34
CA LYS A 764 18.08 18.90 -22.07
C LYS A 764 19.00 18.28 -23.11
N ASP A 765 19.93 17.44 -22.64
CA ASP A 765 20.68 16.49 -23.46
C ASP A 765 21.63 17.16 -24.45
N SER A 766 21.78 18.48 -24.40
CA SER A 766 22.79 19.13 -25.22
C SER A 766 24.17 18.91 -24.60
N PRO A 767 25.21 18.74 -25.41
CA PRO A 767 26.51 18.32 -24.88
C PRO A 767 27.14 19.31 -23.90
N TRP A 768 26.76 20.58 -23.94
CA TRP A 768 27.48 21.61 -23.22
C TRP A 768 27.31 21.54 -21.70
N LYS A 769 26.41 20.69 -21.19
CA LYS A 769 26.14 20.67 -19.76
C LYS A 769 27.38 20.30 -18.95
N GLN A 770 28.12 19.28 -19.38
CA GLN A 770 29.30 18.87 -18.62
C GLN A 770 30.38 19.93 -18.68
N ASN A 771 30.54 20.57 -19.84
CA ASN A 771 31.53 21.63 -19.98
C ASN A 771 31.26 22.76 -19.00
N VAL A 772 30.02 23.27 -18.99
CA VAL A 772 29.69 24.39 -18.11
C VAL A 772 29.77 23.96 -16.65
N SER A 773 29.40 22.71 -16.36
CA SER A 773 29.48 22.22 -14.99
C SER A 773 30.92 22.25 -14.50
N LEU A 774 31.85 21.66 -15.26
CA LEU A 774 33.23 21.68 -14.82
C LEU A 774 33.81 23.09 -14.83
N SER A 775 33.31 23.96 -15.73
CA SER A 775 33.78 25.34 -15.75
C SER A 775 33.39 26.07 -14.47
N ILE A 776 32.14 25.93 -14.04
CA ILE A 776 31.73 26.60 -12.81
C ILE A 776 32.42 25.96 -11.62
N LEU A 777 32.68 24.65 -11.66
CA LEU A 777 33.47 24.03 -10.61
C LEU A 777 34.84 24.68 -10.49
N LYS A 778 35.56 24.80 -11.61
CA LYS A 778 36.90 25.38 -11.53
C LYS A 778 36.85 26.87 -11.20
N SER A 779 35.76 27.56 -11.56
CA SER A 779 35.61 28.94 -11.13
C SER A 779 35.44 29.02 -9.62
N HIS A 780 34.70 28.08 -9.03
CA HIS A 780 34.64 28.01 -7.58
C HIS A 780 35.98 27.61 -6.98
N GLU A 781 36.81 26.89 -7.73
CA GLU A 781 38.12 26.49 -7.22
C GLU A 781 39.02 27.69 -7.00
N ASN A 782 39.11 28.58 -7.99
CA ASN A 782 39.92 29.77 -7.86
C ASN A 782 39.16 30.97 -7.32
N GLY A 783 37.90 30.78 -6.94
CA GLY A 783 37.13 31.87 -6.35
C GLY A 783 36.84 33.01 -7.30
N PHE A 784 36.82 32.76 -8.60
CA PHE A 784 36.56 33.83 -9.55
C PHE A 784 35.16 34.40 -9.36
N MET A 785 34.18 33.52 -9.06
CA MET A 785 32.84 34.01 -8.75
C MET A 785 32.82 34.85 -7.48
N GLU A 786 33.68 34.53 -6.51
CA GLU A 786 33.80 35.39 -5.34
C GLU A 786 34.33 36.77 -5.72
N ASP A 787 35.29 36.81 -6.64
CA ASP A 787 35.76 38.10 -7.15
C ASP A 787 34.63 38.84 -7.86
N LEU A 788 33.79 38.10 -8.60
CA LEU A 788 32.63 38.72 -9.23
C LEU A 788 31.71 39.34 -8.19
N ASP A 789 31.44 38.60 -7.11
CA ASP A 789 30.59 39.13 -6.05
C ASP A 789 31.18 40.38 -5.44
N LYS A 790 32.49 40.36 -5.15
CA LYS A 790 33.14 41.55 -4.62
C LYS A 790 33.07 42.70 -5.61
N THR A 791 33.05 42.40 -6.91
CA THR A 791 32.87 43.44 -7.90
C THR A 791 31.44 43.97 -7.90
N TRP A 792 30.47 43.14 -7.53
CA TRP A 792 29.07 43.52 -7.58
C TRP A 792 28.43 43.72 -6.21
N VAL A 793 28.91 43.03 -5.18
CA VAL A 793 28.39 43.17 -3.82
C VAL A 793 29.53 43.64 -2.94
N ARG A 794 29.41 44.86 -2.41
CA ARG A 794 30.44 45.41 -1.53
C ARG A 794 30.03 45.29 -0.08
N ALA B 29 -38.90 32.25 -47.65
CA ALA B 29 -39.25 30.87 -47.35
C ALA B 29 -38.14 29.91 -47.77
N VAL B 30 -37.63 29.15 -46.81
CA VAL B 30 -36.54 28.21 -47.05
C VAL B 30 -37.10 26.80 -47.06
N THR B 31 -36.72 26.03 -48.08
CA THR B 31 -37.14 24.64 -48.21
C THR B 31 -36.09 23.73 -47.58
N VAL B 32 -36.54 22.88 -46.64
CA VAL B 32 -35.66 21.93 -45.98
C VAL B 32 -36.26 20.54 -46.11
N ALA B 33 -35.44 19.53 -45.83
CA ALA B 33 -35.84 18.13 -45.94
C ALA B 33 -35.77 17.48 -44.57
N VAL B 34 -36.86 16.84 -44.17
CA VAL B 34 -36.93 16.06 -42.94
C VAL B 34 -36.96 14.59 -43.32
N VAL B 35 -35.83 13.92 -43.16
CA VAL B 35 -35.67 12.55 -43.63
C VAL B 35 -35.96 11.61 -42.47
N PHE B 36 -36.84 10.65 -42.71
CA PHE B 36 -37.20 9.64 -41.72
C PHE B 36 -36.56 8.32 -42.13
N GLY B 37 -35.83 7.70 -41.20
CA GLY B 37 -35.09 6.50 -41.53
C GLY B 37 -35.06 5.44 -40.45
N SER B 38 -35.91 5.57 -39.43
CA SER B 38 -35.98 4.59 -38.36
C SER B 38 -37.09 3.57 -38.57
N SER B 39 -37.53 3.37 -39.82
CA SER B 39 -38.61 2.45 -40.17
C SER B 39 -39.85 2.73 -39.33
N GLY B 40 -40.18 1.82 -38.42
CA GLY B 40 -41.29 2.01 -37.52
C GLY B 40 -42.62 2.09 -38.23
N PRO B 41 -43.66 2.54 -37.52
CA PRO B 41 -44.97 2.71 -38.16
C PRO B 41 -44.95 3.83 -39.18
N LEU B 42 -45.84 3.71 -40.17
CA LEU B 42 -45.94 4.75 -41.19
C LEU B 42 -46.77 5.94 -40.72
N GLN B 43 -47.41 5.83 -39.55
CA GLN B 43 -48.13 6.96 -38.98
C GLN B 43 -47.20 8.12 -38.65
N THR B 44 -45.91 7.84 -38.42
CA THR B 44 -44.96 8.88 -38.08
C THR B 44 -44.85 9.91 -39.21
N GLN B 45 -44.90 9.45 -40.47
CA GLN B 45 -44.64 10.34 -41.59
C GLN B 45 -45.67 11.46 -41.67
N ALA B 46 -46.96 11.11 -41.66
CA ALA B 46 -47.99 12.14 -41.76
C ALA B 46 -48.08 12.98 -40.49
N ARG B 47 -47.94 12.32 -39.33
CA ARG B 47 -48.03 13.03 -38.06
C ARG B 47 -46.85 13.97 -37.83
N THR B 48 -45.78 13.82 -38.60
CA THR B 48 -44.73 14.83 -38.63
C THR B 48 -44.92 15.82 -39.77
N ARG B 49 -45.49 15.37 -40.89
CA ARG B 49 -45.64 16.24 -42.05
C ARG B 49 -46.62 17.38 -41.76
N LEU B 50 -47.74 17.10 -41.08
CA LEU B 50 -48.68 18.19 -40.86
C LEU B 50 -48.10 19.24 -39.92
N THR B 51 -47.30 18.82 -38.94
CA THR B 51 -46.61 19.74 -38.04
C THR B 51 -45.43 20.43 -38.69
N SER B 52 -44.91 19.89 -39.80
CA SER B 52 -43.83 20.57 -40.51
C SER B 52 -44.20 22.00 -40.88
N GLN B 53 -45.44 22.21 -41.33
CA GLN B 53 -45.92 23.55 -41.62
C GLN B 53 -46.40 24.30 -40.39
N ASN B 54 -46.40 23.64 -39.22
CA ASN B 54 -46.85 24.26 -37.98
C ASN B 54 -45.72 24.86 -37.17
N PHE B 55 -44.63 25.28 -37.82
CA PHE B 55 -43.47 25.84 -37.14
C PHE B 55 -43.46 27.36 -37.17
N LEU B 56 -44.62 28.00 -37.08
CA LEU B 56 -44.73 29.45 -37.22
C LEU B 56 -43.99 30.22 -36.13
N ASP B 57 -43.68 29.58 -35.00
CA ASP B 57 -42.99 30.28 -33.93
C ASP B 57 -41.59 30.74 -34.33
N LEU B 58 -40.96 30.04 -35.26
CA LEU B 58 -39.61 30.33 -35.71
C LEU B 58 -39.62 31.36 -36.82
N PRO B 59 -38.59 32.21 -36.90
CA PRO B 59 -38.54 33.22 -37.97
C PRO B 59 -38.42 32.58 -39.34
N LEU B 60 -38.99 33.26 -40.33
CA LEU B 60 -38.94 32.83 -41.73
C LEU B 60 -39.51 31.41 -41.87
N GLU B 61 -40.83 31.33 -41.68
CA GLU B 61 -41.55 30.07 -41.66
C GLU B 61 -41.06 29.13 -42.75
N ILE B 62 -40.58 27.97 -42.32
CA ILE B 62 -39.87 27.04 -43.18
C ILE B 62 -40.86 26.30 -44.05
N GLN B 63 -40.40 25.87 -45.22
CA GLN B 63 -41.20 24.99 -46.06
C GLN B 63 -40.55 23.61 -46.05
N PRO B 64 -40.84 22.78 -45.05
CA PRO B 64 -40.17 21.48 -44.94
C PRO B 64 -40.91 20.39 -45.71
N LEU B 65 -40.15 19.70 -46.56
CA LEU B 65 -40.65 18.54 -47.28
C LEU B 65 -40.01 17.29 -46.69
N THR B 66 -40.84 16.38 -46.21
CA THR B 66 -40.36 15.21 -45.50
C THR B 66 -40.51 13.96 -46.36
N VAL B 67 -39.67 12.97 -46.09
CA VAL B 67 -39.74 11.68 -46.75
C VAL B 67 -39.21 10.63 -45.79
N GLY B 68 -39.80 9.44 -45.82
CA GLY B 68 -39.41 8.35 -44.94
C GLY B 68 -39.17 7.08 -45.74
N VAL B 69 -38.00 6.49 -45.54
CA VAL B 69 -37.63 5.24 -46.17
C VAL B 69 -38.05 4.11 -45.23
N ASN B 70 -38.90 3.21 -45.73
CA ASN B 70 -39.36 2.09 -44.93
C ASN B 70 -38.41 0.90 -45.00
N ASN B 71 -37.46 0.89 -45.93
CA ASN B 71 -36.50 -0.19 -46.06
C ASN B 71 -35.16 0.10 -45.39
N THR B 72 -34.73 1.36 -45.36
CA THR B 72 -33.48 1.77 -44.72
C THR B 72 -32.30 0.99 -45.29
N ASN B 73 -32.04 1.21 -46.57
CA ASN B 73 -30.94 0.58 -47.29
C ASN B 73 -30.21 1.64 -48.10
N PRO B 74 -28.93 1.44 -48.38
CA PRO B 74 -28.16 2.48 -49.10
C PRO B 74 -28.74 2.86 -50.43
N SER B 75 -29.24 1.90 -51.22
CA SER B 75 -29.75 2.21 -52.54
C SER B 75 -30.99 3.09 -52.47
N SER B 76 -31.98 2.69 -51.66
CA SER B 76 -33.19 3.48 -51.55
C SER B 76 -32.93 4.82 -50.88
N ILE B 77 -32.06 4.83 -49.87
CA ILE B 77 -31.73 6.09 -49.19
C ILE B 77 -31.09 7.06 -50.16
N LEU B 78 -30.11 6.59 -50.94
CA LEU B 78 -29.48 7.44 -51.94
C LEU B 78 -30.46 7.85 -53.03
N THR B 79 -31.38 6.96 -53.40
CA THR B 79 -32.39 7.32 -54.39
C THR B 79 -33.24 8.48 -53.90
N GLN B 80 -33.75 8.39 -52.67
CA GLN B 80 -34.53 9.49 -52.12
C GLN B 80 -33.69 10.76 -52.02
N ILE B 81 -32.44 10.64 -51.58
CA ILE B 81 -31.58 11.81 -51.42
C ILE B 81 -31.38 12.50 -52.77
N CYS B 82 -31.07 11.72 -53.80
CA CYS B 82 -30.74 12.32 -55.09
C CYS B 82 -31.99 12.87 -55.74
N GLY B 83 -33.13 12.19 -55.53
CA GLY B 83 -34.39 12.71 -56.02
C GLY B 83 -34.78 14.03 -55.39
N LEU B 84 -34.59 14.16 -54.07
CA LEU B 84 -34.89 15.44 -53.44
C LEU B 84 -33.86 16.49 -53.80
N LEU B 85 -32.62 16.08 -54.09
CA LEU B 85 -31.62 17.02 -54.60
C LEU B 85 -32.06 17.61 -55.93
N GLY B 86 -32.61 16.78 -56.81
CA GLY B 86 -33.11 17.28 -58.08
C GLY B 86 -34.52 17.84 -58.02
N ALA B 87 -35.20 17.69 -56.87
CA ALA B 87 -36.60 18.09 -56.80
C ALA B 87 -36.76 19.61 -56.82
N ALA B 88 -36.00 20.32 -55.99
CA ALA B 88 -36.15 21.77 -55.86
C ALA B 88 -34.92 22.33 -55.17
N ARG B 89 -35.00 23.62 -54.84
CA ARG B 89 -33.91 24.33 -54.18
C ARG B 89 -34.02 24.13 -52.67
N VAL B 90 -33.34 23.09 -52.20
CA VAL B 90 -33.27 22.82 -50.77
C VAL B 90 -31.92 23.31 -50.23
N HIS B 91 -31.94 23.81 -49.00
CA HIS B 91 -30.72 24.33 -48.39
C HIS B 91 -30.19 23.46 -47.26
N GLY B 92 -31.06 22.98 -46.38
CA GLY B 92 -30.63 22.16 -45.26
C GLY B 92 -31.47 20.91 -45.15
N ILE B 93 -30.83 19.82 -44.75
CA ILE B 93 -31.48 18.51 -44.64
C ILE B 93 -31.21 17.95 -43.26
N VAL B 94 -32.24 17.39 -42.64
CA VAL B 94 -32.13 16.72 -41.35
C VAL B 94 -32.59 15.29 -41.51
N PHE B 95 -31.99 14.38 -40.75
CA PHE B 95 -32.24 12.95 -40.92
C PHE B 95 -32.33 12.29 -39.56
N GLU B 96 -33.27 11.36 -39.42
CA GLU B 96 -33.44 10.57 -38.21
C GLU B 96 -33.26 9.09 -38.56
N ASP B 97 -32.79 8.31 -37.59
CA ASP B 97 -32.45 6.91 -37.84
C ASP B 97 -32.78 6.06 -36.63
N ASN B 98 -32.79 4.74 -36.86
CA ASN B 98 -33.02 3.78 -35.81
C ASN B 98 -31.74 3.59 -34.99
N VAL B 99 -31.90 3.06 -33.77
CA VAL B 99 -30.84 3.10 -32.78
C VAL B 99 -29.72 2.09 -32.99
N ASP B 100 -29.80 1.22 -34.00
CA ASP B 100 -28.82 0.16 -34.15
C ASP B 100 -28.18 0.08 -35.53
N THR B 101 -28.00 1.22 -36.20
CA THR B 101 -27.37 1.25 -37.51
C THR B 101 -26.21 2.23 -37.48
N GLU B 102 -25.17 1.94 -38.26
CA GLU B 102 -23.96 2.73 -38.28
C GLU B 102 -23.55 3.19 -39.68
N ALA B 103 -23.82 2.37 -40.70
CA ALA B 103 -23.34 2.70 -42.04
C ALA B 103 -24.03 3.93 -42.63
N VAL B 104 -25.26 4.22 -42.19
CA VAL B 104 -25.98 5.36 -42.74
C VAL B 104 -25.25 6.67 -42.47
N ALA B 105 -24.55 6.76 -41.33
CA ALA B 105 -23.76 7.94 -41.05
C ALA B 105 -22.68 8.14 -42.10
N GLN B 106 -21.99 7.06 -42.47
CA GLN B 106 -20.95 7.14 -43.49
C GLN B 106 -21.56 7.43 -44.86
N LEU B 107 -22.74 6.88 -45.13
CA LEU B 107 -23.42 7.16 -46.39
C LEU B 107 -23.75 8.65 -46.51
N LEU B 108 -24.26 9.24 -45.43
CA LEU B 108 -24.56 10.66 -45.45
C LEU B 108 -23.30 11.51 -45.47
N ASP B 109 -22.21 11.00 -44.89
CA ASP B 109 -20.92 11.67 -45.04
C ASP B 109 -20.51 11.71 -46.51
N PHE B 110 -20.68 10.59 -47.20
CA PHE B 110 -20.43 10.56 -48.64
C PHE B 110 -21.33 11.55 -49.37
N VAL B 111 -22.59 11.63 -48.99
CA VAL B 111 -23.51 12.55 -49.63
C VAL B 111 -23.03 13.99 -49.46
N SER B 112 -22.67 14.35 -48.22
CA SER B 112 -22.31 15.73 -47.93
C SER B 112 -20.90 16.07 -48.42
N SER B 113 -20.10 15.05 -48.74
CA SER B 113 -18.78 15.30 -49.31
C SER B 113 -18.85 15.42 -50.82
N GLN B 114 -19.49 14.46 -51.47
CA GLN B 114 -19.66 14.52 -52.91
C GLN B 114 -20.47 15.73 -53.33
N THR B 115 -21.64 15.94 -52.70
CA THR B 115 -22.55 16.99 -53.13
C THR B 115 -22.37 18.29 -52.37
N HIS B 116 -21.51 18.33 -51.36
CA HIS B 116 -21.24 19.55 -50.60
C HIS B 116 -22.52 20.15 -50.04
N VAL B 117 -23.23 19.36 -49.23
CA VAL B 117 -24.56 19.71 -48.75
C VAL B 117 -24.53 19.72 -47.23
N PRO B 118 -25.04 20.75 -46.57
CA PRO B 118 -25.13 20.72 -45.11
C PRO B 118 -26.30 19.86 -44.66
N ILE B 119 -26.01 18.94 -43.73
CA ILE B 119 -26.98 17.98 -43.22
C ILE B 119 -26.86 17.96 -41.70
N LEU B 120 -27.87 17.36 -41.06
CA LEU B 120 -27.85 17.16 -39.62
C LEU B 120 -28.46 15.80 -39.30
N SER B 121 -28.02 15.20 -38.19
CA SER B 121 -28.45 13.87 -37.77
C SER B 121 -29.15 13.96 -36.42
N ILE B 122 -30.13 13.09 -36.21
CA ILE B 122 -30.85 13.02 -34.95
C ILE B 122 -31.23 11.55 -34.70
N SER B 123 -31.69 11.27 -33.48
CA SER B 123 -32.14 9.95 -33.05
C SER B 123 -30.99 8.95 -33.02
N GLY B 124 -31.30 7.69 -32.75
CA GLY B 124 -30.27 6.69 -32.65
C GLY B 124 -29.61 6.42 -33.99
N GLY B 125 -28.40 5.87 -33.95
CA GLY B 125 -27.68 5.59 -35.16
C GLY B 125 -26.80 6.73 -35.63
N SER B 126 -27.34 7.54 -36.55
CA SER B 126 -26.56 8.60 -37.17
C SER B 126 -26.00 9.58 -36.16
N ALA B 127 -26.63 9.72 -34.99
CA ALA B 127 -26.12 10.63 -33.98
C ALA B 127 -24.78 10.21 -33.40
N VAL B 128 -24.35 8.96 -33.63
CA VAL B 128 -23.05 8.52 -33.14
C VAL B 128 -21.95 9.33 -33.80
N VAL B 129 -20.97 9.74 -33.01
CA VAL B 129 -19.93 10.65 -33.50
C VAL B 129 -18.82 9.84 -34.15
N LEU B 130 -18.41 10.28 -35.34
CA LEU B 130 -17.26 9.71 -36.05
C LEU B 130 -16.14 10.75 -36.01
N THR B 131 -15.10 10.48 -35.23
CA THR B 131 -14.01 11.44 -35.10
C THR B 131 -13.35 11.80 -36.42
N PRO B 132 -13.06 10.88 -37.36
CA PRO B 132 -12.52 11.33 -38.64
C PRO B 132 -13.64 11.66 -39.63
N LYS B 133 -13.46 12.77 -40.34
CA LYS B 133 -14.43 13.23 -41.32
C LYS B 133 -13.72 13.69 -42.57
N GLU B 134 -14.37 13.49 -43.70
CA GLU B 134 -13.83 13.96 -44.96
C GLU B 134 -13.81 15.49 -44.95
N PRO B 135 -12.72 16.12 -45.42
CA PRO B 135 -12.66 17.59 -45.39
C PRO B 135 -13.80 18.26 -46.14
N GLY B 136 -14.26 17.68 -47.24
CA GLY B 136 -15.36 18.26 -47.98
C GLY B 136 -16.73 18.02 -47.38
N SER B 137 -16.80 17.27 -46.29
CA SER B 137 -18.09 16.97 -45.67
C SER B 137 -18.58 18.16 -44.85
N ALA B 138 -19.90 18.22 -44.68
CA ALA B 138 -20.58 19.18 -43.83
C ALA B 138 -21.71 18.49 -43.08
N PHE B 139 -21.57 17.18 -42.89
CA PHE B 139 -22.65 16.39 -42.28
C PHE B 139 -22.90 16.79 -40.82
N LEU B 140 -21.85 17.07 -40.07
CA LEU B 140 -21.96 17.70 -38.75
C LEU B 140 -22.87 16.88 -37.83
N GLN B 141 -22.38 15.69 -37.48
CA GLN B 141 -23.13 14.80 -36.60
C GLN B 141 -23.57 15.52 -35.33
N LEU B 142 -24.77 15.16 -34.86
CA LEU B 142 -25.32 15.75 -33.64
C LEU B 142 -25.20 14.75 -32.50
N GLY B 143 -24.04 14.80 -31.83
CA GLY B 143 -23.74 13.90 -30.74
C GLY B 143 -22.58 14.42 -29.92
N VAL B 144 -22.05 13.55 -29.07
CA VAL B 144 -20.98 13.91 -28.14
C VAL B 144 -19.76 13.03 -28.42
N SER B 145 -18.59 13.65 -28.39
CA SER B 145 -17.35 12.91 -28.59
C SER B 145 -17.11 11.95 -27.43
N LEU B 146 -16.45 10.83 -27.76
CA LEU B 146 -16.22 9.80 -26.75
C LEU B 146 -15.36 10.33 -25.61
N GLU B 147 -14.29 11.07 -25.92
CA GLU B 147 -13.41 11.58 -24.88
C GLU B 147 -14.11 12.54 -23.96
N GLN B 148 -15.07 13.32 -24.47
CA GLN B 148 -15.85 14.19 -23.61
C GLN B 148 -16.69 13.39 -22.63
N GLN B 149 -17.29 12.30 -23.12
CA GLN B 149 -17.99 11.38 -22.23
C GLN B 149 -17.05 10.82 -21.18
N LEU B 150 -15.82 10.50 -21.57
CA LEU B 150 -14.83 10.05 -20.60
C LEU B 150 -14.57 11.12 -19.55
N GLN B 151 -14.41 12.37 -19.98
CA GLN B 151 -14.18 13.43 -19.02
C GLN B 151 -15.32 13.50 -18.01
N VAL B 152 -16.56 13.45 -18.49
CA VAL B 152 -17.71 13.52 -17.59
C VAL B 152 -17.70 12.33 -16.63
N LEU B 153 -17.43 11.13 -17.14
CA LEU B 153 -17.52 9.94 -16.29
C LEU B 153 -16.39 9.90 -15.27
N PHE B 154 -15.19 10.35 -15.63
CA PHE B 154 -14.13 10.45 -14.62
C PHE B 154 -14.42 11.54 -13.59
N LYS B 155 -15.08 12.63 -13.98
CA LYS B 155 -15.50 13.59 -12.98
C LYS B 155 -16.50 12.95 -12.01
N VAL B 156 -17.44 12.18 -12.54
CA VAL B 156 -18.39 11.47 -11.69
C VAL B 156 -17.67 10.48 -10.78
N LEU B 157 -16.67 9.79 -11.32
CA LEU B 157 -15.88 8.88 -10.52
C LEU B 157 -15.16 9.62 -9.40
N GLU B 158 -14.68 10.83 -9.70
CA GLU B 158 -14.09 11.68 -8.66
C GLU B 158 -15.10 12.02 -7.59
N GLU B 159 -16.37 12.22 -7.97
CA GLU B 159 -17.41 12.46 -6.97
C GLU B 159 -17.41 11.36 -5.91
N TYR B 160 -17.37 10.11 -6.34
CA TYR B 160 -17.25 8.98 -5.43
C TYR B 160 -15.83 8.44 -5.37
N ASP B 161 -14.85 9.29 -5.75
CA ASP B 161 -13.41 9.11 -5.57
C ASP B 161 -12.95 7.66 -5.63
N TRP B 162 -13.39 6.93 -6.64
CA TRP B 162 -12.97 5.54 -6.83
C TRP B 162 -11.76 5.50 -7.76
N SER B 163 -10.59 5.67 -7.14
CA SER B 163 -9.34 5.71 -7.90
C SER B 163 -9.03 4.38 -8.59
N ALA B 164 -9.60 3.28 -8.10
CA ALA B 164 -9.36 1.97 -8.68
C ALA B 164 -10.43 1.66 -9.72
N PHE B 165 -10.00 1.35 -10.94
CA PHE B 165 -10.93 1.04 -12.02
C PHE B 165 -10.25 0.10 -13.01
N ALA B 166 -11.06 -0.75 -13.63
CA ALA B 166 -10.58 -1.72 -14.60
C ALA B 166 -11.16 -1.42 -15.96
N VAL B 167 -10.32 -1.53 -16.99
CA VAL B 167 -10.69 -1.25 -18.37
C VAL B 167 -10.97 -2.57 -19.06
N ILE B 168 -12.21 -2.74 -19.50
CA ILE B 168 -12.65 -3.97 -20.18
C ILE B 168 -13.25 -3.58 -21.52
N THR B 169 -12.62 -4.04 -22.60
CA THR B 169 -13.14 -3.79 -23.94
C THR B 169 -13.18 -5.08 -24.73
N SER B 170 -13.87 -5.04 -25.85
CA SER B 170 -13.87 -6.13 -26.81
C SER B 170 -13.04 -5.74 -28.03
N LEU B 171 -12.93 -6.66 -28.98
CA LEU B 171 -12.20 -6.40 -30.21
C LEU B 171 -13.02 -5.61 -31.21
N HIS B 172 -14.11 -4.97 -30.77
CA HIS B 172 -14.91 -4.13 -31.64
C HIS B 172 -14.07 -2.97 -32.16
N PRO B 173 -14.25 -2.56 -33.41
CA PRO B 173 -13.42 -1.47 -33.96
C PRO B 173 -13.62 -0.17 -33.19
N GLY B 174 -12.57 0.65 -33.19
CA GLY B 174 -12.54 1.86 -32.40
C GLY B 174 -12.06 1.67 -30.99
N HIS B 175 -11.92 0.42 -30.52
CA HIS B 175 -11.43 0.20 -29.16
C HIS B 175 -9.97 0.62 -29.03
N ALA B 176 -9.22 0.63 -30.13
CA ALA B 176 -7.89 1.23 -30.11
C ALA B 176 -7.98 2.72 -29.81
N LEU B 177 -8.91 3.41 -30.48
CA LEU B 177 -9.13 4.83 -30.18
C LEU B 177 -9.66 5.00 -28.76
N PHE B 178 -10.48 4.06 -28.30
CA PHE B 178 -11.00 4.17 -26.93
C PHE B 178 -9.88 4.04 -25.91
N LEU B 179 -8.97 3.09 -26.10
CA LEU B 179 -7.87 2.95 -25.16
C LEU B 179 -6.92 4.13 -25.26
N GLU B 180 -6.73 4.67 -26.46
CA GLU B 180 -5.96 5.91 -26.60
C GLU B 180 -6.61 7.03 -25.81
N GLY B 181 -7.94 7.14 -25.88
CA GLY B 181 -8.63 8.19 -25.16
C GLY B 181 -8.54 8.04 -23.66
N VAL B 182 -8.71 6.81 -23.16
CA VAL B 182 -8.62 6.61 -21.72
C VAL B 182 -7.20 6.85 -21.24
N ARG B 183 -6.19 6.46 -22.04
CA ARG B 183 -4.82 6.78 -21.72
C ARG B 183 -4.59 8.28 -21.65
N ALA B 184 -5.14 9.02 -22.62
CA ALA B 184 -4.99 10.46 -22.63
C ALA B 184 -5.65 11.10 -21.42
N VAL B 185 -6.86 10.67 -21.09
CA VAL B 185 -7.58 11.27 -19.96
C VAL B 185 -6.88 10.95 -18.64
N ALA B 186 -6.53 9.68 -18.42
CA ALA B 186 -5.79 9.31 -17.23
C ALA B 186 -4.46 10.07 -17.16
N ASP B 187 -3.84 10.31 -18.31
CA ASP B 187 -2.60 11.10 -18.33
C ASP B 187 -2.87 12.56 -17.98
N ALA B 188 -4.00 13.11 -18.43
CA ALA B 188 -4.39 14.45 -18.05
C ALA B 188 -5.17 14.47 -16.74
N SER B 189 -5.44 13.32 -16.16
CA SER B 189 -6.17 13.25 -14.90
C SER B 189 -5.27 13.74 -13.77
N TYR B 190 -5.90 14.30 -12.72
CA TYR B 190 -5.13 14.88 -11.64
C TYR B 190 -4.56 13.81 -10.71
N LEU B 191 -5.43 13.02 -10.09
CA LEU B 191 -5.00 12.04 -9.11
C LEU B 191 -4.32 10.85 -9.78
N SER B 192 -3.64 10.04 -8.97
CA SER B 192 -3.00 8.82 -9.43
C SER B 192 -4.08 7.76 -9.66
N TRP B 193 -4.80 7.95 -10.77
CA TRP B 193 -5.98 7.14 -11.06
C TRP B 193 -5.55 5.72 -11.41
N ARG B 194 -5.83 4.77 -10.53
CA ARG B 194 -5.34 3.41 -10.66
C ARG B 194 -6.02 2.70 -11.82
N LEU B 195 -5.26 2.46 -12.89
CA LEU B 195 -5.71 1.56 -13.96
C LEU B 195 -5.41 0.15 -13.49
N LEU B 196 -6.44 -0.53 -12.97
CA LEU B 196 -6.23 -1.87 -12.42
C LEU B 196 -5.86 -2.86 -13.51
N ASP B 197 -6.57 -2.82 -14.65
CA ASP B 197 -6.27 -3.72 -15.75
C ASP B 197 -6.89 -3.17 -17.03
N VAL B 198 -6.09 -3.17 -18.08
CA VAL B 198 -6.56 -2.87 -19.44
C VAL B 198 -6.57 -4.19 -20.19
N LEU B 199 -7.73 -4.58 -20.71
CA LEU B 199 -7.89 -5.90 -21.30
C LEU B 199 -8.87 -5.83 -22.46
N THR B 200 -8.70 -6.75 -23.41
CA THR B 200 -9.56 -6.88 -24.57
C THR B 200 -10.09 -8.31 -24.63
N LEU B 201 -11.33 -8.46 -25.06
CA LEU B 201 -12.00 -9.76 -25.09
C LEU B 201 -12.65 -9.98 -26.44
N GLU B 202 -13.07 -11.23 -26.66
CA GLU B 202 -13.80 -11.61 -27.87
C GLU B 202 -15.29 -11.62 -27.58
N LEU B 203 -16.07 -10.96 -28.43
CA LEU B 203 -17.52 -10.92 -28.31
C LEU B 203 -18.13 -11.01 -29.69
N GLY B 204 -19.39 -11.45 -29.74
CA GLY B 204 -20.10 -11.63 -30.99
C GLY B 204 -20.77 -12.98 -31.06
N PRO B 205 -20.53 -13.72 -32.14
CA PRO B 205 -21.13 -15.06 -32.26
C PRO B 205 -20.37 -16.10 -31.46
N GLY B 206 -20.96 -16.53 -30.34
CA GLY B 206 -20.33 -17.51 -29.48
C GLY B 206 -19.02 -17.02 -28.91
N GLY B 207 -17.91 -17.58 -29.40
CA GLY B 207 -16.60 -17.18 -28.94
C GLY B 207 -16.00 -18.15 -27.95
N PRO B 208 -14.67 -18.18 -27.86
CA PRO B 208 -14.01 -19.10 -26.93
C PRO B 208 -14.10 -18.65 -25.48
N ARG B 209 -14.81 -19.41 -24.65
CA ARG B 209 -14.92 -19.10 -23.23
C ARG B 209 -13.66 -19.47 -22.46
N ALA B 210 -12.89 -20.43 -22.93
CA ALA B 210 -11.66 -20.83 -22.26
C ALA B 210 -10.67 -19.66 -22.18
N ARG B 211 -10.15 -19.41 -20.98
CA ARG B 211 -9.18 -18.37 -20.71
C ARG B 211 -9.73 -16.98 -21.03
N THR B 212 -11.02 -16.90 -21.32
CA THR B 212 -11.73 -15.63 -21.42
C THR B 212 -12.82 -15.52 -20.35
N GLN B 213 -13.65 -16.55 -20.22
CA GLN B 213 -14.54 -16.62 -19.08
C GLN B 213 -13.75 -16.84 -17.79
N ARG B 214 -12.73 -17.70 -17.83
CA ARG B 214 -11.84 -17.83 -16.70
C ARG B 214 -11.05 -16.54 -16.48
N LEU B 215 -10.77 -15.82 -17.57
CA LEU B 215 -10.18 -14.49 -17.44
C LEU B 215 -11.10 -13.57 -16.66
N LEU B 216 -12.41 -13.63 -16.95
CA LEU B 216 -13.38 -12.87 -16.16
C LEU B 216 -13.34 -13.29 -14.69
N ARG B 217 -13.29 -14.60 -14.44
CA ARG B 217 -13.23 -15.11 -13.08
C ARG B 217 -11.95 -14.72 -12.35
N GLN B 218 -10.86 -14.43 -13.06
CA GLN B 218 -9.63 -14.02 -12.41
C GLN B 218 -9.50 -12.51 -12.31
N VAL B 219 -10.36 -11.76 -12.99
CA VAL B 219 -10.36 -10.30 -12.86
C VAL B 219 -10.89 -9.94 -11.48
N ASP B 220 -10.16 -9.07 -10.79
CA ASP B 220 -10.49 -8.67 -9.42
C ASP B 220 -10.48 -7.15 -9.32
N ALA B 221 -11.67 -6.53 -9.36
CA ALA B 221 -11.77 -5.09 -9.33
C ALA B 221 -13.18 -4.70 -8.89
N PRO B 222 -13.32 -3.66 -8.07
CA PRO B 222 -14.68 -3.22 -7.68
C PRO B 222 -15.32 -2.26 -8.65
N VAL B 223 -14.53 -1.54 -9.45
CA VAL B 223 -15.05 -0.58 -10.42
C VAL B 223 -14.51 -0.96 -11.79
N LEU B 224 -15.41 -1.04 -12.77
CA LEU B 224 -15.05 -1.44 -14.13
C LEU B 224 -15.55 -0.39 -15.11
N VAL B 225 -14.72 -0.06 -16.09
CA VAL B 225 -15.11 0.78 -17.21
C VAL B 225 -15.05 -0.08 -18.46
N ALA B 226 -16.08 0.02 -19.29
CA ALA B 226 -16.26 -0.88 -20.41
C ALA B 226 -16.37 -0.09 -21.72
N TYR B 227 -16.26 -0.82 -22.83
CA TYR B 227 -16.49 -0.26 -24.15
C TYR B 227 -16.75 -1.39 -25.12
N CYS B 228 -17.95 -1.43 -25.68
CA CYS B 228 -18.35 -2.44 -26.65
C CYS B 228 -19.66 -1.98 -27.27
N SER B 229 -20.24 -2.83 -28.11
CA SER B 229 -21.48 -2.51 -28.79
C SER B 229 -22.68 -2.94 -27.95
N ARG B 230 -23.87 -2.66 -28.47
CA ARG B 230 -25.10 -2.90 -27.72
C ARG B 230 -25.30 -4.39 -27.46
N GLU B 231 -25.26 -5.21 -28.51
CA GLU B 231 -25.39 -6.65 -28.31
C GLU B 231 -24.15 -7.26 -27.68
N GLU B 232 -22.98 -6.67 -27.94
CA GLU B 232 -21.78 -7.09 -27.22
C GLU B 232 -21.93 -6.84 -25.73
N ALA B 233 -22.52 -5.69 -25.36
CA ALA B 233 -22.83 -5.44 -23.96
C ALA B 233 -23.84 -6.43 -23.42
N GLU B 234 -24.86 -6.78 -24.22
CA GLU B 234 -25.85 -7.75 -23.78
C GLU B 234 -25.19 -9.09 -23.46
N VAL B 235 -24.31 -9.56 -24.32
CA VAL B 235 -23.60 -10.81 -24.08
C VAL B 235 -22.65 -10.70 -22.90
N LEU B 236 -21.92 -9.59 -22.81
CA LEU B 236 -20.91 -9.44 -21.76
C LEU B 236 -21.54 -9.37 -20.38
N PHE B 237 -22.69 -8.69 -20.28
CA PHE B 237 -23.37 -8.64 -18.98
C PHE B 237 -23.87 -10.01 -18.56
N ALA B 238 -24.39 -10.79 -19.52
CA ALA B 238 -24.79 -12.16 -19.20
C ALA B 238 -23.60 -12.98 -18.74
N GLU B 239 -22.45 -12.84 -19.41
CA GLU B 239 -21.25 -13.54 -18.97
C GLU B 239 -20.81 -13.09 -17.59
N ALA B 240 -20.85 -11.78 -17.32
CA ALA B 240 -20.40 -11.26 -16.03
C ALA B 240 -21.29 -11.75 -14.91
N ALA B 241 -22.61 -11.78 -15.14
CA ALA B 241 -23.49 -12.42 -14.17
C ALA B 241 -23.15 -13.89 -14.02
N GLN B 242 -22.84 -14.56 -15.13
CA GLN B 242 -22.37 -15.93 -15.07
C GLN B 242 -20.95 -16.00 -14.53
N ALA B 243 -20.22 -14.89 -14.59
CA ALA B 243 -18.86 -14.81 -14.06
C ALA B 243 -18.83 -14.62 -12.55
N GLY B 244 -19.93 -14.24 -11.93
CA GLY B 244 -19.94 -13.97 -10.51
C GLY B 244 -19.34 -12.65 -10.11
N LEU B 245 -19.03 -11.78 -11.08
CA LEU B 245 -18.47 -10.46 -10.81
C LEU B 245 -19.53 -9.37 -10.75
N VAL B 246 -20.75 -9.71 -10.33
CA VAL B 246 -21.88 -8.79 -10.35
C VAL B 246 -22.39 -8.59 -8.93
N GLY B 247 -23.13 -7.49 -8.74
CA GLY B 247 -23.70 -7.17 -7.45
C GLY B 247 -22.98 -6.02 -6.77
N PRO B 248 -23.36 -5.74 -5.52
CA PRO B 248 -22.68 -4.68 -4.75
C PRO B 248 -21.20 -4.99 -4.59
N GLY B 249 -20.40 -3.94 -4.53
CA GLY B 249 -18.97 -4.08 -4.63
C GLY B 249 -18.46 -4.23 -6.04
N HIS B 250 -19.36 -4.19 -7.02
CA HIS B 250 -19.00 -4.24 -8.44
C HIS B 250 -19.85 -3.19 -9.15
N VAL B 251 -19.19 -2.21 -9.75
CA VAL B 251 -19.85 -1.10 -10.43
C VAL B 251 -19.35 -1.06 -11.85
N TRP B 252 -20.24 -0.72 -12.79
CA TRP B 252 -19.91 -0.66 -14.20
C TRP B 252 -20.12 0.75 -14.74
N LEU B 253 -19.31 1.11 -15.73
CA LEU B 253 -19.39 2.43 -16.35
C LEU B 253 -19.15 2.27 -17.84
N VAL B 254 -20.16 2.57 -18.65
CA VAL B 254 -20.12 2.26 -20.08
C VAL B 254 -20.43 3.51 -20.91
N PRO B 255 -19.96 3.57 -22.16
CA PRO B 255 -20.26 4.73 -23.01
C PRO B 255 -21.60 4.61 -23.71
N ASN B 256 -21.88 5.56 -24.61
CA ASN B 256 -23.15 5.57 -25.31
C ASN B 256 -23.29 4.43 -26.31
N LEU B 257 -22.20 3.98 -26.92
CA LEU B 257 -22.30 2.91 -27.92
C LEU B 257 -22.81 1.63 -27.29
N ALA B 258 -22.36 1.32 -26.07
CA ALA B 258 -22.82 0.11 -25.39
C ALA B 258 -24.32 0.18 -25.11
N LEU B 259 -24.81 1.33 -24.69
CA LEU B 259 -26.23 1.45 -24.36
C LEU B 259 -27.05 1.61 -25.64
N GLY B 260 -28.36 1.46 -25.48
CA GLY B 260 -29.29 1.63 -26.58
C GLY B 260 -30.70 1.29 -26.16
N SER B 261 -31.69 2.02 -26.69
CA SER B 261 -33.10 1.80 -26.37
C SER B 261 -33.34 1.94 -24.86
N THR B 262 -33.13 3.15 -24.37
CA THR B 262 -33.34 3.45 -22.96
C THR B 262 -34.75 3.06 -22.52
N ASP B 263 -35.72 3.14 -23.43
CA ASP B 263 -37.08 2.71 -23.12
C ASP B 263 -37.14 1.22 -22.83
N ALA B 264 -36.32 0.42 -23.50
CA ALA B 264 -36.39 -1.04 -23.42
C ALA B 264 -35.02 -1.60 -23.06
N PRO B 265 -34.64 -1.55 -21.79
CA PRO B 265 -33.42 -2.22 -21.34
C PRO B 265 -33.65 -3.71 -21.17
N PRO B 266 -32.76 -4.53 -21.73
CA PRO B 266 -32.95 -5.98 -21.65
C PRO B 266 -32.71 -6.50 -20.24
N ALA B 267 -33.17 -7.73 -20.01
CA ALA B 267 -32.98 -8.38 -18.72
C ALA B 267 -31.51 -8.64 -18.42
N ALA B 268 -30.66 -8.71 -19.46
CA ALA B 268 -29.24 -8.94 -19.23
C ALA B 268 -28.56 -7.74 -18.59
N PHE B 269 -29.13 -6.55 -18.76
CA PHE B 269 -28.51 -5.36 -18.20
C PHE B 269 -28.64 -5.36 -16.69
N PRO B 270 -27.54 -5.32 -15.93
CA PRO B 270 -27.63 -5.29 -14.47
C PRO B 270 -28.14 -3.95 -13.97
N VAL B 271 -28.71 -3.98 -12.76
CA VAL B 271 -29.14 -2.75 -12.12
C VAL B 271 -27.90 -1.91 -11.78
N GLY B 272 -28.13 -0.62 -11.57
CA GLY B 272 -27.06 0.29 -11.24
C GLY B 272 -26.02 0.49 -12.32
N LEU B 273 -26.43 0.63 -13.58
CA LEU B 273 -25.51 0.97 -14.64
C LEU B 273 -25.51 2.47 -14.85
N ILE B 274 -24.36 3.00 -15.27
CA ILE B 274 -24.13 4.44 -15.32
C ILE B 274 -23.64 4.82 -16.70
N SER B 275 -24.16 5.93 -17.22
CA SER B 275 -23.61 6.55 -18.42
C SER B 275 -24.06 8.01 -18.44
N VAL B 276 -23.82 8.70 -19.55
CA VAL B 276 -24.25 10.08 -19.71
C VAL B 276 -24.70 10.29 -21.15
N VAL B 277 -25.81 11.00 -21.32
CA VAL B 277 -26.41 11.23 -22.62
C VAL B 277 -26.81 12.70 -22.74
N THR B 278 -27.45 13.03 -23.85
CA THR B 278 -27.99 14.36 -24.05
C THR B 278 -29.32 14.52 -23.31
N GLU B 279 -29.62 15.76 -22.95
CA GLU B 279 -30.90 16.05 -22.30
C GLU B 279 -32.09 15.70 -23.18
N SER B 280 -31.91 15.70 -24.50
CA SER B 280 -32.98 15.39 -25.44
C SER B 280 -33.39 13.93 -25.42
N TRP B 281 -32.71 13.08 -24.64
CA TRP B 281 -33.06 11.67 -24.58
C TRP B 281 -34.51 11.48 -24.15
N ARG B 282 -34.98 12.29 -23.22
CA ARG B 282 -36.35 12.17 -22.72
C ARG B 282 -37.36 12.88 -23.61
N LEU B 283 -36.91 13.75 -24.50
CA LEU B 283 -37.82 14.50 -25.36
C LEU B 283 -38.44 13.59 -26.41
N SER B 284 -39.59 14.02 -26.94
CA SER B 284 -40.25 13.25 -27.98
C SER B 284 -39.54 13.46 -29.32
N LEU B 285 -39.85 12.56 -30.26
CA LEU B 285 -39.24 12.65 -31.59
C LEU B 285 -39.64 13.94 -32.29
N ARG B 286 -40.90 14.35 -32.14
CA ARG B 286 -41.34 15.61 -32.72
C ARG B 286 -40.56 16.79 -32.16
N GLN B 287 -40.30 16.78 -30.85
CA GLN B 287 -39.51 17.85 -30.24
C GLN B 287 -38.10 17.86 -30.81
N LYS B 288 -37.48 16.69 -30.97
CA LYS B 288 -36.14 16.63 -31.53
C LYS B 288 -36.12 17.18 -32.94
N VAL B 289 -37.11 16.81 -33.76
CA VAL B 289 -37.18 17.30 -35.12
C VAL B 289 -37.33 18.82 -35.13
N ARG B 290 -38.21 19.34 -34.27
CA ARG B 290 -38.43 20.77 -34.23
C ARG B 290 -37.17 21.51 -33.79
N ASP B 291 -36.43 20.95 -32.83
CA ASP B 291 -35.19 21.58 -32.40
C ASP B 291 -34.15 21.58 -33.52
N GLY B 292 -34.04 20.48 -34.25
CA GLY B 292 -33.11 20.45 -35.37
C GLY B 292 -33.47 21.47 -36.43
N VAL B 293 -34.75 21.55 -36.77
CA VAL B 293 -35.21 22.55 -37.72
C VAL B 293 -34.93 23.95 -37.20
N ALA B 294 -35.11 24.16 -35.89
CA ALA B 294 -34.85 25.47 -35.30
C ALA B 294 -33.39 25.85 -35.41
N ILE B 295 -32.48 24.91 -35.14
CA ILE B 295 -31.05 25.20 -35.26
C ILE B 295 -30.69 25.53 -36.70
N LEU B 296 -31.19 24.73 -37.64
CA LEU B 296 -30.92 24.99 -39.05
C LEU B 296 -31.44 26.36 -39.47
N ALA B 297 -32.67 26.68 -39.06
CA ALA B 297 -33.29 27.95 -39.44
C ALA B 297 -32.59 29.12 -38.77
N LEU B 298 -32.09 28.94 -37.55
CA LEU B 298 -31.38 30.03 -36.90
C LEU B 298 -30.05 30.30 -37.56
N GLY B 299 -29.33 29.25 -37.98
CA GLY B 299 -28.14 29.46 -38.77
C GLY B 299 -28.45 30.19 -40.08
N ALA B 300 -29.50 29.74 -40.77
CA ALA B 300 -29.90 30.38 -42.01
C ALA B 300 -30.27 31.85 -41.80
N HIS B 301 -31.00 32.14 -40.73
CA HIS B 301 -31.47 33.50 -40.52
C HIS B 301 -30.36 34.39 -39.95
N SER B 302 -29.36 33.79 -39.31
CA SER B 302 -28.15 34.55 -38.97
C SER B 302 -27.39 34.95 -40.23
N TYR B 303 -27.29 34.03 -41.20
CA TYR B 303 -26.78 34.41 -42.51
C TYR B 303 -27.62 35.54 -43.11
N ARG B 304 -28.94 35.43 -42.99
CA ARG B 304 -29.84 36.45 -43.54
C ARG B 304 -29.61 37.80 -42.86
N ARG B 305 -29.34 37.78 -41.55
CA ARG B 305 -29.04 39.03 -40.86
C ARG B 305 -27.73 39.62 -41.34
N GLN B 306 -26.65 38.84 -41.25
CA GLN B 306 -25.32 39.39 -41.49
C GLN B 306 -25.12 39.81 -42.94
N TYR B 307 -25.61 39.01 -43.88
CA TYR B 307 -25.34 39.26 -45.29
C TYR B 307 -26.59 39.60 -46.10
N GLY B 308 -27.75 39.67 -45.46
CA GLY B 308 -28.95 40.12 -46.15
C GLY B 308 -29.44 39.22 -47.26
N THR B 309 -28.93 37.99 -47.32
CA THR B 309 -29.28 37.10 -48.42
C THR B 309 -29.74 35.76 -47.86
N LEU B 310 -30.66 35.13 -48.59
CA LEU B 310 -31.06 33.78 -48.25
C LEU B 310 -29.90 32.81 -48.46
N PRO B 311 -29.88 31.69 -47.73
CA PRO B 311 -28.78 30.74 -47.89
C PRO B 311 -28.72 30.19 -49.32
N ALA B 312 -27.50 30.00 -49.80
CA ALA B 312 -27.29 29.46 -51.14
C ALA B 312 -27.89 28.05 -51.22
N PRO B 313 -28.71 27.78 -52.23
CA PRO B 313 -29.27 26.42 -52.38
C PRO B 313 -28.21 25.35 -52.51
N ALA B 314 -28.62 24.09 -52.38
CA ALA B 314 -27.65 23.00 -52.40
C ALA B 314 -27.44 22.50 -53.82
N GLY B 315 -26.70 21.40 -53.93
CA GLY B 315 -26.31 20.86 -55.22
C GLY B 315 -27.43 20.16 -55.96
N ASP B 316 -27.06 19.20 -56.81
CA ASP B 316 -27.99 18.52 -57.69
C ASP B 316 -27.88 17.02 -57.53
N CYS B 317 -28.84 16.31 -58.12
CA CYS B 317 -28.84 14.86 -58.12
C CYS B 317 -27.61 14.32 -58.85
N ARG B 318 -27.19 14.99 -59.92
CA ARG B 318 -26.03 14.58 -60.70
C ARG B 318 -24.75 15.02 -60.00
N SER B 319 -23.64 14.99 -60.73
CA SER B 319 -22.32 15.25 -60.16
C SER B 319 -22.23 16.66 -59.58
N HIS B 320 -21.13 16.91 -58.86
CA HIS B 320 -20.98 18.12 -58.08
C HIS B 320 -20.41 19.26 -58.91
N PRO B 321 -20.60 20.51 -58.48
CA PRO B 321 -19.98 21.64 -59.22
C PRO B 321 -18.50 21.78 -58.98
N GLY B 322 -18.01 21.51 -57.77
CA GLY B 322 -16.60 21.64 -57.48
C GLY B 322 -16.30 22.20 -56.10
N PRO B 323 -15.57 23.31 -56.05
CA PRO B 323 -15.09 23.83 -54.76
C PRO B 323 -16.24 24.28 -53.86
N VAL B 324 -15.88 24.53 -52.59
CA VAL B 324 -16.87 24.91 -51.60
C VAL B 324 -17.45 26.28 -51.93
N SER B 325 -18.74 26.46 -51.61
CA SER B 325 -19.41 27.73 -51.82
C SER B 325 -19.04 28.70 -50.70
N PRO B 326 -18.66 29.94 -51.05
CA PRO B 326 -18.40 30.94 -50.00
C PRO B 326 -19.62 31.22 -49.14
N ALA B 327 -20.83 31.08 -49.70
CA ALA B 327 -22.02 31.22 -48.88
C ALA B 327 -22.21 30.02 -47.97
N ARG B 328 -21.87 28.82 -48.46
CA ARG B 328 -21.86 27.66 -47.58
C ARG B 328 -20.76 27.79 -46.52
N GLU B 329 -19.65 28.46 -46.88
CA GLU B 329 -18.65 28.76 -45.87
C GLU B 329 -19.19 29.76 -44.85
N ALA B 330 -20.01 30.71 -45.28
CA ALA B 330 -20.65 31.61 -44.34
C ALA B 330 -21.59 30.86 -43.40
N PHE B 331 -22.33 29.88 -43.94
CA PHE B 331 -23.17 29.05 -43.09
C PHE B 331 -22.33 28.24 -42.11
N TYR B 332 -21.14 27.83 -42.54
CA TYR B 332 -20.26 27.07 -41.64
C TYR B 332 -19.43 28.01 -40.77
N ARG B 333 -19.59 29.31 -40.96
CA ARG B 333 -18.86 30.29 -40.15
C ARG B 333 -19.79 30.93 -39.13
N HIS B 334 -21.09 30.84 -39.35
CA HIS B 334 -22.05 31.31 -38.36
C HIS B 334 -22.84 30.17 -37.74
N LEU B 335 -22.71 28.94 -38.27
CA LEU B 335 -23.44 27.79 -37.76
C LEU B 335 -22.84 27.23 -36.47
N LEU B 336 -21.52 27.20 -36.35
CA LEU B 336 -20.84 26.52 -35.25
C LEU B 336 -21.13 27.11 -33.88
N ASN B 337 -21.64 28.33 -33.80
CA ASN B 337 -21.81 29.04 -32.54
C ASN B 337 -23.24 29.52 -32.42
N VAL B 338 -24.19 28.61 -32.60
CA VAL B 338 -25.62 28.91 -32.59
C VAL B 338 -26.21 28.45 -31.26
N THR B 339 -27.24 29.16 -30.80
CA THR B 339 -28.00 28.77 -29.62
C THR B 339 -29.48 28.90 -29.91
N TRP B 340 -30.29 28.17 -29.14
CA TRP B 340 -31.73 28.24 -29.29
C TRP B 340 -32.37 27.84 -27.96
N GLU B 341 -33.33 28.65 -27.51
CA GLU B 341 -34.13 28.37 -26.32
C GLU B 341 -33.24 27.91 -25.17
N GLY B 342 -32.40 28.81 -24.69
CA GLY B 342 -31.54 28.54 -23.56
C GLY B 342 -30.37 27.59 -23.83
N ARG B 343 -30.46 26.73 -24.84
CA ARG B 343 -29.44 25.71 -25.07
C ARG B 343 -28.50 26.17 -26.16
N ASP B 344 -27.21 26.23 -25.84
CA ASP B 344 -26.18 26.60 -26.80
C ASP B 344 -25.83 25.36 -27.61
N PHE B 345 -26.36 25.29 -28.84
CA PHE B 345 -26.14 24.09 -29.64
C PHE B 345 -24.85 24.24 -30.45
N SER B 346 -23.77 24.57 -29.75
CA SER B 346 -22.49 24.77 -30.43
C SER B 346 -21.94 23.45 -30.92
N PHE B 347 -21.14 23.52 -31.98
CA PHE B 347 -20.58 22.33 -32.61
C PHE B 347 -19.06 22.40 -32.57
N SER B 348 -18.42 21.24 -32.65
CA SER B 348 -16.98 21.15 -32.72
C SER B 348 -16.52 21.12 -34.17
N PRO B 349 -15.29 21.56 -34.44
CA PRO B 349 -14.75 21.46 -35.80
C PRO B 349 -14.71 20.03 -36.33
N GLY B 350 -14.74 19.03 -35.45
CA GLY B 350 -14.73 17.65 -35.87
C GLY B 350 -16.08 17.12 -36.29
N GLY B 351 -17.01 18.02 -36.61
CA GLY B 351 -18.33 17.60 -37.06
C GLY B 351 -19.25 17.09 -35.97
N TYR B 352 -18.99 17.49 -34.73
CA TYR B 352 -19.82 17.09 -33.60
C TYR B 352 -19.99 18.28 -32.67
N LEU B 353 -20.52 18.02 -31.47
CA LEU B 353 -20.86 19.11 -30.57
C LEU B 353 -19.73 19.40 -29.59
N VAL B 354 -19.67 20.64 -29.12
CA VAL B 354 -18.66 21.07 -28.16
C VAL B 354 -19.36 21.57 -26.90
N ARG B 355 -18.84 21.13 -25.75
CA ARG B 355 -19.24 21.45 -24.37
C ARG B 355 -20.73 21.73 -24.21
N PRO B 356 -21.62 20.85 -24.66
CA PRO B 356 -23.05 21.07 -24.41
C PRO B 356 -23.43 20.62 -23.01
N THR B 357 -24.72 20.66 -22.68
CA THR B 357 -25.17 20.15 -21.40
C THR B 357 -25.49 18.66 -21.51
N MET B 358 -25.07 17.89 -20.51
CA MET B 358 -25.28 16.45 -20.51
C MET B 358 -25.95 16.01 -19.23
N VAL B 359 -26.70 14.92 -19.33
CA VAL B 359 -27.40 14.33 -18.20
C VAL B 359 -26.79 12.97 -17.93
N VAL B 360 -26.25 12.80 -16.72
CA VAL B 360 -25.71 11.52 -16.28
C VAL B 360 -26.88 10.63 -15.89
N ILE B 361 -27.13 9.62 -16.70
CA ILE B 361 -28.25 8.71 -16.54
C ILE B 361 -27.77 7.44 -15.85
N ALA B 362 -28.65 6.84 -15.07
CA ALA B 362 -28.34 5.61 -14.35
C ALA B 362 -29.53 4.67 -14.40
N LEU B 363 -29.24 3.41 -14.69
CA LEU B 363 -30.23 2.35 -14.61
C LEU B 363 -30.52 2.09 -13.14
N ASN B 364 -31.81 2.04 -12.79
CA ASN B 364 -32.17 1.86 -11.39
C ASN B 364 -32.39 0.37 -11.10
N ARG B 365 -32.74 0.07 -9.85
CA ARG B 365 -33.02 -1.31 -9.48
C ARG B 365 -34.39 -1.75 -9.97
N HIS B 366 -35.20 -0.82 -10.45
CA HIS B 366 -36.49 -1.15 -11.06
C HIS B 366 -36.37 -1.40 -12.56
N ARG B 367 -35.14 -1.60 -13.06
CA ARG B 367 -34.88 -1.78 -14.48
C ARG B 367 -35.39 -0.61 -15.29
N LEU B 368 -35.20 0.60 -14.78
CA LEU B 368 -35.62 1.83 -15.44
C LEU B 368 -34.46 2.80 -15.46
N TRP B 369 -34.37 3.61 -16.52
CA TRP B 369 -33.30 4.59 -16.65
C TRP B 369 -33.81 5.96 -16.21
N GLU B 370 -33.15 6.54 -15.21
CA GLU B 370 -33.53 7.84 -14.69
C GLU B 370 -32.31 8.72 -14.53
N MET B 371 -32.54 9.94 -14.07
CA MET B 371 -31.48 10.94 -13.94
C MET B 371 -30.81 10.79 -12.59
N VAL B 372 -29.49 10.59 -12.61
CA VAL B 372 -28.71 10.58 -11.38
C VAL B 372 -27.84 11.82 -11.24
N GLY B 373 -27.36 12.40 -12.34
CA GLY B 373 -26.57 13.61 -12.24
C GLY B 373 -26.74 14.46 -13.48
N ARG B 374 -26.14 15.64 -13.43
CA ARG B 374 -26.13 16.56 -14.57
C ARG B 374 -24.78 17.25 -14.65
N TRP B 375 -24.18 17.21 -15.83
CA TRP B 375 -22.91 17.87 -16.11
C TRP B 375 -23.16 19.01 -17.06
N ASP B 376 -22.99 20.24 -16.56
CA ASP B 376 -23.27 21.44 -17.34
C ASP B 376 -22.25 22.52 -17.01
N HIS B 377 -21.65 23.11 -18.05
CA HIS B 377 -20.67 24.17 -17.89
C HIS B 377 -19.51 23.74 -17.00
N GLY B 378 -19.14 22.47 -17.09
CA GLY B 378 -18.07 21.96 -16.25
C GLY B 378 -18.45 21.76 -14.80
N VAL B 379 -19.75 21.61 -14.50
CA VAL B 379 -20.24 21.52 -13.13
C VAL B 379 -21.09 20.27 -13.01
N LEU B 380 -20.90 19.53 -11.92
CA LEU B 380 -21.64 18.30 -11.65
C LEU B 380 -22.65 18.55 -10.54
N TYR B 381 -23.90 18.17 -10.79
CA TYR B 381 -24.96 18.22 -9.80
C TYR B 381 -25.60 16.84 -9.71
N MET B 382 -25.40 16.16 -8.59
CA MET B 382 -25.95 14.83 -8.37
C MET B 382 -26.99 14.87 -7.28
N LYS B 383 -28.02 14.03 -7.40
CA LYS B 383 -29.04 13.89 -6.38
C LYS B 383 -28.69 12.83 -5.34
N TYR B 384 -27.61 12.08 -5.55
CA TYR B 384 -27.18 11.04 -4.63
C TYR B 384 -25.84 11.41 -4.01
N PRO B 385 -25.80 11.88 -2.76
CA PRO B 385 -24.51 12.13 -2.12
C PRO B 385 -23.66 10.88 -1.98
N VAL B 386 -24.31 9.72 -1.88
CA VAL B 386 -23.63 8.43 -1.79
C VAL B 386 -24.23 7.50 -2.83
N TRP B 387 -23.43 6.55 -3.28
CA TRP B 387 -23.92 5.60 -4.28
C TRP B 387 -24.69 4.47 -3.63
N PRO B 388 -25.96 4.26 -3.97
CA PRO B 388 -26.70 3.13 -3.44
C PRO B 388 -26.37 1.83 -4.18
N ARG B 389 -25.82 0.88 -3.42
CA ARG B 389 -25.46 -0.42 -3.97
C ARG B 389 -26.50 -1.45 -3.57
N TYR B 390 -27.57 -1.52 -4.35
CA TYR B 390 -28.62 -2.51 -4.15
C TYR B 390 -28.11 -3.89 -4.50
N SER B 391 -28.55 -4.89 -3.74
CA SER B 391 -28.14 -6.25 -4.00
C SER B 391 -29.06 -6.92 -5.02
N THR B 392 -28.83 -8.22 -5.22
CA THR B 392 -29.50 -8.99 -6.25
C THR B 392 -31.01 -9.04 -6.06
N SER B 393 -31.47 -9.21 -4.82
CA SER B 393 -32.88 -9.41 -4.54
C SER B 393 -33.64 -8.10 -4.34
N LEU B 394 -33.18 -7.02 -4.96
CA LEU B 394 -33.89 -5.73 -4.96
C LEU B 394 -33.92 -5.11 -3.57
N GLN B 395 -32.76 -5.09 -2.91
CA GLN B 395 -32.66 -4.48 -1.59
C GLN B 395 -31.37 -3.69 -1.48
N PRO B 396 -31.41 -2.48 -0.91
CA PRO B 396 -30.18 -1.72 -0.69
C PRO B 396 -29.22 -2.42 0.27
N VAL B 397 -27.93 -2.25 0.05
CA VAL B 397 -26.90 -2.77 0.95
C VAL B 397 -26.11 -1.61 1.52
N VAL B 398 -26.02 -1.57 2.84
CA VAL B 398 -25.32 -0.49 3.54
C VAL B 398 -23.93 -1.00 3.92
N ASP B 399 -22.90 -0.23 3.57
CA ASP B 399 -21.54 -0.58 3.96
C ASP B 399 -21.36 -0.36 5.45
N SER B 400 -20.68 -1.31 6.10
CA SER B 400 -20.31 -1.12 7.49
C SER B 400 -19.38 0.09 7.63
N ARG B 401 -18.33 0.12 6.82
CA ARG B 401 -17.29 1.15 6.93
C ARG B 401 -17.84 2.55 6.65
N HIS B 402 -18.65 2.69 5.62
CA HIS B 402 -19.20 4.01 5.32
C HIS B 402 -20.18 4.41 6.42
N LEU B 403 -20.19 5.69 6.78
CA LEU B 403 -20.84 6.14 8.01
C LEU B 403 -21.28 7.59 7.87
N THR B 404 -22.48 7.88 8.35
CA THR B 404 -23.02 9.23 8.26
C THR B 404 -22.38 10.13 9.31
N VAL B 405 -21.95 11.31 8.89
CA VAL B 405 -21.24 12.25 9.75
C VAL B 405 -22.01 13.55 9.77
N ALA B 406 -22.26 14.07 10.96
CA ALA B 406 -23.04 15.28 11.16
C ALA B 406 -22.25 16.26 12.03
N THR B 407 -22.48 17.55 11.82
CA THR B 407 -21.76 18.58 12.55
C THR B 407 -22.53 19.89 12.49
N LEU B 408 -22.07 20.85 13.29
CA LEU B 408 -22.60 22.21 13.30
C LEU B 408 -21.49 23.18 12.93
N GLU B 409 -21.83 24.24 12.20
CA GLU B 409 -20.84 25.22 11.79
C GLU B 409 -20.23 25.91 12.99
N GLU B 410 -18.92 26.11 12.94
CA GLU B 410 -18.20 26.83 13.98
C GLU B 410 -16.86 27.29 13.42
N ARG B 411 -16.64 28.61 13.45
CA ARG B 411 -15.49 29.22 12.79
C ARG B 411 -14.15 28.60 13.15
N PRO B 412 -13.80 28.41 14.43
CA PRO B 412 -12.47 27.82 14.73
C PRO B 412 -12.29 26.42 14.21
N PHE B 413 -13.34 25.60 14.15
CA PHE B 413 -13.18 24.19 13.79
C PHE B 413 -13.97 23.76 12.58
N VAL B 414 -15.18 24.26 12.38
CA VAL B 414 -16.05 23.83 11.29
C VAL B 414 -16.13 24.99 10.30
N ILE B 415 -15.26 24.97 9.30
CA ILE B 415 -15.19 26.02 8.30
C ILE B 415 -16.00 25.58 7.10
N VAL B 416 -17.01 26.35 6.74
CA VAL B 416 -17.86 26.07 5.58
C VAL B 416 -17.76 27.23 4.61
N GLU B 417 -17.73 26.91 3.32
CA GLU B 417 -17.69 27.94 2.30
C GLU B 417 -18.30 27.38 1.01
N SER B 418 -18.48 28.27 0.04
CA SER B 418 -18.96 27.84 -1.26
C SER B 418 -17.89 27.02 -1.97
N PRO B 419 -18.30 26.09 -2.83
CA PRO B 419 -17.30 25.36 -3.64
C PRO B 419 -16.61 26.31 -4.60
N ASP B 420 -15.38 25.95 -4.96
CA ASP B 420 -14.56 26.76 -5.86
C ASP B 420 -15.28 27.00 -7.18
N PRO B 421 -15.73 28.22 -7.45
CA PRO B 421 -16.47 28.47 -8.69
C PRO B 421 -15.59 28.47 -9.93
N GLY B 422 -14.30 28.79 -9.80
CA GLY B 422 -13.45 28.84 -10.97
C GLY B 422 -13.28 27.49 -11.64
N THR B 423 -13.12 26.43 -10.84
CA THR B 423 -12.92 25.09 -11.38
C THR B 423 -13.99 24.10 -10.98
N GLY B 424 -15.01 24.51 -10.21
CA GLY B 424 -16.01 23.59 -9.72
C GLY B 424 -15.48 22.70 -8.61
N GLY B 425 -16.41 22.19 -7.81
CA GLY B 425 -16.02 21.30 -6.73
C GLY B 425 -15.24 22.04 -5.65
N CYS B 426 -14.39 21.29 -4.94
CA CYS B 426 -13.68 21.80 -3.79
C CYS B 426 -12.18 21.72 -4.01
N VAL B 427 -11.45 22.60 -3.35
CA VAL B 427 -10.00 22.61 -3.34
C VAL B 427 -9.51 21.43 -2.50
N PRO B 428 -8.23 21.04 -2.60
CA PRO B 428 -7.72 19.97 -1.74
C PRO B 428 -7.83 20.34 -0.27
N ASN B 429 -7.49 19.36 0.57
CA ASN B 429 -7.58 19.43 2.03
C ASN B 429 -8.97 19.82 2.52
N THR B 430 -9.97 19.67 1.67
CA THR B 430 -11.33 20.07 1.98
C THR B 430 -12.29 18.96 1.57
N VAL B 431 -13.39 18.83 2.30
CA VAL B 431 -14.35 17.75 2.06
C VAL B 431 -15.63 18.34 1.48
N PRO B 432 -16.22 17.70 0.47
CA PRO B 432 -17.58 18.11 0.05
C PRO B 432 -18.59 17.78 1.12
N CYS B 433 -19.43 18.77 1.43
CA CYS B 433 -20.45 18.65 2.46
C CYS B 433 -21.75 19.22 1.96
N ARG B 434 -22.83 18.94 2.67
CA ARG B 434 -24.16 19.33 2.26
C ARG B 434 -24.93 19.81 3.48
N ARG B 435 -26.00 20.58 3.22
CA ARG B 435 -26.90 20.96 4.29
C ARG B 435 -27.68 19.73 4.76
N GLN B 436 -28.39 19.89 5.89
CA GLN B 436 -29.19 18.80 6.41
C GLN B 436 -30.41 18.63 5.52
N SER B 437 -30.16 18.19 4.29
CA SER B 437 -31.14 18.19 3.21
C SER B 437 -31.99 19.45 3.25
N ASN B 438 -33.29 19.30 3.03
CA ASN B 438 -34.28 20.34 3.31
C ASN B 438 -35.50 19.70 3.97
N HIS B 439 -35.24 18.79 4.91
CA HIS B 439 -36.25 17.86 5.40
C HIS B 439 -37.45 18.57 6.04
N THR B 440 -37.35 19.88 6.31
CA THR B 440 -38.52 20.60 6.79
C THR B 440 -39.63 20.61 5.75
N PHE B 441 -39.28 20.78 4.48
CA PHE B 441 -40.24 20.62 3.40
C PHE B 441 -39.79 19.65 2.32
N SER B 442 -38.50 19.65 1.96
CA SER B 442 -37.96 18.79 0.92
C SER B 442 -37.13 17.69 1.58
N SER B 443 -37.74 16.54 1.82
CA SER B 443 -37.12 15.46 2.56
C SER B 443 -36.09 14.70 1.74
N GLY B 444 -35.63 15.26 0.63
CA GLY B 444 -34.65 14.61 -0.22
C GLY B 444 -35.06 14.60 -1.68
N ASP B 445 -36.08 15.40 -2.02
CA ASP B 445 -36.60 15.47 -3.37
C ASP B 445 -35.98 16.58 -4.21
N LEU B 446 -35.10 17.39 -3.63
CA LEU B 446 -34.44 18.48 -4.34
C LEU B 446 -33.15 17.93 -4.96
N THR B 447 -33.26 17.46 -6.21
CA THR B 447 -32.10 16.86 -6.86
C THR B 447 -30.88 17.78 -6.94
N PRO B 448 -30.99 19.09 -7.19
CA PRO B 448 -29.78 19.92 -7.10
C PRO B 448 -29.44 20.17 -5.63
N TYR B 449 -28.38 19.51 -5.15
CA TYR B 449 -27.95 19.62 -3.77
C TYR B 449 -26.78 20.60 -3.68
N THR B 450 -26.94 21.63 -2.86
CA THR B 450 -25.94 22.68 -2.74
C THR B 450 -24.69 22.11 -2.09
N LYS B 451 -23.67 21.85 -2.90
CA LYS B 451 -22.38 21.43 -2.37
C LYS B 451 -21.72 22.58 -1.61
N LEU B 452 -20.93 22.22 -0.60
CA LEU B 452 -20.13 23.19 0.13
C LEU B 452 -18.77 22.59 0.41
N CYS B 453 -17.78 23.47 0.55
CA CYS B 453 -16.44 23.08 0.95
C CYS B 453 -16.36 23.16 2.47
N CYS B 454 -16.07 22.03 3.11
CA CYS B 454 -15.94 21.97 4.56
C CYS B 454 -14.51 21.60 4.92
N LYS B 455 -13.83 22.52 5.59
CA LYS B 455 -12.47 22.31 6.05
C LYS B 455 -12.35 22.85 7.47
N GLY B 456 -11.43 22.28 8.22
CA GLY B 456 -11.18 22.74 9.57
C GLY B 456 -10.48 21.68 10.40
N PHE B 457 -10.30 22.01 11.68
CA PHE B 457 -9.68 21.12 12.64
C PHE B 457 -10.42 19.79 12.70
N CYS B 458 -11.74 19.84 12.88
CA CYS B 458 -12.53 18.62 12.93
C CYS B 458 -12.44 17.85 11.61
N ILE B 459 -12.40 18.57 10.49
CA ILE B 459 -12.25 17.90 9.20
C ILE B 459 -10.92 17.15 9.16
N ASP B 460 -9.86 17.78 9.66
CA ASP B 460 -8.55 17.12 9.65
C ASP B 460 -8.55 15.87 10.53
N ILE B 461 -9.14 15.97 11.72
CA ILE B 461 -9.10 14.82 12.62
C ILE B 461 -9.95 13.68 12.08
N LEU B 462 -11.11 14.00 11.47
CA LEU B 462 -11.90 12.93 10.88
C LEU B 462 -11.22 12.34 9.66
N LYS B 463 -10.47 13.14 8.90
CA LYS B 463 -9.69 12.60 7.80
C LYS B 463 -8.65 11.60 8.30
N LYS B 464 -7.96 11.95 9.39
CA LYS B 464 -7.00 11.03 9.97
C LYS B 464 -7.68 9.77 10.49
N LEU B 465 -8.85 9.92 11.11
CA LEU B 465 -9.59 8.75 11.57
C LEU B 465 -9.95 7.84 10.40
N ALA B 466 -10.42 8.42 9.30
CA ALA B 466 -10.76 7.62 8.13
C ALA B 466 -9.53 6.93 7.57
N LYS B 467 -8.40 7.63 7.50
CA LYS B 467 -7.21 7.02 6.92
C LYS B 467 -6.60 5.98 7.83
N VAL B 468 -6.92 6.01 9.13
CA VAL B 468 -6.38 5.02 10.05
C VAL B 468 -7.30 3.81 10.16
N VAL B 469 -8.55 4.05 10.58
CA VAL B 469 -9.49 2.95 10.81
C VAL B 469 -10.00 2.34 9.51
N LYS B 470 -9.74 3.00 8.38
CA LYS B 470 -10.10 2.50 7.05
C LYS B 470 -11.63 2.35 6.92
N PHE B 471 -12.32 3.47 7.04
CA PHE B 471 -13.77 3.50 6.88
C PHE B 471 -14.17 4.73 6.09
N SER B 472 -15.19 4.56 5.24
CA SER B 472 -15.74 5.68 4.50
C SER B 472 -16.66 6.49 5.40
N TYR B 473 -17.13 7.63 4.88
CA TYR B 473 -17.96 8.52 5.70
C TYR B 473 -18.82 9.38 4.79
N ASP B 474 -19.86 9.96 5.39
CA ASP B 474 -20.79 10.85 4.70
C ASP B 474 -21.01 12.08 5.56
N LEU B 475 -20.54 13.22 5.08
CA LEU B 475 -20.62 14.48 5.81
C LEU B 475 -21.79 15.31 5.31
N TYR B 476 -22.58 15.84 6.23
CA TYR B 476 -23.57 16.85 5.91
C TYR B 476 -23.76 17.76 7.13
N LEU B 477 -23.93 19.05 6.85
CA LEU B 477 -24.12 20.03 7.91
C LEU B 477 -25.54 19.91 8.47
N VAL B 478 -25.66 20.01 9.79
CA VAL B 478 -26.95 19.95 10.45
C VAL B 478 -27.58 21.33 10.47
N THR B 479 -28.88 21.41 10.21
CA THR B 479 -29.58 22.69 10.11
C THR B 479 -30.57 22.96 11.23
N ASN B 480 -31.20 21.93 11.80
CA ASN B 480 -32.30 22.12 12.74
C ASN B 480 -31.76 22.59 14.09
N GLY B 481 -31.26 23.82 14.11
CA GLY B 481 -30.86 24.44 15.36
C GLY B 481 -29.38 24.46 15.65
N LYS B 482 -29.02 24.07 16.86
CA LYS B 482 -27.65 24.17 17.35
C LYS B 482 -27.22 22.79 17.84
N HIS B 483 -26.09 22.75 18.57
CA HIS B 483 -25.49 21.50 19.04
C HIS B 483 -26.52 20.44 19.43
N GLY B 484 -27.51 20.82 20.24
CA GLY B 484 -28.53 19.89 20.67
C GLY B 484 -28.99 20.13 22.10
N LYS B 485 -30.30 20.08 22.31
CA LYS B 485 -30.86 20.31 23.63
C LYS B 485 -32.21 19.59 23.70
N ARG B 486 -32.51 19.03 24.87
CA ARG B 486 -33.82 18.41 25.08
C ARG B 486 -34.88 19.50 25.12
N VAL B 487 -35.61 19.65 24.03
CA VAL B 487 -36.63 20.68 23.89
C VAL B 487 -37.98 19.97 23.99
N ARG B 488 -38.79 20.39 24.98
CA ARG B 488 -40.11 19.81 25.21
C ARG B 488 -40.01 18.31 25.45
N GLY B 489 -38.90 17.89 26.05
CA GLY B 489 -38.66 16.49 26.32
C GLY B 489 -37.98 15.72 25.21
N VAL B 490 -37.79 16.33 24.04
CA VAL B 490 -37.11 15.67 22.93
C VAL B 490 -35.89 16.51 22.55
N TRP B 491 -34.88 15.83 22.01
CA TRP B 491 -33.60 16.44 21.72
C TRP B 491 -33.53 16.93 20.28
N ASN B 492 -32.45 17.63 19.96
CA ASN B 492 -32.27 18.19 18.63
C ASN B 492 -30.79 18.23 18.26
N GLY B 493 -30.46 18.96 17.19
CA GLY B 493 -29.08 19.09 16.78
C GLY B 493 -28.46 17.76 16.39
N MET B 494 -27.13 17.71 16.49
CA MET B 494 -26.44 16.44 16.28
C MET B 494 -26.90 15.40 17.28
N ILE B 495 -27.18 15.83 18.51
CA ILE B 495 -27.73 14.93 19.51
C ILE B 495 -29.01 14.30 19.00
N GLY B 496 -29.88 15.12 18.40
CA GLY B 496 -31.10 14.58 17.83
C GLY B 496 -30.84 13.64 16.68
N GLU B 497 -29.97 14.05 15.74
CA GLU B 497 -29.74 13.25 14.55
C GLU B 497 -29.12 11.90 14.89
N VAL B 498 -28.40 11.82 16.00
CA VAL B 498 -27.76 10.56 16.34
C VAL B 498 -28.64 9.73 17.27
N TYR B 499 -29.20 10.35 18.30
CA TYR B 499 -30.05 9.63 19.23
C TYR B 499 -31.31 9.11 18.56
N TYR B 500 -31.89 9.89 17.64
CA TYR B 500 -33.05 9.43 16.90
C TYR B 500 -32.67 8.71 15.61
N LYS B 501 -31.46 8.18 15.55
CA LYS B 501 -31.00 7.25 14.52
C LYS B 501 -30.96 7.89 13.13
N ARG B 502 -31.10 9.21 13.05
CA ARG B 502 -31.02 9.88 11.76
C ARG B 502 -29.58 10.04 11.29
N ALA B 503 -28.61 9.81 12.18
CA ALA B 503 -27.20 9.93 11.86
C ALA B 503 -26.42 8.91 12.66
N ASP B 504 -25.15 8.74 12.32
CA ASP B 504 -24.34 7.74 13.00
C ASP B 504 -23.44 8.38 14.05
N MET B 505 -22.66 9.38 13.66
CA MET B 505 -21.63 9.94 14.52
C MET B 505 -21.59 11.45 14.33
N ALA B 506 -21.29 12.15 15.42
CA ALA B 506 -21.30 13.61 15.42
C ALA B 506 -19.96 14.14 15.90
N ILE B 507 -19.56 15.26 15.31
CA ILE B 507 -18.24 15.84 15.58
C ILE B 507 -18.39 17.36 15.58
N GLY B 508 -17.53 18.02 16.34
CA GLY B 508 -17.54 19.46 16.43
C GLY B 508 -17.14 19.90 17.81
N SER B 509 -17.49 21.14 18.14
CA SER B 509 -17.21 21.71 19.46
C SER B 509 -18.23 21.20 20.48
N LEU B 510 -18.24 19.88 20.65
CA LEU B 510 -19.20 19.19 21.50
C LEU B 510 -18.58 18.97 22.87
N THR B 511 -19.17 19.58 23.88
CA THR B 511 -18.77 19.36 25.26
C THR B 511 -19.52 18.16 25.82
N ILE B 512 -18.84 17.36 26.63
CA ILE B 512 -19.46 16.20 27.25
C ILE B 512 -20.08 16.63 28.57
N ASN B 513 -21.39 16.42 28.70
CA ASN B 513 -22.10 16.66 29.94
C ASN B 513 -23.06 15.50 30.17
N GLU B 514 -23.46 15.33 31.42
CA GLU B 514 -24.30 14.19 31.80
C GLU B 514 -25.58 14.19 30.99
N GLU B 515 -26.29 15.33 30.98
CA GLU B 515 -27.54 15.42 30.22
C GLU B 515 -27.32 15.04 28.77
N ARG B 516 -26.13 15.31 28.24
CA ARG B 516 -25.77 14.78 26.94
C ARG B 516 -25.36 13.31 27.02
N SER B 517 -25.05 12.81 28.22
CA SER B 517 -24.38 11.53 28.32
C SER B 517 -25.34 10.36 28.51
N GLU B 518 -26.48 10.57 29.15
CA GLU B 518 -27.36 9.44 29.43
C GLU B 518 -27.84 8.79 28.13
N ILE B 519 -28.20 9.60 27.14
CA ILE B 519 -28.85 9.06 25.95
C ILE B 519 -27.88 8.70 24.85
N ILE B 520 -26.66 9.25 24.84
CA ILE B 520 -25.71 8.96 23.78
C ILE B 520 -24.34 8.69 24.40
N ASP B 521 -23.53 7.93 23.67
CA ASP B 521 -22.19 7.57 24.12
C ASP B 521 -21.15 8.51 23.53
N PHE B 522 -20.19 8.89 24.36
CA PHE B 522 -19.07 9.73 23.94
C PHE B 522 -17.79 8.92 23.98
N SER B 523 -16.85 9.28 23.11
CA SER B 523 -15.50 8.75 23.22
C SER B 523 -14.72 9.57 24.24
N VAL B 524 -13.44 9.24 24.40
CA VAL B 524 -12.60 10.06 25.26
C VAL B 524 -12.38 11.42 24.61
N PRO B 525 -12.44 12.52 25.35
CA PRO B 525 -12.20 13.83 24.72
C PRO B 525 -10.78 13.93 24.17
N PHE B 526 -10.66 14.65 23.07
CA PHE B 526 -9.36 14.84 22.42
C PHE B 526 -8.74 16.19 22.72
N VAL B 527 -9.55 17.23 22.88
CA VAL B 527 -9.07 18.57 23.21
C VAL B 527 -9.90 19.09 24.38
N GLU B 528 -9.24 19.58 25.41
CA GLU B 528 -9.92 19.99 26.63
C GLU B 528 -10.37 21.44 26.52
N THR B 529 -11.45 21.75 27.24
CA THR B 529 -11.99 23.10 27.27
C THR B 529 -12.70 23.29 28.61
N GLY B 530 -13.53 24.33 28.69
CA GLY B 530 -14.30 24.58 29.89
C GLY B 530 -15.07 25.88 29.74
N ILE B 531 -15.71 26.28 30.85
CA ILE B 531 -16.39 27.56 30.87
C ILE B 531 -15.37 28.66 31.11
N SER B 532 -15.58 29.82 30.49
CA SER B 532 -14.64 30.91 30.61
C SER B 532 -15.37 32.23 30.51
N VAL B 533 -14.79 33.23 31.15
CA VAL B 533 -15.33 34.57 31.20
C VAL B 533 -14.38 35.48 30.45
N MET B 534 -14.83 36.02 29.33
CA MET B 534 -14.06 36.88 28.45
C MET B 534 -14.35 38.33 28.85
N VAL B 535 -13.32 39.19 28.81
CA VAL B 535 -13.48 40.58 29.22
C VAL B 535 -12.56 41.45 28.36
N SER B 536 -12.83 42.75 28.35
CA SER B 536 -11.96 43.69 27.67
C SER B 536 -10.75 44.01 28.54
N ARG B 537 -9.56 43.96 27.95
CA ARG B 537 -8.35 44.30 28.69
C ARG B 537 -8.39 45.74 29.17
N SER B 538 -8.86 46.65 28.33
CA SER B 538 -9.01 48.04 28.71
C SER B 538 -10.41 48.30 29.24
N SER B 661 -13.53 37.88 37.65
CA SER B 661 -13.23 38.20 39.04
C SER B 661 -13.87 37.18 39.99
N GLY B 662 -13.66 35.90 39.68
CA GLY B 662 -14.21 34.83 40.49
C GLY B 662 -15.64 34.50 40.12
N LEU B 663 -15.89 33.19 39.96
CA LEU B 663 -17.22 32.73 39.57
C LEU B 663 -18.23 32.91 40.70
N SER B 664 -17.78 32.84 41.95
CA SER B 664 -18.65 32.97 43.11
C SER B 664 -18.67 34.39 43.67
N ASP B 665 -18.17 35.37 42.91
CA ASP B 665 -18.16 36.74 43.38
C ASP B 665 -19.59 37.25 43.53
N LYS B 666 -19.79 38.14 44.52
CA LYS B 666 -21.08 38.82 44.63
C LYS B 666 -21.37 39.67 43.41
N LYS B 667 -20.33 40.09 42.68
CA LYS B 667 -20.55 40.65 41.35
C LYS B 667 -21.32 39.68 40.48
N PHE B 668 -21.02 38.38 40.61
CA PHE B 668 -21.81 37.36 39.94
C PHE B 668 -23.01 36.96 40.80
N GLN B 669 -22.76 36.72 42.09
CA GLN B 669 -23.81 36.19 42.97
C GLN B 669 -24.95 37.18 43.13
N ARG B 670 -24.65 38.48 43.13
CA ARG B 670 -25.65 39.53 43.33
C ARG B 670 -25.55 40.51 42.17
N PRO B 671 -26.08 40.16 41.00
CA PRO B 671 -26.08 41.11 39.88
C PRO B 671 -27.02 42.28 40.10
N GLN B 672 -27.87 42.22 41.13
CA GLN B 672 -28.80 43.29 41.43
C GLN B 672 -28.29 44.22 42.53
N ASP B 673 -27.21 43.86 43.22
CA ASP B 673 -26.74 44.64 44.35
C ASP B 673 -25.58 45.56 44.00
N GLN B 674 -24.58 45.07 43.26
CA GLN B 674 -23.36 45.83 43.00
C GLN B 674 -23.61 46.75 41.82
N TYR B 675 -23.70 48.05 42.09
CA TYR B 675 -23.80 49.10 41.08
C TYR B 675 -25.05 48.89 40.23
N PRO B 676 -25.22 49.61 39.12
CA PRO B 676 -26.15 49.16 38.10
C PRO B 676 -25.79 47.76 37.64
N PRO B 677 -26.78 46.95 37.27
CA PRO B 677 -26.52 45.53 37.04
C PRO B 677 -25.42 45.28 36.02
N PHE B 678 -24.55 44.33 36.35
CA PHE B 678 -23.42 44.00 35.50
C PHE B 678 -23.91 43.32 34.22
N ARG B 679 -23.36 43.74 33.08
CA ARG B 679 -23.78 43.19 31.79
C ARG B 679 -22.96 41.93 31.50
N PHE B 680 -23.61 40.78 31.60
CA PHE B 680 -22.99 39.50 31.29
C PHE B 680 -23.43 39.02 29.92
N GLY B 681 -22.71 38.04 29.39
CA GLY B 681 -22.96 37.57 28.03
C GLY B 681 -22.83 36.07 27.92
N THR B 682 -23.68 35.49 27.08
CA THR B 682 -23.68 34.06 26.80
C THR B 682 -24.58 33.81 25.61
N VAL B 683 -24.48 32.60 25.06
CA VAL B 683 -25.31 32.17 23.95
C VAL B 683 -26.36 31.19 24.49
N PRO B 684 -27.63 31.37 24.18
CA PRO B 684 -28.65 30.45 24.68
C PRO B 684 -28.53 29.07 24.04
N ASN B 685 -29.25 28.12 24.62
CA ASN B 685 -29.33 26.73 24.17
C ASN B 685 -28.02 25.97 24.31
N GLY B 686 -26.99 26.59 24.90
CA GLY B 686 -25.70 25.95 25.05
C GLY B 686 -25.62 25.09 26.30
N SER B 687 -24.67 24.15 26.27
CA SER B 687 -24.39 23.33 27.45
C SER B 687 -23.95 24.20 28.61
N THR B 688 -23.22 25.29 28.32
CA THR B 688 -22.87 26.24 29.37
C THR B 688 -24.11 26.82 30.03
N GLU B 689 -25.15 27.12 29.23
CA GLU B 689 -26.40 27.57 29.79
C GLU B 689 -27.01 26.51 30.69
N ARG B 690 -26.95 25.24 30.26
CA ARG B 690 -27.48 24.16 31.09
C ARG B 690 -26.76 24.12 32.44
N ASN B 691 -25.43 24.22 32.41
CA ASN B 691 -24.67 24.18 33.65
C ASN B 691 -25.00 25.37 34.55
N ILE B 692 -25.03 26.58 33.98
CA ILE B 692 -25.27 27.76 34.80
C ILE B 692 -26.69 27.72 35.37
N ARG B 693 -27.65 27.20 34.60
CA ARG B 693 -29.02 27.11 35.08
C ARG B 693 -29.14 26.08 36.19
N SER B 694 -28.50 24.93 36.03
CA SER B 694 -28.58 23.89 37.05
C SER B 694 -27.89 24.34 38.35
N ASN B 695 -26.74 24.99 38.22
CA ASN B 695 -25.94 25.30 39.40
C ASN B 695 -26.37 26.59 40.09
N TYR B 696 -26.76 27.60 39.31
CA TYR B 696 -27.00 28.95 39.84
C TYR B 696 -28.31 29.48 39.28
N ARG B 697 -29.36 29.45 40.11
CA ARG B 697 -30.71 29.71 39.63
C ARG B 697 -30.94 31.19 39.35
N ASP B 698 -30.81 32.03 40.38
CA ASP B 698 -31.05 33.47 40.22
C ASP B 698 -30.04 34.09 39.26
N MET B 699 -28.78 33.66 39.34
CA MET B 699 -27.77 34.15 38.42
C MET B 699 -28.13 33.81 36.98
N HIS B 700 -28.57 32.58 36.73
CA HIS B 700 -29.00 32.21 35.39
C HIS B 700 -30.21 33.01 34.95
N THR B 701 -31.16 33.24 35.86
CA THR B 701 -32.31 34.08 35.53
C THR B 701 -31.85 35.46 35.08
N HIS B 702 -30.85 36.01 35.75
CA HIS B 702 -30.30 37.28 35.30
C HIS B 702 -29.53 37.12 33.98
N MET B 703 -29.02 35.92 33.69
CA MET B 703 -28.19 35.75 32.49
C MET B 703 -29.03 35.90 31.23
N VAL B 704 -30.19 35.24 31.19
CA VAL B 704 -31.06 35.28 30.02
C VAL B 704 -31.54 36.70 29.74
N LYS B 705 -31.61 37.54 30.77
CA LYS B 705 -31.89 38.95 30.55
C LYS B 705 -30.78 39.64 29.76
N PHE B 706 -29.60 39.01 29.68
CA PHE B 706 -28.45 39.57 28.98
C PHE B 706 -27.85 38.57 28.02
N ASN B 707 -28.69 37.80 27.32
CA ASN B 707 -28.20 36.92 26.27
C ASN B 707 -27.88 37.72 25.00
N GLN B 708 -27.07 37.13 24.13
CA GLN B 708 -26.55 37.86 22.97
C GLN B 708 -26.83 37.17 21.64
N ARG B 709 -27.27 35.91 21.65
CA ARG B 709 -27.78 35.23 20.46
C ARG B 709 -26.68 34.95 19.43
N SER B 710 -25.48 35.46 19.65
CA SER B 710 -24.43 35.26 18.66
C SER B 710 -23.07 35.56 19.29
N VAL B 711 -22.08 34.76 18.91
CA VAL B 711 -20.72 35.01 19.39
C VAL B 711 -20.21 36.35 18.86
N GLU B 712 -20.43 36.62 17.58
CA GLU B 712 -19.93 37.85 16.98
C GLU B 712 -20.65 39.07 17.54
N ASP B 713 -21.93 38.92 17.88
CA ASP B 713 -22.66 40.01 18.51
C ASP B 713 -22.03 40.38 19.85
N ALA B 714 -21.71 39.37 20.67
CA ALA B 714 -21.04 39.63 21.94
C ALA B 714 -19.66 40.24 21.71
N LEU B 715 -18.95 39.74 20.69
CA LEU B 715 -17.65 40.32 20.36
C LEU B 715 -17.76 41.81 20.08
N THR B 716 -18.71 42.18 19.21
CA THR B 716 -18.90 43.59 18.89
C THR B 716 -19.31 44.39 20.11
N SER B 717 -20.20 43.83 20.94
CA SER B 717 -20.63 44.52 22.15
C SER B 717 -19.46 44.75 23.09
N LEU B 718 -18.46 43.86 23.06
CA LEU B 718 -17.26 44.09 23.86
C LEU B 718 -16.30 45.07 23.19
N LYS B 719 -16.34 45.16 21.85
CA LYS B 719 -15.45 46.09 21.17
C LYS B 719 -15.74 47.54 21.56
N MET B 720 -17.02 47.91 21.65
CA MET B 720 -17.37 49.28 21.95
C MET B 720 -18.04 49.45 23.30
N GLY B 721 -18.44 48.35 23.96
CA GLY B 721 -18.84 48.43 25.35
C GLY B 721 -20.30 48.21 25.65
N LYS B 722 -21.07 47.58 24.76
CA LYS B 722 -22.45 47.24 25.13
C LYS B 722 -22.48 46.18 26.21
N LEU B 723 -21.62 45.17 26.13
CA LEU B 723 -21.55 44.11 27.11
C LEU B 723 -20.18 44.11 27.78
N ASP B 724 -20.12 43.56 28.99
CA ASP B 724 -18.93 43.65 29.83
C ASP B 724 -18.20 42.33 29.97
N ALA B 725 -18.90 41.25 30.33
CA ALA B 725 -18.28 39.95 30.50
C ALA B 725 -19.06 38.91 29.73
N PHE B 726 -18.35 38.11 28.93
CA PHE B 726 -18.96 37.11 28.07
C PHE B 726 -18.64 35.72 28.61
N ILE B 727 -19.66 34.95 28.96
CA ILE B 727 -19.48 33.62 29.52
C ILE B 727 -19.76 32.61 28.43
N TYR B 728 -18.77 31.77 28.13
CA TYR B 728 -18.85 30.89 26.96
C TYR B 728 -17.78 29.80 27.09
N ASP B 729 -17.58 29.05 26.01
CA ASP B 729 -16.60 27.98 26.01
C ASP B 729 -15.18 28.53 26.09
N ALA B 730 -14.30 27.77 26.76
CA ALA B 730 -12.91 28.20 26.91
C ALA B 730 -12.20 28.24 25.56
N ALA B 731 -12.32 27.17 24.77
CA ALA B 731 -11.55 27.08 23.53
C ALA B 731 -11.96 28.16 22.54
N VAL B 732 -13.26 28.43 22.43
CA VAL B 732 -13.73 29.46 21.52
C VAL B 732 -13.08 30.80 21.84
N LEU B 733 -13.06 31.16 23.13
CA LEU B 733 -12.56 32.47 23.49
C LEU B 733 -11.04 32.51 23.48
N ASN B 734 -10.39 31.35 23.68
CA ASN B 734 -8.96 31.27 23.43
C ASN B 734 -8.65 31.58 21.97
N TYR B 735 -9.44 31.00 21.06
CA TYR B 735 -9.29 31.28 19.64
C TYR B 735 -9.50 32.76 19.36
N MET B 736 -10.57 33.34 19.92
CA MET B 736 -10.87 34.75 19.72
C MET B 736 -9.70 35.63 20.20
N ALA B 737 -9.26 35.43 21.44
CA ALA B 737 -8.19 36.25 21.99
C ALA B 737 -6.85 35.95 21.35
N GLY B 738 -6.71 34.80 20.68
CA GLY B 738 -5.50 34.56 19.93
C GLY B 738 -5.48 35.27 18.61
N LYS B 739 -6.66 35.52 18.02
CA LYS B 739 -6.73 36.30 16.79
C LYS B 739 -7.58 37.56 16.96
N ASP B 740 -7.51 38.21 18.11
CA ASP B 740 -8.17 39.49 18.29
C ASP B 740 -7.19 40.62 18.00
N GLU B 741 -7.62 41.86 18.24
CA GLU B 741 -6.75 43.02 18.10
C GLU B 741 -6.07 43.41 19.40
N GLY B 742 -6.29 42.65 20.48
CA GLY B 742 -5.50 42.78 21.69
C GLY B 742 -6.16 43.45 22.88
N CYS B 743 -7.38 43.95 22.75
CA CYS B 743 -8.02 44.62 23.88
C CYS B 743 -8.88 43.69 24.71
N LYS B 744 -8.95 42.41 24.38
CA LYS B 744 -9.77 41.47 25.12
C LYS B 744 -8.93 40.30 25.59
N LEU B 745 -9.10 39.92 26.85
CA LEU B 745 -8.41 38.78 27.44
C LEU B 745 -9.39 38.00 28.31
N VAL B 746 -8.95 36.83 28.74
CA VAL B 746 -9.72 35.95 29.62
C VAL B 746 -9.62 36.48 31.05
N THR B 747 -10.63 36.17 31.86
CA THR B 747 -10.70 36.71 33.22
C THR B 747 -9.50 36.28 34.05
N ILE B 748 -9.01 37.22 34.87
CA ILE B 748 -7.94 37.03 35.84
C ILE B 748 -6.72 36.35 35.22
N GLY B 749 -6.67 35.02 35.29
CA GLY B 749 -5.45 34.29 35.02
C GLY B 749 -5.33 33.70 33.64
N SER B 750 -6.12 34.18 32.68
CA SER B 750 -6.13 33.67 31.31
C SER B 750 -6.30 32.15 31.31
N GLY B 751 -7.28 31.68 32.07
CA GLY B 751 -7.51 30.26 32.25
C GLY B 751 -8.41 30.02 33.44
N LYS B 752 -8.02 29.09 34.32
CA LYS B 752 -8.79 28.80 35.54
C LYS B 752 -10.23 28.44 35.19
N VAL B 753 -10.38 27.70 34.09
CA VAL B 753 -11.69 27.36 33.56
C VAL B 753 -12.42 26.45 34.55
N PHE B 754 -13.70 26.75 34.78
CA PHE B 754 -14.50 26.06 35.77
C PHE B 754 -15.19 24.87 35.11
N ALA B 755 -15.34 23.78 35.86
CA ALA B 755 -15.96 22.56 35.38
C ALA B 755 -15.35 22.13 34.05
N THR B 756 -14.02 22.03 34.04
CA THR B 756 -13.30 21.78 32.81
C THR B 756 -13.68 20.44 32.21
N THR B 757 -13.84 20.42 30.89
CA THR B 757 -14.20 19.23 30.13
C THR B 757 -13.40 19.25 28.84
N GLY B 758 -13.81 18.43 27.87
CA GLY B 758 -13.13 18.35 26.60
C GLY B 758 -14.12 18.26 25.44
N TYR B 759 -13.59 18.49 24.25
CA TYR B 759 -14.32 18.18 23.03
C TYR B 759 -14.14 16.71 22.70
N GLY B 760 -15.25 15.97 22.64
CA GLY B 760 -15.18 14.54 22.44
C GLY B 760 -16.11 14.09 21.33
N ILE B 761 -15.72 12.98 20.70
CA ILE B 761 -16.51 12.34 19.66
C ILE B 761 -17.66 11.60 20.32
N ALA B 762 -18.88 11.86 19.84
CA ALA B 762 -20.08 11.20 20.32
C ALA B 762 -20.59 10.25 19.25
N MET B 763 -21.13 9.11 19.68
CA MET B 763 -21.59 8.09 18.76
C MET B 763 -22.67 7.26 19.43
N GLN B 764 -23.36 6.47 18.62
CA GLN B 764 -24.52 5.72 19.08
C GLN B 764 -24.11 4.70 20.15
N LYS B 765 -25.09 4.33 20.98
CA LYS B 765 -24.84 3.42 22.08
C LYS B 765 -24.25 2.10 21.58
N ASP B 766 -23.34 1.54 22.38
CA ASP B 766 -22.69 0.24 22.19
C ASP B 766 -22.25 0.00 20.75
N SER B 767 -21.92 1.05 20.01
CA SER B 767 -21.40 0.91 18.66
C SER B 767 -19.99 0.34 18.71
N HIS B 768 -19.74 -0.68 17.88
CA HIS B 768 -18.43 -1.33 17.86
C HIS B 768 -17.31 -0.38 17.47
N TRP B 769 -17.62 0.70 16.75
CA TRP B 769 -16.58 1.59 16.26
C TRP B 769 -15.79 2.23 17.38
N LYS B 770 -16.43 2.49 18.52
CA LYS B 770 -15.78 3.26 19.59
C LYS B 770 -14.45 2.61 19.99
N ARG B 771 -14.48 1.30 20.24
CA ARG B 771 -13.29 0.59 20.70
C ARG B 771 -12.11 0.78 19.76
N ALA B 772 -12.38 0.98 18.47
CA ALA B 772 -11.30 1.32 17.55
C ALA B 772 -10.91 2.79 17.70
N ILE B 773 -11.87 3.69 17.49
CA ILE B 773 -11.52 5.08 17.23
C ILE B 773 -10.79 5.70 18.41
N ASP B 774 -11.30 5.46 19.62
CA ASP B 774 -10.63 5.98 20.81
C ASP B 774 -9.16 5.56 20.82
N LEU B 775 -8.88 4.28 20.61
CA LEU B 775 -7.50 3.83 20.51
C LEU B 775 -6.76 4.61 19.43
N ALA B 776 -7.33 4.66 18.23
CA ALA B 776 -6.74 5.48 17.18
C ALA B 776 -6.58 6.91 17.64
N LEU B 777 -7.61 7.45 18.32
CA LEU B 777 -7.49 8.78 18.89
C LEU B 777 -6.28 8.86 19.82
N LEU B 778 -6.20 7.94 20.79
CA LEU B 778 -5.04 7.93 21.67
C LEU B 778 -3.78 7.68 20.89
N GLN B 779 -3.86 6.95 19.77
CA GLN B 779 -2.71 6.82 18.90
C GLN B 779 -2.35 8.16 18.28
N LEU B 780 -3.32 8.83 17.67
CA LEU B 780 -3.01 10.08 16.97
C LEU B 780 -2.70 11.19 17.96
N LEU B 781 -3.33 11.18 19.13
CA LEU B 781 -2.92 12.05 20.20
C LEU B 781 -1.59 11.64 20.80
N GLY B 782 -1.28 10.34 20.78
CA GLY B 782 -0.04 9.86 21.38
C GLY B 782 1.20 10.31 20.62
N ASP B 783 1.15 10.30 19.29
CA ASP B 783 2.32 10.58 18.49
C ASP B 783 2.51 12.07 18.21
N GLY B 784 1.67 12.93 18.79
CA GLY B 784 1.89 14.36 18.70
C GLY B 784 1.44 15.03 17.43
N GLU B 785 0.74 14.33 16.54
CA GLU B 785 0.14 15.00 15.39
C GLU B 785 -0.86 16.05 15.83
N THR B 786 -1.62 15.76 16.89
CA THR B 786 -2.56 16.72 17.42
C THR B 786 -1.87 18.04 17.77
N GLN B 787 -0.62 17.96 18.24
CA GLN B 787 0.13 19.17 18.55
C GLN B 787 0.27 20.06 17.33
N LYS B 788 0.75 19.48 16.22
CA LYS B 788 0.79 20.22 14.97
C LYS B 788 -0.59 20.73 14.59
N LEU B 789 -1.63 19.99 14.97
CA LEU B 789 -2.98 20.43 14.65
C LEU B 789 -3.34 21.73 15.37
N GLU B 790 -3.05 21.84 16.67
CA GLU B 790 -3.38 23.14 17.26
C GLU B 790 -2.41 24.22 16.76
N THR B 791 -1.17 23.85 16.45
CA THR B 791 -0.24 24.85 15.95
C THR B 791 -0.70 25.42 14.62
N VAL B 792 -1.40 24.62 13.83
CA VAL B 792 -1.83 25.10 12.52
C VAL B 792 -3.21 25.75 12.61
N TRP B 793 -4.04 25.31 13.54
CA TRP B 793 -5.43 25.77 13.57
C TRP B 793 -5.69 26.87 14.59
N LEU B 794 -5.43 26.65 15.87
CA LEU B 794 -5.83 27.61 16.88
C LEU B 794 -4.71 28.49 17.41
N SER B 795 -3.57 28.54 16.72
CA SER B 795 -2.45 29.38 17.15
C SER B 795 -2.87 30.85 17.21
N GLY B 796 -2.42 31.56 18.25
CA GLY B 796 -2.74 32.95 18.43
C GLY B 796 -1.55 33.86 18.20
N ILE B 797 -1.75 35.14 18.54
CA ILE B 797 -0.72 36.15 18.34
C ILE B 797 -0.29 36.81 19.64
N CYS B 798 -1.16 36.87 20.65
CA CYS B 798 -0.80 37.53 21.90
C CYS B 798 0.19 36.73 22.74
N GLN B 799 -0.02 35.43 22.87
CA GLN B 799 0.88 34.59 23.67
C GLN B 799 2.02 34.04 22.82
N LYS C 25 -10.33 -64.50 -2.30
CA LYS C 25 -9.48 -63.74 -1.40
C LYS C 25 -10.07 -63.70 0.00
N ILE C 26 -9.23 -63.87 1.02
CA ILE C 26 -9.66 -63.83 2.41
C ILE C 26 -9.02 -62.65 3.10
N VAL C 27 -9.83 -61.90 3.84
CA VAL C 27 -9.39 -60.72 4.58
C VAL C 27 -9.61 -60.98 6.06
N ASN C 28 -8.57 -60.78 6.86
CA ASN C 28 -8.61 -61.05 8.29
C ASN C 28 -8.92 -59.76 9.04
N ILE C 29 -9.87 -59.84 9.98
CA ILE C 29 -10.24 -58.70 10.81
C ILE C 29 -9.94 -59.06 12.25
N GLY C 30 -9.19 -58.21 12.94
CA GLY C 30 -8.70 -58.50 14.26
C GLY C 30 -9.44 -57.76 15.37
N ALA C 31 -9.46 -58.37 16.54
CA ALA C 31 -10.08 -57.79 17.73
C ALA C 31 -9.21 -58.08 18.94
N VAL C 32 -9.25 -57.17 19.91
CA VAL C 32 -8.50 -57.31 21.15
C VAL C 32 -9.51 -57.30 22.29
N LEU C 33 -9.82 -58.48 22.82
CA LEU C 33 -10.85 -58.62 23.84
C LEU C 33 -10.37 -59.59 24.91
N SER C 34 -11.00 -59.51 26.08
CA SER C 34 -10.70 -60.44 27.17
C SER C 34 -11.96 -60.94 27.85
N THR C 35 -13.07 -61.07 27.12
CA THR C 35 -14.35 -61.46 27.70
C THR C 35 -14.68 -62.93 27.50
N ARG C 36 -14.17 -63.54 26.43
CA ARG C 36 -14.45 -64.91 26.00
C ARG C 36 -15.88 -65.08 25.51
N LYS C 37 -16.71 -64.04 25.58
CA LYS C 37 -18.06 -64.04 25.04
C LYS C 37 -18.20 -63.05 23.88
N HIS C 38 -17.75 -61.81 24.08
CA HIS C 38 -17.72 -60.87 22.98
C HIS C 38 -16.77 -61.32 21.87
N GLU C 39 -15.86 -62.25 22.15
CA GLU C 39 -15.04 -62.81 21.09
C GLU C 39 -15.90 -63.61 20.10
N GLN C 40 -16.71 -64.53 20.63
CA GLN C 40 -17.62 -65.28 19.77
C GLN C 40 -18.69 -64.37 19.18
N MET C 41 -19.10 -63.33 19.91
CA MET C 41 -20.05 -62.38 19.35
C MET C 41 -19.42 -61.59 18.20
N PHE C 42 -18.13 -61.29 18.28
CA PHE C 42 -17.42 -60.65 17.19
C PHE C 42 -17.33 -61.57 15.99
N ARG C 43 -17.07 -62.86 16.22
CA ARG C 43 -17.11 -63.82 15.13
C ARG C 43 -18.50 -63.85 14.48
N GLU C 44 -19.54 -63.84 15.30
CA GLU C 44 -20.90 -63.82 14.78
C GLU C 44 -21.18 -62.53 14.03
N ALA C 45 -20.59 -61.41 14.47
CA ALA C 45 -20.77 -60.15 13.76
C ALA C 45 -20.08 -60.17 12.41
N VAL C 46 -18.91 -60.82 12.33
CA VAL C 46 -18.26 -61.02 11.04
C VAL C 46 -19.15 -61.86 10.13
N ASN C 47 -19.75 -62.92 10.68
CA ASN C 47 -20.68 -63.72 9.91
C ASN C 47 -21.88 -62.89 9.45
N GLN C 48 -22.36 -61.99 10.32
CA GLN C 48 -23.48 -61.13 9.98
C GLN C 48 -23.11 -60.18 8.85
N ALA C 49 -21.90 -59.64 8.89
CA ALA C 49 -21.42 -58.79 7.79
C ALA C 49 -21.35 -59.58 6.49
N ASN C 50 -20.88 -60.83 6.56
CA ASN C 50 -20.88 -61.68 5.38
C ASN C 50 -22.30 -61.90 4.85
N LYS C 51 -23.24 -62.12 5.77
CA LYS C 51 -24.64 -62.26 5.36
C LYS C 51 -25.15 -60.98 4.71
N ARG C 52 -24.73 -59.82 5.22
CA ARG C 52 -25.23 -58.55 4.73
C ARG C 52 -24.64 -58.20 3.36
N HIS C 53 -23.43 -58.66 3.06
CA HIS C 53 -22.78 -58.28 1.81
C HIS C 53 -22.34 -59.47 0.96
N GLY C 54 -21.88 -60.56 1.57
CA GLY C 54 -21.44 -61.70 0.79
C GLY C 54 -19.94 -61.79 0.66
N SER C 55 -19.39 -62.97 0.92
CA SER C 55 -17.96 -63.21 0.84
C SER C 55 -17.59 -64.24 -0.22
N TRP C 56 -18.30 -64.27 -1.35
CA TRP C 56 -17.97 -65.23 -2.40
C TRP C 56 -16.70 -64.83 -3.14
N LYS C 57 -16.63 -63.58 -3.60
CA LYS C 57 -15.42 -63.11 -4.26
C LYS C 57 -14.31 -62.83 -3.26
N ILE C 58 -14.64 -62.20 -2.13
CA ILE C 58 -13.66 -61.83 -1.11
C ILE C 58 -14.13 -62.41 0.22
N GLN C 59 -13.55 -63.55 0.61
CA GLN C 59 -13.88 -64.16 1.88
C GLN C 59 -13.44 -63.26 3.03
N LEU C 60 -14.15 -63.35 4.15
CA LEU C 60 -13.82 -62.61 5.36
C LEU C 60 -13.64 -63.59 6.51
N ASN C 61 -12.66 -63.31 7.36
CA ASN C 61 -12.35 -64.16 8.49
C ASN C 61 -12.03 -63.27 9.70
N ALA C 62 -12.24 -63.81 10.90
CA ALA C 62 -12.06 -63.07 12.12
C ALA C 62 -10.89 -63.64 12.92
N THR C 63 -10.32 -62.81 13.79
CA THR C 63 -9.22 -63.20 14.66
C THR C 63 -9.34 -62.39 15.94
N SER C 64 -9.18 -63.05 17.08
CA SER C 64 -9.29 -62.40 18.38
C SER C 64 -8.05 -62.68 19.21
N VAL C 65 -7.58 -61.67 19.94
CA VAL C 65 -6.45 -61.79 20.84
C VAL C 65 -6.87 -61.26 22.20
N THR C 66 -6.08 -61.58 23.21
CA THR C 66 -6.34 -61.19 24.59
C THR C 66 -5.26 -60.22 25.05
N HIS C 67 -5.67 -59.01 25.42
CA HIS C 67 -4.74 -58.06 26.00
C HIS C 67 -4.29 -58.54 27.37
N LYS C 68 -3.01 -58.37 27.67
CA LYS C 68 -2.39 -58.90 28.86
C LYS C 68 -1.91 -57.78 29.77
N PRO C 69 -1.79 -58.04 31.08
CA PRO C 69 -1.32 -56.99 32.01
C PRO C 69 0.07 -56.47 31.66
N ASN C 70 0.97 -57.31 31.17
CA ASN C 70 2.31 -56.88 30.80
C ASN C 70 2.26 -56.28 29.41
N ALA C 71 2.56 -54.98 29.32
CA ALA C 71 2.48 -54.28 28.04
C ALA C 71 3.46 -54.85 27.04
N ILE C 72 4.69 -55.16 27.49
CA ILE C 72 5.68 -55.72 26.58
C ILE C 72 5.22 -57.07 26.05
N GLN C 73 4.70 -57.92 26.93
CA GLN C 73 4.28 -59.26 26.51
C GLN C 73 3.10 -59.19 25.55
N MET C 74 2.13 -58.32 25.82
CA MET C 74 0.99 -58.21 24.92
C MET C 74 1.39 -57.59 23.58
N ALA C 75 2.32 -56.64 23.59
CA ALA C 75 2.85 -56.11 22.33
C ALA C 75 3.55 -57.20 21.54
N LEU C 76 4.32 -58.04 22.21
CA LEU C 76 4.96 -59.17 21.55
C LEU C 76 3.92 -60.12 20.97
N SER C 77 2.85 -60.38 21.72
CA SER C 77 1.78 -61.24 21.23
C SER C 77 1.14 -60.66 19.98
N VAL C 78 0.88 -59.35 19.99
CA VAL C 78 0.31 -58.70 18.81
C VAL C 78 1.25 -58.85 17.62
N CYS C 79 2.54 -58.58 17.85
CA CYS C 79 3.54 -58.65 16.79
C CYS C 79 3.62 -60.04 16.18
N GLU C 80 3.69 -61.07 17.02
CA GLU C 80 3.89 -62.43 16.53
C GLU C 80 2.60 -63.18 16.24
N ASP C 81 1.44 -62.58 16.47
CA ASP C 81 0.18 -63.23 16.12
C ASP C 81 -0.62 -62.47 15.08
N LEU C 82 -0.90 -61.18 15.32
CA LEU C 82 -1.73 -60.40 14.42
C LEU C 82 -0.97 -59.91 13.20
N ILE C 83 0.37 -59.92 13.25
CA ILE C 83 1.18 -59.49 12.11
C ILE C 83 1.67 -60.73 11.38
N SER C 84 1.76 -61.85 12.11
CA SER C 84 2.11 -63.12 11.47
C SER C 84 1.07 -63.52 10.45
N SER C 85 -0.14 -62.96 10.54
CA SER C 85 -1.16 -63.07 9.52
C SER C 85 -1.43 -61.70 8.91
N GLN C 86 -1.68 -61.68 7.61
CA GLN C 86 -1.93 -60.44 6.90
C GLN C 86 -3.33 -59.95 7.25
N VAL C 87 -3.43 -59.36 8.45
CA VAL C 87 -4.69 -58.87 8.99
C VAL C 87 -4.87 -57.42 8.57
N TYR C 88 -6.04 -57.11 8.03
CA TYR C 88 -6.25 -55.79 7.42
C TYR C 88 -6.74 -54.76 8.42
N ALA C 89 -7.40 -55.20 9.49
CA ALA C 89 -8.01 -54.27 10.44
C ALA C 89 -7.88 -54.83 11.85
N ILE C 90 -7.98 -53.94 12.83
CA ILE C 90 -7.84 -54.30 14.24
C ILE C 90 -8.60 -53.31 15.10
N LEU C 91 -9.26 -53.82 16.13
CA LEU C 91 -9.99 -53.02 17.10
C LEU C 91 -9.63 -53.46 18.51
N VAL C 92 -10.04 -52.65 19.49
CA VAL C 92 -9.66 -52.86 20.88
C VAL C 92 -10.74 -52.28 21.77
N SER C 93 -10.82 -52.79 23.00
CA SER C 93 -11.71 -52.28 24.03
C SER C 93 -10.96 -52.23 25.35
N HIS C 94 -11.54 -51.54 26.32
CA HIS C 94 -10.90 -51.43 27.61
C HIS C 94 -11.09 -52.70 28.45
N PRO C 95 -10.14 -53.03 29.30
CA PRO C 95 -10.33 -54.11 30.25
C PRO C 95 -11.20 -53.65 31.41
N PRO C 96 -11.80 -54.57 32.17
CA PRO C 96 -12.63 -54.14 33.30
C PRO C 96 -11.84 -53.47 34.40
N THR C 97 -10.65 -53.99 34.71
CA THR C 97 -9.81 -53.37 35.73
C THR C 97 -9.35 -52.00 35.24
N PRO C 98 -9.46 -50.95 36.06
CA PRO C 98 -8.99 -49.62 35.63
C PRO C 98 -7.47 -49.50 35.56
N ASN C 99 -6.72 -50.57 35.81
CA ASN C 99 -5.28 -50.52 35.65
C ASN C 99 -4.91 -50.44 34.18
N ASP C 100 -3.88 -49.63 33.87
CA ASP C 100 -3.36 -49.46 32.51
C ASP C 100 -4.46 -48.97 31.57
N HIS C 101 -4.92 -47.75 31.84
CA HIS C 101 -5.89 -47.11 30.97
C HIS C 101 -5.36 -46.95 29.55
N PHE C 102 -4.04 -46.94 29.39
CA PHE C 102 -3.41 -46.82 28.08
C PHE C 102 -2.99 -48.16 27.51
N THR C 103 -3.75 -49.21 27.80
CA THR C 103 -3.47 -50.53 27.25
C THR C 103 -3.39 -50.56 25.72
N PRO C 104 -4.28 -49.91 24.97
CA PRO C 104 -4.17 -49.96 23.49
C PRO C 104 -2.91 -49.31 22.94
N THR C 105 -2.20 -48.50 23.73
CA THR C 105 -1.06 -47.75 23.20
C THR C 105 -0.01 -48.64 22.54
N PRO C 106 0.44 -49.75 23.13
CA PRO C 106 1.35 -50.64 22.39
C PRO C 106 0.76 -51.14 21.08
N VAL C 107 -0.54 -51.45 21.07
CA VAL C 107 -1.19 -51.86 19.82
C VAL C 107 -1.16 -50.72 18.82
N SER C 108 -1.42 -49.50 19.28
CA SER C 108 -1.39 -48.34 18.40
C SER C 108 -0.02 -48.17 17.77
N TYR C 109 1.04 -48.29 18.57
CA TYR C 109 2.39 -48.15 18.03
C TYR C 109 2.74 -49.29 17.09
N THR C 110 2.29 -50.50 17.42
CA THR C 110 2.52 -51.64 16.54
C THR C 110 1.87 -51.41 15.17
N ALA C 111 0.64 -50.91 15.16
CA ALA C 111 -0.01 -50.56 13.90
C ALA C 111 0.73 -49.43 13.20
N GLY C 112 1.19 -48.44 13.96
CA GLY C 112 1.90 -47.31 13.39
C GLY C 112 3.21 -47.66 12.74
N PHE C 113 3.89 -48.71 13.22
CA PHE C 113 5.17 -49.06 12.62
C PHE C 113 5.03 -49.34 11.13
N TYR C 114 3.99 -50.06 10.75
CA TYR C 114 3.62 -50.23 9.34
C TYR C 114 2.48 -49.31 8.94
N ARG C 115 2.15 -48.33 9.78
CA ARG C 115 1.12 -47.34 9.51
C ARG C 115 -0.24 -48.02 9.29
N ILE C 116 -0.61 -48.92 10.19
CA ILE C 116 -1.82 -49.72 10.01
C ILE C 116 -2.97 -49.04 10.74
N PRO C 117 -4.18 -49.03 10.18
CA PRO C 117 -5.32 -48.48 10.93
C PRO C 117 -5.64 -49.33 12.16
N VAL C 118 -6.18 -48.67 13.18
CA VAL C 118 -6.56 -49.32 14.43
C VAL C 118 -7.77 -48.57 15.00
N LEU C 119 -8.66 -49.33 15.65
CA LEU C 119 -9.91 -48.79 16.21
C LEU C 119 -9.90 -49.02 17.72
N GLY C 120 -10.21 -47.97 18.48
CA GLY C 120 -10.45 -48.11 19.91
C GLY C 120 -11.87 -47.68 20.23
N LEU C 121 -12.63 -48.57 20.84
CA LEU C 121 -14.06 -48.34 21.04
C LEU C 121 -14.41 -47.78 22.40
N THR C 122 -13.55 -47.97 23.41
CA THR C 122 -13.92 -47.69 24.79
C THR C 122 -13.07 -46.59 25.42
N THR C 123 -12.11 -46.03 24.69
CA THR C 123 -11.22 -45.05 25.28
C THR C 123 -11.87 -43.67 25.37
N ARG C 124 -11.63 -42.98 26.48
CA ARG C 124 -12.09 -41.61 26.69
C ARG C 124 -10.94 -40.65 26.92
N MET C 125 -9.72 -41.00 26.54
CA MET C 125 -8.54 -40.19 26.80
C MET C 125 -8.11 -39.48 25.53
N SER C 126 -7.91 -38.16 25.64
CA SER C 126 -7.46 -37.37 24.50
C SER C 126 -6.04 -37.71 24.07
N ILE C 127 -5.30 -38.48 24.88
CA ILE C 127 -3.97 -38.91 24.49
C ILE C 127 -4.02 -39.66 23.18
N TYR C 128 -4.94 -40.63 23.06
CA TYR C 128 -5.14 -41.33 21.80
C TYR C 128 -5.70 -40.42 20.71
N SER C 129 -6.30 -39.28 21.07
CA SER C 129 -6.88 -38.40 20.08
C SER C 129 -5.83 -37.69 19.24
N ASP C 130 -4.57 -37.70 19.68
CA ASP C 130 -3.49 -37.06 18.93
C ASP C 130 -3.18 -37.89 17.69
N LYS C 131 -3.01 -37.23 16.55
CA LYS C 131 -2.65 -37.88 15.31
C LYS C 131 -1.19 -37.65 14.92
N SER C 132 -0.45 -36.87 15.69
CA SER C 132 0.98 -36.75 15.45
C SER C 132 1.73 -37.99 15.92
N ILE C 133 1.21 -38.64 16.95
CA ILE C 133 1.80 -39.87 17.49
C ILE C 133 0.99 -41.09 17.11
N HIS C 134 -0.32 -40.93 16.97
CA HIS C 134 -1.21 -42.04 16.65
C HIS C 134 -1.88 -41.73 15.33
N LEU C 135 -1.20 -42.11 14.25
CA LEU C 135 -1.57 -41.62 12.92
C LEU C 135 -2.95 -42.12 12.51
N SER C 136 -3.16 -43.43 12.58
CA SER C 136 -4.34 -44.06 11.98
C SER C 136 -5.27 -44.62 13.03
N PHE C 137 -5.17 -44.13 14.27
CA PHE C 137 -6.08 -44.55 15.32
C PHE C 137 -7.41 -43.81 15.19
N LEU C 138 -8.51 -44.55 15.28
CA LEU C 138 -9.85 -44.00 15.23
C LEU C 138 -10.61 -44.45 16.47
N ARG C 139 -11.41 -43.56 17.02
CA ARG C 139 -12.16 -43.83 18.24
C ARG C 139 -13.63 -43.49 18.04
N THR C 140 -14.50 -44.47 18.31
CA THR C 140 -15.93 -44.27 18.12
C THR C 140 -16.49 -43.23 19.09
N VAL C 141 -16.20 -43.39 20.37
CA VAL C 141 -16.69 -42.50 21.41
C VAL C 141 -15.71 -41.35 21.56
N PRO C 142 -16.17 -40.10 21.53
CA PRO C 142 -15.28 -38.96 21.78
C PRO C 142 -14.74 -39.01 23.19
N PRO C 143 -13.52 -38.49 23.40
CA PRO C 143 -12.93 -38.52 24.76
C PRO C 143 -13.67 -37.61 25.73
N TYR C 144 -13.25 -37.63 27.00
CA TYR C 144 -13.83 -36.73 27.98
C TYR C 144 -13.65 -35.27 27.59
N SER C 145 -12.58 -34.96 26.85
CA SER C 145 -12.35 -33.58 26.44
C SER C 145 -13.47 -33.06 25.56
N HIS C 146 -13.97 -33.89 24.63
CA HIS C 146 -15.10 -33.48 23.82
C HIS C 146 -16.34 -33.26 24.66
N GLN C 147 -16.39 -33.85 25.86
CA GLN C 147 -17.45 -33.54 26.81
C GLN C 147 -17.62 -32.03 26.97
N SER C 148 -16.51 -31.30 26.92
CA SER C 148 -16.53 -29.83 26.98
C SER C 148 -17.67 -29.23 26.18
N SER C 149 -17.93 -29.78 24.99
CA SER C 149 -18.91 -29.19 24.08
C SER C 149 -20.26 -28.99 24.75
N VAL C 150 -20.68 -29.92 25.61
CA VAL C 150 -22.01 -29.80 26.20
C VAL C 150 -22.06 -28.63 27.18
N TRP C 151 -20.97 -28.39 27.92
CA TRP C 151 -20.95 -27.25 28.83
C TRP C 151 -21.24 -25.94 28.09
N PHE C 152 -20.63 -25.77 26.92
CA PHE C 152 -20.95 -24.61 26.08
C PHE C 152 -22.45 -24.54 25.83
N GLU C 153 -23.05 -25.67 25.45
CA GLU C 153 -24.49 -25.72 25.29
C GLU C 153 -25.19 -25.36 26.59
N MET C 154 -24.70 -25.89 27.71
CA MET C 154 -25.21 -25.50 29.02
C MET C 154 -25.19 -23.98 29.17
N MET C 155 -24.09 -23.35 28.75
CA MET C 155 -24.00 -21.90 28.81
C MET C 155 -25.10 -21.25 27.99
N ARG C 156 -25.39 -21.79 26.82
CA ARG C 156 -26.49 -21.29 26.01
C ARG C 156 -27.83 -21.53 26.68
N VAL C 157 -27.95 -22.61 27.45
CA VAL C 157 -29.23 -22.94 28.07
C VAL C 157 -29.62 -21.88 29.10
N TYR C 158 -28.67 -21.47 29.94
CA TYR C 158 -28.96 -20.62 31.08
C TYR C 158 -28.49 -19.18 30.89
N ASN C 159 -28.00 -18.84 29.70
CA ASN C 159 -27.55 -17.48 29.38
C ASN C 159 -26.50 -16.98 30.37
N TRP C 160 -25.57 -17.85 30.75
CA TRP C 160 -24.56 -17.50 31.74
C TRP C 160 -23.29 -17.03 31.06
N ASN C 161 -22.50 -16.25 31.81
CA ASN C 161 -21.20 -15.79 31.32
C ASN C 161 -20.08 -15.96 32.33
N HIS C 162 -20.36 -15.99 33.63
CA HIS C 162 -19.35 -15.88 34.66
C HIS C 162 -18.77 -17.26 34.95
N ILE C 163 -17.92 -17.72 34.04
CA ILE C 163 -17.40 -19.08 34.04
C ILE C 163 -16.05 -19.09 34.76
N ILE C 164 -15.90 -20.02 35.70
CA ILE C 164 -14.63 -20.27 36.37
C ILE C 164 -14.18 -21.68 36.05
N LEU C 165 -12.96 -21.81 35.50
CA LEU C 165 -12.42 -23.10 35.09
C LEU C 165 -11.51 -23.63 36.18
N LEU C 166 -11.71 -24.90 36.55
CA LEU C 166 -10.80 -25.64 37.42
C LEU C 166 -10.43 -26.92 36.69
N VAL C 167 -9.13 -27.22 36.63
CA VAL C 167 -8.67 -28.34 35.83
C VAL C 167 -7.38 -28.91 36.42
N SER C 168 -7.19 -30.21 36.21
CA SER C 168 -5.97 -30.88 36.63
C SER C 168 -4.80 -30.51 35.72
N ASP C 169 -3.60 -30.86 36.17
CA ASP C 169 -2.38 -30.58 35.43
C ASP C 169 -2.04 -31.64 34.40
N ASP C 170 -2.85 -32.69 34.30
CA ASP C 170 -2.60 -33.75 33.34
C ASP C 170 -2.82 -33.26 31.91
N HIS C 171 -2.26 -34.02 30.96
CA HIS C 171 -2.42 -33.66 29.56
C HIS C 171 -3.87 -33.65 29.15
N GLU C 172 -4.66 -34.60 29.66
CA GLU C 172 -6.09 -34.62 29.37
C GLU C 172 -6.74 -33.33 29.85
N GLY C 173 -6.36 -32.86 31.03
CA GLY C 173 -6.90 -31.61 31.53
C GLY C 173 -6.55 -30.43 30.65
N ARG C 174 -5.29 -30.35 30.21
CA ARG C 174 -4.88 -29.26 29.32
C ARG C 174 -5.61 -29.31 27.99
N ALA C 175 -5.78 -30.51 27.44
CA ALA C 175 -6.51 -30.65 26.17
C ALA C 175 -7.96 -30.21 26.33
N ALA C 176 -8.61 -30.64 27.41
CA ALA C 176 -9.98 -30.19 27.66
C ALA C 176 -10.04 -28.69 27.84
N GLN C 177 -9.05 -28.12 28.54
CA GLN C 177 -8.97 -26.68 28.72
C GLN C 177 -8.89 -25.97 27.37
N LYS C 178 -8.02 -26.45 26.48
CA LYS C 178 -7.88 -25.83 25.17
C LYS C 178 -9.17 -25.92 24.38
N ARG C 179 -9.80 -27.10 24.38
CA ARG C 179 -11.04 -27.27 23.64
C ARG C 179 -12.13 -26.33 24.15
N LEU C 180 -12.30 -26.26 25.48
CA LEU C 180 -13.37 -25.44 26.02
C LEU C 180 -13.07 -23.96 25.87
N GLU C 181 -11.80 -23.55 25.98
CA GLU C 181 -11.49 -22.14 25.75
C GLU C 181 -11.74 -21.77 24.30
N THR C 182 -11.42 -22.65 23.36
CA THR C 182 -11.78 -22.40 21.96
C THR C 182 -13.29 -22.23 21.82
N LEU C 183 -14.04 -23.17 22.42
CA LEU C 183 -15.50 -23.15 22.30
C LEU C 183 -16.08 -21.86 22.86
N LEU C 184 -15.57 -21.39 23.99
CA LEU C 184 -16.08 -20.16 24.55
C LEU C 184 -15.59 -18.93 23.78
N GLU C 185 -14.45 -19.07 23.07
CA GLU C 185 -13.90 -17.87 22.44
C GLU C 185 -14.45 -17.60 21.05
N GLU C 186 -14.95 -18.60 20.30
CA GLU C 186 -15.50 -18.18 19.01
C GLU C 186 -16.73 -17.30 19.19
N ARG C 187 -17.36 -17.35 20.36
CA ARG C 187 -18.46 -16.47 20.72
C ARG C 187 -17.98 -15.18 21.39
N GLU C 188 -16.75 -14.76 21.09
CA GLU C 188 -16.11 -13.56 21.64
C GLU C 188 -16.24 -13.48 23.16
N SER C 189 -16.41 -14.62 23.81
CA SER C 189 -16.46 -14.69 25.26
C SER C 189 -15.15 -15.26 25.77
N LYS C 190 -14.83 -14.94 27.02
CA LYS C 190 -13.60 -15.41 27.64
C LYS C 190 -13.89 -15.87 29.06
N ALA C 191 -13.17 -16.91 29.49
CA ALA C 191 -13.31 -17.39 30.85
C ALA C 191 -12.84 -16.33 31.83
N GLU C 192 -13.58 -16.21 32.94
CA GLU C 192 -13.22 -15.21 33.95
C GLU C 192 -11.88 -15.55 34.60
N LYS C 193 -11.64 -16.82 34.91
CA LYS C 193 -10.30 -17.24 35.26
C LYS C 193 -10.21 -18.76 35.16
N VAL C 194 -8.96 -19.23 35.12
CA VAL C 194 -8.63 -20.64 35.00
C VAL C 194 -7.70 -21.00 36.15
N LEU C 195 -7.87 -22.21 36.70
CA LEU C 195 -7.06 -22.70 37.80
C LEU C 195 -6.57 -24.10 37.45
N GLN C 196 -5.30 -24.36 37.70
CA GLN C 196 -4.71 -25.67 37.48
C GLN C 196 -4.30 -26.27 38.82
N PHE C 197 -4.44 -27.58 38.94
CA PHE C 197 -4.03 -28.28 40.16
C PHE C 197 -3.34 -29.59 39.82
N ASP C 198 -2.50 -30.02 40.74
CA ASP C 198 -1.75 -31.27 40.59
C ASP C 198 -2.64 -32.44 41.00
N PRO C 199 -2.90 -33.40 40.11
CA PRO C 199 -3.76 -34.52 40.49
C PRO C 199 -3.17 -35.34 41.62
N GLY C 200 -4.04 -35.86 42.48
CA GLY C 200 -3.64 -36.67 43.60
C GLY C 200 -3.17 -35.90 44.81
N THR C 201 -3.00 -34.58 44.71
CA THR C 201 -2.54 -33.77 45.83
C THR C 201 -3.72 -33.28 46.65
N LYS C 202 -3.42 -32.73 47.83
CA LYS C 202 -4.42 -32.24 48.76
C LYS C 202 -4.13 -30.77 49.08
N ASN C 203 -4.86 -30.27 50.09
CA ASN C 203 -4.80 -28.86 50.46
C ASN C 203 -5.20 -27.96 49.30
N VAL C 204 -6.07 -28.49 48.43
CA VAL C 204 -6.61 -27.73 47.32
C VAL C 204 -7.45 -26.55 47.80
N THR C 205 -7.93 -26.58 49.04
CA THR C 205 -8.77 -25.51 49.56
C THR C 205 -8.12 -24.14 49.38
N ALA C 206 -6.81 -24.06 49.63
CA ALA C 206 -6.11 -22.80 49.46
C ALA C 206 -6.30 -22.27 48.04
N LEU C 207 -6.10 -23.12 47.05
CA LEU C 207 -6.43 -22.74 45.67
C LEU C 207 -7.89 -22.29 45.59
N LEU C 208 -8.80 -23.11 46.12
CA LEU C 208 -10.20 -22.72 46.17
C LEU C 208 -10.37 -21.38 46.86
N MET C 209 -9.57 -21.12 47.90
CA MET C 209 -9.60 -19.82 48.56
C MET C 209 -9.42 -18.69 47.57
N GLU C 210 -8.38 -18.76 46.73
CA GLU C 210 -8.14 -17.63 45.84
C GLU C 210 -9.14 -17.63 44.69
N ALA C 211 -9.96 -18.67 44.59
CA ALA C 211 -11.10 -18.67 43.68
C ALA C 211 -12.42 -18.48 44.39
N ARG C 212 -12.43 -18.44 45.73
CA ARG C 212 -13.68 -18.44 46.46
C ARG C 212 -14.42 -17.10 46.33
N GLU C 213 -13.70 -15.99 46.40
CA GLU C 213 -14.34 -14.69 46.54
C GLU C 213 -14.68 -14.04 45.21
N LEU C 214 -14.43 -14.70 44.08
CA LEU C 214 -14.75 -14.11 42.80
C LEU C 214 -16.26 -13.96 42.63
N GLU C 215 -16.65 -12.95 41.86
CA GLU C 215 -18.06 -12.60 41.72
C GLU C 215 -18.87 -13.66 40.97
N ALA C 216 -18.21 -14.59 40.29
CA ALA C 216 -18.91 -15.64 39.58
C ALA C 216 -19.55 -16.63 40.54
N ARG C 217 -20.55 -17.35 40.05
CA ARG C 217 -21.24 -18.35 40.84
C ARG C 217 -21.45 -19.69 40.14
N VAL C 218 -21.24 -19.77 38.83
CA VAL C 218 -21.30 -21.04 38.12
C VAL C 218 -19.89 -21.54 37.91
N ILE C 219 -19.70 -22.85 38.02
CA ILE C 219 -18.38 -23.46 38.07
C ILE C 219 -18.33 -24.60 37.07
N ILE C 220 -17.16 -24.82 36.48
CA ILE C 220 -16.87 -26.01 35.68
C ILE C 220 -15.61 -26.65 36.24
N LEU C 221 -15.47 -27.96 36.04
CA LEU C 221 -14.37 -28.71 36.63
C LEU C 221 -13.97 -29.85 35.72
N SER C 222 -12.69 -30.24 35.81
CA SER C 222 -12.17 -31.39 35.09
C SER C 222 -11.10 -32.03 35.94
N ALA C 223 -11.28 -33.31 36.27
CA ALA C 223 -10.36 -34.02 37.15
C ALA C 223 -10.62 -35.52 37.02
N SER C 224 -9.95 -36.29 37.88
CA SER C 224 -10.18 -37.72 37.96
C SER C 224 -11.09 -38.03 39.15
N GLU C 225 -11.45 -39.31 39.27
CA GLU C 225 -12.45 -39.72 40.25
C GLU C 225 -11.99 -39.41 41.68
N ASP C 226 -10.75 -39.80 42.01
CA ASP C 226 -10.23 -39.49 43.33
C ASP C 226 -10.07 -37.99 43.53
N ASP C 227 -9.59 -37.29 42.50
CA ASP C 227 -9.47 -35.84 42.58
C ASP C 227 -10.85 -35.20 42.72
N ALA C 228 -11.85 -35.74 42.00
CA ALA C 228 -13.21 -35.24 42.15
C ALA C 228 -13.72 -35.44 43.57
N ALA C 229 -13.42 -36.59 44.17
CA ALA C 229 -13.83 -36.82 45.55
C ALA C 229 -13.15 -35.84 46.49
N THR C 230 -11.85 -35.58 46.27
CA THR C 230 -11.13 -34.65 47.13
C THR C 230 -11.72 -33.24 47.03
N VAL C 231 -12.01 -32.79 45.81
CA VAL C 231 -12.55 -31.44 45.66
C VAL C 231 -13.97 -31.37 46.17
N TYR C 232 -14.74 -32.45 46.03
CA TYR C 232 -16.08 -32.49 46.62
C TYR C 232 -16.00 -32.36 48.13
N ARG C 233 -15.08 -33.09 48.75
CA ARG C 233 -14.89 -33.01 50.19
C ARG C 233 -14.52 -31.58 50.61
N ALA C 234 -13.58 -30.98 49.88
CA ALA C 234 -13.16 -29.62 50.19
C ALA C 234 -14.33 -28.65 50.08
N ALA C 235 -15.07 -28.72 48.98
CA ALA C 235 -16.19 -27.81 48.78
C ALA C 235 -17.26 -28.00 49.85
N ALA C 236 -17.52 -29.25 50.23
CA ALA C 236 -18.50 -29.52 51.27
C ALA C 236 -18.06 -28.92 52.60
N MET C 237 -16.79 -29.07 52.96
CA MET C 237 -16.31 -28.46 54.19
C MET C 237 -16.06 -26.97 54.04
N LEU C 238 -16.10 -26.43 52.83
CA LEU C 238 -15.97 -25.00 52.60
C LEU C 238 -17.31 -24.31 52.38
N ASN C 239 -18.42 -25.04 52.50
CA ASN C 239 -19.77 -24.50 52.30
C ASN C 239 -19.95 -23.97 50.88
N MET C 240 -19.29 -24.59 49.91
CA MET C 240 -19.44 -24.23 48.51
C MET C 240 -20.68 -24.83 47.86
N THR C 241 -21.42 -25.67 48.58
CA THR C 241 -22.65 -26.25 48.07
C THR C 241 -23.86 -25.35 48.29
N GLY C 242 -23.65 -24.15 48.79
CA GLY C 242 -24.74 -23.23 49.07
C GLY C 242 -25.39 -22.69 47.80
N SER C 243 -26.25 -21.70 48.00
CA SER C 243 -27.01 -21.13 46.90
C SER C 243 -26.09 -20.41 45.91
N GLY C 244 -26.52 -20.37 44.66
CA GLY C 244 -25.75 -19.72 43.62
C GLY C 244 -24.69 -20.60 43.00
N TYR C 245 -23.93 -21.29 43.85
CA TYR C 245 -22.87 -22.15 43.37
C TYR C 245 -23.44 -23.37 42.66
N VAL C 246 -22.80 -23.77 41.56
CA VAL C 246 -23.21 -24.92 40.78
C VAL C 246 -22.07 -25.31 39.86
N TRP C 247 -21.93 -26.60 39.58
CA TRP C 247 -20.88 -27.09 38.71
C TRP C 247 -21.30 -28.40 38.04
N LEU C 248 -20.51 -28.80 37.04
CA LEU C 248 -20.83 -29.95 36.20
C LEU C 248 -19.54 -30.63 35.78
N VAL C 249 -19.53 -31.96 35.81
CA VAL C 249 -18.36 -32.77 35.51
C VAL C 249 -18.78 -33.95 34.64
N GLY C 250 -17.82 -34.83 34.36
CA GLY C 250 -18.04 -35.99 33.52
C GLY C 250 -18.46 -37.21 34.33
N GLU C 251 -18.48 -38.36 33.65
CA GLU C 251 -18.95 -39.59 34.27
C GLU C 251 -18.00 -40.07 35.37
N ARG C 252 -16.69 -40.07 35.08
CA ARG C 252 -15.74 -40.59 36.07
C ARG C 252 -15.72 -39.77 37.35
N GLU C 253 -16.09 -38.49 37.28
CA GLU C 253 -16.11 -37.64 38.47
C GLU C 253 -17.38 -37.79 39.28
N ILE C 254 -18.35 -38.58 38.81
CA ILE C 254 -19.59 -38.80 39.54
C ILE C 254 -19.80 -40.30 39.75
N SER C 255 -18.69 -41.04 39.85
CA SER C 255 -18.74 -42.48 39.96
C SER C 255 -17.97 -42.94 41.19
N GLY C 256 -18.39 -44.07 41.75
CA GLY C 256 -17.71 -44.70 42.86
C GLY C 256 -17.54 -43.81 44.07
N ASN C 257 -16.30 -43.69 44.54
CA ASN C 257 -16.02 -42.84 45.70
C ASN C 257 -16.32 -41.37 45.39
N ALA C 258 -16.12 -40.96 44.14
CA ALA C 258 -16.46 -39.59 43.76
C ALA C 258 -17.96 -39.36 43.89
N LEU C 259 -18.77 -40.32 43.44
CA LEU C 259 -20.21 -40.22 43.66
C LEU C 259 -20.55 -40.24 45.14
N ARG C 260 -19.81 -41.03 45.92
CA ARG C 260 -20.04 -41.09 47.36
C ARG C 260 -19.80 -39.73 48.01
N TYR C 261 -18.74 -39.04 47.60
CA TYR C 261 -18.40 -37.74 48.15
C TYR C 261 -19.14 -36.59 47.48
N ALA C 262 -19.84 -36.83 46.39
CA ALA C 262 -20.54 -35.77 45.69
C ALA C 262 -21.70 -35.28 46.54
N PRO C 263 -22.04 -33.99 46.48
CA PRO C 263 -23.25 -33.51 47.17
C PRO C 263 -24.50 -33.92 46.40
N ASP C 264 -25.65 -33.72 47.04
CA ASP C 264 -26.91 -33.96 46.38
C ASP C 264 -27.40 -32.70 45.68
N GLY C 265 -28.24 -32.88 44.67
CA GLY C 265 -28.66 -31.80 43.82
C GLY C 265 -27.66 -31.41 42.75
N ILE C 266 -26.57 -32.16 42.62
CA ILE C 266 -25.54 -31.89 41.62
C ILE C 266 -25.98 -32.48 40.29
N ILE C 267 -25.69 -31.78 39.21
CA ILE C 267 -26.00 -32.21 37.86
C ILE C 267 -24.84 -33.04 37.33
N GLY C 268 -25.16 -34.00 36.46
CA GLY C 268 -24.17 -34.89 35.91
C GLY C 268 -24.39 -35.25 34.46
N LEU C 269 -23.33 -35.69 33.79
CA LEU C 269 -23.36 -36.01 32.36
C LEU C 269 -23.21 -37.51 32.17
N GLN C 270 -23.99 -38.05 31.24
CA GLN C 270 -24.04 -39.49 31.02
C GLN C 270 -24.01 -39.78 29.54
N LEU C 271 -23.31 -40.86 29.19
CA LEU C 271 -23.30 -41.34 27.82
C LEU C 271 -24.57 -42.13 27.52
N ILE C 272 -24.98 -42.11 26.25
CA ILE C 272 -26.13 -42.91 25.84
C ILE C 272 -25.76 -44.38 25.85
N ASN C 273 -24.49 -44.69 25.57
CA ASN C 273 -24.01 -46.05 25.38
C ASN C 273 -22.71 -46.25 26.14
N GLY C 274 -22.69 -45.88 27.42
CA GLY C 274 -21.44 -45.89 28.17
C GLY C 274 -20.84 -47.28 28.33
N LYS C 275 -21.65 -48.27 28.69
CA LYS C 275 -21.11 -49.54 29.16
C LYS C 275 -21.45 -50.73 28.27
N ASN C 276 -22.19 -50.53 27.18
CA ASN C 276 -22.57 -51.65 26.30
C ASN C 276 -21.49 -51.84 25.26
N GLU C 277 -20.43 -52.54 25.67
CA GLU C 277 -19.32 -52.85 24.76
C GLU C 277 -19.80 -53.61 23.53
N SER C 278 -20.85 -54.44 23.70
CA SER C 278 -21.34 -55.25 22.58
C SER C 278 -21.86 -54.37 21.44
N ALA C 279 -22.59 -53.29 21.78
CA ALA C 279 -23.07 -52.39 20.74
C ALA C 279 -21.91 -51.73 20.02
N HIS C 280 -20.87 -51.34 20.77
CA HIS C 280 -19.67 -50.77 20.15
C HIS C 280 -19.06 -51.76 19.16
N ILE C 281 -18.96 -53.02 19.56
CA ILE C 281 -18.39 -54.03 18.67
C ILE C 281 -19.25 -54.19 17.42
N SER C 282 -20.57 -54.23 17.60
CA SER C 282 -21.46 -54.39 16.45
C SER C 282 -21.29 -53.25 15.46
N ASP C 283 -21.33 -52.01 15.94
CA ASP C 283 -21.17 -50.87 15.04
C ASP C 283 -19.79 -50.84 14.41
N ALA C 284 -18.76 -51.23 15.17
CA ALA C 284 -17.41 -51.26 14.62
C ALA C 284 -17.30 -52.28 13.50
N VAL C 285 -17.87 -53.48 13.70
CA VAL C 285 -17.85 -54.48 12.64
C VAL C 285 -18.60 -53.97 11.41
N GLY C 286 -19.74 -53.32 11.63
CA GLY C 286 -20.49 -52.79 10.49
C GLY C 286 -19.70 -51.78 9.69
N VAL C 287 -19.09 -50.81 10.38
CA VAL C 287 -18.34 -49.77 9.68
C VAL C 287 -17.09 -50.36 9.02
N VAL C 288 -16.46 -51.33 9.67
CA VAL C 288 -15.31 -51.99 9.07
C VAL C 288 -15.71 -52.73 7.79
N ALA C 289 -16.86 -53.41 7.82
CA ALA C 289 -17.33 -54.10 6.62
C ALA C 289 -17.60 -53.10 5.51
N GLN C 290 -18.24 -51.98 5.84
CA GLN C 290 -18.49 -50.95 4.83
C GLN C 290 -17.19 -50.44 4.23
N ALA C 291 -16.20 -50.13 5.07
CA ALA C 291 -14.94 -49.58 4.59
C ALA C 291 -14.20 -50.59 3.73
N VAL C 292 -14.16 -51.85 4.17
CA VAL C 292 -13.41 -52.85 3.41
C VAL C 292 -14.11 -53.14 2.09
N HIS C 293 -15.44 -53.12 2.05
CA HIS C 293 -16.14 -53.33 0.79
C HIS C 293 -15.94 -52.15 -0.16
N GLU C 294 -15.85 -50.93 0.37
CA GLU C 294 -15.48 -49.80 -0.46
C GLU C 294 -14.04 -49.92 -0.93
N LEU C 295 -13.18 -50.57 -0.15
CA LEU C 295 -11.79 -50.74 -0.55
C LEU C 295 -11.65 -51.75 -1.69
N LEU C 296 -12.35 -52.88 -1.59
CA LEU C 296 -12.17 -53.97 -2.53
C LEU C 296 -12.62 -53.64 -3.94
N GLU C 297 -13.43 -52.60 -4.14
CA GLU C 297 -13.76 -52.19 -5.50
C GLU C 297 -12.64 -51.39 -6.15
N LYS C 298 -11.59 -51.06 -5.42
CA LYS C 298 -10.44 -50.34 -5.95
C LYS C 298 -9.33 -51.31 -6.31
N GLU C 299 -8.36 -50.81 -7.06
CA GLU C 299 -7.23 -51.61 -7.52
C GLU C 299 -6.00 -51.32 -6.67
N ASN C 300 -4.89 -51.99 -7.00
CA ASN C 300 -3.60 -51.77 -6.36
C ASN C 300 -3.68 -52.02 -4.85
N ILE C 301 -4.49 -53.00 -4.45
CA ILE C 301 -4.64 -53.32 -3.04
C ILE C 301 -3.42 -54.11 -2.58
N THR C 302 -2.70 -53.57 -1.61
CA THR C 302 -1.49 -54.18 -1.09
C THR C 302 -1.84 -54.94 0.19
N ASP C 303 -1.39 -56.19 0.25
CA ASP C 303 -1.60 -56.98 1.45
C ASP C 303 -0.76 -56.44 2.60
N PRO C 304 -1.29 -56.45 3.82
CA PRO C 304 -0.50 -56.01 4.96
C PRO C 304 0.68 -56.93 5.17
N PRO C 305 1.78 -56.42 5.71
CA PRO C 305 2.97 -57.25 5.89
C PRO C 305 2.69 -58.44 6.79
N ARG C 306 3.32 -59.57 6.46
CA ARG C 306 3.13 -60.83 7.18
C ARG C 306 4.33 -61.05 8.08
N GLY C 307 4.14 -60.81 9.37
CA GLY C 307 5.22 -60.98 10.33
C GLY C 307 6.05 -59.72 10.49
N CYS C 308 6.32 -59.32 11.73
CA CYS C 308 7.13 -58.14 11.95
C CYS C 308 8.53 -58.31 11.37
N VAL C 309 9.14 -59.47 11.60
CA VAL C 309 10.47 -59.73 11.09
C VAL C 309 10.39 -60.00 9.59
N GLY C 310 11.29 -59.40 8.83
CA GLY C 310 11.30 -59.54 7.38
C GLY C 310 10.59 -58.42 6.64
N ASN C 311 9.72 -57.67 7.30
CA ASN C 311 9.06 -56.51 6.72
C ASN C 311 9.35 -55.32 7.61
N THR C 312 9.94 -54.27 7.03
CA THR C 312 10.29 -53.07 7.79
C THR C 312 9.83 -51.79 7.12
N ASN C 313 9.07 -51.87 6.04
CA ASN C 313 8.63 -50.70 5.30
C ASN C 313 7.16 -50.41 5.57
N ILE C 314 6.64 -49.41 4.88
CA ILE C 314 5.26 -48.95 5.07
C ILE C 314 4.30 -49.87 4.33
N TRP C 315 3.06 -49.91 4.81
CA TRP C 315 1.96 -50.52 4.08
C TRP C 315 1.28 -49.43 3.26
N LYS C 316 0.97 -49.73 2.00
CA LYS C 316 0.58 -48.67 1.08
C LYS C 316 -0.89 -48.29 1.24
N THR C 317 -1.78 -49.28 1.26
CA THR C 317 -3.20 -48.97 1.35
C THR C 317 -3.62 -48.57 2.75
N GLY C 318 -2.74 -48.68 3.73
CA GLY C 318 -3.02 -48.24 5.08
C GLY C 318 -3.49 -46.80 5.15
N PRO C 319 -2.65 -45.87 4.69
CA PRO C 319 -3.12 -44.48 4.56
C PRO C 319 -4.31 -44.35 3.63
N LEU C 320 -4.37 -45.15 2.55
CA LEU C 320 -5.55 -45.15 1.70
C LEU C 320 -6.78 -45.62 2.48
N PHE C 321 -6.61 -46.66 3.30
CA PHE C 321 -7.72 -47.15 4.10
C PHE C 321 -8.20 -46.09 5.08
N LYS C 322 -7.27 -45.36 5.70
CA LYS C 322 -7.68 -44.30 6.60
C LYS C 322 -8.37 -43.17 5.86
N ARG C 323 -7.93 -42.88 4.62
CA ARG C 323 -8.58 -41.86 3.82
C ARG C 323 -10.01 -42.26 3.49
N VAL C 324 -10.23 -43.52 3.16
CA VAL C 324 -11.58 -43.94 2.80
C VAL C 324 -12.39 -44.25 4.05
N LEU C 325 -11.75 -44.26 5.22
CA LEU C 325 -12.46 -44.54 6.46
C LEU C 325 -12.86 -43.25 7.16
N MET C 326 -12.10 -42.18 6.94
CA MET C 326 -12.62 -40.84 7.25
C MET C 326 -13.91 -40.59 6.49
N SER C 327 -13.92 -40.92 5.21
CA SER C 327 -15.10 -40.74 4.38
C SER C 327 -16.18 -41.77 4.65
N SER C 328 -15.89 -42.80 5.45
CA SER C 328 -16.88 -43.83 5.72
C SER C 328 -17.89 -43.33 6.74
N LYS C 329 -19.14 -43.17 6.32
CA LYS C 329 -20.23 -42.78 7.20
C LYS C 329 -21.20 -43.95 7.32
N TYR C 330 -21.10 -44.67 8.43
CA TYR C 330 -21.79 -45.95 8.63
C TYR C 330 -23.20 -45.69 9.14
N ALA C 331 -24.19 -45.86 8.27
CA ALA C 331 -25.58 -45.61 8.61
C ALA C 331 -26.22 -46.72 9.43
N ASP C 332 -25.78 -47.97 9.25
CA ASP C 332 -26.43 -49.11 9.88
C ASP C 332 -26.01 -49.31 11.33
N GLY C 333 -25.47 -48.28 11.97
CA GLY C 333 -25.14 -48.38 13.37
C GLY C 333 -26.37 -48.65 14.22
N VAL C 334 -26.22 -49.60 15.14
CA VAL C 334 -27.29 -49.88 16.10
C VAL C 334 -27.58 -48.65 16.93
N THR C 335 -26.55 -47.89 17.27
CA THR C 335 -26.69 -46.61 17.96
C THR C 335 -26.95 -45.45 17.00
N GLY C 336 -27.37 -45.73 15.78
CA GLY C 336 -27.68 -44.70 14.82
C GLY C 336 -26.60 -44.52 13.77
N ARG C 337 -26.81 -43.52 12.92
CA ARG C 337 -25.86 -43.22 11.86
C ARG C 337 -24.53 -42.78 12.46
N VAL C 338 -23.48 -43.55 12.20
CA VAL C 338 -22.16 -43.30 12.75
C VAL C 338 -21.35 -42.51 11.72
N GLU C 339 -21.16 -41.23 11.97
CA GLU C 339 -20.38 -40.36 11.09
C GLU C 339 -19.15 -39.87 11.83
N PHE C 340 -17.98 -40.27 11.34
CA PHE C 340 -16.72 -39.81 11.92
C PHE C 340 -16.51 -38.33 11.62
N ASN C 341 -15.85 -37.65 12.55
CA ASN C 341 -15.48 -36.26 12.33
C ASN C 341 -14.21 -36.20 11.48
N GLU C 342 -13.60 -35.02 11.40
CA GLU C 342 -12.32 -34.88 10.72
C GLU C 342 -11.23 -35.72 11.37
N ASP C 343 -11.37 -36.05 12.65
CA ASP C 343 -10.37 -36.79 13.40
C ASP C 343 -10.84 -38.19 13.78
N GLY C 344 -11.85 -38.71 13.09
CA GLY C 344 -12.32 -40.06 13.39
C GLY C 344 -13.21 -40.16 14.60
N ASP C 345 -13.93 -39.10 14.95
CA ASP C 345 -14.81 -39.08 16.11
C ASP C 345 -16.25 -38.99 15.65
N ARG C 346 -17.14 -39.71 16.33
CA ARG C 346 -18.56 -39.66 16.01
C ARG C 346 -19.09 -38.26 16.29
N LYS C 347 -19.52 -37.58 15.23
CA LYS C 347 -20.11 -36.26 15.36
C LYS C 347 -21.53 -36.37 15.92
N PHE C 348 -22.14 -35.20 16.18
CA PHE C 348 -23.51 -35.10 16.69
C PHE C 348 -23.78 -36.11 17.80
N ALA C 349 -23.10 -35.95 18.93
CA ALA C 349 -23.05 -36.98 19.96
C ALA C 349 -24.40 -37.15 20.64
N ASN C 350 -24.56 -38.30 21.29
CA ASN C 350 -25.79 -38.62 22.02
C ASN C 350 -25.50 -38.69 23.52
N TYR C 351 -25.85 -37.64 24.24
CA TYR C 351 -25.60 -37.59 25.67
C TYR C 351 -26.90 -37.44 26.44
N SER C 352 -26.79 -37.41 27.77
CA SER C 352 -27.91 -37.15 28.65
C SER C 352 -27.38 -36.41 29.87
N ILE C 353 -28.27 -35.66 30.53
CA ILE C 353 -27.93 -34.93 31.74
C ILE C 353 -28.88 -35.38 32.84
N MET C 354 -28.31 -35.86 33.94
CA MET C 354 -29.05 -36.35 35.09
C MET C 354 -28.87 -35.35 36.22
N ASN C 355 -29.69 -35.49 37.26
CA ASN C 355 -29.50 -34.73 38.50
C ASN C 355 -29.31 -35.72 39.65
N LEU C 356 -28.28 -35.49 40.46
CA LEU C 356 -28.02 -36.34 41.62
C LEU C 356 -28.94 -35.88 42.75
N GLN C 357 -30.15 -36.45 42.77
CA GLN C 357 -31.13 -36.16 43.80
C GLN C 357 -31.22 -37.35 44.73
N ASN C 358 -30.87 -37.14 46.00
CA ASN C 358 -30.91 -38.16 47.03
C ASN C 358 -30.09 -39.39 46.63
N ARG C 359 -28.84 -39.14 46.29
CA ARG C 359 -27.84 -40.18 46.00
C ARG C 359 -28.17 -40.96 44.73
N LYS C 360 -29.09 -40.47 43.90
CA LYS C 360 -29.39 -41.12 42.62
C LYS C 360 -29.44 -40.08 41.53
N LEU C 361 -28.90 -40.44 40.36
CA LEU C 361 -28.96 -39.56 39.20
C LEU C 361 -30.31 -39.70 38.53
N VAL C 362 -30.99 -38.57 38.31
CA VAL C 362 -32.34 -38.57 37.73
C VAL C 362 -32.37 -37.67 36.52
N GLN C 363 -33.11 -38.11 35.50
CA GLN C 363 -33.10 -37.45 34.20
C GLN C 363 -33.57 -36.01 34.29
N VAL C 364 -32.83 -35.10 33.68
CA VAL C 364 -33.24 -33.71 33.61
C VAL C 364 -33.12 -33.20 32.18
N GLY C 365 -32.40 -33.94 31.33
CA GLY C 365 -32.29 -33.54 29.95
C GLY C 365 -31.66 -34.61 29.10
N ILE C 366 -31.92 -34.51 27.80
CA ILE C 366 -31.28 -35.34 26.80
C ILE C 366 -30.52 -34.43 25.84
N TYR C 367 -29.25 -34.75 25.59
CA TYR C 367 -28.43 -33.98 24.66
C TYR C 367 -28.43 -34.69 23.32
N ASN C 368 -29.13 -34.09 22.36
CA ASN C 368 -28.97 -34.48 20.98
C ASN C 368 -27.80 -33.68 20.39
N GLY C 369 -27.34 -34.10 19.22
CA GLY C 369 -26.04 -33.75 18.69
C GLY C 369 -25.55 -32.33 18.91
N THR C 370 -26.47 -31.36 18.96
CA THR C 370 -26.08 -29.98 19.14
C THR C 370 -26.77 -29.27 20.29
N HIS C 371 -27.85 -29.81 20.85
CA HIS C 371 -28.55 -29.09 21.90
C HIS C 371 -29.12 -30.08 22.89
N VAL C 372 -29.94 -29.57 23.82
CA VAL C 372 -30.50 -30.34 24.91
C VAL C 372 -31.99 -30.05 25.02
N ILE C 373 -32.77 -31.08 25.31
CA ILE C 373 -34.19 -30.95 25.60
C ILE C 373 -34.43 -31.47 27.02
N PRO C 374 -35.01 -30.68 27.91
CA PRO C 374 -35.36 -31.21 29.24
C PRO C 374 -36.72 -31.89 29.21
N ASN C 375 -36.90 -32.84 30.13
CA ASN C 375 -38.13 -33.63 30.18
C ASN C 375 -38.85 -33.48 31.51
N ASP C 376 -38.18 -33.63 32.63
CA ASP C 376 -38.81 -33.61 33.95
C ASP C 376 -37.71 -33.45 34.99
N ARG C 377 -38.07 -33.61 36.26
CA ARG C 377 -37.13 -33.50 37.38
C ARG C 377 -36.43 -32.14 37.35
N LYS C 378 -37.23 -31.10 37.57
CA LYS C 378 -36.71 -29.74 37.53
C LYS C 378 -35.50 -29.61 38.45
N ILE C 379 -34.46 -28.95 37.93
CA ILE C 379 -33.15 -28.98 38.57
C ILE C 379 -33.23 -28.42 39.97
N ILE C 380 -32.96 -29.28 40.96
CA ILE C 380 -32.86 -28.87 42.35
C ILE C 380 -31.41 -28.49 42.59
N TRP C 381 -31.14 -27.20 42.59
CA TRP C 381 -29.80 -26.68 42.71
C TRP C 381 -29.25 -26.92 44.11
N PRO C 382 -27.93 -27.01 44.26
CA PRO C 382 -27.35 -27.41 45.56
C PRO C 382 -27.72 -26.48 46.70
N GLY C 383 -28.08 -25.23 46.43
CA GLY C 383 -28.49 -24.33 47.48
C GLY C 383 -29.84 -24.63 48.10
N GLY C 384 -30.56 -25.62 47.56
CA GLY C 384 -31.85 -26.00 48.10
C GLY C 384 -33.04 -25.45 47.34
N GLU C 385 -32.82 -24.77 46.21
CA GLU C 385 -33.92 -24.22 45.44
C GLU C 385 -34.15 -25.04 44.18
N THR C 386 -35.33 -24.87 43.59
CA THR C 386 -35.65 -25.48 42.31
C THR C 386 -35.67 -24.49 41.16
N GLU C 387 -35.54 -23.20 41.43
CA GLU C 387 -35.51 -22.20 40.38
C GLU C 387 -34.08 -21.88 40.00
N LYS C 388 -33.87 -21.56 38.72
CA LYS C 388 -32.52 -21.34 38.21
C LYS C 388 -31.91 -20.11 38.87
N PRO C 389 -30.78 -20.23 39.55
CA PRO C 389 -30.08 -19.06 40.08
C PRO C 389 -29.12 -18.48 39.06
N ARG C 390 -28.93 -17.17 39.15
CA ARG C 390 -27.96 -16.48 38.30
C ARG C 390 -26.56 -16.96 38.65
N GLY C 391 -25.75 -17.22 37.62
CA GLY C 391 -24.41 -17.71 37.82
C GLY C 391 -23.43 -16.60 38.12
N TYR C 392 -23.85 -15.66 38.95
CA TYR C 392 -23.07 -14.47 39.27
C TYR C 392 -23.45 -13.97 40.66
N GLN C 393 -22.54 -13.23 41.28
CA GLN C 393 -22.80 -12.63 42.58
C GLN C 393 -22.00 -11.34 42.67
N MET C 394 -22.67 -10.22 42.45
CA MET C 394 -22.01 -8.93 42.53
C MET C 394 -21.51 -8.69 43.96
N SER C 395 -20.34 -8.09 44.07
CA SER C 395 -19.70 -7.86 45.35
C SER C 395 -19.74 -6.37 45.67
N THR C 396 -20.35 -6.03 46.80
CA THR C 396 -20.28 -4.66 47.30
C THR C 396 -18.90 -4.35 47.86
N ARG C 397 -18.21 -5.34 48.40
CA ARG C 397 -16.86 -5.18 48.95
C ARG C 397 -15.88 -5.25 47.79
N LEU C 398 -15.17 -4.15 47.54
CA LEU C 398 -14.30 -4.03 46.39
C LEU C 398 -12.87 -3.74 46.81
N LYS C 399 -11.94 -4.08 45.92
CA LYS C 399 -10.51 -3.96 46.19
C LYS C 399 -9.95 -2.72 45.51
N ILE C 400 -9.07 -2.01 46.22
CA ILE C 400 -8.52 -0.74 45.78
C ILE C 400 -7.01 -0.79 45.89
N VAL C 401 -6.32 -0.43 44.80
CA VAL C 401 -4.87 -0.39 44.76
C VAL C 401 -4.44 1.03 44.40
N THR C 402 -3.33 1.46 44.99
CA THR C 402 -2.87 2.84 44.86
C THR C 402 -1.34 2.85 44.85
N ILE C 403 -0.77 4.03 44.58
CA ILE C 403 0.67 4.23 44.65
C ILE C 403 0.92 5.56 45.37
N HIS C 404 2.01 5.61 46.12
CA HIS C 404 2.33 6.81 46.90
C HIS C 404 2.65 7.97 45.98
N GLN C 405 1.96 9.09 46.19
CA GLN C 405 2.24 10.32 45.45
C GLN C 405 1.70 11.48 46.29
N GLU C 406 2.60 12.18 46.98
CA GLU C 406 2.22 13.14 48.01
C GLU C 406 1.15 14.15 47.60
N PRO C 407 1.24 14.83 46.45
CA PRO C 407 0.16 15.76 46.09
C PRO C 407 -1.18 15.08 45.93
N PHE C 408 -1.20 13.78 45.68
CA PHE C 408 -2.44 13.04 45.52
C PHE C 408 -2.64 11.95 46.55
N VAL C 409 -1.56 11.39 47.09
CA VAL C 409 -1.62 10.30 48.06
C VAL C 409 -0.63 10.63 49.17
N TYR C 410 -1.13 11.07 50.32
CA TYR C 410 -0.29 11.28 51.49
C TYR C 410 -0.29 10.02 52.33
N VAL C 411 0.90 9.50 52.60
CA VAL C 411 1.10 8.28 53.39
C VAL C 411 1.84 8.65 54.66
N LYS C 412 1.31 8.22 55.80
CA LYS C 412 1.98 8.49 57.06
C LYS C 412 1.87 7.27 57.97
N PRO C 413 2.91 6.98 58.74
CA PRO C 413 2.83 5.88 59.69
C PRO C 413 1.78 6.13 60.75
N THR C 414 1.06 5.07 61.12
CA THR C 414 0.09 5.13 62.20
C THR C 414 0.78 4.95 63.54
N MET C 415 0.16 5.51 64.58
CA MET C 415 0.72 5.41 65.91
C MET C 415 0.18 4.16 66.59
N SER C 416 0.37 4.06 67.91
CA SER C 416 0.14 2.79 68.61
C SER C 416 -1.30 2.30 68.54
N ASP C 417 -2.28 3.21 68.48
CA ASP C 417 -3.68 2.81 68.51
C ASP C 417 -4.13 2.11 67.23
N GLY C 418 -3.24 1.93 66.26
CA GLY C 418 -3.61 1.40 64.97
C GLY C 418 -3.90 2.45 63.93
N THR C 419 -4.17 3.68 64.34
CA THR C 419 -4.37 4.82 63.45
C THR C 419 -3.27 5.84 63.69
N CYS C 420 -3.35 6.95 62.96
CA CYS C 420 -2.44 8.07 63.15
C CYS C 420 -3.23 9.29 63.61
N LYS C 421 -2.52 10.23 64.22
CA LYS C 421 -3.18 11.38 64.82
C LYS C 421 -3.92 12.19 63.78
N GLU C 422 -5.25 12.14 63.84
CA GLU C 422 -6.08 12.91 62.93
C GLU C 422 -6.04 14.38 63.33
N GLU C 423 -6.09 15.26 62.33
CA GLU C 423 -6.07 16.69 62.54
C GLU C 423 -7.07 17.34 61.62
N PHE C 424 -7.51 18.54 62.02
CA PHE C 424 -8.50 19.29 61.26
C PHE C 424 -7.82 20.29 60.35
N THR C 425 -8.46 20.56 59.22
CA THR C 425 -7.91 21.48 58.24
C THR C 425 -7.98 22.92 58.76
N VAL C 426 -7.48 23.84 57.93
CA VAL C 426 -7.62 25.26 58.25
C VAL C 426 -9.09 25.64 58.35
N ASN C 427 -9.92 25.08 57.47
CA ASN C 427 -11.35 25.31 57.56
C ASN C 427 -11.94 24.68 58.80
N GLY C 428 -11.23 23.76 59.43
CA GLY C 428 -11.67 23.10 60.64
C GLY C 428 -12.18 21.69 60.44
N ASP C 429 -12.41 21.26 59.21
CA ASP C 429 -12.85 19.89 59.02
C ASP C 429 -11.65 18.94 59.13
N PRO C 430 -11.86 17.74 59.67
CA PRO C 430 -10.76 16.77 59.74
C PRO C 430 -10.45 16.19 58.37
N VAL C 431 -9.23 15.67 58.24
CA VAL C 431 -8.84 14.97 57.03
C VAL C 431 -9.22 13.51 57.16
N LYS C 432 -9.84 12.96 56.12
CA LYS C 432 -10.30 11.59 56.15
C LYS C 432 -9.15 10.65 55.84
N LYS C 433 -8.82 9.78 56.79
CA LYS C 433 -7.65 8.93 56.70
C LYS C 433 -8.07 7.47 56.72
N VAL C 434 -7.65 6.75 55.68
CA VAL C 434 -7.98 5.35 55.51
C VAL C 434 -6.78 4.50 55.90
N ILE C 435 -7.05 3.25 56.24
CA ILE C 435 -6.00 2.31 56.63
C ILE C 435 -5.47 1.64 55.37
N CYS C 436 -4.26 2.00 54.98
CA CYS C 436 -3.61 1.44 53.80
C CYS C 436 -2.38 0.66 54.26
N THR C 437 -2.29 -0.59 53.79
CA THR C 437 -1.23 -1.48 54.25
C THR C 437 -0.07 -1.47 53.26
N GLY C 438 1.10 -1.04 53.76
CA GLY C 438 2.30 -0.98 52.95
C GLY C 438 3.45 -1.74 53.56
N PRO C 439 4.22 -2.44 52.73
CA PRO C 439 5.32 -3.26 53.24
C PRO C 439 6.51 -2.48 53.79
N ASN C 440 6.26 -1.53 54.71
CA ASN C 440 7.31 -0.82 55.44
C ASN C 440 8.36 -0.24 54.47
N ASP C 441 7.89 0.68 53.63
CA ASP C 441 8.74 1.34 52.64
C ASP C 441 9.38 0.30 51.71
N THR C 442 8.51 -0.35 50.95
CA THR C 442 8.88 -1.51 50.13
C THR C 442 10.18 -1.28 49.37
N SER C 443 11.17 -2.13 49.67
CA SER C 443 12.51 -2.02 49.12
C SER C 443 13.31 -3.25 49.54
N PRO C 444 14.46 -3.52 48.93
CA PRO C 444 15.32 -4.60 49.45
C PRO C 444 15.74 -4.38 50.90
N GLY C 445 15.91 -3.12 51.31
CA GLY C 445 16.19 -2.83 52.70
C GLY C 445 15.00 -2.87 53.63
N SER C 446 13.80 -3.09 53.08
CA SER C 446 12.58 -3.21 53.85
C SER C 446 12.36 -4.67 54.27
N PRO C 447 11.83 -4.89 55.48
CA PRO C 447 11.52 -6.26 55.90
C PRO C 447 10.28 -6.83 55.22
N ARG C 448 9.63 -6.07 54.34
CA ARG C 448 8.41 -6.48 53.63
C ARG C 448 7.27 -6.82 54.58
N HIS C 449 7.33 -6.36 55.83
CA HIS C 449 6.21 -6.54 56.74
C HIS C 449 5.20 -5.42 56.49
N THR C 450 4.02 -5.81 55.99
CA THR C 450 3.07 -4.86 55.44
C THR C 450 2.28 -4.23 56.58
N VAL C 451 2.80 -3.13 57.13
CA VAL C 451 2.18 -2.44 58.25
C VAL C 451 1.00 -1.60 57.75
N PRO C 452 -0.08 -1.51 58.51
CA PRO C 452 -1.21 -0.65 58.10
C PRO C 452 -1.02 0.82 58.43
N GLN C 453 -0.35 1.59 57.58
CA GLN C 453 -0.22 3.02 57.80
C GLN C 453 -1.52 3.71 57.37
N CYS C 454 -1.54 5.04 57.39
CA CYS C 454 -2.73 5.81 57.03
C CYS C 454 -2.48 6.60 55.76
N CYS C 455 -3.44 6.53 54.84
CA CYS C 455 -3.41 7.27 53.59
C CYS C 455 -4.55 8.29 53.57
N TYR C 456 -4.26 9.47 53.03
CA TYR C 456 -5.25 10.53 52.97
C TYR C 456 -4.88 11.48 51.84
N GLY C 457 -5.87 12.26 51.40
CA GLY C 457 -5.60 13.31 50.45
C GLY C 457 -6.65 13.36 49.36
N PHE C 458 -6.20 13.89 48.21
CA PHE C 458 -7.07 14.14 47.07
C PHE C 458 -7.78 12.86 46.61
N CYS C 459 -6.99 11.87 46.21
CA CYS C 459 -7.57 10.65 45.67
C CYS C 459 -8.46 9.98 46.70
N ILE C 460 -8.01 9.88 47.94
CA ILE C 460 -8.83 9.28 48.99
C ILE C 460 -10.14 10.04 49.14
N ASP C 461 -10.07 11.37 49.05
CA ASP C 461 -11.29 12.18 49.14
C ASP C 461 -12.27 11.81 48.04
N LEU C 462 -11.79 11.73 46.79
CA LEU C 462 -12.71 11.44 45.71
C LEU C 462 -13.22 10.01 45.76
N LEU C 463 -12.38 9.06 46.20
CA LEU C 463 -12.86 7.70 46.45
C LEU C 463 -13.99 7.68 47.45
N ILE C 464 -13.82 8.33 48.59
CA ILE C 464 -14.90 8.26 49.58
C ILE C 464 -16.15 8.97 49.06
N LYS C 465 -15.97 10.05 48.30
CA LYS C 465 -17.12 10.74 47.71
C LYS C 465 -17.90 9.82 46.79
N LEU C 466 -17.22 9.23 45.80
CA LEU C 466 -17.91 8.36 44.86
C LEU C 466 -18.40 7.08 45.53
N ALA C 467 -17.72 6.64 46.59
CA ALA C 467 -18.15 5.44 47.30
C ALA C 467 -19.48 5.67 48.00
N ARG C 468 -19.56 6.73 48.81
CA ARG C 468 -20.85 7.04 49.42
C ARG C 468 -21.89 7.40 48.36
N THR C 469 -21.45 7.84 47.18
CA THR C 469 -22.39 8.02 46.08
C THR C 469 -22.97 6.69 45.62
N MET C 470 -22.14 5.66 45.52
CA MET C 470 -22.58 4.33 45.10
C MET C 470 -22.77 3.36 46.25
N ASN C 471 -22.47 3.76 47.49
CA ASN C 471 -22.79 3.03 48.71
C ASN C 471 -21.94 1.77 48.89
N PHE C 472 -21.07 1.50 47.91
CA PHE C 472 -20.30 0.27 47.95
C PHE C 472 -19.16 0.41 48.96
N THR C 473 -18.97 -0.65 49.73
CA THR C 473 -17.85 -0.70 50.67
C THR C 473 -16.54 -0.89 49.90
N TYR C 474 -15.43 -0.64 50.59
CA TYR C 474 -14.15 -0.56 49.92
C TYR C 474 -13.05 -1.06 50.84
N GLU C 475 -12.00 -1.60 50.21
CA GLU C 475 -10.76 -1.95 50.90
C GLU C 475 -9.60 -1.31 50.17
N VAL C 476 -8.85 -0.47 50.88
CA VAL C 476 -7.83 0.38 50.27
C VAL C 476 -6.46 -0.11 50.72
N HIS C 477 -5.52 -0.14 49.77
CA HIS C 477 -4.15 -0.52 50.03
C HIS C 477 -3.33 -0.14 48.82
N LEU C 478 -2.12 0.34 49.04
CA LEU C 478 -1.30 0.74 47.90
C LEU C 478 -0.70 -0.50 47.21
N VAL C 479 0.00 -0.25 46.11
CA VAL C 479 0.56 -1.33 45.32
C VAL C 479 1.75 -1.94 46.07
N ALA C 480 2.01 -3.22 45.81
CA ALA C 480 3.08 -3.91 46.50
C ALA C 480 4.44 -3.35 46.12
N ASP C 481 4.79 -3.41 44.83
CA ASP C 481 6.13 -3.05 44.39
C ASP C 481 6.37 -1.56 44.32
N GLY C 482 5.32 -0.74 44.34
CA GLY C 482 5.50 0.69 44.25
C GLY C 482 5.84 1.21 42.87
N LYS C 483 5.65 0.40 41.84
CA LYS C 483 5.97 0.79 40.47
C LYS C 483 4.72 0.73 39.60
N PHE C 484 4.65 1.64 38.63
CA PHE C 484 3.50 1.68 37.73
C PHE C 484 3.37 0.38 36.93
N GLY C 485 4.38 0.06 36.15
CA GLY C 485 4.37 -1.18 35.39
C GLY C 485 4.26 -0.93 33.90
N THR C 486 4.91 -1.78 33.13
CA THR C 486 4.89 -1.70 31.67
C THR C 486 4.83 -3.10 31.09
N GLN C 487 4.44 -3.17 29.82
CA GLN C 487 4.47 -4.43 29.09
C GLN C 487 5.92 -4.86 28.89
N GLU C 488 6.33 -5.91 29.58
CA GLU C 488 7.71 -6.39 29.52
C GLU C 488 7.72 -7.89 29.30
N ARG C 489 8.80 -8.38 28.70
CA ARG C 489 8.95 -9.80 28.46
C ARG C 489 9.19 -10.53 29.78
N VAL C 490 8.69 -11.76 29.89
CA VAL C 490 8.90 -12.57 31.08
C VAL C 490 10.37 -12.97 31.13
N ASN C 491 11.11 -12.37 32.05
CA ASN C 491 12.49 -12.76 32.36
C ASN C 491 13.33 -13.01 31.12
N ASN C 492 13.46 -14.29 30.74
CA ASN C 492 14.31 -14.68 29.62
C ASN C 492 13.59 -14.52 28.29
N SER C 493 13.11 -13.31 28.02
CA SER C 493 12.48 -12.97 26.74
C SER C 493 11.28 -13.88 26.44
N ASN C 494 10.54 -14.23 27.47
CA ASN C 494 9.30 -14.97 27.29
C ASN C 494 8.17 -13.97 27.07
N LYS C 495 6.92 -14.44 27.03
CA LYS C 495 5.79 -13.64 26.61
C LYS C 495 5.68 -12.34 27.42
N LYS C 496 5.06 -11.34 26.80
CA LYS C 496 4.85 -10.04 27.42
C LYS C 496 3.79 -10.12 28.51
N GLU C 497 3.97 -9.31 29.56
CA GLU C 497 3.00 -9.19 30.63
C GLU C 497 3.15 -7.82 31.28
N TRP C 498 2.14 -7.47 32.08
CA TRP C 498 2.10 -6.20 32.77
C TRP C 498 2.75 -6.31 34.14
N ASN C 499 3.36 -5.21 34.58
CA ASN C 499 3.86 -5.06 35.94
C ASN C 499 2.97 -4.08 36.69
N GLY C 500 3.13 -4.06 38.01
CA GLY C 500 2.45 -3.09 38.83
C GLY C 500 0.94 -3.27 38.80
N MET C 501 0.25 -2.14 38.97
CA MET C 501 -1.21 -2.16 39.13
C MET C 501 -1.90 -2.84 37.97
N MET C 502 -1.42 -2.61 36.75
CA MET C 502 -1.94 -3.36 35.61
C MET C 502 -1.74 -4.85 35.81
N GLY C 503 -0.63 -5.24 36.42
CA GLY C 503 -0.42 -6.65 36.75
C GLY C 503 -1.46 -7.18 37.73
N GLU C 504 -1.73 -6.41 38.78
CA GLU C 504 -2.69 -6.88 39.78
C GLU C 504 -4.12 -6.84 39.25
N LEU C 505 -4.37 -6.02 38.23
CA LEU C 505 -5.72 -5.95 37.67
C LEU C 505 -5.95 -7.05 36.64
N LEU C 506 -4.96 -7.31 35.79
CA LEU C 506 -5.08 -8.44 34.86
C LEU C 506 -5.06 -9.76 35.59
N SER C 507 -4.59 -9.78 36.84
CA SER C 507 -4.66 -10.95 37.68
C SER C 507 -5.85 -10.91 38.64
N GLY C 508 -6.44 -9.74 38.86
CA GLY C 508 -7.61 -9.61 39.69
C GLY C 508 -7.36 -9.26 41.15
N GLN C 509 -6.14 -8.85 41.49
CA GLN C 509 -5.86 -8.51 42.89
C GLN C 509 -6.63 -7.27 43.32
N ALA C 510 -6.98 -6.40 42.39
CA ALA C 510 -7.74 -5.18 42.71
C ALA C 510 -8.83 -5.01 41.67
N ASP C 511 -9.53 -3.87 41.76
CA ASP C 511 -10.67 -3.61 40.90
C ASP C 511 -10.57 -2.32 40.09
N MET C 512 -10.09 -1.22 40.69
CA MET C 512 -9.89 0.00 39.92
C MET C 512 -8.53 0.60 40.26
N ILE C 513 -8.07 1.46 39.38
CA ILE C 513 -6.78 2.14 39.54
C ILE C 513 -7.07 3.55 39.99
N VAL C 514 -6.73 3.88 41.23
CA VAL C 514 -7.05 5.18 41.81
C VAL C 514 -5.73 5.89 42.07
N ALA C 515 -5.28 6.66 41.08
CA ALA C 515 -4.00 7.32 41.12
C ALA C 515 -3.93 8.31 39.97
N PRO C 516 -3.07 9.31 40.06
CA PRO C 516 -2.88 10.21 38.92
C PRO C 516 -2.15 9.50 37.79
N LEU C 517 -2.86 8.63 37.09
CA LEU C 517 -2.26 7.77 36.08
C LEU C 517 -2.42 8.39 34.70
N THR C 518 -1.45 8.13 33.83
CA THR C 518 -1.45 8.70 32.48
C THR C 518 -2.09 7.73 31.50
N ILE C 519 -3.13 8.20 30.82
CA ILE C 519 -3.83 7.40 29.82
C ILE C 519 -2.93 7.23 28.60
N ASN C 520 -3.07 6.10 27.93
CA ASN C 520 -2.25 5.80 26.76
C ASN C 520 -2.88 4.67 25.97
N ASN C 521 -2.26 4.34 24.84
CA ASN C 521 -2.76 3.26 23.99
C ASN C 521 -2.69 1.91 24.70
N GLU C 522 -1.48 1.50 25.11
CA GLU C 522 -1.26 0.13 25.54
C GLU C 522 -2.10 -0.20 26.77
N ARG C 523 -2.22 0.73 27.71
CA ARG C 523 -3.13 0.50 28.83
C ARG C 523 -4.56 0.37 28.34
N ALA C 524 -4.99 1.27 27.45
CA ALA C 524 -6.31 1.15 26.85
C ALA C 524 -6.45 -0.13 26.04
N GLN C 525 -5.34 -0.66 25.52
CA GLN C 525 -5.39 -1.93 24.81
C GLN C 525 -5.74 -3.09 25.73
N TYR C 526 -5.60 -2.91 27.03
CA TYR C 526 -5.88 -4.00 27.97
C TYR C 526 -6.82 -3.60 29.09
N ILE C 527 -6.78 -2.33 29.51
CA ILE C 527 -7.67 -1.81 30.53
C ILE C 527 -8.52 -0.73 29.86
N GLU C 528 -9.46 -0.15 30.60
CA GLU C 528 -10.20 0.98 30.05
C GLU C 528 -10.12 2.15 31.01
N PHE C 529 -10.45 3.34 30.51
CA PHE C 529 -10.48 4.56 31.30
C PHE C 529 -11.83 5.22 31.18
N SER C 530 -12.25 5.88 32.25
CA SER C 530 -13.41 6.75 32.18
C SER C 530 -13.02 8.08 31.56
N LYS C 531 -13.92 9.04 31.64
CA LYS C 531 -13.57 10.40 31.26
C LYS C 531 -12.55 10.93 32.26
N PRO C 532 -11.50 11.62 31.80
CA PRO C 532 -10.44 12.06 32.73
C PRO C 532 -10.98 13.00 33.79
N PHE C 533 -10.67 12.69 35.05
CA PHE C 533 -11.10 13.57 36.13
C PHE C 533 -10.15 14.74 36.34
N LYS C 534 -9.03 14.77 35.64
CA LYS C 534 -8.08 15.87 35.76
C LYS C 534 -7.37 16.05 34.43
N TYR C 535 -7.09 17.30 34.06
CA TYR C 535 -6.40 17.61 32.83
C TYR C 535 -4.99 18.10 33.17
N GLN C 536 -3.98 17.54 32.51
CA GLN C 536 -2.61 17.80 32.92
C GLN C 536 -1.68 17.52 31.74
N GLY C 537 -0.38 17.58 32.00
CA GLY C 537 0.63 17.41 30.99
C GLY C 537 1.98 17.11 31.58
N LEU C 538 3.03 17.50 30.87
CA LEU C 538 4.40 17.16 31.23
C LEU C 538 5.26 18.42 31.25
N THR C 539 6.27 18.42 32.14
CA THR C 539 7.18 19.54 32.29
C THR C 539 8.43 19.08 33.04
N ILE C 540 9.38 20.00 33.19
CA ILE C 540 10.69 19.69 33.75
C ILE C 540 10.93 20.53 35.00
N LEU C 541 11.64 19.96 35.96
CA LEU C 541 12.14 20.69 37.11
C LEU C 541 13.65 20.73 37.11
N VAL C 542 14.19 21.91 37.42
CA VAL C 542 15.60 22.15 37.65
C VAL C 542 15.71 23.03 38.89
N LYS C 543 16.94 23.43 39.21
CA LYS C 543 17.20 24.25 40.38
C LYS C 543 17.39 25.71 39.97
N LYS C 544 16.72 26.60 40.72
CA LYS C 544 16.80 28.05 40.52
C LYS C 544 16.29 28.50 39.16
N GLU C 661 21.41 32.98 33.04
CA GLU C 661 20.54 32.46 32.00
C GLU C 661 20.44 30.95 32.16
N GLU C 662 20.99 30.21 31.19
CA GLU C 662 21.05 28.74 31.25
C GLU C 662 19.66 28.12 31.38
N ARG C 663 18.63 28.86 31.00
CA ARG C 663 17.26 28.35 30.99
C ARG C 663 17.14 27.24 29.95
N ILE C 664 16.90 26.01 30.42
CA ILE C 664 16.61 24.92 29.49
C ILE C 664 15.30 25.22 28.80
N THR C 665 15.36 25.33 27.46
CA THR C 665 14.21 25.83 26.69
C THR C 665 13.23 24.69 26.42
N GLY C 666 12.43 24.40 27.45
CA GLY C 666 11.37 23.41 27.33
C GLY C 666 11.87 22.05 26.87
N ILE C 667 11.39 21.65 25.69
CA ILE C 667 11.78 20.36 25.12
C ILE C 667 12.65 20.53 23.88
N ASN C 668 12.61 21.70 23.25
CA ASN C 668 13.30 21.90 21.98
C ASN C 668 14.72 22.42 22.14
N ASP C 669 15.36 22.15 23.26
CA ASP C 669 16.74 22.60 23.43
C ASP C 669 17.70 21.50 22.95
N PRO C 670 18.61 21.83 22.03
CA PRO C 670 19.65 20.86 21.64
C PRO C 670 20.37 20.23 22.81
N ARG C 671 20.36 20.88 23.97
CA ARG C 671 20.83 20.22 25.19
C ARG C 671 20.08 18.92 25.43
N LEU C 672 18.80 18.87 25.05
CA LEU C 672 18.01 17.65 25.13
C LEU C 672 17.65 17.10 23.77
N ARG C 673 17.52 17.96 22.75
CA ARG C 673 17.33 17.48 21.39
C ARG C 673 18.51 16.62 20.95
N ASN C 674 19.73 17.05 21.26
CA ASN C 674 20.92 16.23 21.11
C ASN C 674 21.34 15.73 22.48
N PRO C 675 21.31 14.43 22.73
CA PRO C 675 21.73 13.92 24.04
C PRO C 675 23.17 14.30 24.34
N SER C 676 23.39 14.73 25.59
CA SER C 676 24.72 15.16 26.01
C SER C 676 25.07 14.47 27.32
N ASP C 677 26.30 13.99 27.39
CA ASP C 677 26.80 13.31 28.58
C ASP C 677 26.95 14.25 29.77
N LYS C 678 27.41 15.48 29.55
CA LYS C 678 27.59 16.44 30.63
C LYS C 678 26.29 16.79 31.35
N PHE C 679 25.15 16.54 30.70
CA PHE C 679 23.85 16.90 31.24
C PHE C 679 23.11 15.63 31.58
N ILE C 680 22.52 15.58 32.78
CA ILE C 680 21.84 14.39 33.28
C ILE C 680 20.34 14.68 33.32
N TYR C 681 19.54 13.74 32.82
CA TYR C 681 18.10 13.88 32.74
C TYR C 681 17.48 12.49 32.67
N ALA C 682 16.37 12.30 33.38
CA ALA C 682 15.79 10.98 33.46
C ALA C 682 14.37 11.08 33.99
N THR C 683 13.77 9.92 34.26
CA THR C 683 12.43 9.81 34.79
C THR C 683 12.36 8.53 35.63
N VAL C 684 11.14 8.10 35.93
CA VAL C 684 10.92 6.86 36.68
C VAL C 684 10.75 5.73 35.68
N LYS C 685 11.52 4.66 35.87
CA LYS C 685 11.42 3.49 35.00
C LYS C 685 10.06 2.82 35.18
N GLN C 686 9.64 2.10 34.13
CA GLN C 686 8.34 1.44 34.09
C GLN C 686 7.21 2.44 34.33
N SER C 687 7.21 3.52 33.55
CA SER C 687 6.22 4.58 33.66
C SER C 687 5.70 4.92 32.27
N SER C 688 4.70 5.80 32.23
CA SER C 688 4.09 6.17 30.95
C SER C 688 5.06 6.91 30.04
N VAL C 689 5.86 7.83 30.60
CA VAL C 689 6.82 8.57 29.78
C VAL C 689 7.86 7.63 29.20
N ASP C 690 8.09 6.48 29.84
CA ASP C 690 8.94 5.45 29.23
C ASP C 690 8.34 5.01 27.89
N ILE C 691 7.04 4.75 27.88
CA ILE C 691 6.38 4.38 26.63
C ILE C 691 6.41 5.54 25.65
N TYR C 692 6.24 6.76 26.15
CA TYR C 692 6.33 7.94 25.29
C TYR C 692 7.66 7.97 24.55
N PHE C 693 8.77 7.85 25.29
CA PHE C 693 10.08 7.89 24.67
C PHE C 693 10.34 6.66 23.82
N ARG C 694 9.68 5.54 24.12
CA ARG C 694 9.87 4.34 23.32
C ARG C 694 9.17 4.46 21.97
N ARG C 695 7.96 5.00 21.95
CA ARG C 695 7.24 5.18 20.70
C ARG C 695 7.85 6.29 19.86
N GLN C 696 8.38 7.32 20.50
CA GLN C 696 9.09 8.40 19.79
C GLN C 696 10.47 7.88 19.40
N VAL C 697 10.50 7.15 18.27
CA VAL C 697 11.72 6.49 17.84
C VAL C 697 12.83 7.50 17.60
N GLU C 698 12.48 8.68 17.05
CA GLU C 698 13.46 9.73 16.83
C GLU C 698 14.07 10.23 18.14
N LEU C 699 13.37 10.03 19.26
CA LEU C 699 13.88 10.42 20.58
C LEU C 699 14.61 9.27 21.27
N SER C 700 14.77 8.13 20.58
CA SER C 700 15.34 6.94 21.19
C SER C 700 16.71 7.23 21.80
N THR C 701 17.48 8.13 21.18
CA THR C 701 18.80 8.46 21.73
C THR C 701 18.67 8.99 23.15
N MET C 702 17.74 9.91 23.39
CA MET C 702 17.47 10.34 24.76
C MET C 702 16.97 9.18 25.61
N TYR C 703 16.16 8.30 25.02
CA TYR C 703 15.79 7.07 25.70
C TYR C 703 17.02 6.28 26.11
N ARG C 704 18.05 6.30 25.27
CA ARG C 704 19.32 5.67 25.64
C ARG C 704 19.90 6.28 26.90
N HIS C 705 19.79 7.60 27.06
CA HIS C 705 20.17 8.22 28.32
C HIS C 705 19.27 7.78 29.46
N MET C 706 17.98 7.57 29.19
CA MET C 706 17.05 7.07 30.21
C MET C 706 17.60 5.83 30.89
N GLU C 707 18.20 4.93 30.10
CA GLU C 707 18.66 3.66 30.62
C GLU C 707 19.74 3.82 31.70
N LYS C 708 20.38 4.98 31.77
CA LYS C 708 21.43 5.17 32.76
C LYS C 708 20.94 5.74 34.08
N HIS C 709 19.95 6.62 34.06
CA HIS C 709 19.65 7.42 35.24
C HIS C 709 18.20 7.31 35.72
N ASN C 710 17.43 6.36 35.20
CA ASN C 710 16.02 6.26 35.60
C ASN C 710 15.89 5.99 37.10
N TYR C 711 15.00 6.73 37.74
CA TYR C 711 14.73 6.58 39.16
C TYR C 711 13.58 5.61 39.39
N GLU C 712 13.22 5.46 40.66
CA GLU C 712 12.13 4.56 41.04
C GLU C 712 10.96 5.31 41.67
N SER C 713 11.21 6.45 42.30
CA SER C 713 10.15 7.25 42.89
C SER C 713 10.44 8.72 42.59
N ALA C 714 9.56 9.58 43.11
CA ALA C 714 9.70 11.01 42.86
C ALA C 714 10.59 11.68 43.90
N ALA C 715 10.47 11.28 45.16
CA ALA C 715 11.13 12.02 46.24
C ALA C 715 12.64 11.99 46.11
N GLU C 716 13.22 10.83 45.80
CA GLU C 716 14.68 10.73 45.73
C GLU C 716 15.22 11.51 44.54
N ALA C 717 14.53 11.49 43.40
CA ALA C 717 14.95 12.34 42.29
C ALA C 717 14.82 13.81 42.64
N ILE C 718 13.78 14.17 43.39
CA ILE C 718 13.61 15.56 43.82
C ILE C 718 14.78 15.98 44.68
N GLN C 719 15.19 15.11 45.62
CA GLN C 719 16.35 15.42 46.46
C GLN C 719 17.61 15.52 45.61
N ALA C 720 17.77 14.64 44.64
CA ALA C 720 18.95 14.68 43.77
C ALA C 720 19.03 15.99 43.01
N VAL C 721 17.90 16.47 42.48
CA VAL C 721 17.88 17.77 41.83
C VAL C 721 18.19 18.87 42.84
N ARG C 722 17.59 18.80 44.03
CA ARG C 722 17.93 19.75 45.08
C ARG C 722 19.39 19.60 45.50
N ASP C 723 19.94 18.40 45.37
CA ASP C 723 21.38 18.20 45.55
C ASP C 723 22.15 18.41 44.26
N ASN C 724 21.46 18.76 43.17
CA ASN C 724 22.05 18.98 41.85
C ASN C 724 22.70 17.73 41.28
N LYS C 725 22.43 16.55 41.85
CA LYS C 725 22.89 15.31 41.25
C LYS C 725 22.25 15.11 39.88
N LEU C 726 20.97 15.44 39.75
CA LEU C 726 20.25 15.39 38.49
C LEU C 726 20.06 16.80 37.96
N HIS C 727 20.49 17.04 36.72
CA HIS C 727 20.36 18.38 36.15
C HIS C 727 18.91 18.75 35.89
N ALA C 728 18.12 17.84 35.31
CA ALA C 728 16.74 18.14 34.96
C ALA C 728 15.90 16.89 35.10
N PHE C 729 14.66 17.07 35.54
CA PHE C 729 13.73 15.95 35.71
C PHE C 729 12.46 16.21 34.93
N ILE C 730 12.17 15.34 33.96
CA ILE C 730 10.91 15.39 33.22
C ILE C 730 9.88 14.53 33.94
N TRP C 731 8.67 15.07 34.10
CA TRP C 731 7.60 14.34 34.77
C TRP C 731 6.28 15.04 34.48
N ASP C 732 5.21 14.59 35.15
CA ASP C 732 3.87 15.11 34.89
C ASP C 732 3.70 16.51 35.46
N SER C 733 2.79 17.27 34.86
CA SER C 733 2.62 18.66 35.26
C SER C 733 2.15 18.78 36.70
N ALA C 734 0.96 18.27 37.01
CA ALA C 734 0.24 18.68 38.22
C ALA C 734 1.10 18.50 39.46
N VAL C 735 1.67 17.32 39.64
CA VAL C 735 2.53 17.06 40.78
C VAL C 735 3.68 18.05 40.80
N LEU C 736 4.21 18.38 39.62
CA LEU C 736 5.41 19.17 39.54
C LEU C 736 5.16 20.62 39.92
N GLU C 737 4.08 21.23 39.39
CA GLU C 737 3.81 22.60 39.82
C GLU C 737 3.33 22.64 41.26
N PHE C 738 2.72 21.55 41.75
CA PHE C 738 2.41 21.49 43.18
C PHE C 738 3.69 21.59 44.01
N GLU C 739 4.69 20.78 43.67
CA GLU C 739 5.95 20.81 44.40
C GLU C 739 6.64 22.17 44.26
N ALA C 740 6.58 22.76 43.06
CA ALA C 740 7.20 24.06 42.84
C ALA C 740 6.54 25.14 43.70
N SER C 741 5.20 25.15 43.75
CA SER C 741 4.50 26.14 44.55
C SER C 741 4.69 25.91 46.03
N GLN C 742 4.95 24.67 46.44
CA GLN C 742 5.14 24.41 47.87
C GLN C 742 6.55 24.75 48.34
N LYS C 743 7.56 24.23 47.65
CA LYS C 743 8.93 24.34 48.15
C LYS C 743 9.60 25.62 47.66
N CYS C 744 9.37 26.00 46.40
CA CYS C 744 9.84 27.25 45.82
C CYS C 744 11.36 27.29 45.65
N ASP C 745 12.05 26.24 46.09
CA ASP C 745 13.49 26.16 45.90
C ASP C 745 13.88 25.55 44.56
N LEU C 746 12.90 25.04 43.80
CA LEU C 746 13.14 24.48 42.48
C LEU C 746 12.19 25.15 41.50
N VAL C 747 12.57 25.16 40.23
CA VAL C 747 11.79 25.86 39.22
C VAL C 747 11.40 24.90 38.10
N THR C 748 10.16 25.04 37.65
CA THR C 748 9.62 24.28 36.55
C THR C 748 9.83 25.02 35.23
N THR C 749 9.78 24.27 34.14
CA THR C 749 10.01 24.79 32.81
C THR C 749 9.35 23.87 31.79
N GLY C 750 9.16 24.41 30.60
CA GLY C 750 8.53 23.66 29.53
C GLY C 750 7.02 23.64 29.66
N GLU C 751 6.33 23.79 28.53
CA GLU C 751 4.89 23.74 28.51
C GLU C 751 4.41 22.28 28.55
N LEU C 752 3.12 22.11 28.78
CA LEU C 752 2.51 20.78 28.87
C LEU C 752 2.41 20.20 27.47
N PHE C 753 3.56 19.80 26.93
CA PHE C 753 3.64 19.41 25.52
C PHE C 753 2.77 18.20 25.24
N PHE C 754 2.57 17.33 26.22
CA PHE C 754 1.70 16.18 26.08
C PHE C 754 0.44 16.36 26.91
N ARG C 755 -0.61 16.87 26.28
CA ARG C 755 -1.92 16.98 26.90
C ARG C 755 -2.38 15.58 27.28
N SER C 756 -2.86 15.41 28.50
CA SER C 756 -3.31 14.10 28.94
C SER C 756 -4.29 14.30 30.11
N GLY C 757 -4.84 13.19 30.59
CA GLY C 757 -5.82 13.25 31.65
C GLY C 757 -5.57 12.18 32.69
N PHE C 758 -5.80 12.56 33.94
CA PHE C 758 -5.85 11.65 35.07
C PHE C 758 -7.28 11.17 35.19
N GLY C 759 -7.50 9.89 34.92
CA GLY C 759 -8.82 9.32 34.96
C GLY C 759 -8.83 7.99 35.71
N ILE C 760 -10.01 7.63 36.19
CA ILE C 760 -10.20 6.34 36.85
C ILE C 760 -10.19 5.25 35.79
N GLY C 761 -9.11 4.45 35.78
CA GLY C 761 -8.99 3.34 34.87
C GLY C 761 -9.21 2.03 35.60
N MET C 762 -9.88 1.10 34.90
CA MET C 762 -10.25 -0.18 35.50
C MET C 762 -10.74 -1.13 34.41
N ARG C 763 -11.24 -2.27 34.84
CA ARG C 763 -11.48 -3.40 33.94
C ARG C 763 -12.63 -3.13 32.98
N LYS C 764 -12.49 -3.67 31.76
CA LYS C 764 -13.48 -3.44 30.71
C LYS C 764 -14.82 -4.09 31.06
N ASP C 765 -14.79 -5.21 31.77
CA ASP C 765 -16.00 -5.99 31.98
C ASP C 765 -16.94 -5.39 33.02
N SER C 766 -16.41 -4.78 34.07
CA SER C 766 -17.24 -4.40 35.21
C SER C 766 -18.22 -3.29 34.82
N PRO C 767 -19.41 -3.26 35.43
CA PRO C 767 -20.43 -2.28 35.03
C PRO C 767 -20.21 -0.88 35.58
N TRP C 768 -19.31 -0.68 36.53
CA TRP C 768 -19.15 0.63 37.15
C TRP C 768 -18.58 1.68 36.22
N LYS C 769 -18.10 1.26 35.03
CA LYS C 769 -17.49 2.19 34.08
C LYS C 769 -18.36 3.42 33.86
N GLN C 770 -19.55 3.20 33.31
CA GLN C 770 -20.44 4.32 32.99
C GLN C 770 -20.92 5.03 34.25
N ASN C 771 -21.19 4.26 35.31
CA ASN C 771 -21.64 4.86 36.55
C ASN C 771 -20.58 5.82 37.11
N VAL C 772 -19.34 5.36 37.20
CA VAL C 772 -18.29 6.22 37.72
C VAL C 772 -18.03 7.39 36.79
N SER C 773 -18.12 7.15 35.48
CA SER C 773 -17.94 8.24 34.52
C SER C 773 -18.96 9.35 34.76
N LEU C 774 -20.23 8.98 34.82
CA LEU C 774 -21.27 9.99 35.01
C LEU C 774 -21.15 10.64 36.39
N SER C 775 -20.74 9.88 37.41
CA SER C 775 -20.58 10.46 38.74
C SER C 775 -19.48 11.51 38.75
N ILE C 776 -18.32 11.19 38.18
CA ILE C 776 -17.24 12.16 38.18
C ILE C 776 -17.58 13.35 37.30
N LEU C 777 -18.32 13.13 36.21
CA LEU C 777 -18.77 14.26 35.41
C LEU C 777 -19.72 15.15 36.18
N LYS C 778 -20.63 14.56 36.97
CA LYS C 778 -21.52 15.33 37.82
C LYS C 778 -20.73 16.13 38.86
N SER C 779 -19.70 15.52 39.42
CA SER C 779 -18.84 16.26 40.34
C SER C 779 -18.14 17.42 39.63
N HIS C 780 -17.72 17.19 38.39
CA HIS C 780 -17.07 18.24 37.61
C HIS C 780 -18.00 19.42 37.40
N GLU C 781 -19.23 19.16 36.95
CA GLU C 781 -20.18 20.26 36.83
C GLU C 781 -20.51 20.85 38.19
N ASN C 782 -20.32 20.09 39.27
CA ASN C 782 -20.49 20.59 40.63
C ASN C 782 -19.22 21.25 41.16
N GLY C 783 -18.11 21.16 40.43
CA GLY C 783 -16.85 21.73 40.91
C GLY C 783 -16.34 21.09 42.17
N PHE C 784 -16.63 19.80 42.38
CA PHE C 784 -16.16 19.13 43.59
C PHE C 784 -14.65 19.02 43.60
N MET C 785 -14.05 18.62 42.47
CA MET C 785 -12.59 18.60 42.39
C MET C 785 -12.01 20.00 42.41
N GLU C 786 -12.77 21.03 42.03
CA GLU C 786 -12.30 22.40 42.25
C GLU C 786 -12.13 22.67 43.74
N ASP C 787 -13.11 22.26 44.55
CA ASP C 787 -12.99 22.38 45.99
C ASP C 787 -11.82 21.55 46.50
N LEU C 788 -11.63 20.35 45.94
CA LEU C 788 -10.49 19.52 46.34
C LEU C 788 -9.17 20.19 46.02
N ASP C 789 -9.08 20.82 44.85
CA ASP C 789 -7.87 21.56 44.48
C ASP C 789 -7.62 22.70 45.46
N LYS C 790 -8.68 23.44 45.80
CA LYS C 790 -8.54 24.47 46.83
C LYS C 790 -8.06 23.87 48.14
N THR C 791 -8.47 22.64 48.45
CA THR C 791 -8.13 22.02 49.71
C THR C 791 -6.69 21.54 49.73
N TRP C 792 -6.18 21.05 48.61
CA TRP C 792 -4.91 20.34 48.60
C TRP C 792 -3.82 21.03 47.81
N VAL C 793 -4.10 21.51 46.61
CA VAL C 793 -3.07 22.00 45.70
C VAL C 793 -3.02 23.53 45.69
N ARG C 794 -4.17 24.19 45.76
CA ARG C 794 -4.22 25.64 45.72
C ARG C 794 -4.07 26.19 47.14
N TYR C 795 -3.87 27.52 47.23
CA TYR C 795 -3.54 28.21 48.48
C TYR C 795 -2.17 27.80 49.01
N GLN C 796 -1.18 27.68 48.12
CA GLN C 796 0.18 27.36 48.54
C GLN C 796 1.17 28.36 47.97
N ALA D 29 32.74 -49.39 35.70
CA ALA D 29 32.43 -49.39 34.27
C ALA D 29 30.93 -49.37 34.04
N VAL D 30 30.42 -48.22 33.58
CA VAL D 30 29.00 -48.07 33.34
C VAL D 30 28.61 -48.80 32.07
N THR D 31 27.63 -49.69 32.16
CA THR D 31 27.14 -50.46 31.02
C THR D 31 26.15 -49.60 30.24
N VAL D 32 26.54 -49.23 29.02
CA VAL D 32 25.70 -48.41 28.16
C VAL D 32 25.46 -49.16 26.85
N ALA D 33 24.20 -49.28 26.46
CA ALA D 33 23.81 -49.99 25.26
C ALA D 33 23.74 -49.04 24.08
N VAL D 34 24.39 -49.42 22.99
CA VAL D 34 24.42 -48.62 21.76
C VAL D 34 23.61 -49.39 20.72
N VAL D 35 22.37 -48.96 20.50
CA VAL D 35 21.44 -49.68 19.64
C VAL D 35 21.72 -49.25 18.20
N PHE D 36 22.50 -50.03 17.47
CA PHE D 36 22.73 -49.76 16.06
C PHE D 36 21.46 -50.00 15.27
N GLY D 37 21.23 -49.14 14.28
CA GLY D 37 20.07 -49.29 13.42
C GLY D 37 20.36 -48.93 11.97
N SER D 38 21.64 -48.80 11.63
CA SER D 38 22.01 -48.49 10.27
C SER D 38 21.65 -49.63 9.33
N SER D 39 21.22 -49.27 8.12
CA SER D 39 20.83 -50.26 7.12
C SER D 39 21.93 -50.55 6.11
N GLY D 40 23.11 -49.96 6.27
CA GLY D 40 24.20 -50.18 5.36
C GLY D 40 25.15 -51.26 5.84
N PRO D 41 26.46 -51.00 5.74
CA PRO D 41 27.44 -51.98 6.21
C PRO D 41 27.48 -52.06 7.74
N LEU D 42 26.50 -52.74 8.32
CA LEU D 42 26.39 -52.81 9.77
C LEU D 42 27.62 -53.44 10.39
N GLN D 43 28.22 -54.42 9.72
CA GLN D 43 29.43 -55.06 10.23
C GLN D 43 30.58 -54.06 10.34
N THR D 44 30.76 -53.22 9.31
CA THR D 44 31.83 -52.23 9.34
C THR D 44 31.63 -51.22 10.47
N GLN D 45 30.39 -50.75 10.64
CA GLN D 45 30.11 -49.81 11.72
C GLN D 45 30.33 -50.45 13.08
N ALA D 46 29.95 -51.72 13.23
CA ALA D 46 30.20 -52.43 14.48
C ALA D 46 31.69 -52.57 14.74
N ARG D 47 32.48 -52.82 13.69
CA ARG D 47 33.92 -52.97 13.86
C ARG D 47 34.62 -51.64 14.12
N THR D 48 34.05 -50.53 13.65
CA THR D 48 34.65 -49.22 13.91
C THR D 48 34.35 -48.70 15.31
N ARG D 49 33.50 -49.38 16.06
CA ARG D 49 33.09 -48.92 17.39
C ARG D 49 32.94 -50.15 18.28
N LEU D 50 32.25 -49.98 19.41
CA LEU D 50 31.97 -50.96 20.45
C LEU D 50 33.22 -51.20 21.30
N THR D 51 34.37 -50.65 20.92
CA THR D 51 35.60 -50.85 21.67
C THR D 51 35.58 -49.96 22.91
N SER D 52 35.70 -50.59 24.09
CA SER D 52 35.77 -49.84 25.33
C SER D 52 37.03 -48.99 25.44
N GLN D 53 38.06 -49.28 24.64
CA GLN D 53 39.31 -48.54 24.71
C GLN D 53 39.17 -47.11 24.22
N ASN D 54 38.03 -46.74 23.64
CA ASN D 54 37.77 -45.35 23.28
C ASN D 54 37.47 -44.53 24.54
N PHE D 55 37.07 -43.28 24.32
CA PHE D 55 36.60 -42.34 25.34
C PHE D 55 37.41 -42.40 26.63
N LEU D 56 38.74 -42.49 26.51
CA LEU D 56 39.58 -42.52 27.69
C LEU D 56 39.60 -41.19 28.43
N ASP D 57 39.26 -40.09 27.74
CA ASP D 57 39.19 -38.80 28.40
C ASP D 57 38.07 -38.72 29.42
N LEU D 58 37.06 -39.58 29.31
CA LEU D 58 35.95 -39.55 30.22
C LEU D 58 36.39 -39.95 31.63
N PRO D 59 35.77 -39.40 32.67
CA PRO D 59 36.18 -39.73 34.04
C PRO D 59 36.00 -41.19 34.40
N LEU D 60 35.13 -41.93 33.70
CA LEU D 60 34.92 -43.34 33.97
C LEU D 60 35.12 -44.14 32.69
N GLU D 61 35.68 -45.33 32.83
CA GLU D 61 35.84 -46.26 31.72
C GLU D 61 34.49 -46.89 31.43
N ILE D 62 33.69 -46.22 30.60
CA ILE D 62 32.35 -46.69 30.30
C ILE D 62 32.42 -48.04 29.58
N GLN D 63 31.42 -48.89 29.82
CA GLN D 63 31.34 -50.18 29.17
C GLN D 63 30.35 -50.12 28.03
N PRO D 64 30.80 -49.94 26.78
CA PRO D 64 29.86 -49.88 25.66
C PRO D 64 29.54 -51.26 25.12
N LEU D 65 28.24 -51.52 24.96
CA LEU D 65 27.77 -52.77 24.38
C LEU D 65 26.81 -52.43 23.24
N THR D 66 27.23 -52.68 22.01
CA THR D 66 26.40 -52.40 20.85
C THR D 66 25.40 -53.52 20.62
N VAL D 67 24.44 -53.24 19.75
CA VAL D 67 23.36 -54.18 19.46
C VAL D 67 23.43 -54.68 18.02
N GLY D 68 23.33 -53.78 17.06
CA GLY D 68 23.36 -54.16 15.66
C GLY D 68 22.09 -54.88 15.22
N VAL D 69 20.97 -54.18 15.26
CA VAL D 69 19.70 -54.77 14.86
C VAL D 69 19.67 -54.91 13.35
N ASN D 70 19.36 -56.11 12.87
CA ASN D 70 19.42 -56.38 11.44
C ASN D 70 18.17 -55.87 10.72
N ASN D 71 17.00 -56.41 11.06
CA ASN D 71 15.78 -56.11 10.34
C ASN D 71 15.11 -54.81 10.75
N THR D 72 15.48 -54.26 11.91
CA THR D 72 14.91 -53.00 12.41
C THR D 72 13.39 -53.07 12.51
N ASN D 73 12.86 -54.17 13.02
CA ASN D 73 11.44 -54.37 13.23
C ASN D 73 11.10 -54.33 14.71
N PRO D 74 9.84 -54.07 15.07
CA PRO D 74 9.49 -53.99 16.50
C PRO D 74 9.86 -55.23 17.29
N SER D 75 9.67 -56.42 16.72
CA SER D 75 10.00 -57.64 17.44
C SER D 75 11.48 -57.71 17.77
N SER D 76 12.33 -57.52 16.76
CA SER D 76 13.78 -57.60 16.98
C SER D 76 14.25 -56.53 17.95
N ILE D 77 13.78 -55.29 17.77
CA ILE D 77 14.20 -54.20 18.63
C ILE D 77 13.79 -54.47 20.08
N LEU D 78 12.53 -54.87 20.27
CA LEU D 78 12.04 -55.13 21.61
C LEU D 78 12.76 -56.31 22.25
N THR D 79 13.02 -57.35 21.47
CA THR D 79 13.73 -58.51 21.99
C THR D 79 15.14 -58.15 22.42
N GLN D 80 15.85 -57.37 21.60
CA GLN D 80 17.19 -56.93 21.99
C GLN D 80 17.14 -56.07 23.23
N ILE D 81 16.16 -55.16 23.32
CA ILE D 81 16.05 -54.29 24.48
C ILE D 81 15.80 -55.12 25.74
N CYS D 82 14.89 -56.09 25.66
CA CYS D 82 14.59 -56.92 26.82
C CYS D 82 15.79 -57.77 27.22
N GLY D 83 16.49 -58.34 26.24
CA GLY D 83 17.67 -59.11 26.54
C GLY D 83 18.74 -58.28 27.22
N LEU D 84 18.93 -57.04 26.76
CA LEU D 84 19.86 -56.14 27.43
C LEU D 84 19.40 -55.82 28.84
N LEU D 85 18.09 -55.61 29.02
CA LEU D 85 17.56 -55.27 30.33
C LEU D 85 17.72 -56.43 31.31
N GLY D 86 17.59 -57.66 30.81
CA GLY D 86 17.68 -58.83 31.67
C GLY D 86 19.06 -59.42 31.85
N ALA D 87 20.07 -58.92 31.14
CA ALA D 87 21.40 -59.51 31.21
C ALA D 87 22.49 -58.50 31.58
N ALA D 88 22.44 -57.29 31.03
CA ALA D 88 23.57 -56.37 31.11
C ALA D 88 23.47 -55.35 32.24
N ARG D 89 22.30 -55.16 32.84
CA ARG D 89 22.10 -54.14 33.87
C ARG D 89 22.50 -52.76 33.35
N VAL D 90 21.83 -52.35 32.28
CA VAL D 90 22.22 -51.15 31.54
C VAL D 90 21.79 -49.91 32.31
N HIS D 91 22.74 -49.04 32.63
CA HIS D 91 22.41 -47.79 33.29
C HIS D 91 21.70 -46.83 32.35
N GLY D 92 22.24 -46.65 31.13
CA GLY D 92 21.64 -45.76 30.16
C GLY D 92 21.85 -46.28 28.76
N ILE D 93 20.95 -45.86 27.86
CA ILE D 93 20.89 -46.41 26.51
C ILE D 93 21.03 -45.28 25.52
N VAL D 94 21.61 -45.60 24.36
CA VAL D 94 21.65 -44.70 23.20
C VAL D 94 21.22 -45.50 21.99
N PHE D 95 20.67 -44.81 20.99
CA PHE D 95 20.05 -45.46 19.85
C PHE D 95 20.57 -44.88 18.54
N GLU D 96 20.69 -45.74 17.54
CA GLU D 96 21.16 -45.36 16.21
C GLU D 96 20.17 -45.87 15.17
N ASP D 97 20.06 -45.12 14.07
CA ASP D 97 19.18 -45.50 12.97
C ASP D 97 19.50 -44.63 11.77
N ASN D 98 18.87 -44.96 10.65
CA ASN D 98 18.92 -44.11 9.47
C ASN D 98 17.82 -43.06 9.54
N VAL D 99 17.82 -42.17 8.54
CA VAL D 99 16.86 -41.06 8.53
C VAL D 99 15.48 -41.48 8.03
N ASP D 100 15.28 -42.75 7.71
CA ASP D 100 14.01 -43.22 7.17
C ASP D 100 13.16 -43.94 8.20
N THR D 101 13.55 -43.94 9.47
CA THR D 101 12.81 -44.62 10.51
C THR D 101 12.13 -43.61 11.42
N GLU D 102 10.82 -43.77 11.61
CA GLU D 102 10.02 -42.81 12.36
C GLU D 102 9.35 -43.42 13.58
N ALA D 103 8.71 -44.58 13.44
CA ALA D 103 7.88 -45.14 14.50
C ALA D 103 8.66 -45.56 15.73
N VAL D 104 9.95 -45.88 15.60
CA VAL D 104 10.69 -46.43 16.74
C VAL D 104 10.79 -45.42 17.87
N ALA D 105 10.60 -44.13 17.58
CA ALA D 105 10.65 -43.14 18.64
C ALA D 105 9.59 -43.39 19.70
N GLN D 106 8.36 -43.67 19.27
CA GLN D 106 7.29 -43.92 20.23
C GLN D 106 7.43 -45.28 20.87
N LEU D 107 8.03 -46.24 20.17
CA LEU D 107 8.37 -47.51 20.82
C LEU D 107 9.37 -47.31 21.95
N LEU D 108 10.36 -46.45 21.72
CA LEU D 108 11.32 -46.14 22.77
C LEU D 108 10.67 -45.37 23.91
N ASP D 109 9.71 -44.49 23.58
CA ASP D 109 8.93 -43.84 24.62
C ASP D 109 8.18 -44.86 25.46
N PHE D 110 7.57 -45.84 24.81
CA PHE D 110 6.88 -46.92 25.50
C PHE D 110 7.82 -47.67 26.44
N VAL D 111 8.99 -48.05 25.93
CA VAL D 111 9.89 -48.87 26.75
C VAL D 111 10.49 -48.04 27.88
N SER D 112 10.66 -46.73 27.67
CA SER D 112 11.17 -45.88 28.75
C SER D 112 10.09 -45.61 29.79
N SER D 113 8.82 -45.64 29.37
CA SER D 113 7.73 -45.50 30.32
C SER D 113 7.60 -46.75 31.18
N GLN D 114 7.73 -47.92 30.56
CA GLN D 114 7.52 -49.17 31.28
C GLN D 114 8.80 -49.72 31.90
N THR D 115 9.95 -49.09 31.67
CA THR D 115 11.20 -49.53 32.27
C THR D 115 11.94 -48.42 32.99
N HIS D 116 11.54 -47.15 32.80
CA HIS D 116 12.14 -46.01 33.48
C HIS D 116 13.65 -45.93 33.21
N VAL D 117 14.03 -45.93 31.93
CA VAL D 117 15.44 -45.90 31.57
C VAL D 117 15.69 -44.76 30.59
N PRO D 118 16.82 -44.05 30.71
CA PRO D 118 17.14 -43.02 29.71
C PRO D 118 17.68 -43.65 28.43
N ILE D 119 17.12 -43.22 27.30
CA ILE D 119 17.55 -43.69 25.98
C ILE D 119 17.71 -42.44 25.12
N LEU D 120 18.96 -42.10 24.81
CA LEU D 120 19.22 -40.86 24.07
C LEU D 120 19.01 -41.10 22.58
N SER D 121 18.20 -40.25 21.95
CA SER D 121 17.86 -40.38 20.53
C SER D 121 18.81 -39.51 19.71
N ILE D 122 19.84 -40.12 19.13
CA ILE D 122 20.82 -39.40 18.34
C ILE D 122 20.68 -39.81 16.88
N SER D 123 20.88 -38.85 15.98
CA SER D 123 20.91 -39.08 14.54
C SER D 123 19.63 -39.73 14.02
N GLY D 124 19.65 -40.13 12.75
CA GLY D 124 18.55 -40.77 12.06
C GLY D 124 17.23 -40.03 12.23
N GLY D 125 16.15 -40.79 12.19
CA GLY D 125 14.84 -40.25 12.47
C GLY D 125 14.51 -40.13 13.94
N SER D 126 15.34 -40.72 14.80
CA SER D 126 15.11 -40.63 16.24
C SER D 126 15.29 -39.21 16.73
N ALA D 127 16.17 -38.43 16.10
CA ALA D 127 16.43 -37.06 16.51
C ALA D 127 15.21 -36.17 16.35
N VAL D 128 14.21 -36.58 15.58
CA VAL D 128 12.99 -35.80 15.45
C VAL D 128 12.31 -35.73 16.79
N VAL D 129 11.93 -34.53 17.21
CA VAL D 129 11.36 -34.32 18.53
C VAL D 129 9.87 -34.61 18.49
N LEU D 130 9.30 -34.97 19.64
CA LEU D 130 7.87 -35.23 19.78
C LEU D 130 7.40 -34.46 21.01
N THR D 131 6.70 -33.35 20.77
CA THR D 131 6.27 -32.51 21.89
C THR D 131 5.41 -33.24 22.92
N PRO D 132 4.45 -34.10 22.56
CA PRO D 132 3.73 -34.83 23.60
C PRO D 132 4.44 -36.11 23.98
N LYS D 133 4.51 -36.36 25.29
CA LYS D 133 5.13 -37.56 25.81
C LYS D 133 4.40 -38.00 27.07
N GLU D 134 4.53 -39.27 27.39
CA GLU D 134 4.02 -39.76 28.66
C GLU D 134 4.83 -39.15 29.80
N PRO D 135 4.19 -38.50 30.77
CA PRO D 135 4.95 -37.88 31.86
C PRO D 135 5.85 -38.84 32.61
N GLY D 136 5.42 -40.09 32.79
CA GLY D 136 6.24 -41.06 33.49
C GLY D 136 7.44 -41.56 32.73
N SER D 137 7.59 -41.18 31.46
CA SER D 137 8.72 -41.62 30.66
C SER D 137 9.97 -40.81 31.00
N ALA D 138 11.11 -41.34 30.57
CA ALA D 138 12.40 -40.69 30.74
C ALA D 138 13.24 -40.85 29.48
N PHE D 139 12.57 -40.86 28.32
CA PHE D 139 13.27 -41.11 27.07
C PHE D 139 14.25 -39.99 26.73
N LEU D 140 13.82 -38.73 26.86
CA LEU D 140 14.69 -37.57 26.66
C LEU D 140 15.28 -37.54 25.25
N GLN D 141 14.39 -37.30 24.29
CA GLN D 141 14.80 -37.10 22.90
C GLN D 141 15.93 -36.09 22.81
N LEU D 142 16.74 -36.22 21.76
CA LEU D 142 17.80 -35.25 21.46
C LEU D 142 17.50 -34.66 20.09
N GLY D 143 17.23 -33.37 20.07
CA GLY D 143 16.92 -32.69 18.83
C GLY D 143 16.41 -31.28 19.10
N VAL D 144 15.94 -30.65 18.04
CA VAL D 144 15.46 -29.27 18.09
C VAL D 144 13.95 -29.25 17.90
N SER D 145 13.29 -28.41 18.69
CA SER D 145 11.84 -28.28 18.62
C SER D 145 11.45 -27.41 17.44
N LEU D 146 10.21 -27.61 16.99
CA LEU D 146 9.76 -26.95 15.77
C LEU D 146 9.69 -25.44 15.94
N GLU D 147 9.19 -24.96 17.07
CA GLU D 147 9.01 -23.51 17.25
C GLU D 147 10.35 -22.79 17.35
N GLN D 148 11.37 -23.43 17.93
CA GLN D 148 12.71 -22.83 17.90
C GLN D 148 13.20 -22.68 16.48
N GLN D 149 12.99 -23.72 15.66
CA GLN D 149 13.32 -23.61 14.24
C GLN D 149 12.57 -22.46 13.60
N LEU D 150 11.29 -22.33 13.91
CA LEU D 150 10.49 -21.27 13.30
C LEU D 150 11.04 -19.90 13.66
N GLN D 151 11.35 -19.69 14.93
CA GLN D 151 11.84 -18.37 15.33
C GLN D 151 13.21 -18.08 14.75
N VAL D 152 14.05 -19.11 14.60
CA VAL D 152 15.32 -18.91 13.89
C VAL D 152 15.07 -18.49 12.44
N LEU D 153 14.12 -19.14 11.78
CA LEU D 153 13.81 -18.79 10.39
C LEU D 153 13.25 -17.37 10.28
N PHE D 154 12.42 -16.95 11.23
CA PHE D 154 11.94 -15.57 11.17
C PHE D 154 13.05 -14.57 11.46
N LYS D 155 14.00 -14.92 12.34
CA LYS D 155 15.18 -14.06 12.50
C LYS D 155 15.93 -13.93 11.19
N VAL D 156 16.13 -15.04 10.48
CA VAL D 156 16.80 -15.00 9.19
C VAL D 156 15.99 -14.16 8.20
N LEU D 157 14.66 -14.31 8.22
CA LEU D 157 13.81 -13.58 7.30
C LEU D 157 13.91 -12.08 7.54
N GLU D 158 13.98 -11.67 8.81
CA GLU D 158 14.25 -10.27 9.12
C GLU D 158 15.63 -9.85 8.64
N GLU D 159 16.63 -10.73 8.76
CA GLU D 159 17.98 -10.38 8.33
C GLU D 159 17.98 -9.88 6.90
N TYR D 160 17.20 -10.50 6.02
CA TYR D 160 17.06 -10.04 4.66
C TYR D 160 15.79 -9.21 4.46
N ASP D 161 15.37 -8.49 5.51
CA ASP D 161 14.31 -7.47 5.49
C ASP D 161 13.19 -7.79 4.51
N TRP D 162 12.65 -9.00 4.65
CA TRP D 162 11.56 -9.46 3.81
C TRP D 162 10.26 -9.49 4.59
N SER D 163 9.14 -9.51 3.88
CA SER D 163 7.83 -9.64 4.49
C SER D 163 6.88 -10.22 3.44
N ALA D 164 5.58 -10.17 3.75
CA ALA D 164 4.54 -10.67 2.84
C ALA D 164 4.77 -12.13 2.48
N PHE D 165 5.31 -12.90 3.42
CA PHE D 165 5.57 -14.31 3.22
C PHE D 165 4.27 -15.10 3.17
N ALA D 166 4.29 -16.21 2.44
CA ALA D 166 3.16 -17.13 2.41
C ALA D 166 3.50 -18.39 3.18
N VAL D 167 2.45 -19.08 3.63
CA VAL D 167 2.59 -20.34 4.35
C VAL D 167 1.86 -21.42 3.57
N ILE D 168 2.56 -22.53 3.32
CA ILE D 168 1.99 -23.66 2.62
C ILE D 168 2.31 -24.92 3.43
N THR D 169 1.29 -25.71 3.72
CA THR D 169 1.47 -26.95 4.44
C THR D 169 0.88 -28.09 3.65
N SER D 170 1.30 -29.30 3.97
CA SER D 170 0.68 -30.49 3.44
C SER D 170 -0.42 -30.94 4.40
N LEU D 171 -1.02 -32.09 4.10
CA LEU D 171 -1.94 -32.72 5.03
C LEU D 171 -1.23 -33.67 5.98
N HIS D 172 0.10 -33.67 5.97
CA HIS D 172 0.85 -34.51 6.88
C HIS D 172 0.51 -34.12 8.33
N PRO D 173 0.29 -35.10 9.20
CA PRO D 173 -0.16 -34.80 10.56
C PRO D 173 0.88 -33.98 11.33
N GLY D 174 0.42 -33.35 12.40
CA GLY D 174 1.22 -32.38 13.12
C GLY D 174 1.21 -31.01 12.49
N HIS D 175 0.61 -30.85 11.32
CA HIS D 175 0.58 -29.55 10.66
C HIS D 175 -0.33 -28.57 11.40
N ALA D 176 -1.31 -29.07 12.16
CA ALA D 176 -2.10 -28.19 13.01
C ALA D 176 -1.22 -27.57 14.10
N LEU D 177 -0.32 -28.37 14.65
CA LEU D 177 0.68 -27.84 15.58
C LEU D 177 1.55 -26.80 14.88
N PHE D 178 1.90 -27.04 13.61
CA PHE D 178 2.67 -26.06 12.86
C PHE D 178 1.89 -24.76 12.69
N LEU D 179 0.59 -24.86 12.42
CA LEU D 179 -0.23 -23.66 12.27
C LEU D 179 -0.33 -22.88 13.56
N GLU D 180 -0.59 -23.56 14.68
CA GLU D 180 -0.65 -22.83 15.94
C GLU D 180 0.70 -22.22 16.28
N GLY D 181 1.78 -22.91 15.92
CA GLY D 181 3.11 -22.38 16.17
C GLY D 181 3.38 -21.13 15.36
N VAL D 182 3.04 -21.15 14.07
CA VAL D 182 3.29 -19.97 13.24
C VAL D 182 2.39 -18.82 13.68
N ARG D 183 1.17 -19.10 14.13
CA ARG D 183 0.35 -18.06 14.74
C ARG D 183 1.03 -17.48 15.95
N ALA D 184 1.57 -18.33 16.83
CA ALA D 184 2.16 -17.87 18.08
C ALA D 184 3.45 -17.09 17.84
N VAL D 185 4.17 -17.41 16.76
CA VAL D 185 5.45 -16.77 16.52
C VAL D 185 5.41 -15.73 15.42
N ALA D 186 4.23 -15.46 14.86
CA ALA D 186 4.07 -14.35 13.93
C ALA D 186 3.09 -13.30 14.44
N ASP D 187 1.95 -13.73 14.99
CA ASP D 187 1.01 -12.77 15.57
C ASP D 187 1.57 -12.15 16.85
N ALA D 188 2.21 -12.98 17.69
CA ALA D 188 2.88 -12.49 18.89
C ALA D 188 4.32 -12.10 18.63
N SER D 189 4.78 -12.20 17.40
CA SER D 189 6.11 -11.73 17.03
C SER D 189 6.19 -10.21 17.20
N TYR D 190 7.38 -9.74 17.56
CA TYR D 190 7.58 -8.30 17.77
C TYR D 190 7.28 -7.50 16.50
N LEU D 191 7.75 -7.98 15.35
CA LEU D 191 7.52 -7.27 14.11
C LEU D 191 6.14 -7.61 13.54
N SER D 192 5.57 -6.66 12.79
CA SER D 192 4.30 -6.89 12.14
C SER D 192 4.48 -7.83 10.97
N TRP D 193 4.69 -9.11 11.27
CA TRP D 193 5.09 -10.08 10.26
C TRP D 193 3.91 -10.35 9.33
N ARG D 194 3.93 -9.74 8.16
CA ARG D 194 2.81 -9.81 7.22
C ARG D 194 2.80 -11.19 6.57
N LEU D 195 1.75 -11.96 6.87
CA LEU D 195 1.49 -13.22 6.19
C LEU D 195 0.73 -12.93 4.90
N LEU D 196 1.23 -13.44 3.78
CA LEU D 196 0.50 -13.29 2.53
C LEU D 196 -0.70 -14.22 2.50
N ASP D 197 -0.48 -15.52 2.67
CA ASP D 197 -1.58 -16.47 2.67
C ASP D 197 -1.12 -17.76 3.30
N VAL D 198 -2.07 -18.48 3.90
CA VAL D 198 -1.84 -19.83 4.42
C VAL D 198 -2.53 -20.82 3.49
N LEU D 199 -1.85 -21.92 3.20
CA LEU D 199 -2.36 -22.88 2.24
C LEU D 199 -2.04 -24.30 2.70
N THR D 200 -2.92 -25.23 2.33
CA THR D 200 -2.77 -26.64 2.65
C THR D 200 -2.84 -27.47 1.38
N LEU D 201 -2.10 -28.57 1.35
CA LEU D 201 -2.03 -29.44 0.19
C LEU D 201 -2.22 -30.89 0.58
N GLU D 202 -2.70 -31.69 -0.38
CA GLU D 202 -2.84 -33.13 -0.17
C GLU D 202 -1.50 -33.84 -0.35
N LEU D 203 -0.91 -33.71 -1.54
CA LEU D 203 0.45 -34.18 -1.83
C LEU D 203 0.62 -35.69 -1.69
N GLY D 204 -0.49 -36.42 -1.56
CA GLY D 204 -0.42 -37.86 -1.50
C GLY D 204 -0.27 -38.46 -2.88
N PRO D 205 -0.03 -39.78 -2.91
CA PRO D 205 0.07 -40.48 -4.19
C PRO D 205 -1.23 -40.37 -4.99
N GLY D 206 -1.12 -39.87 -6.21
CA GLY D 206 -2.29 -39.69 -7.05
C GLY D 206 -3.14 -38.50 -6.71
N GLY D 207 -2.61 -37.54 -5.96
CA GLY D 207 -3.33 -36.33 -5.63
C GLY D 207 -3.71 -35.53 -6.85
N PRO D 208 -4.95 -35.02 -6.87
CA PRO D 208 -5.40 -34.24 -8.04
C PRO D 208 -4.56 -33.00 -8.26
N ARG D 209 -3.83 -32.97 -9.38
CA ARG D 209 -2.97 -31.84 -9.68
C ARG D 209 -3.77 -30.58 -9.98
N ALA D 210 -4.92 -30.71 -10.65
CA ALA D 210 -5.73 -29.54 -10.97
C ALA D 210 -6.12 -28.78 -9.71
N ARG D 211 -6.61 -29.50 -8.70
CA ARG D 211 -6.93 -28.87 -7.42
C ARG D 211 -5.71 -28.18 -6.81
N THR D 212 -4.53 -28.80 -6.92
CA THR D 212 -3.32 -28.22 -6.36
C THR D 212 -2.72 -27.14 -7.27
N GLN D 213 -2.53 -27.47 -8.55
CA GLN D 213 -1.87 -26.54 -9.46
C GLN D 213 -2.70 -25.27 -9.66
N ARG D 214 -4.03 -25.40 -9.59
CA ARG D 214 -4.89 -24.22 -9.67
C ARG D 214 -4.60 -23.25 -8.53
N LEU D 215 -4.54 -23.76 -7.30
CA LEU D 215 -4.25 -22.89 -6.16
C LEU D 215 -2.82 -22.38 -6.21
N LEU D 216 -1.89 -23.15 -6.77
CA LEU D 216 -0.54 -22.64 -6.98
C LEU D 216 -0.53 -21.46 -7.93
N ARG D 217 -1.33 -21.54 -9.00
CA ARG D 217 -1.53 -20.37 -9.85
C ARG D 217 -2.16 -19.23 -9.07
N GLN D 218 -3.03 -19.55 -8.11
CA GLN D 218 -3.56 -18.56 -7.19
C GLN D 218 -2.52 -18.09 -6.18
N VAL D 219 -1.42 -18.81 -6.02
CA VAL D 219 -0.33 -18.38 -5.15
C VAL D 219 0.50 -17.33 -5.88
N ASP D 220 0.77 -16.22 -5.20
CA ASP D 220 1.48 -15.10 -5.81
C ASP D 220 2.67 -14.62 -4.99
N ALA D 221 3.07 -15.35 -3.95
CA ALA D 221 4.11 -14.86 -3.05
C ALA D 221 5.49 -15.03 -3.69
N PRO D 222 6.41 -14.09 -3.44
CA PRO D 222 7.80 -14.30 -3.84
C PRO D 222 8.61 -14.99 -2.75
N VAL D 223 8.09 -14.98 -1.53
CA VAL D 223 8.75 -15.61 -0.39
C VAL D 223 7.77 -16.53 0.32
N LEU D 224 8.20 -17.78 0.54
CA LEU D 224 7.32 -18.85 0.99
C LEU D 224 7.96 -19.59 2.14
N VAL D 225 7.12 -20.20 2.96
CA VAL D 225 7.55 -21.18 3.96
C VAL D 225 6.59 -22.36 3.88
N ALA D 226 7.15 -23.57 3.84
CA ALA D 226 6.37 -24.77 3.60
C ALA D 226 6.62 -25.80 4.69
N TYR D 227 5.67 -26.70 4.86
CA TYR D 227 5.77 -27.81 5.81
C TYR D 227 5.23 -29.07 5.16
N CYS D 228 6.02 -30.14 5.23
CA CYS D 228 5.69 -31.39 4.56
C CYS D 228 6.69 -32.49 4.89
N SER D 229 6.49 -33.68 4.34
CA SER D 229 7.46 -34.75 4.44
C SER D 229 8.44 -34.68 3.27
N ARG D 230 9.50 -35.49 3.37
CA ARG D 230 10.53 -35.50 2.33
C ARG D 230 9.97 -35.99 1.00
N GLU D 231 9.13 -37.03 1.03
CA GLU D 231 8.46 -37.46 -0.19
C GLU D 231 7.48 -36.40 -0.66
N GLU D 232 6.71 -35.83 0.27
CA GLU D 232 5.87 -34.69 -0.08
C GLU D 232 6.71 -33.53 -0.58
N ALA D 233 7.91 -33.35 -0.04
CA ALA D 233 8.80 -32.31 -0.53
C ALA D 233 9.17 -32.55 -1.99
N GLU D 234 9.53 -33.79 -2.33
CA GLU D 234 9.85 -34.11 -3.71
C GLU D 234 8.66 -33.87 -4.62
N VAL D 235 7.48 -34.30 -4.19
CA VAL D 235 6.27 -34.14 -4.99
C VAL D 235 5.98 -32.66 -5.23
N LEU D 236 6.08 -31.85 -4.19
CA LEU D 236 5.75 -30.43 -4.35
C LEU D 236 6.84 -29.70 -5.12
N PHE D 237 8.10 -30.14 -5.01
CA PHE D 237 9.13 -29.54 -5.84
C PHE D 237 8.87 -29.81 -7.32
N ALA D 238 8.51 -31.04 -7.66
CA ALA D 238 8.13 -31.31 -9.05
C ALA D 238 6.91 -30.48 -9.45
N GLU D 239 5.92 -30.41 -8.55
CA GLU D 239 4.68 -29.69 -8.86
C GLU D 239 4.95 -28.21 -9.11
N ALA D 240 5.81 -27.59 -8.29
CA ALA D 240 6.20 -26.21 -8.52
C ALA D 240 7.09 -26.09 -9.74
N ALA D 241 7.82 -27.14 -10.09
CA ALA D 241 8.63 -27.12 -11.31
C ALA D 241 7.74 -26.96 -12.53
N GLN D 242 6.66 -27.74 -12.62
CA GLN D 242 5.72 -27.45 -13.71
C GLN D 242 4.88 -26.22 -13.44
N ALA D 243 4.81 -25.76 -12.19
CA ALA D 243 4.15 -24.51 -11.88
C ALA D 243 5.00 -23.28 -12.22
N GLY D 244 6.32 -23.42 -12.26
CA GLY D 244 7.19 -22.30 -12.54
C GLY D 244 7.51 -21.43 -11.35
N LEU D 245 7.00 -21.76 -10.17
CA LEU D 245 7.30 -21.00 -8.96
C LEU D 245 8.65 -21.36 -8.37
N VAL D 246 9.45 -22.18 -9.07
CA VAL D 246 10.81 -22.48 -8.65
C VAL D 246 11.78 -21.38 -9.07
N GLY D 247 11.33 -20.40 -9.84
CA GLY D 247 12.19 -19.39 -10.41
C GLY D 247 13.03 -18.63 -9.40
N PRO D 248 14.09 -17.97 -9.90
CA PRO D 248 15.03 -17.31 -8.99
C PRO D 248 14.40 -16.23 -8.13
N GLY D 249 13.40 -15.53 -8.65
CA GLY D 249 12.69 -14.53 -7.87
C GLY D 249 11.79 -15.08 -6.80
N HIS D 250 11.81 -16.39 -6.57
CA HIS D 250 10.96 -17.05 -5.59
C HIS D 250 11.81 -17.56 -4.44
N VAL D 251 11.29 -17.47 -3.23
CA VAL D 251 11.96 -17.97 -2.04
C VAL D 251 10.98 -18.88 -1.30
N TRP D 252 11.45 -20.06 -0.93
CA TRP D 252 10.64 -21.02 -0.19
C TRP D 252 11.46 -21.59 0.97
N LEU D 253 10.79 -21.84 2.09
CA LEU D 253 11.45 -22.29 3.31
C LEU D 253 10.84 -23.59 3.77
N VAL D 254 11.61 -24.38 4.51
CA VAL D 254 11.18 -25.70 4.95
C VAL D 254 11.90 -26.11 6.23
N PRO D 255 11.23 -26.78 7.16
CA PRO D 255 11.92 -27.32 8.34
C PRO D 255 12.74 -28.56 8.02
N ASN D 256 13.28 -29.18 9.07
CA ASN D 256 14.18 -30.32 8.87
C ASN D 256 13.43 -31.59 8.51
N LEU D 257 12.11 -31.63 8.80
CA LEU D 257 11.36 -32.86 8.61
C LEU D 257 11.34 -33.33 7.15
N ALA D 258 11.16 -32.40 6.22
CA ALA D 258 11.09 -32.76 4.81
C ALA D 258 12.45 -33.00 4.18
N LEU D 259 13.50 -33.18 4.98
CA LEU D 259 14.84 -33.41 4.48
C LEU D 259 15.26 -34.84 4.78
N GLY D 260 15.93 -35.45 3.81
CA GLY D 260 16.48 -36.78 4.01
C GLY D 260 17.94 -36.73 4.38
N SER D 261 18.79 -37.39 3.61
CA SER D 261 20.22 -37.34 3.85
C SER D 261 20.79 -36.04 3.31
N THR D 262 21.50 -35.31 4.17
CA THR D 262 22.18 -34.10 3.71
C THR D 262 23.18 -34.41 2.61
N ASP D 263 23.85 -35.58 2.70
CA ASP D 263 24.80 -36.00 1.68
C ASP D 263 24.12 -36.51 0.43
N ALA D 264 22.82 -36.72 0.44
CA ALA D 264 22.08 -37.26 -0.70
C ALA D 264 20.91 -36.35 -1.03
N PRO D 265 21.16 -35.21 -1.68
CA PRO D 265 20.07 -34.34 -2.12
C PRO D 265 19.49 -34.83 -3.43
N PRO D 266 18.22 -35.22 -3.44
CA PRO D 266 17.60 -35.70 -4.68
C PRO D 266 17.50 -34.60 -5.72
N ALA D 267 17.48 -35.01 -6.98
CA ALA D 267 17.40 -34.05 -8.09
C ALA D 267 16.15 -33.20 -8.02
N ALA D 268 15.07 -33.69 -7.42
CA ALA D 268 13.87 -32.89 -7.26
C ALA D 268 14.11 -31.66 -6.39
N PHE D 269 15.04 -31.74 -5.46
CA PHE D 269 15.35 -30.60 -4.60
C PHE D 269 15.86 -29.44 -5.45
N PRO D 270 15.27 -28.25 -5.36
CA PRO D 270 15.74 -27.13 -6.18
C PRO D 270 16.93 -26.43 -5.54
N VAL D 271 17.65 -25.69 -6.39
CA VAL D 271 18.84 -25.00 -5.92
C VAL D 271 18.44 -23.75 -5.15
N GLY D 272 19.19 -23.44 -4.10
CA GLY D 272 18.94 -22.27 -3.29
C GLY D 272 18.09 -22.51 -2.06
N LEU D 273 17.65 -23.74 -1.83
CA LEU D 273 16.88 -24.04 -0.63
C LEU D 273 17.76 -23.95 0.60
N ILE D 274 17.18 -23.50 1.71
CA ILE D 274 17.92 -23.20 2.92
C ILE D 274 17.13 -23.66 4.14
N SER D 275 17.84 -24.18 5.13
CA SER D 275 17.24 -24.60 6.40
C SER D 275 18.30 -24.46 7.49
N VAL D 276 18.00 -24.97 8.68
CA VAL D 276 18.89 -24.89 9.82
C VAL D 276 18.84 -26.19 10.60
N VAL D 277 20.00 -26.68 11.01
CA VAL D 277 20.13 -27.96 11.69
C VAL D 277 21.13 -27.82 12.84
N THR D 278 21.39 -28.93 13.51
CA THR D 278 22.40 -28.96 14.57
C THR D 278 23.80 -28.86 13.98
N GLU D 279 24.71 -28.32 14.79
CA GLU D 279 26.10 -28.21 14.38
C GLU D 279 26.73 -29.57 14.11
N SER D 280 26.25 -30.62 14.76
CA SER D 280 26.77 -31.96 14.61
C SER D 280 26.40 -32.61 13.29
N TRP D 281 25.77 -31.88 12.38
CA TRP D 281 25.35 -32.45 11.12
C TRP D 281 26.54 -32.92 10.27
N ARG D 282 27.71 -32.31 10.42
CA ARG D 282 28.90 -32.78 9.74
C ARG D 282 29.73 -33.76 10.56
N LEU D 283 29.40 -33.95 11.83
CA LEU D 283 30.11 -34.94 12.64
C LEU D 283 29.71 -36.34 12.22
N SER D 284 30.68 -37.24 12.18
CA SER D 284 30.38 -38.62 11.84
C SER D 284 29.60 -39.28 12.97
N LEU D 285 28.97 -40.41 12.64
CA LEU D 285 28.18 -41.14 13.63
C LEU D 285 29.01 -41.51 14.85
N ARG D 286 30.30 -41.81 14.65
CA ARG D 286 31.16 -42.16 15.77
C ARG D 286 31.28 -41.01 16.75
N GLN D 287 31.45 -39.79 16.23
CA GLN D 287 31.52 -38.62 17.09
C GLN D 287 30.23 -38.42 17.87
N LYS D 288 29.09 -38.59 17.21
CA LYS D 288 27.81 -38.46 17.89
C LYS D 288 27.66 -39.48 19.01
N VAL D 289 28.06 -40.73 18.74
CA VAL D 289 27.99 -41.77 19.75
C VAL D 289 28.89 -41.41 20.93
N ARG D 290 30.10 -40.94 20.64
CA ARG D 290 31.02 -40.58 21.72
C ARG D 290 30.45 -39.44 22.56
N ASP D 291 29.85 -38.44 21.91
CA ASP D 291 29.25 -37.34 22.66
C ASP D 291 28.10 -37.81 23.53
N GLY D 292 27.26 -38.70 23.00
CA GLY D 292 26.17 -39.23 23.81
C GLY D 292 26.67 -40.02 25.01
N VAL D 293 27.67 -40.87 24.80
CA VAL D 293 28.25 -41.63 25.89
C VAL D 293 28.86 -40.69 26.92
N ALA D 294 29.52 -39.63 26.45
CA ALA D 294 30.08 -38.63 27.37
C ALA D 294 29.00 -37.93 28.18
N ILE D 295 27.87 -37.61 27.55
CA ILE D 295 26.76 -36.98 28.26
C ILE D 295 26.26 -37.91 29.37
N LEU D 296 26.04 -39.17 29.03
CA LEU D 296 25.57 -40.13 30.03
C LEU D 296 26.58 -40.28 31.16
N ALA D 297 27.87 -40.37 30.80
CA ALA D 297 28.91 -40.56 31.80
C ALA D 297 29.01 -39.36 32.73
N LEU D 298 28.93 -38.15 32.19
CA LEU D 298 29.03 -36.96 33.03
C LEU D 298 27.80 -36.83 33.92
N GLY D 299 26.62 -37.21 33.41
CA GLY D 299 25.45 -37.23 34.27
C GLY D 299 25.60 -38.19 35.43
N ALA D 300 26.09 -39.41 35.14
CA ALA D 300 26.31 -40.39 36.19
C ALA D 300 27.36 -39.90 37.18
N HIS D 301 28.41 -39.25 36.69
CA HIS D 301 29.46 -38.77 37.58
C HIS D 301 28.96 -37.62 38.44
N SER D 302 28.06 -36.79 37.91
CA SER D 302 27.43 -35.76 38.73
C SER D 302 26.56 -36.40 39.80
N TYR D 303 25.84 -37.47 39.45
CA TYR D 303 25.09 -38.21 40.45
C TYR D 303 26.01 -38.71 41.57
N ARG D 304 27.17 -39.24 41.20
CA ARG D 304 28.13 -39.69 42.20
C ARG D 304 28.67 -38.53 43.03
N ARG D 305 28.94 -37.39 42.38
CA ARG D 305 29.43 -36.23 43.12
C ARG D 305 28.42 -35.79 44.16
N GLN D 306 27.13 -35.83 43.82
CA GLN D 306 26.11 -35.41 44.77
C GLN D 306 25.85 -36.46 45.84
N TYR D 307 25.97 -37.74 45.50
CA TYR D 307 25.62 -38.80 46.45
C TYR D 307 26.65 -39.93 46.57
N GLY D 308 27.51 -40.13 45.58
CA GLY D 308 28.53 -41.17 45.70
C GLY D 308 28.11 -42.55 45.23
N THR D 309 27.01 -42.66 44.49
CA THR D 309 26.51 -43.96 44.06
C THR D 309 26.29 -43.97 42.56
N LEU D 310 26.38 -45.16 41.98
CA LEU D 310 26.02 -45.35 40.58
C LEU D 310 24.50 -45.29 40.41
N PRO D 311 24.03 -44.81 39.27
CA PRO D 311 22.58 -44.85 39.00
C PRO D 311 22.09 -46.28 38.86
N ALA D 312 20.98 -46.56 39.52
CA ALA D 312 20.43 -47.91 39.51
C ALA D 312 19.92 -48.25 38.12
N PRO D 313 20.39 -49.32 37.50
CA PRO D 313 19.92 -49.69 36.17
C PRO D 313 18.52 -50.30 36.23
N ALA D 314 17.85 -50.26 35.09
CA ALA D 314 16.46 -50.70 35.01
C ALA D 314 16.36 -52.22 35.05
N GLY D 315 15.12 -52.70 35.19
CA GLY D 315 14.85 -54.12 35.25
C GLY D 315 14.44 -54.69 33.92
N ASP D 316 13.95 -55.93 33.95
CA ASP D 316 13.62 -56.68 32.75
C ASP D 316 12.16 -56.45 32.35
N CYS D 317 11.69 -57.22 31.38
CA CYS D 317 10.45 -56.93 30.67
C CYS D 317 9.23 -57.67 31.20
N ARG D 318 9.38 -58.63 32.11
CA ARG D 318 8.22 -59.37 32.58
C ARG D 318 7.53 -58.69 33.75
N SER D 319 7.99 -57.52 34.17
CA SER D 319 7.33 -56.73 35.19
C SER D 319 7.57 -55.26 34.90
N HIS D 320 6.96 -54.41 35.73
CA HIS D 320 7.09 -52.96 35.57
C HIS D 320 7.01 -52.32 36.95
N PRO D 321 8.07 -51.62 37.37
CA PRO D 321 8.03 -50.95 38.66
C PRO D 321 7.09 -49.75 38.65
N GLY D 322 6.33 -49.61 39.73
CA GLY D 322 5.39 -48.51 39.88
C GLY D 322 6.05 -47.19 40.19
N PRO D 323 6.70 -47.10 41.35
CA PRO D 323 7.31 -45.82 41.75
C PRO D 323 8.42 -45.39 40.80
N VAL D 324 8.85 -44.14 40.97
CA VAL D 324 9.84 -43.55 40.05
C VAL D 324 11.26 -43.67 40.55
N SER D 325 11.51 -44.35 41.68
CA SER D 325 12.85 -44.55 42.20
C SER D 325 13.59 -43.22 42.34
N PRO D 326 13.32 -42.45 43.41
CA PRO D 326 13.72 -41.03 43.44
C PRO D 326 15.15 -40.75 43.00
N ALA D 327 16.03 -41.74 43.15
CA ALA D 327 17.36 -41.64 42.57
C ALA D 327 17.28 -41.46 41.06
N ARG D 328 16.26 -42.02 40.41
CA ARG D 328 16.18 -41.93 38.95
C ARG D 328 15.86 -40.51 38.49
N GLU D 329 14.91 -39.83 39.14
CA GLU D 329 14.69 -38.44 38.71
C GLU D 329 15.77 -37.53 39.25
N ALA D 330 16.49 -37.93 40.31
CA ALA D 330 17.71 -37.20 40.65
C ALA D 330 18.73 -37.26 39.52
N PHE D 331 18.93 -38.46 38.97
CA PHE D 331 19.78 -38.63 37.79
C PHE D 331 19.25 -37.83 36.62
N TYR D 332 17.94 -37.81 36.44
CA TYR D 332 17.32 -37.03 35.38
C TYR D 332 17.62 -35.54 35.53
N ARG D 333 17.50 -35.03 36.76
CA ARG D 333 17.80 -33.63 37.03
C ARG D 333 19.26 -33.31 36.73
N HIS D 334 20.17 -34.20 37.16
CA HIS D 334 21.59 -33.98 36.85
C HIS D 334 21.85 -34.13 35.36
N LEU D 335 20.96 -34.80 34.63
CA LEU D 335 21.07 -34.89 33.18
C LEU D 335 20.39 -33.72 32.49
N LEU D 336 19.64 -32.89 33.22
CA LEU D 336 18.96 -31.77 32.59
C LEU D 336 19.93 -30.64 32.26
N ASN D 337 21.17 -30.73 32.72
CA ASN D 337 22.17 -29.69 32.52
C ASN D 337 23.50 -30.33 32.13
N VAL D 338 23.78 -30.37 30.83
CA VAL D 338 24.95 -31.04 30.29
C VAL D 338 25.78 -30.06 29.48
N THR D 339 27.08 -30.03 29.74
CA THR D 339 28.02 -29.22 28.97
C THR D 339 29.22 -30.08 28.61
N TRP D 340 29.57 -30.10 27.33
CA TRP D 340 30.70 -30.90 26.85
C TRP D 340 31.35 -30.18 25.68
N GLU D 341 32.67 -29.99 25.77
CA GLU D 341 33.46 -29.35 24.73
C GLU D 341 32.91 -27.96 24.41
N GLY D 342 32.48 -27.25 25.45
CA GLY D 342 31.86 -25.95 25.30
C GLY D 342 30.44 -25.98 24.80
N ARG D 343 29.98 -27.09 24.22
CA ARG D 343 28.63 -27.19 23.69
C ARG D 343 27.72 -27.67 24.81
N ASP D 344 26.81 -26.80 25.26
CA ASP D 344 25.83 -27.21 26.25
C ASP D 344 24.84 -28.18 25.64
N PHE D 345 24.43 -29.18 26.39
CA PHE D 345 23.43 -30.15 25.97
C PHE D 345 22.28 -30.25 26.97
N SER D 346 21.97 -29.14 27.64
CA SER D 346 20.89 -29.13 28.62
C SER D 346 19.55 -29.30 27.92
N PHE D 347 18.77 -30.28 28.37
CA PHE D 347 17.51 -30.63 27.72
C PHE D 347 16.35 -29.80 28.27
N SER D 348 15.22 -29.93 27.59
CA SER D 348 14.00 -29.22 27.94
C SER D 348 13.12 -30.08 28.84
N PRO D 349 12.20 -29.46 29.58
CA PRO D 349 11.18 -30.25 30.28
C PRO D 349 10.29 -31.05 29.34
N GLY D 350 10.27 -30.69 28.05
CA GLY D 350 9.53 -31.42 27.04
C GLY D 350 10.22 -32.67 26.52
N GLY D 351 11.33 -33.06 27.13
CA GLY D 351 12.01 -34.27 26.72
C GLY D 351 12.93 -34.13 25.54
N TYR D 352 13.31 -32.91 25.18
CA TYR D 352 14.21 -32.66 24.06
C TYR D 352 15.24 -31.62 24.46
N LEU D 353 16.12 -31.30 23.51
CA LEU D 353 17.18 -30.32 23.76
C LEU D 353 16.63 -28.90 23.67
N VAL D 354 16.92 -28.09 24.68
CA VAL D 354 16.47 -26.71 24.73
C VAL D 354 17.67 -25.80 24.63
N ARG D 355 17.48 -24.63 24.02
CA ARG D 355 18.52 -23.63 23.85
C ARG D 355 19.78 -24.24 23.23
N PRO D 356 19.70 -24.70 21.98
CA PRO D 356 20.89 -25.25 21.32
C PRO D 356 21.58 -24.22 20.44
N THR D 357 22.76 -24.56 19.93
CA THR D 357 23.47 -23.72 18.97
C THR D 357 23.27 -24.30 17.57
N MET D 358 22.63 -23.53 16.69
CA MET D 358 22.22 -24.02 15.38
C MET D 358 23.08 -23.46 14.27
N VAL D 359 23.10 -24.18 13.15
CA VAL D 359 23.83 -23.79 11.96
C VAL D 359 22.86 -23.79 10.79
N VAL D 360 22.83 -22.68 10.06
CA VAL D 360 21.95 -22.53 8.90
C VAL D 360 22.73 -22.91 7.66
N ILE D 361 22.23 -23.91 6.94
CA ILE D 361 22.86 -24.44 5.74
C ILE D 361 21.94 -24.16 4.55
N ALA D 362 22.55 -24.09 3.38
CA ALA D 362 21.84 -23.78 2.14
C ALA D 362 22.45 -24.57 1.00
N LEU D 363 21.60 -25.07 0.12
CA LEU D 363 22.05 -25.79 -1.06
C LEU D 363 22.82 -24.84 -1.95
N ASN D 364 23.99 -25.25 -2.42
CA ASN D 364 24.87 -24.34 -3.14
C ASN D 364 24.59 -24.38 -4.63
N ARG D 365 25.37 -23.59 -5.38
CA ARG D 365 25.18 -23.47 -6.82
C ARG D 365 25.58 -24.73 -7.56
N HIS D 366 26.26 -25.65 -6.90
CA HIS D 366 26.64 -26.93 -7.50
C HIS D 366 25.82 -28.09 -6.97
N ARG D 367 24.59 -27.82 -6.51
CA ARG D 367 23.76 -28.82 -5.85
C ARG D 367 24.49 -29.47 -4.68
N LEU D 368 25.16 -28.64 -3.88
CA LEU D 368 25.88 -29.09 -2.70
C LEU D 368 25.32 -28.38 -1.47
N TRP D 369 25.12 -29.13 -0.40
CA TRP D 369 24.57 -28.58 0.84
C TRP D 369 25.74 -28.10 1.69
N GLU D 370 25.76 -26.81 1.99
CA GLU D 370 26.85 -26.17 2.72
C GLU D 370 26.27 -25.13 3.67
N MET D 371 26.99 -24.86 4.76
CA MET D 371 26.46 -23.98 5.80
C MET D 371 26.70 -22.53 5.43
N VAL D 372 25.64 -21.73 5.52
CA VAL D 372 25.74 -20.30 5.25
C VAL D 372 25.93 -19.48 6.52
N GLY D 373 25.36 -19.88 7.65
CA GLY D 373 25.49 -19.07 8.84
C GLY D 373 25.31 -19.90 10.10
N ARG D 374 25.23 -19.19 11.22
CA ARG D 374 25.12 -19.80 12.53
C ARG D 374 24.26 -18.93 13.44
N TRP D 375 23.35 -19.59 14.16
CA TRP D 375 22.58 -18.96 15.23
C TRP D 375 23.16 -19.43 16.56
N ASP D 376 23.90 -18.54 17.23
CA ASP D 376 24.44 -18.77 18.56
C ASP D 376 23.54 -18.04 19.56
N HIS D 377 22.35 -18.59 19.77
CA HIS D 377 21.53 -18.44 20.97
C HIS D 377 21.09 -17.01 21.26
N GLY D 378 21.77 -16.04 20.65
CA GLY D 378 21.29 -14.68 20.63
C GLY D 378 21.80 -13.94 19.42
N VAL D 379 22.65 -14.60 18.62
CA VAL D 379 23.40 -13.90 17.58
C VAL D 379 23.26 -14.66 16.26
N LEU D 380 23.11 -13.93 15.18
CA LEU D 380 23.07 -14.48 13.83
C LEU D 380 24.32 -14.08 13.07
N TYR D 381 24.91 -15.05 12.37
CA TYR D 381 25.95 -14.79 11.38
C TYR D 381 25.53 -15.51 10.11
N MET D 382 25.91 -14.96 8.95
CA MET D 382 25.62 -15.60 7.67
C MET D 382 26.41 -14.94 6.57
N LYS D 383 26.85 -15.75 5.62
CA LYS D 383 27.51 -15.24 4.41
C LYS D 383 26.47 -14.65 3.48
N TYR D 384 26.96 -14.07 2.37
CA TYR D 384 26.12 -13.63 1.26
C TYR D 384 25.06 -12.64 1.72
N PRO D 385 25.42 -11.40 2.05
CA PRO D 385 24.39 -10.42 2.42
C PRO D 385 23.34 -10.21 1.33
N VAL D 386 23.57 -10.76 0.13
CA VAL D 386 22.56 -10.89 -0.91
C VAL D 386 22.56 -12.33 -1.38
N TRP D 387 21.40 -12.81 -1.81
CA TRP D 387 21.28 -14.21 -2.22
C TRP D 387 21.48 -14.34 -3.72
N PRO D 388 22.40 -15.19 -4.17
CA PRO D 388 22.57 -15.38 -5.62
C PRO D 388 21.38 -16.11 -6.21
N ARG D 389 20.59 -15.38 -6.99
CA ARG D 389 19.43 -15.93 -7.66
C ARG D 389 19.83 -16.41 -9.04
N TYR D 390 20.36 -17.63 -9.10
CA TYR D 390 20.87 -18.23 -10.33
C TYR D 390 19.73 -18.37 -11.33
N SER D 391 20.09 -18.21 -12.61
CA SER D 391 19.08 -18.09 -13.67
C SER D 391 18.45 -19.44 -13.98
N THR D 392 17.84 -20.05 -12.95
CA THR D 392 17.11 -21.31 -13.02
C THR D 392 18.04 -22.49 -13.32
N SER D 393 19.29 -22.20 -13.67
CA SER D 393 20.31 -23.23 -13.75
C SER D 393 21.61 -22.81 -13.07
N LEU D 394 22.01 -21.55 -13.22
CA LEU D 394 23.33 -21.07 -12.82
C LEU D 394 23.31 -19.55 -13.00
N GLN D 395 24.48 -18.91 -12.81
CA GLN D 395 24.70 -17.53 -13.21
C GLN D 395 23.73 -16.56 -12.53
N PRO D 396 23.95 -16.24 -11.25
CA PRO D 396 23.00 -15.40 -10.52
C PRO D 396 22.81 -14.04 -11.19
N VAL D 397 21.59 -13.52 -11.07
CA VAL D 397 21.20 -12.29 -11.75
C VAL D 397 21.40 -11.11 -10.83
N VAL D 398 21.83 -9.99 -11.40
CA VAL D 398 22.00 -8.74 -10.65
C VAL D 398 20.65 -8.04 -10.57
N ASP D 399 20.18 -7.81 -9.36
CA ASP D 399 18.89 -7.18 -9.16
C ASP D 399 18.95 -5.72 -9.62
N SER D 400 17.95 -5.31 -10.39
CA SER D 400 17.85 -3.93 -10.85
C SER D 400 17.45 -2.98 -9.72
N ARG D 401 17.05 -3.50 -8.56
CA ARG D 401 16.61 -2.67 -7.45
C ARG D 401 17.50 -2.82 -6.22
N HIS D 402 18.76 -3.22 -6.40
CA HIS D 402 19.72 -3.29 -5.32
C HIS D 402 21.00 -2.57 -5.72
N LEU D 403 21.58 -1.85 -4.78
CA LEU D 403 22.77 -1.04 -5.04
C LEU D 403 23.81 -1.26 -3.96
N THR D 404 25.06 -0.93 -4.28
CA THR D 404 26.17 -1.04 -3.35
C THR D 404 26.49 0.35 -2.80
N VAL D 405 26.33 0.51 -1.48
CA VAL D 405 26.58 1.78 -0.81
C VAL D 405 27.70 1.59 0.19
N ALA D 406 28.62 2.56 0.25
CA ALA D 406 29.78 2.49 1.11
C ALA D 406 30.14 3.89 1.60
N THR D 407 30.64 3.95 2.84
CA THR D 407 30.93 5.22 3.50
C THR D 407 31.90 4.92 4.65
N LEU D 408 32.40 5.97 5.29
CA LEU D 408 33.21 5.84 6.50
C LEU D 408 32.67 6.84 7.53
N GLU D 409 33.37 6.97 8.65
CA GLU D 409 32.82 7.64 9.82
C GLU D 409 33.17 9.14 9.79
N GLU D 410 32.13 9.98 9.74
CA GLU D 410 32.23 11.43 9.82
C GLU D 410 31.16 11.99 10.76
N ARG D 411 31.12 11.47 11.99
CA ARG D 411 30.33 11.86 13.16
C ARG D 411 28.94 12.43 12.81
N PRO D 412 28.73 13.75 12.63
CA PRO D 412 27.33 14.22 12.57
C PRO D 412 26.51 13.62 11.44
N PHE D 413 27.15 13.13 10.38
CA PHE D 413 26.43 12.47 9.30
C PHE D 413 26.57 10.96 9.32
N VAL D 414 27.68 10.43 9.82
CA VAL D 414 27.91 8.99 9.88
C VAL D 414 28.18 8.62 11.33
N ILE D 415 27.43 7.65 11.84
CA ILE D 415 27.59 7.12 13.18
C ILE D 415 27.65 5.60 13.09
N VAL D 416 28.77 5.03 13.52
CA VAL D 416 28.96 3.59 13.58
C VAL D 416 28.82 3.16 15.03
N GLU D 417 28.21 1.99 15.25
CA GLU D 417 27.99 1.50 16.60
C GLU D 417 27.95 -0.02 16.56
N SER D 418 28.36 -0.64 17.66
CA SER D 418 28.19 -2.08 17.77
C SER D 418 26.72 -2.40 18.00
N PRO D 419 26.19 -3.45 17.37
CA PRO D 419 24.78 -3.81 17.58
C PRO D 419 24.53 -4.18 19.03
N ASP D 420 23.29 -3.92 19.47
CA ASP D 420 22.89 -4.17 20.85
C ASP D 420 23.10 -5.63 21.23
N PRO D 421 24.05 -5.92 22.13
CA PRO D 421 24.26 -7.32 22.54
C PRO D 421 23.04 -7.95 23.18
N GLY D 422 22.26 -7.18 23.95
CA GLY D 422 21.06 -7.71 24.54
C GLY D 422 19.95 -8.00 23.55
N THR D 423 20.03 -7.44 22.35
CA THR D 423 19.04 -7.69 21.31
C THR D 423 19.62 -8.44 20.12
N GLY D 424 20.94 -8.48 19.96
CA GLY D 424 21.55 -9.07 18.78
C GLY D 424 21.76 -8.04 17.69
N GLY D 425 20.66 -7.47 17.21
CA GLY D 425 20.69 -6.34 16.32
C GLY D 425 20.82 -5.04 17.09
N CYS D 426 19.97 -4.08 16.75
CA CYS D 426 19.90 -2.82 17.47
C CYS D 426 18.53 -2.19 17.27
N VAL D 427 18.39 -0.97 17.79
CA VAL D 427 17.15 -0.20 17.70
C VAL D 427 16.97 0.26 16.26
N PRO D 428 15.78 0.71 15.86
CA PRO D 428 15.60 1.25 14.52
C PRO D 428 16.41 2.53 14.33
N ASN D 429 16.26 3.10 13.14
CA ASN D 429 17.02 4.24 12.61
C ASN D 429 18.44 3.84 12.23
N THR D 430 18.81 2.58 12.39
CA THR D 430 20.14 2.10 12.05
C THR D 430 20.04 1.03 10.97
N VAL D 431 21.11 0.88 10.21
CA VAL D 431 21.15 -0.06 9.10
C VAL D 431 22.34 -0.99 9.30
N PRO D 432 22.25 -2.27 8.96
CA PRO D 432 23.42 -3.14 9.04
C PRO D 432 24.54 -2.65 8.14
N CYS D 433 25.77 -2.79 8.63
CA CYS D 433 26.96 -2.36 7.91
C CYS D 433 28.11 -3.25 8.36
N ARG D 434 29.18 -3.24 7.56
CA ARG D 434 30.26 -4.21 7.73
C ARG D 434 31.58 -3.60 7.28
N ARG D 435 32.67 -4.24 7.71
CA ARG D 435 34.01 -3.88 7.30
C ARG D 435 34.18 -4.07 5.79
N GLN D 436 35.04 -3.23 5.20
CA GLN D 436 35.49 -3.44 3.83
C GLN D 436 36.39 -4.67 3.84
N SER D 437 35.84 -5.78 3.38
CA SER D 437 36.51 -7.07 3.41
C SER D 437 36.62 -7.61 1.99
N ASN D 438 37.84 -7.66 1.47
CA ASN D 438 38.09 -8.18 0.13
C ASN D 438 38.24 -9.70 0.20
N HIS D 439 38.72 -10.30 -0.88
CA HIS D 439 38.96 -11.75 -0.89
C HIS D 439 39.99 -12.14 0.15
N THR D 440 41.08 -11.38 0.28
CA THR D 440 42.07 -11.67 1.31
C THR D 440 41.58 -11.27 2.70
N PHE D 441 40.77 -10.23 2.79
CA PHE D 441 40.27 -9.72 4.06
C PHE D 441 38.89 -10.26 4.42
N SER D 442 38.42 -11.30 3.73
CA SER D 442 37.12 -11.87 4.04
C SER D 442 37.02 -12.38 5.46
N SER D 443 38.15 -12.73 6.08
CA SER D 443 38.22 -13.12 7.49
C SER D 443 37.34 -14.34 7.78
N GLY D 444 37.29 -15.26 6.83
CA GLY D 444 36.58 -16.51 7.04
C GLY D 444 35.08 -16.38 6.89
N ASP D 445 34.41 -17.53 7.00
CA ASP D 445 32.97 -17.62 6.90
C ASP D 445 32.29 -17.87 8.24
N LEU D 446 33.06 -18.17 9.29
CA LEU D 446 32.48 -18.25 10.63
C LEU D 446 31.90 -16.89 11.04
N THR D 447 32.63 -15.83 10.76
CA THR D 447 32.15 -14.46 10.91
C THR D 447 32.41 -13.77 9.58
N PRO D 448 31.54 -13.98 8.58
CA PRO D 448 31.80 -13.41 7.25
C PRO D 448 31.96 -11.91 7.27
N TYR D 449 31.18 -11.23 8.11
CA TYR D 449 31.31 -9.79 8.29
C TYR D 449 30.73 -9.42 9.64
N THR D 450 31.50 -8.67 10.43
CA THR D 450 31.07 -8.25 11.75
C THR D 450 29.94 -7.25 11.59
N LYS D 451 28.73 -7.66 11.97
CA LYS D 451 27.58 -6.77 11.90
C LYS D 451 27.80 -5.53 12.76
N LEU D 452 27.51 -4.36 12.20
CA LEU D 452 27.51 -3.11 12.93
C LEU D 452 26.26 -2.33 12.55
N CYS D 453 25.84 -1.43 13.42
CA CYS D 453 24.69 -0.59 13.17
C CYS D 453 25.17 0.81 12.78
N CYS D 454 24.79 1.24 11.59
CA CYS D 454 25.19 2.53 11.06
C CYS D 454 23.97 3.43 10.92
N LYS D 455 24.01 4.59 11.58
CA LYS D 455 22.91 5.53 11.57
C LYS D 455 23.47 6.94 11.41
N GLY D 456 22.67 7.83 10.86
CA GLY D 456 23.07 9.20 10.70
C GLY D 456 22.19 9.93 9.70
N PHE D 457 22.56 11.18 9.45
CA PHE D 457 21.84 12.02 8.49
C PHE D 457 21.84 11.38 7.11
N CYS D 458 23.02 10.99 6.63
CA CYS D 458 23.10 10.34 5.33
C CYS D 458 22.31 9.04 5.32
N ILE D 459 22.33 8.32 6.45
CA ILE D 459 21.54 7.09 6.56
C ILE D 459 20.06 7.41 6.39
N ASP D 460 19.57 8.46 7.04
CA ASP D 460 18.17 8.82 6.92
C ASP D 460 17.80 9.21 5.49
N ILE D 461 18.66 10.00 4.84
CA ILE D 461 18.31 10.47 3.50
C ILE D 461 18.35 9.30 2.51
N LEU D 462 19.29 8.37 2.69
CA LEU D 462 19.31 7.22 1.79
C LEU D 462 18.13 6.29 2.08
N LYS D 463 17.68 6.23 3.33
CA LYS D 463 16.46 5.50 3.63
C LYS D 463 15.27 6.08 2.88
N LYS D 464 15.15 7.41 2.90
CA LYS D 464 14.08 8.06 2.16
C LYS D 464 14.20 7.82 0.66
N LEU D 465 15.43 7.87 0.15
CA LEU D 465 15.65 7.60 -1.28
C LEU D 465 15.23 6.18 -1.64
N ALA D 466 15.58 5.21 -0.79
CA ALA D 466 15.16 3.83 -1.04
C ALA D 466 13.65 3.69 -1.00
N LYS D 467 13.01 4.32 -0.01
CA LYS D 467 11.56 4.21 0.11
C LYS D 467 10.83 4.96 -1.00
N VAL D 468 11.50 5.89 -1.67
CA VAL D 468 10.87 6.61 -2.77
C VAL D 468 11.10 5.93 -4.11
N VAL D 469 12.37 5.67 -4.46
CA VAL D 469 12.70 5.08 -5.75
C VAL D 469 12.51 3.57 -5.76
N LYS D 470 12.23 2.96 -4.59
CA LYS D 470 11.96 1.52 -4.48
C LYS D 470 13.16 0.69 -4.92
N PHE D 471 14.27 0.86 -4.21
CA PHE D 471 15.46 0.07 -4.45
C PHE D 471 16.07 -0.37 -3.13
N SER D 472 16.73 -1.52 -3.16
CA SER D 472 17.45 -2.04 -2.00
C SER D 472 18.92 -1.62 -2.07
N TYR D 473 19.67 -2.02 -1.05
CA TYR D 473 21.04 -1.56 -0.89
C TYR D 473 21.74 -2.37 0.18
N ASP D 474 23.04 -2.59 -0.02
CA ASP D 474 23.89 -3.18 1.01
C ASP D 474 25.02 -2.21 1.35
N LEU D 475 25.29 -2.11 2.65
CA LEU D 475 26.20 -1.11 3.18
C LEU D 475 27.44 -1.78 3.77
N TYR D 476 28.61 -1.26 3.41
CA TYR D 476 29.86 -1.67 4.01
C TYR D 476 30.75 -0.45 4.19
N LEU D 477 31.42 -0.37 5.33
CA LEU D 477 32.34 0.74 5.57
C LEU D 477 33.57 0.58 4.72
N VAL D 478 34.29 1.66 4.48
CA VAL D 478 35.46 1.66 3.62
C VAL D 478 36.72 1.78 4.49
N THR D 479 37.77 1.05 4.10
CA THR D 479 39.03 1.06 4.84
C THR D 479 40.19 1.62 4.04
N ASN D 480 40.34 1.24 2.77
CA ASN D 480 41.46 1.69 1.96
C ASN D 480 41.33 3.16 1.58
N GLY D 481 41.99 4.02 2.35
CA GLY D 481 41.84 5.44 2.17
C GLY D 481 40.52 5.95 2.72
N LYS D 482 40.49 7.24 3.03
CA LYS D 482 39.30 7.83 3.66
C LYS D 482 38.16 7.92 2.65
N HIS D 483 38.32 8.76 1.65
CA HIS D 483 37.25 8.95 0.68
C HIS D 483 37.70 8.78 -0.75
N GLY D 484 38.91 9.23 -1.09
CA GLY D 484 39.40 9.12 -2.45
C GLY D 484 40.41 10.19 -2.83
N LYS D 485 41.48 9.77 -3.50
CA LYS D 485 42.48 10.70 -4.02
C LYS D 485 43.26 9.97 -5.10
N ARG D 486 43.67 10.72 -6.13
CA ARG D 486 44.41 10.15 -7.25
C ARG D 486 45.84 9.86 -6.80
N VAL D 487 45.96 8.85 -5.94
CA VAL D 487 47.25 8.46 -5.38
C VAL D 487 48.09 7.84 -6.50
N ARG D 488 49.14 8.55 -6.92
CA ARG D 488 50.01 8.11 -8.00
C ARG D 488 49.20 7.83 -9.27
N GLY D 489 48.19 8.67 -9.52
CA GLY D 489 47.29 8.45 -10.62
C GLY D 489 46.22 7.41 -10.37
N VAL D 490 46.15 6.85 -9.16
CA VAL D 490 45.19 5.80 -8.82
C VAL D 490 44.30 6.32 -7.71
N TRP D 491 43.00 6.17 -7.89
CA TRP D 491 42.04 6.65 -6.90
C TRP D 491 41.77 5.58 -5.84
N ASN D 492 41.39 6.05 -4.66
CA ASN D 492 41.08 5.16 -3.54
C ASN D 492 39.74 5.53 -2.92
N GLY D 493 39.43 4.94 -1.77
CA GLY D 493 38.21 5.27 -1.06
C GLY D 493 36.96 4.93 -1.87
N MET D 494 35.90 5.69 -1.60
CA MET D 494 34.69 5.54 -2.39
C MET D 494 34.94 5.87 -3.85
N ILE D 495 35.81 6.85 -4.11
CA ILE D 495 36.14 7.19 -5.49
C ILE D 495 36.73 5.99 -6.21
N GLY D 496 37.67 5.30 -5.56
CA GLY D 496 38.22 4.09 -6.15
C GLY D 496 37.19 2.99 -6.30
N GLU D 497 36.38 2.78 -5.26
CA GLU D 497 35.42 1.68 -5.30
C GLU D 497 34.33 1.90 -6.34
N VAL D 498 34.12 3.16 -6.74
CA VAL D 498 33.09 3.45 -7.72
C VAL D 498 33.69 3.52 -9.12
N TYR D 499 34.78 4.27 -9.29
CA TYR D 499 35.41 4.38 -10.60
C TYR D 499 35.89 3.03 -11.10
N TYR D 500 36.49 2.23 -10.22
CA TYR D 500 36.88 0.88 -10.56
C TYR D 500 35.76 -0.12 -10.26
N LYS D 501 34.62 0.36 -9.79
CA LYS D 501 33.36 -0.38 -9.78
C LYS D 501 33.37 -1.57 -8.82
N ARG D 502 33.98 -1.40 -7.65
CA ARG D 502 33.62 -2.27 -6.53
C ARG D 502 32.38 -1.76 -5.80
N ALA D 503 31.93 -0.55 -6.14
CA ALA D 503 30.79 0.06 -5.49
C ALA D 503 29.87 0.67 -6.54
N ASP D 504 28.58 0.77 -6.21
CA ASP D 504 27.62 1.32 -7.15
C ASP D 504 27.49 2.82 -6.99
N MET D 505 27.34 3.31 -5.76
CA MET D 505 27.17 4.73 -5.51
C MET D 505 27.99 5.10 -4.28
N ALA D 506 27.86 6.35 -3.84
CA ALA D 506 28.59 6.83 -2.68
C ALA D 506 27.75 7.88 -1.96
N ILE D 507 27.97 7.99 -0.66
CA ILE D 507 27.25 8.93 0.18
C ILE D 507 28.12 9.25 1.37
N GLY D 508 28.00 10.48 1.88
CA GLY D 508 28.75 10.89 3.05
C GLY D 508 29.26 12.31 2.93
N SER D 509 30.43 12.57 3.49
CA SER D 509 31.06 13.90 3.39
C SER D 509 31.81 14.01 2.06
N LEU D 510 31.04 13.85 0.98
CA LEU D 510 31.58 13.82 -0.38
C LEU D 510 31.54 15.23 -0.95
N THR D 511 32.66 15.93 -0.79
CA THR D 511 32.80 17.26 -1.39
C THR D 511 32.95 17.13 -2.89
N ILE D 512 32.19 17.92 -3.64
CA ILE D 512 32.28 17.90 -5.09
C ILE D 512 33.31 18.92 -5.55
N ASN D 513 34.31 18.46 -6.29
CA ASN D 513 35.27 19.32 -6.95
C ASN D 513 35.18 19.06 -8.45
N GLU D 514 36.04 19.73 -9.22
CA GLU D 514 36.08 19.46 -10.65
C GLU D 514 36.65 18.08 -10.94
N GLU D 515 37.76 17.72 -10.28
CA GLU D 515 38.46 16.48 -10.60
C GLU D 515 37.58 15.27 -10.34
N ARG D 516 36.93 15.24 -9.18
CA ARG D 516 35.97 14.17 -8.90
C ARG D 516 34.86 14.16 -9.93
N SER D 517 34.49 15.35 -10.44
CA SER D 517 33.37 15.41 -11.37
C SER D 517 33.72 14.74 -12.70
N GLU D 518 34.87 15.06 -13.28
CA GLU D 518 35.21 14.35 -14.52
C GLU D 518 35.53 12.88 -14.22
N ILE D 519 35.96 12.60 -13.00
CA ILE D 519 36.23 11.21 -12.64
C ILE D 519 34.94 10.46 -12.34
N ILE D 520 34.05 11.06 -11.55
CA ILE D 520 32.80 10.41 -11.14
C ILE D 520 31.64 11.36 -11.41
N ASP D 521 30.59 10.81 -11.99
CA ASP D 521 29.35 11.56 -12.14
C ASP D 521 28.70 11.79 -10.79
N PHE D 522 28.31 13.03 -10.54
CA PHE D 522 27.67 13.42 -9.30
C PHE D 522 26.19 13.68 -9.51
N SER D 523 25.49 13.90 -8.41
CA SER D 523 24.08 14.26 -8.45
C SER D 523 23.95 15.75 -8.15
N VAL D 524 22.72 16.23 -8.07
CA VAL D 524 22.44 17.57 -7.55
C VAL D 524 22.85 17.54 -6.08
N PRO D 525 23.51 18.59 -5.57
CA PRO D 525 23.91 18.57 -4.16
C PRO D 525 22.71 18.74 -3.24
N PHE D 526 22.58 17.84 -2.27
CA PHE D 526 21.48 17.87 -1.32
C PHE D 526 21.73 18.78 -0.14
N VAL D 527 22.95 19.28 0.03
CA VAL D 527 23.28 20.20 1.10
C VAL D 527 24.48 21.02 0.66
N GLU D 528 24.56 22.25 1.14
CA GLU D 528 25.63 23.16 0.77
C GLU D 528 26.67 23.24 1.88
N THR D 529 27.91 23.50 1.49
CA THR D 529 29.03 23.60 2.42
C THR D 529 30.23 24.17 1.67
N GLY D 530 31.38 24.17 2.32
CA GLY D 530 32.59 24.65 1.67
C GLY D 530 33.69 24.90 2.68
N ILE D 531 34.67 25.71 2.25
CA ILE D 531 35.86 25.97 3.04
C ILE D 531 35.53 26.93 4.17
N SER D 532 36.10 26.69 5.34
CA SER D 532 35.95 27.61 6.46
C SER D 532 37.15 27.42 7.40
N VAL D 533 37.36 28.41 8.26
CA VAL D 533 38.45 28.42 9.22
C VAL D 533 37.87 28.73 10.59
N MET D 534 38.33 27.99 11.60
CA MET D 534 37.85 28.13 12.96
C MET D 534 39.03 28.35 13.89
N VAL D 535 38.89 29.31 14.80
CA VAL D 535 39.96 29.70 15.71
C VAL D 535 39.38 29.85 17.12
N SER D 536 40.23 29.62 18.12
CA SER D 536 39.79 29.73 19.50
C SER D 536 39.51 31.19 19.85
N ARG D 537 38.52 31.39 20.72
CA ARG D 537 38.15 32.73 21.16
C ARG D 537 38.38 32.89 22.66
N SER D 661 42.00 36.21 9.28
CA SER D 661 40.72 36.87 8.99
C SER D 661 40.55 37.06 7.49
N GLY D 662 40.11 36.01 6.81
CA GLY D 662 39.92 36.07 5.37
C GLY D 662 41.11 35.55 4.60
N LEU D 663 40.86 35.01 3.40
CA LEU D 663 41.95 34.49 2.58
C LEU D 663 42.76 35.59 1.91
N SER D 664 42.45 36.85 2.19
CA SER D 664 43.29 37.96 1.74
C SER D 664 44.23 38.47 2.82
N ASP D 665 44.11 37.95 4.04
CA ASP D 665 44.92 38.45 5.15
C ASP D 665 46.34 37.92 5.07
N LYS D 666 47.29 38.75 5.52
CA LYS D 666 48.67 38.31 5.62
C LYS D 666 48.81 37.12 6.56
N LYS D 667 47.87 36.97 7.50
CA LYS D 667 47.81 35.77 8.32
C LYS D 667 47.64 34.52 7.45
N PHE D 668 47.07 34.68 6.26
CA PHE D 668 47.00 33.59 5.30
C PHE D 668 47.82 33.87 4.05
N GLN D 669 47.90 35.13 3.64
CA GLN D 669 48.63 35.47 2.41
C GLN D 669 50.10 35.12 2.54
N ARG D 670 50.75 35.58 3.60
CA ARG D 670 52.16 35.26 3.88
C ARG D 670 52.34 35.01 5.36
N PRO D 671 51.83 33.87 5.85
CA PRO D 671 52.02 33.55 7.28
C PRO D 671 53.42 33.08 7.62
N GLN D 672 54.31 32.96 6.63
CA GLN D 672 55.68 32.55 6.87
C GLN D 672 56.68 33.66 6.61
N ASP D 673 56.27 34.92 6.74
CA ASP D 673 57.13 36.06 6.48
C ASP D 673 57.39 36.93 7.70
N GLN D 674 56.36 37.23 8.48
CA GLN D 674 56.47 38.13 9.63
C GLN D 674 55.99 37.40 10.88
N TYR D 675 56.15 38.08 12.02
CA TYR D 675 55.77 37.68 13.38
C TYR D 675 56.28 36.28 13.72
N PRO D 676 56.08 35.80 14.95
CA PRO D 676 56.30 34.39 15.23
C PRO D 676 55.47 33.54 14.28
N PRO D 677 56.06 32.48 13.72
CA PRO D 677 55.35 31.69 12.70
C PRO D 677 53.98 31.26 13.17
N PHE D 678 52.97 31.55 12.36
CA PHE D 678 51.59 31.34 12.77
C PHE D 678 51.23 29.88 12.55
N ARG D 679 50.89 29.18 13.62
CA ARG D 679 50.78 27.73 13.63
C ARG D 679 49.35 27.32 13.36
N PHE D 680 49.03 27.05 12.09
CA PHE D 680 47.71 26.56 11.72
C PHE D 680 47.88 25.49 10.66
N GLY D 681 46.88 24.62 10.53
CA GLY D 681 46.95 23.52 9.59
C GLY D 681 45.59 22.89 9.36
N THR D 682 45.63 21.71 8.74
CA THR D 682 44.43 20.97 8.41
C THR D 682 44.80 19.49 8.29
N VAL D 683 43.85 18.69 7.81
CA VAL D 683 44.09 17.28 7.53
C VAL D 683 44.52 17.17 6.06
N PRO D 684 45.53 16.36 5.74
CA PRO D 684 46.00 16.28 4.35
C PRO D 684 45.16 15.28 3.56
N ASN D 685 45.53 15.14 2.28
CA ASN D 685 44.87 14.21 1.36
C ASN D 685 43.36 14.44 1.32
N GLY D 686 42.99 15.73 1.24
CA GLY D 686 41.58 16.10 1.19
C GLY D 686 41.35 17.11 0.09
N SER D 687 40.07 17.31 -0.22
CA SER D 687 39.69 18.26 -1.26
C SER D 687 40.16 19.67 -0.90
N THR D 688 40.02 20.05 0.38
CA THR D 688 40.56 21.33 0.81
C THR D 688 42.05 21.40 0.57
N GLU D 689 42.78 20.33 0.90
CA GLU D 689 44.20 20.29 0.63
C GLU D 689 44.48 20.37 -0.87
N ARG D 690 43.64 19.72 -1.69
CA ARG D 690 43.81 19.80 -3.14
C ARG D 690 43.68 21.24 -3.62
N ASN D 691 42.66 21.96 -3.14
CA ASN D 691 42.48 23.34 -3.55
C ASN D 691 43.63 24.22 -3.09
N ILE D 692 44.07 24.04 -1.84
CA ILE D 692 45.16 24.85 -1.32
C ILE D 692 46.45 24.59 -2.10
N ARG D 693 46.75 23.32 -2.34
CA ARG D 693 47.93 22.98 -3.13
C ARG D 693 47.82 23.51 -4.56
N SER D 694 46.60 23.67 -5.06
CA SER D 694 46.39 24.17 -6.41
C SER D 694 46.31 25.69 -6.47
N ASN D 695 46.34 26.37 -5.33
CA ASN D 695 46.23 27.83 -5.34
C ASN D 695 47.29 28.49 -4.47
N TYR D 696 47.76 27.77 -3.45
CA TYR D 696 48.56 28.35 -2.38
C TYR D 696 49.74 27.44 -2.07
N ARG D 697 50.48 27.05 -3.12
CA ARG D 697 51.49 26.02 -2.99
C ARG D 697 52.53 26.36 -1.92
N ASP D 698 52.89 27.63 -1.78
CA ASP D 698 53.77 28.03 -0.69
C ASP D 698 53.09 27.85 0.67
N MET D 699 51.87 28.36 0.81
CA MET D 699 51.12 28.11 2.03
C MET D 699 50.78 26.64 2.21
N HIS D 700 50.59 25.89 1.12
CA HIS D 700 50.40 24.45 1.24
C HIS D 700 51.65 23.78 1.80
N THR D 701 52.83 24.21 1.35
CA THR D 701 54.08 23.70 1.90
C THR D 701 54.20 24.05 3.38
N HIS D 702 53.75 25.25 3.76
CA HIS D 702 53.70 25.58 5.18
C HIS D 702 52.75 24.66 5.93
N MET D 703 51.60 24.35 5.35
CA MET D 703 50.57 23.60 6.05
C MET D 703 50.93 22.12 6.19
N VAL D 704 51.72 21.58 5.26
CA VAL D 704 52.13 20.19 5.39
C VAL D 704 52.96 19.99 6.64
N LYS D 705 53.56 21.06 7.16
CA LYS D 705 54.24 20.97 8.46
C LYS D 705 53.24 20.81 9.60
N PHE D 706 51.98 21.17 9.36
CA PHE D 706 50.97 21.19 10.40
C PHE D 706 49.79 20.26 10.11
N ASN D 707 50.08 19.06 9.60
CA ASN D 707 49.01 18.11 9.33
C ASN D 707 48.55 17.47 10.63
N GLN D 708 47.29 17.02 10.65
CA GLN D 708 46.67 16.53 11.87
C GLN D 708 46.08 15.14 11.65
N ARG D 709 46.08 14.35 12.73
CA ARG D 709 45.56 12.99 12.64
C ARG D 709 44.06 12.99 12.41
N SER D 710 43.32 13.82 13.15
CA SER D 710 41.87 13.85 13.04
C SER D 710 41.36 15.22 13.43
N VAL D 711 40.10 15.49 13.08
CA VAL D 711 39.52 16.80 13.34
C VAL D 711 39.42 17.07 14.84
N GLU D 712 38.94 16.09 15.61
CA GLU D 712 38.87 16.29 17.06
C GLU D 712 40.26 16.32 17.68
N ASP D 713 41.24 15.67 17.04
CA ASP D 713 42.61 15.75 17.53
C ASP D 713 43.12 17.18 17.47
N ALA D 714 42.96 17.83 16.31
CA ALA D 714 43.32 19.25 16.21
C ALA D 714 42.46 20.12 17.09
N LEU D 715 41.20 19.73 17.29
CA LEU D 715 40.34 20.47 18.20
C LEU D 715 40.92 20.49 19.61
N THR D 716 41.30 19.32 20.12
CA THR D 716 41.95 19.24 21.42
C THR D 716 43.27 20.00 21.41
N SER D 717 44.00 19.94 20.29
CA SER D 717 45.26 20.65 20.18
C SER D 717 45.08 22.14 20.36
N LEU D 718 44.05 22.71 19.72
CA LEU D 718 43.79 24.14 19.84
C LEU D 718 43.06 24.49 21.12
N LYS D 719 42.48 23.51 21.82
CA LYS D 719 41.85 23.81 23.10
C LYS D 719 42.87 24.33 24.10
N MET D 720 44.12 23.89 23.98
CA MET D 720 45.23 24.46 24.74
C MET D 720 46.11 25.35 23.88
N GLY D 721 46.00 25.25 22.56
CA GLY D 721 46.73 26.13 21.66
C GLY D 721 47.92 25.51 20.96
N LYS D 722 47.85 24.23 20.58
CA LYS D 722 48.91 23.67 19.75
C LYS D 722 48.90 24.28 18.35
N LEU D 723 47.71 24.41 17.76
CA LEU D 723 47.55 25.06 16.47
C LEU D 723 46.59 26.24 16.62
N ASP D 724 46.87 27.30 15.86
CA ASP D 724 46.09 28.52 15.97
C ASP D 724 44.68 28.34 15.45
N ALA D 725 44.54 28.00 14.16
CA ALA D 725 43.23 27.85 13.56
C ALA D 725 43.25 26.62 12.66
N PHE D 726 42.05 26.10 12.41
CA PHE D 726 41.87 24.93 11.56
C PHE D 726 41.09 25.32 10.31
N ILE D 727 41.47 24.73 9.19
CA ILE D 727 40.82 25.00 7.90
C ILE D 727 40.21 23.69 7.43
N TYR D 728 38.89 23.68 7.24
CA TYR D 728 38.20 22.45 6.88
C TYR D 728 36.78 22.80 6.44
N ASP D 729 35.96 21.77 6.29
CA ASP D 729 34.57 21.93 5.91
C ASP D 729 33.84 22.86 6.87
N ALA D 730 32.99 23.73 6.32
CA ALA D 730 32.21 24.63 7.15
C ALA D 730 31.18 23.87 7.98
N ALA D 731 30.57 22.84 7.39
CA ALA D 731 29.49 22.14 8.08
C ALA D 731 29.99 21.43 9.33
N VAL D 732 31.14 20.76 9.23
CA VAL D 732 31.63 19.99 10.38
C VAL D 732 32.05 20.93 11.49
N LEU D 733 32.63 22.09 11.14
CA LEU D 733 32.97 23.06 12.17
C LEU D 733 31.73 23.70 12.77
N ASN D 734 30.66 23.85 11.97
CA ASN D 734 29.39 24.31 12.52
C ASN D 734 28.87 23.31 13.55
N TYR D 735 28.98 22.02 13.25
CA TYR D 735 28.56 21.00 14.19
C TYR D 735 29.44 21.02 15.44
N MET D 736 30.74 21.27 15.26
CA MET D 736 31.65 21.37 16.40
C MET D 736 31.25 22.53 17.31
N ALA D 737 31.26 23.75 16.78
CA ALA D 737 31.00 24.94 17.59
C ALA D 737 29.60 24.94 18.16
N GLY D 738 28.62 24.42 17.42
CA GLY D 738 27.27 24.34 17.93
C GLY D 738 27.15 23.49 19.18
N LYS D 739 27.91 22.40 19.27
CA LYS D 739 27.95 21.58 20.47
C LYS D 739 29.15 21.89 21.36
N ASP D 740 29.99 22.85 20.98
CA ASP D 740 31.17 23.16 21.75
C ASP D 740 30.80 23.65 23.14
N GLU D 741 31.45 23.08 24.16
CA GLU D 741 31.24 23.56 25.52
C GLU D 741 31.97 24.86 25.78
N GLY D 742 33.10 25.09 25.10
CA GLY D 742 33.80 26.35 25.20
C GLY D 742 33.31 27.42 24.25
N CYS D 743 32.46 27.04 23.30
CA CYS D 743 31.87 27.97 22.33
C CYS D 743 32.95 28.78 21.60
N LYS D 744 33.81 28.06 20.87
CA LYS D 744 34.82 28.68 20.03
C LYS D 744 34.30 28.77 18.61
N LEU D 745 34.38 29.96 18.02
CA LEU D 745 33.71 30.28 16.78
C LEU D 745 34.70 30.34 15.63
N VAL D 746 34.16 30.29 14.41
CA VAL D 746 34.96 30.24 13.20
C VAL D 746 35.66 31.58 12.96
N THR D 747 36.55 31.61 11.96
CA THR D 747 37.38 32.80 11.74
C THR D 747 36.53 34.05 11.50
N ILE D 748 35.38 33.89 10.84
CA ILE D 748 34.52 35.01 10.49
C ILE D 748 33.08 34.61 10.75
N GLY D 749 32.30 35.56 11.28
CA GLY D 749 30.89 35.31 11.50
C GLY D 749 30.21 34.82 10.23
N SER D 750 29.27 33.89 10.41
CA SER D 750 28.62 33.15 9.34
C SER D 750 29.59 32.27 8.55
N GLY D 751 30.81 32.09 9.05
CA GLY D 751 31.77 31.22 8.41
C GLY D 751 32.51 31.88 7.26
N LYS D 752 31.85 32.78 6.55
CA LYS D 752 32.40 33.36 5.32
C LYS D 752 32.87 32.25 4.39
N VAL D 753 31.97 31.32 4.11
CA VAL D 753 32.33 30.06 3.47
C VAL D 753 32.97 30.33 2.12
N PHE D 754 34.19 29.85 1.94
CA PHE D 754 34.92 30.02 0.70
C PHE D 754 34.74 28.78 -0.18
N ALA D 755 34.77 29.00 -1.49
CA ALA D 755 34.62 27.93 -2.47
C ALA D 755 33.35 27.13 -2.21
N THR D 756 32.21 27.81 -2.39
CA THR D 756 30.91 27.21 -2.09
C THR D 756 30.69 25.94 -2.89
N THR D 757 30.48 24.84 -2.18
CA THR D 757 30.27 23.52 -2.76
C THR D 757 29.16 22.84 -1.97
N GLY D 758 29.05 21.52 -2.12
CA GLY D 758 28.06 20.79 -1.34
C GLY D 758 28.40 19.32 -1.25
N TYR D 759 27.43 18.56 -0.73
CA TYR D 759 27.49 17.11 -0.72
C TYR D 759 26.43 16.56 -1.67
N GLY D 760 26.86 15.65 -2.56
CA GLY D 760 25.95 15.07 -3.53
C GLY D 760 26.22 13.59 -3.69
N ILE D 761 25.25 12.91 -4.30
CA ILE D 761 25.36 11.49 -4.57
C ILE D 761 26.31 11.27 -5.74
N ALA D 762 27.19 10.30 -5.60
CA ALA D 762 28.17 9.96 -6.64
C ALA D 762 27.68 8.75 -7.42
N MET D 763 27.60 8.89 -8.73
CA MET D 763 27.15 7.81 -9.61
C MET D 763 28.29 7.36 -10.51
N GLN D 764 28.21 6.10 -10.90
CA GLN D 764 29.16 5.57 -11.88
C GLN D 764 28.96 6.29 -13.21
N LYS D 765 30.00 6.28 -14.03
CA LYS D 765 30.05 7.14 -15.21
C LYS D 765 28.88 6.84 -16.14
N ASP D 766 28.04 7.86 -16.35
CA ASP D 766 26.86 7.76 -17.22
C ASP D 766 25.92 6.65 -16.73
N SER D 767 25.75 6.55 -15.42
CA SER D 767 24.83 5.57 -14.87
C SER D 767 23.39 5.99 -15.12
N HIS D 768 22.52 5.00 -15.32
CA HIS D 768 21.12 5.28 -15.61
C HIS D 768 20.38 5.87 -14.41
N TRP D 769 20.86 5.59 -13.19
CA TRP D 769 20.15 6.02 -11.99
C TRP D 769 20.10 7.54 -11.84
N LYS D 770 20.92 8.26 -12.62
CA LYS D 770 21.14 9.68 -12.37
C LYS D 770 19.83 10.46 -12.39
N ARG D 771 19.03 10.28 -13.43
CA ARG D 771 17.80 11.06 -13.55
C ARG D 771 16.86 10.77 -12.39
N ALA D 772 16.65 9.49 -12.08
CA ALA D 772 15.71 9.12 -11.03
C ALA D 772 16.13 9.68 -9.68
N ILE D 773 17.40 9.49 -9.32
CA ILE D 773 17.86 9.95 -8.01
C ILE D 773 17.82 11.47 -7.94
N ASP D 774 18.22 12.16 -9.02
CA ASP D 774 18.19 13.61 -9.00
C ASP D 774 16.77 14.13 -8.83
N LEU D 775 15.83 13.57 -9.59
CA LEU D 775 14.45 14.02 -9.49
C LEU D 775 13.89 13.75 -8.09
N ALA D 776 14.10 12.56 -7.55
CA ALA D 776 13.59 12.24 -6.24
C ALA D 776 14.22 13.13 -5.17
N LEU D 777 15.54 13.31 -5.23
CA LEU D 777 16.23 14.12 -4.24
C LEU D 777 15.75 15.56 -4.28
N LEU D 778 15.61 16.13 -5.47
CA LEU D 778 15.17 17.51 -5.56
C LEU D 778 13.73 17.67 -5.11
N GLN D 779 12.87 16.70 -5.46
CA GLN D 779 11.48 16.76 -5.01
C GLN D 779 11.39 16.71 -3.50
N LEU D 780 12.14 15.80 -2.88
CA LEU D 780 12.10 15.72 -1.42
C LEU D 780 12.74 16.93 -0.77
N LEU D 781 13.78 17.50 -1.39
CA LEU D 781 14.37 18.72 -0.86
C LEU D 781 13.37 19.87 -0.88
N GLY D 782 12.59 19.97 -1.97
CA GLY D 782 11.54 20.97 -2.01
C GLY D 782 10.43 20.76 -1.01
N ASP D 783 10.23 19.51 -0.59
CA ASP D 783 9.16 19.22 0.37
C ASP D 783 9.50 19.72 1.78
N GLY D 784 10.76 20.06 2.04
CA GLY D 784 11.12 20.74 3.26
C GLY D 784 11.45 19.86 4.44
N GLU D 785 11.29 18.54 4.34
CA GLU D 785 11.61 17.69 5.47
C GLU D 785 13.12 17.65 5.73
N THR D 786 13.93 17.89 4.69
CA THR D 786 15.37 17.96 4.89
C THR D 786 15.73 19.04 5.88
N GLN D 787 14.95 20.12 5.93
CA GLN D 787 15.15 21.14 6.94
C GLN D 787 14.99 20.55 8.34
N LYS D 788 13.97 19.72 8.54
CA LYS D 788 13.77 19.08 9.83
C LYS D 788 14.89 18.09 10.14
N LEU D 789 15.36 17.36 9.12
CA LEU D 789 16.45 16.42 9.35
C LEU D 789 17.72 17.14 9.77
N GLU D 790 18.03 18.27 9.12
CA GLU D 790 19.18 19.05 9.55
C GLU D 790 18.95 19.69 10.92
N THR D 791 17.71 20.05 11.23
CA THR D 791 17.40 20.59 12.55
C THR D 791 17.63 19.57 13.64
N VAL D 792 17.30 18.31 13.37
CA VAL D 792 17.44 17.27 14.38
C VAL D 792 18.86 16.68 14.40
N TRP D 793 19.61 16.81 13.32
CA TRP D 793 20.93 16.21 13.25
C TRP D 793 22.06 17.18 13.55
N LEU D 794 22.17 18.29 12.81
CA LEU D 794 23.34 19.16 12.90
C LEU D 794 23.10 20.44 13.71
N SER D 795 21.99 20.57 14.40
CA SER D 795 21.75 21.76 15.20
C SER D 795 22.72 21.81 16.39
N GLY D 796 22.94 23.02 16.90
CA GLY D 796 23.87 23.25 17.99
C GLY D 796 23.24 24.08 19.10
N ILE D 797 24.01 24.23 20.18
CA ILE D 797 23.51 24.86 21.39
C ILE D 797 23.83 26.36 21.39
N CYS D 798 25.12 26.69 21.35
CA CYS D 798 25.57 28.08 21.39
C CYS D 798 26.02 28.55 20.01
N GLN D 799 25.36 28.06 18.96
CA GLN D 799 25.67 28.50 17.60
C GLN D 799 25.37 29.99 17.42
N ASN D 800 24.51 30.56 18.24
CA ASN D 800 24.20 31.98 18.17
C ASN D 800 24.23 32.60 19.55
C1 NAG E . 3.51 -8.18 -64.09
C2 NAG E . 4.61 -8.32 -65.15
C3 NAG E . 4.37 -9.58 -65.99
C4 NAG E . 4.20 -10.80 -65.10
C5 NAG E . 3.14 -10.54 -64.04
C6 NAG E . 3.00 -11.66 -63.03
C7 NAG E . 5.30 -6.02 -65.63
C8 NAG E . 5.27 -4.91 -66.63
N2 NAG E . 4.68 -7.15 -65.99
O3 NAG E . 5.48 -9.78 -66.87
O4 NAG E . 3.80 -11.91 -65.90
O5 NAG E . 3.46 -9.36 -63.29
O6 NAG E . 1.88 -11.47 -62.18
O7 NAG E . 5.87 -5.90 -64.55
C1 NAG E . 4.76 -12.99 -65.81
C2 NAG E . 5.44 -13.14 -67.17
C3 NAG E . 6.50 -14.24 -67.11
C4 NAG E . 7.48 -13.98 -65.97
C5 NAG E . 6.71 -13.77 -64.66
C6 NAG E . 7.62 -13.39 -63.51
C7 NAG E . 4.58 -12.99 -69.46
C8 NAG E . 3.48 -13.39 -70.40
N2 NAG E . 4.46 -13.43 -68.20
O3 NAG E . 7.19 -14.29 -68.35
O4 NAG E . 8.37 -15.07 -65.83
O5 NAG E . 5.76 -12.73 -64.80
O6 NAG E . 8.39 -14.50 -63.06
O7 NAG E . 5.53 -12.31 -69.83
C1 NAG F . -21.41 -16.56 -63.20
C2 NAG F . -22.91 -16.58 -62.98
C3 NAG F . -23.64 -15.94 -64.15
C4 NAG F . -23.10 -14.55 -64.43
C5 NAG F . -21.58 -14.61 -64.61
C6 NAG F . -20.94 -13.25 -64.77
C7 NAG F . -23.32 -18.55 -61.57
C8 NAG F . -23.86 -19.95 -61.52
N2 NAG F . -23.39 -17.93 -62.75
O3 NAG F . -25.03 -15.86 -63.86
O4 NAG F . -23.69 -14.01 -65.61
O5 NAG F . -20.97 -15.22 -63.45
O6 NAG F . -20.42 -12.78 -63.54
O7 NAG F . -22.84 -18.01 -60.58
C1 NAG F . -24.54 -12.90 -65.23
C2 NAG F . -25.42 -12.54 -66.42
C3 NAG F . -26.37 -11.41 -66.05
C4 NAG F . -27.16 -11.78 -64.80
C5 NAG F . -26.22 -12.17 -63.67
C6 NAG F . -26.93 -12.67 -62.44
C7 NAG F . -24.12 -13.05 -68.45
C8 NAG F . -23.31 -12.48 -69.58
N2 NAG F . -24.60 -12.16 -67.58
O3 NAG F . -27.26 -11.17 -67.13
O4 NAG F . -27.96 -10.67 -64.38
O5 NAG F . -25.36 -13.24 -64.11
O6 NAG F . -26.47 -13.96 -62.06
O7 NAG F . -24.33 -14.25 -68.33
C1 NAG G . 33.83 20.07 -23.58
C2 NAG G . 33.63 18.64 -23.08
C3 NAG G . 33.14 17.75 -24.21
C4 NAG G . 33.96 17.97 -25.47
C5 NAG G . 33.96 19.45 -25.86
C6 NAG G . 33.26 19.71 -27.17
C7 NAG G . 35.48 18.63 -21.46
C8 NAG G . 36.75 17.94 -21.03
N2 NAG G . 34.86 18.10 -22.52
O3 NAG G . 31.77 18.05 -24.48
O4 NAG G . 35.30 17.55 -25.21
O5 NAG G . 33.26 20.21 -24.86
O6 NAG G . 31.85 19.80 -26.99
O7 NAG G . 35.06 19.61 -20.87
C1 NAG G . 36.12 17.72 -26.38
C2 NAG G . 37.44 18.33 -25.91
C3 NAG G . 38.39 18.50 -27.09
C4 NAG G . 38.55 17.19 -27.85
C5 NAG G . 37.20 16.60 -28.21
C6 NAG G . 37.29 15.22 -28.82
C7 NAG G . 37.73 19.89 -24.04
C8 NAG G . 37.40 21.23 -23.48
N2 NAG G . 37.22 19.59 -25.24
O3 NAG G . 39.65 18.96 -26.62
O4 NAG G . 39.30 17.40 -29.04
O5 NAG G . 36.38 16.48 -27.02
O6 NAG G . 38.34 14.46 -28.22
O7 NAG G . 38.46 19.09 -23.43
C1 MAN G . 40.62 16.86 -28.90
C2 MAN G . 41.58 17.77 -29.72
C3 MAN G . 41.36 17.57 -31.21
C4 MAN G . 41.43 16.08 -31.57
C5 MAN G . 40.39 15.32 -30.75
C6 MAN G . 40.40 13.83 -31.01
O2 MAN G . 42.95 17.42 -29.48
O3 MAN G . 42.30 18.31 -32.00
O4 MAN G . 41.15 15.91 -32.96
O5 MAN G . 40.66 15.51 -29.35
O6 MAN G . 41.60 13.28 -30.45
C1 NAG H . -32.49 28.52 20.82
C2 NAG H . -33.67 27.57 20.62
C3 NAG H . -34.88 28.05 21.43
C4 NAG H . -35.18 29.51 21.12
C5 NAG H . -33.93 30.37 21.30
C6 NAG H . -34.11 31.46 22.33
C7 NAG H . -33.27 26.81 18.32
C8 NAG H . -33.77 26.80 16.92
N2 NAG H . -34.01 27.47 19.22
O3 NAG H . -34.61 27.88 22.82
O4 NAG H . -35.60 29.61 19.77
O5 NAG H . -32.84 29.54 21.75
O6 NAG H . -33.74 31.00 23.63
O7 NAG H . -32.23 26.23 18.65
C1 NAG H . -36.91 30.20 19.70
C2 NAG H . -37.03 30.85 18.32
C3 NAG H . -38.41 31.46 18.15
C4 NAG H . -39.49 30.42 18.43
C5 NAG H . -39.28 29.79 19.80
C6 NAG H . -40.24 28.66 20.09
C7 NAG H . -34.96 31.65 17.30
C8 NAG H . -33.98 32.79 17.21
N2 NAG H . -35.99 31.83 18.12
O3 NAG H . -38.54 31.96 16.82
O4 NAG H . -40.78 31.03 18.38
O5 NAG H . -37.95 29.24 19.88
O6 NAG H . -41.42 29.13 20.69
O7 NAG H . -34.82 30.62 16.65
C1 MAN H . -41.57 30.44 17.33
C2 MAN H . -41.54 31.38 16.08
C3 MAN H . -42.36 32.64 16.33
C4 MAN H . -43.77 32.28 16.83
C5 MAN H . -43.65 31.42 18.10
C6 MAN H . -45.00 30.98 18.64
O2 MAN H . -42.13 30.75 14.94
O3 MAN H . -42.46 33.44 15.15
O4 MAN H . -44.49 33.47 17.14
O5 MAN H . -42.90 30.22 17.78
O6 MAN H . -44.76 30.11 19.75
C1 NAG I . -9.43 -67.62 10.58
C2 NAG I . -7.96 -67.91 10.84
C3 NAG I . -7.73 -68.94 11.95
C4 NAG I . -8.63 -68.76 13.18
C5 NAG I . -10.03 -68.32 12.76
C6 NAG I . -10.85 -67.91 13.97
C7 NAG I . -6.05 -68.45 9.47
C8 NAG I . -5.49 -69.74 8.97
N2 NAG I . -7.37 -68.42 9.61
O3 NAG I . -6.36 -68.80 12.36
O4 NAG I . -8.74 -69.98 13.96
O5 NAG I . -9.98 -67.22 11.84
O6 NAG I . -10.05 -67.98 15.16
O7 NAG I . -5.34 -67.50 9.75
C1 NAG I . -7.61 -70.15 14.84
C2 NAG I . -7.97 -71.01 16.04
C3 NAG I . -6.77 -71.16 16.95
C4 NAG I . -5.51 -71.53 16.18
C5 NAG I . -5.35 -70.65 14.94
C6 NAG I . -4.16 -71.06 14.09
C7 NAG I . -10.34 -70.64 16.43
C8 NAG I . -11.36 -70.22 17.44
N2 NAG I . -9.07 -70.40 16.76
O3 NAG I . -7.03 -72.19 17.91
O4 NAG I . -4.36 -71.35 17.02
O5 NAG I . -6.53 -70.77 14.18
O6 NAG I . -4.32 -70.55 12.76
O7 NAG I . -10.65 -71.14 15.37
C1 NAG J . -26.36 -54.03 24.47
C2 NAG J . -27.80 -54.21 24.95
C3 NAG J . -28.49 -55.32 24.16
C4 NAG J . -28.37 -55.08 22.67
C5 NAG J . -26.89 -54.90 22.30
C6 NAG J . -26.69 -54.55 20.84
C7 NAG J . -27.76 -53.52 27.30
C8 NAG J . -27.83 -53.98 28.73
N2 NAG J . -27.86 -54.48 26.37
O3 NAG J . -29.87 -55.38 24.53
O4 NAG J . -28.92 -56.16 21.95
O5 NAG J . -26.33 -53.82 23.06
O6 NAG J . -25.42 -55.02 20.37
O7 NAG J . -27.62 -52.34 27.01
C1 NAG J . -30.07 -55.71 21.19
C2 NAG J . -31.18 -56.75 21.34
C3 NAG J . -32.43 -56.29 20.59
C4 NAG J . -32.84 -54.91 21.03
C5 NAG J . -31.66 -53.94 20.90
C6 NAG J . -31.97 -52.56 21.45
C7 NAG J . -30.32 -59.03 21.69
C8 NAG J . -29.91 -60.31 21.04
N2 NAG J . -30.75 -58.05 20.87
O3 NAG J . -33.49 -57.22 20.83
O4 NAG J . -33.92 -54.43 20.23
O5 NAG J . -30.54 -54.44 21.65
O6 NAG J . -33.16 -52.56 22.23
O7 NAG J . -30.28 -58.87 22.91
C1 NAG K . -25.73 2.99 36.29
C2 NAG K . -26.32 2.13 37.38
C3 NAG K . -27.66 1.56 36.93
C4 NAG K . -28.60 2.66 36.47
C5 NAG K . -27.88 3.67 35.57
C6 NAG K . -28.77 4.89 35.39
C7 NAG K . -25.38 0.57 38.95
C8 NAG K . -24.39 -0.52 39.20
N2 NAG K . -25.41 1.05 37.72
O3 NAG K . -28.23 0.84 38.03
O4 NAG K . -29.75 2.10 35.78
O5 NAG K . -26.63 4.08 36.13
O6 NAG K . -29.50 5.09 36.60
O7 NAG K . -26.13 0.99 39.82
C1 NAG K . -30.86 2.05 36.71
C2 NAG K . -32.17 1.90 35.96
C3 NAG K . -33.34 1.76 36.92
C4 NAG K . -33.02 0.70 37.97
C5 NAG K . -31.72 1.08 38.65
C6 NAG K . -31.34 0.16 39.80
C7 NAG K . -31.98 3.02 33.86
C8 NAG K . -33.01 2.48 32.90
N2 NAG K . -32.37 3.07 35.13
O3 NAG K . -34.51 1.37 36.18
O4 NAG K . -34.07 0.63 38.93
O5 NAG K . -30.72 1.00 37.64
O6 NAG K . -29.92 0.29 40.04
O7 NAG K . -30.88 3.39 33.51
C1 MAN K . -34.53 -0.74 38.94
C2 MAN K . -35.72 -0.85 38.01
C3 MAN K . -36.81 0.10 38.45
C4 MAN K . -37.12 -0.09 39.93
C5 MAN K . -35.87 -0.16 40.79
C6 MAN K . -36.22 -0.55 42.21
O2 MAN K . -36.22 -2.20 38.03
O3 MAN K . -37.99 -0.13 37.67
O4 MAN K . -37.93 1.00 40.38
O5 MAN K . -34.97 -1.13 40.25
O6 MAN K . -35.06 -1.08 42.87
C1 NAG L . 48.90 10.90 2.83
C2 NAG L . 48.28 9.86 3.74
C3 NAG L . 49.35 8.91 4.24
C4 NAG L . 50.19 8.35 3.09
C5 NAG L . 50.47 9.34 1.97
C6 NAG L . 50.80 8.58 0.70
C7 NAG L . 46.54 9.98 5.38
C8 NAG L . 45.28 10.68 5.03
N2 NAG L . 47.65 10.50 4.87
O3 NAG L . 48.72 7.83 4.92
O4 NAG L . 51.43 7.89 3.65
O5 NAG L . 49.36 10.19 1.68
O6 NAG L . 51.49 9.46 -0.20
O7 NAG L . 46.57 8.98 6.08
C1 NAG L . 51.45 6.46 3.71
C2 NAG L . 52.82 5.91 4.10
C3 NAG L . 52.81 4.38 4.04
C4 NAG L . 51.62 3.84 4.82
C5 NAG L . 50.33 4.53 4.41
C6 NAG L . 49.13 4.07 5.22
C7 NAG L . 53.64 6.80 1.99
C8 NAG L . 54.08 8.19 1.64
N2 NAG L . 53.86 6.44 3.24
O3 NAG L . 54.04 3.85 4.58
O4 NAG L . 51.50 2.44 4.58
O5 NAG L . 50.48 5.94 4.60
O6 NAG L . 48.15 5.10 5.24
O7 NAG L . 53.12 6.06 1.16
C1 NAG M . 7.27 33.59 -48.99
C2 NAG M . 7.62 33.51 -50.48
C3 NAG M . 8.93 34.24 -50.76
C4 NAG M . 8.94 35.57 -50.03
C5 NAG M . 9.01 35.31 -48.53
C6 NAG M . 8.28 36.35 -47.71
C7 NAG M . 6.60 31.43 -51.28
C8 NAG M . 6.85 30.03 -51.74
N2 NAG M . 7.69 32.13 -50.94
O3 NAG M . 9.07 34.45 -52.16
O4 NAG M . 10.07 36.34 -50.43
O5 NAG M . 8.44 34.03 -48.21
O6 NAG M . 7.64 35.76 -46.58
O7 NAG M . 5.48 31.92 -51.23
C1 NAG N . 22.88 31.36 -51.30
C2 NAG N . 22.66 32.58 -50.41
C3 NAG N . 23.12 33.85 -51.14
C4 NAG N . 24.55 33.70 -51.62
C5 NAG N . 24.70 32.43 -52.46
C6 NAG N . 26.13 32.16 -52.87
C7 NAG N . 20.76 32.04 -48.97
C8 NAG N . 19.31 32.30 -48.69
N2 NAG N . 21.28 32.70 -50.01
O3 NAG N . 23.01 34.97 -50.28
O4 NAG N . 24.93 34.83 -52.41
O5 NAG N . 24.26 31.29 -51.70
O6 NAG N . 26.30 30.80 -53.27
O7 NAG N . 21.42 31.26 -48.30
C1 NAG O . 8.93 -10.08 -51.53
C2 NAG O . 10.30 -10.72 -51.76
C3 NAG O . 10.61 -11.74 -50.66
C4 NAG O . 9.40 -12.61 -50.33
C5 NAG O . 8.17 -11.75 -50.06
C6 NAG O . 7.64 -11.92 -48.65
C7 NAG O . 11.54 -11.63 -53.68
C8 NAG O . 11.42 -12.28 -55.03
N2 NAG O . 10.38 -11.34 -53.07
O3 NAG O . 11.06 -11.06 -49.50
O4 NAG O . 9.13 -13.48 -51.41
O5 NAG O . 8.49 -10.36 -50.22
O6 NAG O . 8.40 -12.85 -47.91
O7 NAG O . 12.62 -11.39 -53.16
C1 NAG P . 15.54 -9.23 -48.35
C2 NAG P . 15.35 -10.66 -47.83
C3 NAG P . 14.96 -11.61 -48.96
C4 NAG P . 16.02 -11.65 -50.06
C5 NAG P . 16.83 -10.35 -50.06
C6 NAG P . 17.42 -10.04 -51.42
C7 NAG P . 16.88 -10.81 -45.90
C8 NAG P . 18.15 -11.41 -45.37
N2 NAG P . 16.55 -11.14 -47.15
O3 NAG P . 13.71 -11.19 -49.51
O4 NAG P . 16.89 -12.76 -49.86
O5 NAG P . 15.99 -9.25 -49.72
O6 NAG P . 16.41 -9.90 -52.40
O7 NAG P . 16.19 -10.06 -45.22
C1 NAG Q . 37.73 29.08 -30.39
C2 NAG Q . 38.62 28.02 -29.75
C3 NAG Q . 38.70 26.79 -30.66
C4 NAG Q . 37.30 26.29 -30.98
C5 NAG Q . 36.45 27.41 -31.55
C6 NAG Q . 35.01 27.00 -31.75
C7 NAG Q . 40.40 28.78 -28.24
C8 NAG Q . 41.80 29.32 -28.15
N2 NAG Q . 39.96 28.55 -29.48
O3 NAG Q . 39.46 25.77 -30.01
O4 NAG Q . 37.38 25.22 -31.93
O5 NAG Q . 36.43 28.52 -30.64
O6 NAG Q . 34.20 27.38 -30.64
O7 NAG Q . 39.72 28.57 -27.26
C1 NAG R . -21.07 33.36 -34.48
C2 NAG R . -21.80 34.64 -34.02
C3 NAG R . -21.70 35.75 -35.07
C4 NAG R . -20.25 35.96 -35.48
C5 NAG R . -19.64 34.64 -35.93
C6 NAG R . -18.17 34.75 -36.28
C7 NAG R . -24.23 33.96 -34.32
C8 NAG R . -23.99 33.63 -35.78
N2 NAG R . -23.18 34.41 -33.60
O3 NAG R . -22.23 36.96 -34.53
O4 NAG R . -20.18 36.90 -36.55
O5 NAG R . -19.74 33.68 -34.86
O6 NAG R . -17.52 33.50 -36.18
O7 NAG R . -25.34 33.81 -33.82
C1 NAG S . -18.31 -22.97 56.61
C2 NAG S . -17.08 -22.07 56.81
C3 NAG S . -17.29 -21.12 57.96
C4 NAG S . -18.61 -20.39 57.78
C5 NAG S . -19.75 -21.38 57.92
C6 NAG S . -20.89 -21.13 56.97
C7 NAG S . -15.03 -23.20 56.04
C8 NAG S . -13.86 -24.04 56.44
N2 NAG S . -15.88 -22.88 57.02
O3 NAG S . -16.22 -20.18 57.99
O4 NAG S . -18.75 -19.37 58.76
O5 NAG S . -19.30 -22.73 57.70
O6 NAG S . -20.42 -20.65 55.71
O7 NAG S . -15.21 -22.83 54.88
C1 NAG T . -28.92 -39.30 18.83
C2 NAG T . -29.06 -40.66 18.13
C3 NAG T . -30.39 -41.32 18.47
C4 NAG T . -31.58 -40.44 18.08
C5 NAG T . -31.21 -38.96 18.18
C6 NAG T . -32.37 -38.08 18.57
C7 NAG T . -27.85 -41.00 16.02
C8 NAG T . -27.86 -40.77 14.54
N2 NAG T . -28.91 -40.53 16.69
O3 NAG T . -30.44 -41.60 19.87
O4 NAG T . -31.99 -40.73 16.75
O5 NAG T . -30.21 -38.80 19.20
O6 NAG T . -32.97 -38.52 19.78
O7 NAG T . -26.93 -41.58 16.59
C1 NAG U . -30.56 -31.88 18.35
C2 NAG U . -31.16 -31.20 17.11
C3 NAG U . -32.65 -30.90 17.30
C4 NAG U . -32.88 -30.03 18.52
C5 NAG U . -31.90 -30.39 19.64
C6 NAG U . -32.51 -30.32 21.01
C7 NAG U . -30.48 -29.42 15.57
C8 NAG U . -29.69 -28.15 15.39
N2 NAG U . -30.44 -29.97 16.77
O3 NAG U . -33.36 -32.13 17.43
O4 NAG U . -32.72 -28.65 18.19
O5 NAG U . -31.46 -31.74 19.45
O6 NAG U . -31.82 -31.16 21.93
O7 NAG U . -31.12 -29.91 14.64
C1 NAG V . -26.70 1.09 49.51
C2 NAG V . -27.58 1.85 48.52
C3 NAG V . -28.46 0.88 47.75
C4 NAG V . -27.60 -0.20 47.09
C5 NAG V . -26.71 -0.87 48.13
C6 NAG V . -25.74 -1.85 47.52
C7 NAG V . -28.04 4.13 49.31
C8 NAG V . -29.00 5.02 50.04
N2 NAG V . -28.40 2.84 49.20
O3 NAG V . -29.19 1.59 46.75
O4 NAG V . -28.43 -1.18 46.48
O5 NAG V . -25.92 0.11 48.81
O6 NAG V . -24.42 -1.30 47.44
O7 NAG V . -27.00 4.56 48.84
C1 NAG W . -2.65 -25.53 53.33
C2 NAG W . -2.16 -25.80 54.75
C3 NAG W . -2.54 -24.62 55.65
C4 NAG W . -1.94 -23.34 55.06
C5 NAG W . -2.44 -23.16 53.62
C6 NAG W . -1.79 -21.92 53.01
C7 NAG W . -2.25 -28.23 54.97
C8 NAG W . -2.90 -29.49 55.49
N2 NAG W . -2.79 -27.03 55.26
O3 NAG W . -2.03 -24.84 56.96
O4 NAG W . -2.35 -22.22 55.85
O5 NAG W . -2.08 -24.31 52.85
O6 NAG W . -2.34 -21.68 51.72
O7 NAG W . -1.24 -28.30 54.31
C1 NAG X . 22.58 -29.46 37.60
C2 NAG X . 23.77 -28.93 38.39
C3 NAG X . 23.74 -29.51 39.80
C4 NAG X . 22.40 -29.15 40.45
C5 NAG X . 21.26 -29.68 39.57
C6 NAG X . 19.91 -29.28 40.19
C7 NAG X . 25.52 -28.58 36.73
C8 NAG X . 26.81 -28.99 36.05
N2 NAG X . 25.03 -29.32 37.73
O3 NAG X . 24.80 -28.95 40.58
O4 NAG X . 22.32 -29.75 41.75
O5 NAG X . 21.37 -29.13 38.26
O6 NAG X . 18.85 -29.87 39.44
O7 NAG X . 24.94 -27.58 36.37
#